data_7TL0
#
_entry.id   7TL0
#
_cell.length_a   1.00
_cell.length_b   1.00
_cell.length_c   1.00
_cell.angle_alpha   90.00
_cell.angle_beta   90.00
_cell.angle_gamma   90.00
#
_symmetry.space_group_name_H-M   'P 1'
#
loop_
_entity.id
_entity.type
_entity.pdbx_description
1 polymer 'Fusion glycoprotein F0'
2 polymer 'SAN32-2 Fab heavy chain'
3 polymer 'SAN32-2 Fab light chain'
4 polymer 'MPE8 Fab heavy chain'
5 polymer 'MPE8 Fab light chain'
6 branched 2-acetamido-2-deoxy-beta-D-glucopyranose-(1-4)-2-acetamido-2-deoxy-beta-D-glucopyranose
7 non-polymer 2-acetamido-2-deoxy-beta-D-glucopyranose
#
loop_
_entity_poly.entity_id
_entity_poly.type
_entity_poly.pdbx_seq_one_letter_code
_entity_poly.pdbx_strand_id
1 'polypeptide(L)'
;MSWKVVIIFSLLITPQHGLKESYLEESCSTITEGYLSVLRTGWYTNVFTLEVGDVENLTCADGPSLIKTELDLTKSALRE
LRTVSADQLAREEQIENPRRRRFVLGAIACGVATAAAVTAGVAIAKCIRLESEVTAIKNCLKKTNECVSTLGCGVRVLAT
AVRELKDFVSKNLTRAINKNKCDIPDLKMAVSFSQFNRRFLNVVRQFSDNAGITPAISKDLMTDAELARAISNMPTSAGQ
IKLMLENRAMVRRKGFGILIGVYGSSVIYMVQLPIFGVIDTPCWIVKAAPSCSEKKGNYACLLREDQGWYCQNAGSTVYY
PCEKDCETRGDHVFCDTAAGINVAEQSKECNINISTTNYPCKVSCGRHPISMVALSPLGALVACYKGVSCSIGSNRVGII
KQLNKGCSYITNQDADTVTIDNTVYQLSKVEGEQHVIKGRPVSSSFDPVKFPQDQFNVALDQCFESIENSQALVDQSNRI
LSSAEKGNTGGGGSGYIPEAPRDGQAYVRKDGEWVLLSTFLGRSLEVLFQGPGHHHHHHHHSAWSHPQFEK
;
A,B,C
2 'polypeptide(L)'
;EVQLVQSGAEVKKPGESLRISCKSSGYTFTTYWITWVRQMPGKGLEWMGRIDPSDSYTDYSPSFKGHVTISVDKSINTAY
LQWGSLKSSDTAIFYCARQASSGKIYFDYWGQGTLVTVSSASTKGPSVFPLAPSSKSTSGGTAALGCLVKDYFPEPVTVS
WNSGALTSGVHTFPAVLQSSGLYSLSSVVTVPSSSLGTQTYICNVNHKPSNTKVDKKVEPKSCD
;
D,F,H
3 'polypeptide(L)'
;DIQMTQSPSSLSASVGDRVTITCQASQGINYYLNWYQQKPGKAPKVLIYDASDLETGVPSRFSGGGSGTHFTFTISSLQT
EDIGTYYCQQYDNLPFTFGQGTRLEIKRTVAAPSVFIFPPSDEQLKSGTASVVCLLNNFYPREAKVQWKVDNALQSGNSQ
ESVTEQDSKDSTYSLSSTLTLSKADYEKHKVYACEVTHQGLSSPVTKSFNRGEC
;
E,G,I
4 'polypeptide(L)'
;EVQLVESGGGLVKPGGSLRLSCAASGFTFSSYSMNWVRQAPGKGLEWVSSISASSSYSDYADSAKGRFTISRDNAKTSLF
LQMNSLRAEDTAIYFCARARATGYSSITPYFDIWGQGTLVTVSSASTKGPSVFPLAPSSKSTSGGTAALGCLVKDYFPEP
VTVSWNSGALTSGVHTFPAVLQSSGLYSLSSVVTVPSSSLGTQTYICNVNHKPSNTKVDKKVEPKSCD
;
J,L,N
5 'polypeptide(L)'
;QSVVTQPPSVSGAPGQRVTISCTGSSSNIGAGYDVHWYQQLPGTAPKLLIYDNNNRPSGVPDRFSASKSGTSASLAITGL
QAEDEADYYCQSYDRSLSGVFGTGTKVTVLGQPKAAPSVTLFPPSSEELQANKATLVCLISDFYPGAVTVAWKADSSPVK
AGVETTTPSKQSNNKYAASSYLSLTPEQWKSHKSYSCQVTHEGSTVEKTVAPTECS
;
K,M,O
#
# COMPACT_ATOMS: atom_id res chain seq x y z
N LEU A 19 -17.90 27.65 -9.69
CA LEU A 19 -17.34 27.05 -10.93
C LEU A 19 -18.19 27.41 -12.13
N LYS A 20 -17.54 27.49 -13.28
CA LYS A 20 -18.20 27.75 -14.55
C LYS A 20 -17.87 26.60 -15.48
N GLU A 21 -18.80 26.26 -16.36
CA GLU A 21 -18.58 25.17 -17.30
C GLU A 21 -19.23 25.50 -18.62
N SER A 22 -18.43 25.56 -19.68
CA SER A 22 -18.93 25.77 -21.02
C SER A 22 -18.91 24.43 -21.73
N TYR A 23 -20.06 24.01 -22.22
CA TYR A 23 -20.13 22.96 -23.22
C TYR A 23 -19.71 23.53 -24.57
N LEU A 24 -18.59 23.05 -25.11
CA LEU A 24 -18.13 23.48 -26.42
C LEU A 24 -18.80 22.58 -27.43
N GLU A 25 -19.94 23.05 -27.95
CA GLU A 25 -20.80 22.17 -28.73
C GLU A 25 -20.06 21.60 -29.93
N GLU A 26 -19.23 22.40 -30.57
CA GLU A 26 -18.66 21.99 -31.84
C GLU A 26 -17.57 20.92 -31.72
N SER A 27 -17.12 20.59 -30.51
CA SER A 27 -16.11 19.55 -30.36
C SER A 27 -16.50 18.52 -29.29
N CYS A 28 -17.73 18.54 -28.82
CA CYS A 28 -18.21 17.66 -27.75
C CYS A 28 -17.24 17.62 -26.58
N SER A 29 -16.86 18.79 -26.08
CA SER A 29 -15.92 18.89 -24.98
C SER A 29 -16.35 20.02 -24.08
N THR A 30 -16.35 19.79 -22.77
CA THR A 30 -16.51 20.87 -21.81
C THR A 30 -15.16 21.47 -21.46
N ILE A 31 -15.18 22.76 -21.13
CA ILE A 31 -14.13 23.40 -20.36
C ILE A 31 -14.74 23.89 -19.06
N THR A 32 -14.18 23.47 -17.94
CA THR A 32 -14.63 23.90 -16.62
C THR A 32 -13.63 24.88 -16.03
N GLU A 33 -14.11 26.01 -15.57
CA GLU A 33 -13.29 27.15 -15.23
C GLU A 33 -13.60 27.63 -13.83
N GLY A 34 -12.72 28.47 -13.30
CA GLY A 34 -12.86 28.99 -11.96
C GLY A 34 -12.17 28.18 -10.90
N TYR A 35 -11.42 27.15 -11.27
CA TYR A 35 -10.45 26.57 -10.38
C TYR A 35 -9.28 27.52 -10.16
N LEU A 36 -8.67 27.45 -8.99
CA LEU A 36 -7.56 28.31 -8.62
C LEU A 36 -6.32 27.44 -8.45
N SER A 37 -5.24 27.84 -9.09
CA SER A 37 -4.00 27.08 -9.02
C SER A 37 -3.46 27.05 -7.60
N VAL A 38 -2.77 25.95 -7.28
CA VAL A 38 -1.82 25.90 -6.17
C VAL A 38 -0.69 24.99 -6.60
N LEU A 39 0.36 25.57 -7.20
CA LEU A 39 1.37 24.80 -7.92
C LEU A 39 2.65 24.73 -7.11
N ARG A 40 3.09 23.52 -6.82
CA ARG A 40 4.38 23.30 -6.17
C ARG A 40 5.50 23.78 -7.07
N THR A 41 6.40 24.58 -6.50
CA THR A 41 7.52 25.12 -7.24
C THR A 41 8.87 24.88 -6.59
N GLY A 42 8.92 24.39 -5.36
CA GLY A 42 10.18 24.05 -4.73
C GLY A 42 9.97 23.05 -3.64
N TRP A 43 11.02 22.83 -2.86
CA TRP A 43 10.98 21.91 -1.74
C TRP A 43 11.56 22.56 -0.50
N TYR A 44 10.92 22.30 0.63
CA TYR A 44 11.43 22.66 1.93
C TYR A 44 11.86 21.40 2.67
N THR A 45 13.07 21.42 3.22
CA THR A 45 13.64 20.26 3.89
C THR A 45 13.43 20.40 5.38
N ASN A 46 12.88 19.37 6.01
CA ASN A 46 12.99 19.19 7.44
C ASN A 46 13.86 17.97 7.70
N VAL A 47 14.94 18.15 8.46
CA VAL A 47 15.88 17.07 8.78
C VAL A 47 15.60 16.59 10.20
N PHE A 48 15.17 15.35 10.33
CA PHE A 48 14.82 14.80 11.62
C PHE A 48 15.97 13.95 12.15
N THR A 49 16.41 14.28 13.35
CA THR A 49 17.25 13.39 14.14
C THR A 49 16.34 12.63 15.08
N LEU A 50 15.96 11.41 14.71
CA LEU A 50 15.26 10.53 15.63
C LEU A 50 16.30 9.79 16.46
N GLU A 51 16.40 10.17 17.73
CA GLU A 51 17.36 9.61 18.67
C GLU A 51 16.90 8.24 19.17
N VAL A 52 17.48 7.17 18.62
CA VAL A 52 17.13 5.84 19.10
C VAL A 52 17.73 5.54 20.46
N GLY A 53 18.72 6.30 20.90
CA GLY A 53 19.17 6.20 22.26
C GLY A 53 20.31 5.21 22.43
N ASP A 54 20.52 4.83 23.69
CA ASP A 54 21.66 4.06 24.14
C ASP A 54 21.54 2.56 23.84
N VAL A 55 20.63 2.16 22.97
CA VAL A 55 20.07 0.81 23.01
C VAL A 55 21.15 -0.24 22.85
N GLU A 56 22.17 0.04 22.05
CA GLU A 56 23.24 -0.94 21.84
C GLU A 56 24.08 -1.22 23.08
N ASN A 57 23.90 -0.50 24.17
CA ASN A 57 24.52 -0.86 25.44
C ASN A 57 23.64 -1.71 26.33
N LEU A 58 22.41 -2.01 25.92
CA LEU A 58 21.50 -2.83 26.69
C LEU A 58 21.43 -4.21 26.06
N THR A 59 21.61 -5.24 26.89
CA THR A 59 21.42 -6.61 26.47
C THR A 59 20.67 -7.35 27.56
N CYS A 60 19.65 -8.09 27.15
CA CYS A 60 18.92 -9.01 28.02
C CYS A 60 19.49 -10.41 27.82
N ALA A 61 19.90 -11.03 28.92
CA ALA A 61 20.63 -12.29 28.83
C ALA A 61 20.14 -13.34 29.80
N ASP A 62 19.04 -13.11 30.51
CA ASP A 62 18.59 -14.12 31.46
C ASP A 62 17.77 -15.20 30.78
N GLY A 63 16.97 -14.82 29.79
CA GLY A 63 16.06 -15.74 29.15
C GLY A 63 15.05 -15.00 28.33
N PRO A 64 14.01 -15.69 27.87
CA PRO A 64 12.91 -14.98 27.21
C PRO A 64 12.22 -14.05 28.19
N SER A 65 11.91 -12.86 27.72
CA SER A 65 11.27 -11.84 28.53
C SER A 65 10.57 -10.87 27.60
N LEU A 66 9.59 -10.16 28.14
CA LEU A 66 8.93 -9.13 27.35
C LEU A 66 9.91 -8.05 26.91
N ILE A 67 10.66 -7.49 27.86
CA ILE A 67 11.63 -6.45 27.52
C ILE A 67 12.62 -6.94 26.47
N LYS A 68 13.14 -8.15 26.66
CA LYS A 68 14.10 -8.67 25.69
C LYS A 68 13.54 -8.68 24.29
N THR A 69 12.27 -9.05 24.13
CA THR A 69 11.69 -9.11 22.79
C THR A 69 11.59 -7.75 22.15
N GLU A 70 11.11 -6.75 22.90
CA GLU A 70 11.07 -5.39 22.37
C GLU A 70 12.46 -4.82 22.18
N LEU A 71 13.39 -5.14 23.07
CA LEU A 71 14.76 -4.68 22.91
C LEU A 71 15.40 -5.28 21.67
N ASP A 72 15.28 -6.59 21.49
CA ASP A 72 15.82 -7.25 20.30
C ASP A 72 15.19 -6.73 19.01
N LEU A 73 13.89 -6.46 19.01
CA LEU A 73 13.30 -5.82 17.84
C LEU A 73 13.91 -4.46 17.57
N THR A 74 14.13 -3.67 18.62
CA THR A 74 14.72 -2.35 18.44
C THR A 74 16.16 -2.46 17.94
N LYS A 75 16.98 -3.25 18.61
CA LYS A 75 18.37 -3.38 18.21
C LYS A 75 18.52 -4.06 16.85
N SER A 76 17.67 -5.03 16.55
CA SER A 76 17.72 -5.63 15.23
C SER A 76 17.27 -4.66 14.14
N ALA A 77 16.18 -3.94 14.38
CA ALA A 77 15.73 -2.96 13.39
C ALA A 77 16.78 -1.89 13.13
N LEU A 78 17.44 -1.42 14.18
CA LEU A 78 18.53 -0.46 14.02
C LEU A 78 19.66 -1.05 13.21
N ARG A 79 20.04 -2.30 13.48
CA ARG A 79 21.08 -2.96 12.71
C ARG A 79 20.67 -3.20 11.27
N GLU A 80 19.40 -3.49 11.02
CA GLU A 80 18.89 -3.57 9.65
C GLU A 80 18.93 -2.24 8.95
N LEU A 81 18.52 -1.17 9.64
CA LEU A 81 18.46 0.14 9.01
C LEU A 81 19.81 0.61 8.52
N ARG A 82 20.89 0.32 9.24
CA ARG A 82 22.21 0.70 8.76
C ARG A 82 22.53 0.16 7.38
N THR A 83 21.89 -0.91 6.93
CA THR A 83 22.15 -1.41 5.60
C THR A 83 21.41 -0.63 4.53
N VAL A 84 20.35 0.08 4.90
CA VAL A 84 19.48 0.75 3.94
C VAL A 84 20.11 2.07 3.52
N SER A 85 20.08 2.34 2.22
CA SER A 85 20.33 3.67 1.72
C SER A 85 19.69 3.78 0.35
N ALA A 86 19.41 5.01 -0.06
CA ALA A 86 18.88 5.23 -1.40
C ALA A 86 19.89 4.81 -2.46
N ASP A 87 19.38 4.51 -3.65
CA ASP A 87 20.24 4.17 -4.77
C ASP A 87 21.31 5.23 -4.98
N GLN A 88 20.93 6.49 -4.93
CA GLN A 88 21.88 7.59 -5.10
C GLN A 88 22.48 8.02 -3.78
N PHE A 103 2.37 13.97 -29.46
CA PHE A 103 3.16 13.05 -28.66
C PHE A 103 2.35 12.63 -27.44
N VAL A 104 2.60 11.42 -26.95
CA VAL A 104 1.90 10.94 -25.76
C VAL A 104 2.52 11.64 -24.56
N LEU A 105 2.01 12.84 -24.27
CA LEU A 105 2.64 13.71 -23.28
C LEU A 105 2.57 13.18 -21.87
N GLY A 106 1.56 12.35 -21.55
CA GLY A 106 1.47 11.83 -20.19
C GLY A 106 2.67 11.01 -19.76
N ALA A 107 3.11 10.09 -20.62
CA ALA A 107 4.27 9.29 -20.30
C ALA A 107 5.52 10.14 -20.12
N ILE A 108 5.64 11.19 -20.93
CA ILE A 108 6.74 12.13 -20.80
C ILE A 108 6.66 12.87 -19.46
N ALA A 109 5.54 13.53 -19.21
CA ALA A 109 5.45 14.46 -18.09
C ALA A 109 5.66 13.77 -16.75
N CYS A 110 4.99 12.64 -16.53
CA CYS A 110 5.02 12.04 -15.20
C CYS A 110 6.38 11.43 -14.89
N GLY A 111 7.10 11.00 -15.93
CA GLY A 111 8.50 10.63 -15.75
C GLY A 111 9.35 11.77 -15.24
N VAL A 112 9.32 12.91 -15.92
CA VAL A 112 10.09 14.07 -15.50
C VAL A 112 9.75 14.49 -14.08
N ALA A 113 8.45 14.55 -13.76
CA ALA A 113 8.07 14.94 -12.41
C ALA A 113 8.66 14.02 -11.35
N THR A 114 8.64 12.72 -11.58
CA THR A 114 9.22 11.78 -10.63
C THR A 114 10.73 11.95 -10.52
N ALA A 115 11.43 12.02 -11.65
CA ALA A 115 12.87 12.14 -11.63
C ALA A 115 13.33 13.44 -11.00
N ALA A 116 12.66 14.54 -11.30
CA ALA A 116 13.06 15.82 -10.74
C ALA A 116 12.92 15.86 -9.22
N ALA A 117 11.81 15.35 -8.69
CA ALA A 117 11.63 15.33 -7.25
C ALA A 117 12.76 14.59 -6.54
N VAL A 118 13.05 13.36 -6.95
CA VAL A 118 14.09 12.60 -6.29
C VAL A 118 15.44 13.28 -6.41
N THR A 119 15.76 13.79 -7.60
CA THR A 119 17.05 14.45 -7.78
C THR A 119 17.17 15.70 -6.93
N ALA A 120 16.08 16.44 -6.79
CA ALA A 120 16.10 17.61 -5.91
C ALA A 120 16.26 17.24 -4.45
N GLY A 121 15.63 16.13 -4.04
CA GLY A 121 15.82 15.69 -2.67
C GLY A 121 17.20 15.11 -2.41
N VAL A 122 17.67 14.25 -3.31
CA VAL A 122 18.97 13.60 -3.12
C VAL A 122 20.09 14.64 -3.10
N ALA A 123 20.00 15.66 -3.93
CA ALA A 123 21.03 16.69 -3.95
C ALA A 123 21.21 17.36 -2.60
N ILE A 124 20.17 17.42 -1.78
CA ILE A 124 20.32 17.97 -0.44
C ILE A 124 20.85 16.92 0.53
N ALA A 125 20.36 15.68 0.45
CA ALA A 125 20.86 14.65 1.35
C ALA A 125 22.36 14.44 1.16
N LYS A 126 22.85 14.56 -0.07
CA LYS A 126 24.29 14.50 -0.29
C LYS A 126 25.03 15.64 0.41
N CYS A 127 24.39 16.78 0.68
CA CYS A 127 25.00 17.75 1.57
C CYS A 127 24.99 17.25 3.01
N ILE A 128 23.81 16.91 3.53
CA ILE A 128 23.67 16.56 4.93
C ILE A 128 24.48 15.33 5.31
N ARG A 129 24.63 14.38 4.39
CA ARG A 129 25.42 13.19 4.68
C ARG A 129 26.88 13.48 5.03
N LEU A 130 27.38 14.67 4.73
CA LEU A 130 28.72 15.01 5.17
C LEU A 130 28.76 15.07 6.69
N GLU A 131 29.74 14.39 7.29
CA GLU A 131 29.88 14.39 8.73
C GLU A 131 30.06 15.80 9.27
N SER A 132 30.69 16.67 8.49
CA SER A 132 30.82 18.08 8.86
C SER A 132 29.50 18.79 9.00
N GLU A 133 28.40 18.20 8.55
CA GLU A 133 27.09 18.85 8.63
C GLU A 133 26.10 18.11 9.50
N VAL A 134 26.13 16.78 9.52
CA VAL A 134 25.45 16.04 10.58
C VAL A 134 25.87 16.53 11.96
N THR A 135 27.17 16.69 12.18
CA THR A 135 27.63 17.13 13.48
C THR A 135 27.18 18.55 13.82
N ALA A 136 27.07 19.42 12.83
CA ALA A 136 26.48 20.73 13.09
C ALA A 136 25.00 20.62 13.44
N ILE A 137 24.25 19.88 12.62
CA ILE A 137 22.83 19.66 12.88
C ILE A 137 22.62 19.10 14.28
N LYS A 138 23.36 18.05 14.60
CA LYS A 138 23.24 17.43 15.92
C LYS A 138 23.58 18.41 17.03
N ASN A 139 24.61 19.23 16.84
CA ASN A 139 25.01 20.17 17.88
C ASN A 139 23.98 21.27 18.12
N CYS A 140 23.41 21.84 17.06
CA CYS A 140 22.39 22.86 17.28
C CYS A 140 21.13 22.29 17.92
N LEU A 141 20.86 21.01 17.72
CA LEU A 141 19.78 20.32 18.42
C LEU A 141 20.19 19.79 19.80
N LYS A 142 21.29 20.27 20.38
CA LYS A 142 21.69 19.80 21.70
C LYS A 142 20.69 20.22 22.78
N LYS A 143 20.36 21.50 22.84
CA LYS A 143 19.50 22.03 23.90
C LYS A 143 18.16 22.55 23.40
N THR A 144 17.87 22.44 22.11
CA THR A 144 16.56 22.72 21.58
C THR A 144 16.11 21.56 20.71
N ASN A 145 14.82 21.27 20.74
CA ASN A 145 14.26 20.24 19.88
C ASN A 145 14.02 20.72 18.46
N GLU A 146 14.14 22.01 18.21
CA GLU A 146 13.97 22.52 16.85
C GLU A 146 15.06 23.56 16.60
N CYS A 147 15.67 23.48 15.43
CA CYS A 147 16.78 24.34 15.07
C CYS A 147 16.64 24.69 13.60
N VAL A 148 17.01 25.91 13.23
CA VAL A 148 17.13 26.30 11.84
C VAL A 148 18.60 26.36 11.49
N SER A 149 19.00 25.60 10.48
CA SER A 149 20.40 25.41 10.17
C SER A 149 20.63 25.67 8.70
N THR A 150 21.77 26.26 8.38
CA THR A 150 22.19 26.44 7.00
C THR A 150 23.28 25.42 6.69
N LEU A 151 23.04 24.60 5.69
CA LEU A 151 24.06 23.68 5.23
C LEU A 151 25.18 24.45 4.54
N GLY A 152 26.34 23.80 4.44
CA GLY A 152 27.43 24.40 3.69
C GLY A 152 27.10 24.59 2.21
N CYS A 153 26.21 23.77 1.68
CA CYS A 153 25.69 23.99 0.34
C CYS A 153 24.59 25.05 0.30
N GLY A 154 24.43 25.81 1.38
CA GLY A 154 23.61 27.01 1.42
C GLY A 154 22.14 26.83 1.74
N VAL A 155 21.62 25.60 1.67
CA VAL A 155 20.20 25.42 1.91
C VAL A 155 19.93 25.59 3.39
N ARG A 156 18.92 26.38 3.71
CA ARG A 156 18.52 26.60 5.11
C ARG A 156 17.55 25.53 5.49
N VAL A 157 18.03 24.35 5.84
CA VAL A 157 17.16 23.28 6.32
C VAL A 157 16.63 23.65 7.69
N LEU A 158 15.38 23.28 7.97
CA LEU A 158 14.94 23.10 9.33
C LEU A 158 15.47 21.78 9.86
N ALA A 159 15.76 21.74 11.15
CA ALA A 159 16.19 20.52 11.81
C ALA A 159 15.35 20.29 13.06
N THR A 160 15.01 19.03 13.30
CA THR A 160 14.13 18.64 14.39
C THR A 160 14.76 17.46 15.10
N ALA A 161 14.67 17.45 16.42
CA ALA A 161 15.01 16.27 17.21
C ALA A 161 13.75 15.57 17.68
N VAL A 162 13.73 14.25 17.53
CA VAL A 162 12.80 13.39 18.23
C VAL A 162 13.59 12.64 19.30
N ARG A 163 13.17 12.75 20.55
CA ARG A 163 13.92 12.22 21.68
C ARG A 163 13.16 11.25 22.54
N GLU A 164 11.86 11.07 22.32
CA GLU A 164 11.04 10.35 23.27
C GLU A 164 11.57 8.96 23.59
N LEU A 165 12.11 8.26 22.60
CA LEU A 165 12.71 6.96 22.87
C LEU A 165 14.02 7.07 23.65
N LYS A 166 14.91 7.98 23.26
CA LYS A 166 16.14 8.16 24.02
C LYS A 166 15.87 8.50 25.46
N ASP A 167 14.93 9.41 25.70
CA ASP A 167 14.55 9.73 27.07
C ASP A 167 14.10 8.51 27.85
N PHE A 168 13.31 7.64 27.24
CA PHE A 168 12.88 6.43 27.91
C PHE A 168 14.04 5.47 28.12
N VAL A 169 14.82 5.20 27.07
CA VAL A 169 15.93 4.25 27.18
C VAL A 169 16.95 4.72 28.20
N SER A 170 17.19 6.03 28.28
CA SER A 170 18.18 6.55 29.22
C SER A 170 17.65 6.64 30.64
N LYS A 171 16.46 7.19 30.84
CA LYS A 171 15.99 7.41 32.21
C LYS A 171 15.26 6.23 32.80
N ASN A 172 14.64 5.37 32.00
CA ASN A 172 13.87 4.24 32.50
C ASN A 172 14.55 2.90 32.24
N LEU A 173 14.80 2.55 30.99
CA LEU A 173 15.16 1.18 30.65
C LEU A 173 16.58 0.85 31.08
N THR A 174 17.53 1.75 30.83
CA THR A 174 18.89 1.53 31.30
C THR A 174 18.94 1.33 32.80
N ARG A 175 18.02 1.94 33.54
CA ARG A 175 18.00 1.82 34.98
C ARG A 175 17.42 0.49 35.43
N ALA A 176 16.53 -0.11 34.64
CA ALA A 176 15.86 -1.35 35.01
C ALA A 176 16.64 -2.59 34.60
N ILE A 177 17.26 -2.60 33.42
CA ILE A 177 18.05 -3.74 33.00
C ILE A 177 19.32 -3.81 33.82
N ASN A 178 19.19 -4.29 35.05
CA ASN A 178 20.32 -4.54 35.92
C ASN A 178 21.09 -5.76 35.44
N LYS A 179 22.35 -5.56 35.09
CA LYS A 179 23.30 -6.67 34.99
C LYS A 179 22.78 -7.74 34.02
N ASN A 180 22.24 -7.26 32.92
CA ASN A 180 21.63 -8.07 31.87
C ASN A 180 20.42 -8.90 32.28
N LYS A 181 20.00 -8.86 33.54
CA LYS A 181 18.70 -9.42 33.87
C LYS A 181 17.61 -8.48 33.39
N CYS A 182 16.57 -9.03 32.81
CA CYS A 182 15.44 -8.19 32.43
C CYS A 182 14.14 -8.98 32.34
N ASP A 183 14.10 -10.20 32.83
CA ASP A 183 12.84 -10.85 33.20
C ASP A 183 12.31 -10.24 34.49
N ILE A 184 12.05 -8.94 34.45
CA ILE A 184 11.79 -8.13 35.64
C ILE A 184 10.29 -7.98 35.83
N PRO A 185 9.79 -7.98 37.06
CA PRO A 185 8.34 -7.99 37.28
C PRO A 185 7.61 -6.70 36.90
N ASP A 186 8.33 -5.61 36.69
CA ASP A 186 7.71 -4.32 36.32
C ASP A 186 7.22 -4.35 34.87
N LEU A 187 6.09 -5.03 34.67
CA LEU A 187 5.51 -5.17 33.35
C LEU A 187 5.10 -3.84 32.73
N LYS A 188 4.97 -2.78 33.54
CA LYS A 188 4.74 -1.46 32.95
C LYS A 188 5.82 -1.13 31.95
N MET A 189 7.07 -1.45 32.26
CA MET A 189 8.17 -1.02 31.42
C MET A 189 8.23 -1.80 30.12
N ALA A 190 7.87 -3.08 30.14
CA ALA A 190 7.76 -3.82 28.90
C ALA A 190 6.65 -3.29 28.01
N VAL A 191 5.46 -3.11 28.57
CA VAL A 191 4.37 -2.54 27.79
C VAL A 191 4.67 -1.11 27.38
N SER A 192 5.23 -0.32 28.30
CA SER A 192 5.59 1.05 27.99
C SER A 192 6.64 1.13 26.89
N PHE A 193 7.67 0.30 26.97
CA PHE A 193 8.69 0.27 25.93
C PHE A 193 8.12 -0.02 24.55
N SER A 194 7.18 -0.94 24.45
CA SER A 194 6.55 -1.25 23.18
C SER A 194 5.72 -0.10 22.62
N GLN A 195 5.37 0.89 23.45
CA GLN A 195 4.78 2.11 22.92
C GLN A 195 5.82 3.10 22.39
N PHE A 196 6.89 3.33 23.15
CA PHE A 196 7.86 4.33 22.75
C PHE A 196 8.59 3.95 21.46
N ASN A 197 8.97 2.70 21.29
CA ASN A 197 9.72 2.34 20.09
C ASN A 197 8.87 2.19 18.85
N ARG A 198 7.55 2.27 18.96
CA ARG A 198 6.70 1.98 17.81
C ARG A 198 6.94 2.94 16.66
N ARG A 199 7.13 4.22 16.95
CA ARG A 199 7.50 5.16 15.91
C ARG A 199 8.79 4.75 15.21
N PHE A 200 9.82 4.43 15.98
CA PHE A 200 11.09 4.02 15.39
C PHE A 200 10.92 2.81 14.48
N LEU A 201 10.24 1.78 14.96
CA LEU A 201 10.07 0.58 14.15
C LEU A 201 9.27 0.87 12.89
N ASN A 202 8.26 1.73 12.97
CA ASN A 202 7.51 2.11 11.78
C ASN A 202 8.38 2.86 10.77
N VAL A 203 9.22 3.78 11.25
CA VAL A 203 10.16 4.45 10.36
C VAL A 203 11.09 3.46 9.68
N VAL A 204 11.61 2.49 10.42
CA VAL A 204 12.51 1.51 9.82
C VAL A 204 11.82 0.68 8.75
N ARG A 205 10.59 0.24 8.99
CA ARG A 205 9.86 -0.47 7.95
C ARG A 205 9.64 0.39 6.71
N GLN A 206 9.24 1.64 6.90
CA GLN A 206 8.91 2.49 5.75
C GLN A 206 10.13 2.82 4.91
N PHE A 207 11.28 3.06 5.54
CA PHE A 207 12.48 3.28 4.74
C PHE A 207 13.02 1.99 4.14
N SER A 208 13.02 0.90 4.91
CA SER A 208 13.57 -0.34 4.37
C SER A 208 12.72 -0.89 3.24
N ASP A 209 11.40 -0.87 3.39
CA ASP A 209 10.53 -1.39 2.34
C ASP A 209 10.59 -0.54 1.07
N ASN A 210 11.04 0.71 1.16
CA ASN A 210 11.16 1.58 -0.01
C ASN A 210 12.62 1.87 -0.35
N ALA A 211 13.54 1.14 0.23
CA ALA A 211 14.97 1.32 -0.04
C ALA A 211 15.41 2.77 0.11
N GLY A 212 14.92 3.43 1.16
CA GLY A 212 15.43 4.73 1.55
C GLY A 212 14.67 5.95 1.07
N ILE A 213 13.67 5.80 0.20
CA ILE A 213 12.91 6.95 -0.25
C ILE A 213 11.44 6.59 -0.21
N THR A 214 10.71 7.15 0.76
CA THR A 214 9.29 6.86 0.84
C THR A 214 8.54 7.64 -0.24
N PRO A 215 7.40 7.11 -0.70
CA PRO A 215 6.60 7.85 -1.67
C PRO A 215 5.81 8.99 -1.06
N ALA A 216 5.56 8.96 0.25
CA ALA A 216 4.77 9.97 0.93
C ALA A 216 5.19 10.02 2.38
N ILE A 217 4.74 11.07 3.07
CA ILE A 217 5.14 11.33 4.44
C ILE A 217 4.12 10.69 5.37
N SER A 218 4.47 9.53 5.92
CA SER A 218 3.64 8.88 6.91
C SER A 218 3.56 9.71 8.18
N LYS A 219 2.58 9.39 9.02
CA LYS A 219 2.53 9.93 10.38
C LYS A 219 3.74 9.51 11.20
N ASP A 220 4.49 8.51 10.77
CA ASP A 220 5.65 8.04 11.51
C ASP A 220 6.92 8.80 11.14
N LEU A 221 7.06 9.18 9.87
CA LEU A 221 8.12 10.10 9.51
C LEU A 221 7.91 11.46 10.16
N MET A 222 6.71 12.02 10.05
CA MET A 222 6.46 13.37 10.53
C MET A 222 5.06 13.43 11.11
N THR A 223 4.96 13.66 12.41
CA THR A 223 3.68 13.71 13.08
C THR A 223 2.96 15.02 12.78
N ASP A 224 1.68 15.07 13.10
CA ASP A 224 0.87 16.25 12.83
C ASP A 224 1.43 17.49 13.50
N ALA A 225 1.92 17.36 14.74
CA ALA A 225 2.54 18.50 15.39
C ALA A 225 3.79 18.98 14.66
N GLU A 226 4.60 18.05 14.14
CA GLU A 226 5.81 18.45 13.44
C GLU A 226 5.52 19.06 12.07
N LEU A 227 4.52 18.55 11.37
CA LEU A 227 4.13 19.17 10.11
C LEU A 227 3.58 20.57 10.33
N ALA A 228 2.72 20.75 11.34
CA ALA A 228 2.22 22.08 11.64
C ALA A 228 3.36 23.04 11.98
N ARG A 229 4.33 22.59 12.76
CA ARG A 229 5.53 23.39 12.98
C ARG A 229 6.26 23.66 11.68
N ALA A 230 6.48 22.63 10.87
CA ALA A 230 7.28 22.80 9.66
C ALA A 230 6.63 23.77 8.70
N ILE A 231 5.32 23.64 8.50
CA ILE A 231 4.59 24.63 7.70
C ILE A 231 4.75 26.02 8.28
N SER A 232 4.54 26.17 9.59
CA SER A 232 4.65 27.48 10.21
C SER A 232 6.05 28.05 10.17
N ASN A 233 7.07 27.22 9.97
CA ASN A 233 8.43 27.69 9.83
C ASN A 233 8.84 27.98 8.39
N MET A 234 8.02 27.63 7.40
CA MET A 234 8.45 27.81 6.02
C MET A 234 8.64 29.29 5.73
N PRO A 235 9.62 29.66 4.91
CA PRO A 235 9.78 31.05 4.45
C PRO A 235 8.82 31.37 3.30
N THR A 236 7.57 31.63 3.65
CA THR A 236 6.50 31.75 2.69
C THR A 236 5.50 32.79 3.21
N SER A 237 4.63 33.24 2.33
CA SER A 237 3.65 34.25 2.69
C SER A 237 2.52 33.65 3.52
N ALA A 238 1.91 34.50 4.34
CA ALA A 238 0.88 34.03 5.27
C ALA A 238 -0.30 33.43 4.55
N GLY A 239 -0.58 33.90 3.33
CA GLY A 239 -1.60 33.24 2.53
C GLY A 239 -1.30 31.78 2.27
N GLN A 240 -0.08 31.49 1.85
CA GLN A 240 0.36 30.10 1.77
C GLN A 240 0.28 29.41 3.13
N ILE A 241 0.74 30.06 4.19
CA ILE A 241 0.76 29.41 5.50
C ILE A 241 -0.65 28.98 5.91
N LYS A 242 -1.60 29.90 5.82
CA LYS A 242 -2.97 29.57 6.19
C LYS A 242 -3.52 28.47 5.29
N LEU A 243 -3.33 28.62 3.98
CA LEU A 243 -3.77 27.61 3.02
C LEU A 243 -3.12 26.26 3.29
N MET A 244 -1.82 26.24 3.60
CA MET A 244 -1.15 24.98 3.86
C MET A 244 -1.61 24.36 5.18
N LEU A 245 -1.81 25.19 6.20
CA LEU A 245 -2.31 24.67 7.47
C LEU A 245 -3.70 24.09 7.36
N GLU A 246 -4.55 24.64 6.49
CA GLU A 246 -5.85 24.02 6.24
C GLU A 246 -5.73 22.72 5.45
N ASN A 247 -5.00 22.74 4.34
CA ASN A 247 -4.89 21.57 3.46
C ASN A 247 -3.73 20.66 3.81
N ARG A 248 -3.39 20.52 5.09
CA ARG A 248 -2.15 19.85 5.46
C ARG A 248 -2.12 18.39 5.04
N ALA A 249 -3.27 17.76 4.81
CA ALA A 249 -3.27 16.45 4.20
C ALA A 249 -2.67 16.46 2.79
N MET A 250 -2.89 17.52 2.02
CA MET A 250 -2.24 17.62 0.71
C MET A 250 -0.75 17.88 0.81
N VAL A 251 -0.34 18.76 1.72
CA VAL A 251 1.09 18.98 1.94
C VAL A 251 1.78 17.67 2.28
N ARG A 252 1.14 16.88 3.14
CA ARG A 252 1.66 15.56 3.45
C ARG A 252 1.70 14.65 2.24
N ARG A 253 0.75 14.80 1.32
CA ARG A 253 0.70 13.95 0.13
C ARG A 253 1.75 14.33 -0.92
N LYS A 254 2.00 15.61 -1.13
CA LYS A 254 2.98 15.99 -2.14
C LYS A 254 4.43 15.84 -1.67
N GLY A 255 4.70 15.95 -0.39
CA GLY A 255 6.04 15.73 0.11
C GLY A 255 6.44 14.27 0.12
N PHE A 256 7.72 14.05 0.42
CA PHE A 256 8.29 12.71 0.47
C PHE A 256 9.54 12.74 1.34
N GLY A 257 9.97 11.57 1.77
CA GLY A 257 11.07 11.44 2.72
C GLY A 257 12.26 10.70 2.16
N ILE A 258 13.46 11.11 2.57
CA ILE A 258 14.70 10.48 2.17
C ILE A 258 15.47 10.12 3.44
N LEU A 259 15.97 8.88 3.51
CA LEU A 259 16.84 8.46 4.60
C LEU A 259 18.25 8.96 4.39
N ILE A 260 18.77 9.69 5.38
CA ILE A 260 20.15 10.15 5.33
C ILE A 260 21.11 9.20 6.01
N GLY A 261 20.65 8.39 6.94
CA GLY A 261 21.37 7.25 7.46
C GLY A 261 21.29 7.20 8.96
N VAL A 262 22.11 6.33 9.54
CA VAL A 262 22.26 6.23 10.98
C VAL A 262 23.64 6.75 11.39
N TYR A 263 23.65 7.66 12.37
CA TYR A 263 24.89 8.25 12.87
C TYR A 263 24.91 8.11 14.38
N GLY A 264 25.86 7.33 14.89
CA GLY A 264 25.78 6.82 16.23
C GLY A 264 24.53 5.99 16.44
N SER A 265 23.63 6.46 17.30
CA SER A 265 22.35 5.80 17.49
C SER A 265 21.19 6.75 17.20
N SER A 266 21.42 7.76 16.38
CA SER A 266 20.35 8.54 15.78
C SER A 266 20.19 8.11 14.34
N VAL A 267 18.97 7.75 13.96
CA VAL A 267 18.64 7.77 12.54
C VAL A 267 18.39 9.21 12.13
N ILE A 268 18.97 9.61 11.01
CA ILE A 268 18.72 10.91 10.40
C ILE A 268 18.00 10.68 9.08
N TYR A 269 16.89 11.37 8.90
CA TYR A 269 16.18 11.34 7.64
C TYR A 269 15.59 12.72 7.42
N MET A 270 15.13 12.97 6.21
CA MET A 270 14.57 14.27 5.88
C MET A 270 13.27 14.12 5.11
N VAL A 271 12.40 15.11 5.31
CA VAL A 271 11.13 15.21 4.62
C VAL A 271 11.18 16.45 3.74
N GLN A 272 10.99 16.25 2.45
CA GLN A 272 10.85 17.35 1.50
C GLN A 272 9.39 17.75 1.44
N LEU A 273 9.03 18.82 2.11
CA LEU A 273 7.70 19.40 1.97
C LEU A 273 7.61 20.31 0.74
N PRO A 274 6.45 20.38 0.10
CA PRO A 274 6.29 21.28 -1.05
C PRO A 274 6.30 22.75 -0.64
N ILE A 275 6.77 23.58 -1.55
CA ILE A 275 6.52 25.02 -1.49
C ILE A 275 5.63 25.40 -2.67
N PHE A 276 4.48 26.01 -2.37
CA PHE A 276 3.50 26.37 -3.39
C PHE A 276 3.70 27.83 -3.80
N GLY A 277 4.78 28.06 -4.56
CA GLY A 277 5.13 29.40 -4.96
C GLY A 277 4.24 30.02 -6.02
N VAL A 278 3.39 29.25 -6.69
CA VAL A 278 2.30 29.82 -7.48
C VAL A 278 1.00 29.39 -6.83
N ILE A 279 0.16 30.36 -6.49
CA ILE A 279 -1.21 30.09 -6.06
C ILE A 279 -2.13 31.12 -6.70
N ASP A 280 -3.42 30.81 -6.67
CA ASP A 280 -4.50 31.72 -7.01
C ASP A 280 -4.57 32.11 -8.48
N THR A 281 -3.73 31.55 -9.35
CA THR A 281 -3.90 31.82 -10.77
C THR A 281 -4.99 30.96 -11.37
N PRO A 282 -5.57 31.37 -12.49
CA PRO A 282 -6.64 30.58 -13.12
C PRO A 282 -6.19 29.20 -13.54
N CYS A 283 -7.06 28.22 -13.34
CA CYS A 283 -6.93 26.91 -13.95
C CYS A 283 -8.25 26.50 -14.58
N TRP A 284 -8.18 25.57 -15.52
CA TRP A 284 -9.38 24.97 -16.08
C TRP A 284 -9.06 23.54 -16.47
N ILE A 285 -10.11 22.75 -16.67
CA ILE A 285 -9.97 21.36 -17.10
C ILE A 285 -10.84 21.16 -18.33
N VAL A 286 -10.31 20.51 -19.34
CA VAL A 286 -11.05 20.16 -20.55
C VAL A 286 -11.40 18.69 -20.52
N LYS A 287 -12.67 18.39 -20.73
CA LYS A 287 -13.15 17.02 -20.94
C LYS A 287 -13.73 16.91 -22.34
N ALA A 288 -13.61 15.75 -22.95
CA ALA A 288 -14.18 15.54 -24.26
C ALA A 288 -14.70 14.12 -24.41
N ALA A 289 -15.64 13.95 -25.33
CA ALA A 289 -16.13 12.63 -25.72
C ALA A 289 -16.28 12.61 -27.24
N PRO A 290 -16.35 11.42 -27.83
CA PRO A 290 -16.30 11.33 -29.30
C PRO A 290 -17.44 12.09 -29.96
N SER A 291 -17.09 13.01 -30.85
CA SER A 291 -18.05 13.74 -31.68
C SER A 291 -18.13 13.07 -33.04
N CYS A 292 -19.20 12.31 -33.28
CA CYS A 292 -19.33 11.50 -34.48
C CYS A 292 -20.53 11.95 -35.31
N SER A 293 -20.47 11.68 -36.62
CA SER A 293 -21.56 11.97 -37.52
C SER A 293 -21.57 10.94 -38.64
N GLU A 294 -22.76 10.56 -39.09
CA GLU A 294 -22.92 9.50 -40.08
C GLU A 294 -22.94 10.05 -41.51
N LYS A 295 -21.88 10.76 -41.86
CA LYS A 295 -21.70 11.21 -43.23
C LYS A 295 -21.69 10.03 -44.20
N LYS A 296 -22.69 9.98 -45.08
CA LYS A 296 -22.93 8.84 -45.96
C LYS A 296 -23.18 7.54 -45.19
N GLY A 297 -23.83 7.64 -44.04
CA GLY A 297 -24.27 6.46 -43.33
C GLY A 297 -23.20 5.77 -42.54
N ASN A 298 -21.97 5.72 -43.07
CA ASN A 298 -20.82 5.40 -42.24
C ASN A 298 -20.46 6.59 -41.36
N TYR A 299 -19.94 6.30 -40.18
CA TYR A 299 -19.57 7.33 -39.24
C TYR A 299 -18.22 7.92 -39.56
N ALA A 300 -18.03 9.16 -39.13
CA ALA A 300 -16.71 9.75 -38.91
C ALA A 300 -16.70 10.36 -37.53
N CYS A 301 -15.63 10.11 -36.77
CA CYS A 301 -15.52 10.60 -35.42
C CYS A 301 -14.25 11.42 -35.29
N LEU A 302 -14.24 12.31 -34.31
CA LEU A 302 -12.99 12.78 -33.72
C LEU A 302 -13.12 12.78 -32.21
N LEU A 303 -11.98 12.72 -31.54
CA LEU A 303 -11.90 12.91 -30.10
C LEU A 303 -10.80 13.92 -29.82
N ARG A 304 -11.07 14.91 -29.00
CA ARG A 304 -10.02 15.81 -28.55
C ARG A 304 -9.05 15.08 -27.63
N GLU A 305 -7.76 15.21 -27.92
CA GLU A 305 -6.71 14.56 -27.15
C GLU A 305 -6.07 15.48 -26.12
N ASP A 306 -6.30 16.78 -26.23
CA ASP A 306 -5.73 17.78 -25.34
C ASP A 306 -6.48 17.91 -24.02
N GLN A 307 -7.02 16.80 -23.54
CA GLN A 307 -7.82 16.78 -22.33
C GLN A 307 -6.95 16.90 -21.10
N GLY A 308 -7.57 17.29 -20.00
CA GLY A 308 -6.92 17.40 -18.71
C GLY A 308 -6.77 18.84 -18.24
N TRP A 309 -5.93 19.00 -17.22
CA TRP A 309 -5.78 20.27 -16.53
C TRP A 309 -4.89 21.25 -17.27
N TYR A 310 -5.29 22.52 -17.23
CA TYR A 310 -4.48 23.62 -17.70
C TYR A 310 -4.44 24.66 -16.59
N CYS A 311 -3.34 25.39 -16.48
CA CYS A 311 -3.31 26.56 -15.62
C CYS A 311 -2.49 27.65 -16.28
N GLN A 312 -2.84 28.90 -15.98
CA GLN A 312 -1.94 30.01 -16.24
C GLN A 312 -0.92 30.08 -15.11
N ASN A 313 0.35 29.96 -15.46
CA ASN A 313 1.44 30.17 -14.53
C ASN A 313 2.29 31.34 -15.01
N ALA A 314 2.41 32.37 -14.18
CA ALA A 314 3.33 33.47 -14.46
C ALA A 314 3.19 33.97 -15.89
N GLY A 315 1.95 34.01 -16.37
CA GLY A 315 1.70 34.48 -17.72
C GLY A 315 2.05 33.49 -18.79
N SER A 316 2.06 32.20 -18.48
CA SER A 316 2.18 31.15 -19.47
C SER A 316 1.13 30.08 -19.18
N THR A 317 0.48 29.60 -20.23
CA THR A 317 -0.41 28.46 -20.08
C THR A 317 0.43 27.20 -19.90
N VAL A 318 0.15 26.44 -18.86
CA VAL A 318 0.87 25.21 -18.57
C VAL A 318 -0.13 24.06 -18.53
N TYR A 319 0.20 22.98 -19.22
CA TYR A 319 -0.67 21.83 -19.38
C TYR A 319 -0.14 20.69 -18.53
N TYR A 320 -1.02 20.05 -17.75
CA TYR A 320 -0.61 19.00 -16.82
C TYR A 320 -1.22 17.68 -17.25
N PRO A 321 -0.56 16.92 -18.11
CA PRO A 321 -1.18 15.73 -18.68
C PRO A 321 -1.22 14.55 -17.72
N CYS A 322 -0.45 14.58 -16.63
CA CYS A 322 -0.49 13.50 -15.67
C CYS A 322 -1.80 13.50 -14.91
N GLU A 323 -2.48 12.35 -14.92
CA GLU A 323 -3.63 12.14 -14.04
C GLU A 323 -3.22 11.93 -12.60
N LYS A 324 -1.95 11.61 -12.34
CA LYS A 324 -1.47 11.38 -10.98
C LYS A 324 -1.29 12.67 -10.19
N ASP A 325 -0.85 13.75 -10.84
CA ASP A 325 -0.35 14.91 -10.10
C ASP A 325 -1.44 15.91 -9.72
N CYS A 326 -2.20 16.41 -10.68
CA CYS A 326 -3.21 17.41 -10.37
C CYS A 326 -4.37 16.80 -9.60
N GLU A 327 -4.85 17.54 -8.60
CA GLU A 327 -5.77 17.01 -7.60
C GLU A 327 -6.50 18.18 -6.97
N THR A 328 -7.83 18.21 -7.08
CA THR A 328 -8.62 19.30 -6.56
C THR A 328 -9.00 19.09 -5.10
N ARG A 329 -9.00 20.18 -4.33
CA ARG A 329 -9.79 20.32 -3.12
C ARG A 329 -10.61 21.60 -3.21
N GLY A 330 -11.92 21.46 -3.26
CA GLY A 330 -12.75 22.61 -3.58
C GLY A 330 -12.37 23.22 -4.91
N ASP A 331 -12.25 24.55 -4.95
CA ASP A 331 -11.77 25.23 -6.15
C ASP A 331 -10.28 25.11 -6.36
N HIS A 332 -9.51 24.83 -5.31
CA HIS A 332 -8.06 24.77 -5.46
C HIS A 332 -7.68 23.47 -6.14
N VAL A 333 -6.91 23.58 -7.22
CA VAL A 333 -6.29 22.43 -7.87
C VAL A 333 -4.81 22.45 -7.55
N PHE A 334 -4.32 21.38 -6.93
CA PHE A 334 -2.94 21.25 -6.53
C PHE A 334 -2.20 20.48 -7.61
N CYS A 335 -1.15 21.06 -8.16
CA CYS A 335 -0.41 20.45 -9.24
C CYS A 335 1.06 20.65 -8.98
N ASP A 336 1.90 19.90 -9.69
CA ASP A 336 3.35 20.02 -9.60
C ASP A 336 3.86 20.67 -10.87
N THR A 337 4.54 21.81 -10.74
CA THR A 337 5.06 22.49 -11.91
C THR A 337 6.08 21.68 -12.69
N ALA A 338 6.76 20.74 -12.03
CA ALA A 338 7.66 19.85 -12.75
C ALA A 338 6.92 18.92 -13.70
N ALA A 339 5.65 18.64 -13.45
CA ALA A 339 4.84 17.85 -14.36
C ALA A 339 4.24 18.64 -15.50
N GLY A 340 4.39 19.97 -15.51
CA GLY A 340 3.72 20.80 -16.51
C GLY A 340 4.52 20.92 -17.79
N ILE A 341 3.80 20.87 -18.91
CA ILE A 341 4.33 21.21 -20.22
C ILE A 341 3.74 22.55 -20.61
N ASN A 342 4.60 23.50 -20.96
CA ASN A 342 4.12 24.77 -21.48
C ASN A 342 3.50 24.60 -22.85
N VAL A 343 2.33 25.18 -23.02
CA VAL A 343 1.66 25.20 -24.31
C VAL A 343 1.43 26.65 -24.71
N ALA A 344 1.47 26.91 -26.01
CA ALA A 344 1.35 28.28 -26.50
C ALA A 344 0.05 28.91 -26.01
N GLU A 345 0.10 30.20 -25.76
CA GLU A 345 -1.09 30.91 -25.26
C GLU A 345 -2.22 30.87 -26.26
N GLN A 346 -1.88 30.73 -27.55
CA GLN A 346 -2.89 30.50 -28.58
C GLN A 346 -3.63 29.18 -28.41
N SER A 347 -3.11 28.24 -27.64
CA SER A 347 -3.75 26.94 -27.50
C SER A 347 -5.17 27.03 -26.96
N LYS A 348 -5.53 28.09 -26.25
CA LYS A 348 -6.93 28.26 -25.88
C LYS A 348 -7.85 28.49 -27.06
N GLU A 349 -7.32 28.79 -28.24
CA GLU A 349 -8.16 28.82 -29.44
C GLU A 349 -8.84 27.49 -29.74
N CYS A 350 -8.31 26.38 -29.26
CA CYS A 350 -9.03 25.11 -29.40
C CYS A 350 -10.33 25.07 -28.63
N ASN A 351 -10.59 26.05 -27.78
CA ASN A 351 -11.83 26.15 -27.03
C ASN A 351 -12.76 27.22 -27.58
N ILE A 352 -12.45 27.78 -28.75
CA ILE A 352 -13.31 28.77 -29.38
C ILE A 352 -13.40 28.49 -30.88
N ASN A 353 -12.27 28.25 -31.52
CA ASN A 353 -12.15 28.30 -32.97
C ASN A 353 -11.76 26.97 -33.58
N ILE A 354 -11.95 25.86 -32.86
CA ILE A 354 -11.24 24.63 -33.22
C ILE A 354 -11.46 24.31 -34.69
N SER A 355 -12.66 24.57 -35.22
CA SER A 355 -12.88 24.43 -36.65
C SER A 355 -11.99 25.36 -37.47
N THR A 356 -11.78 26.59 -36.98
CA THR A 356 -11.14 27.62 -37.78
C THR A 356 -9.72 27.98 -37.35
N THR A 357 -9.31 27.63 -36.14
CA THR A 357 -8.01 28.06 -35.65
C THR A 357 -6.89 27.42 -36.45
N ASN A 358 -5.74 28.12 -36.48
CA ASN A 358 -4.54 27.62 -37.11
C ASN A 358 -3.56 26.99 -36.14
N TYR A 359 -3.83 27.07 -34.85
CA TYR A 359 -3.08 26.28 -33.89
C TYR A 359 -3.36 24.80 -34.10
N PRO A 360 -2.35 23.94 -34.02
CA PRO A 360 -2.56 22.49 -34.24
C PRO A 360 -3.21 21.78 -33.05
N CYS A 361 -4.52 21.98 -32.92
CA CYS A 361 -5.29 21.30 -31.89
C CYS A 361 -5.23 19.80 -32.10
N LYS A 362 -4.78 19.06 -31.09
CA LYS A 362 -4.62 17.62 -31.21
C LYS A 362 -5.95 16.89 -31.05
N VAL A 363 -6.25 16.01 -31.99
CA VAL A 363 -7.41 15.14 -31.93
C VAL A 363 -6.97 13.74 -32.32
N SER A 364 -7.78 12.76 -31.94
CA SER A 364 -7.84 11.49 -32.64
C SER A 364 -9.10 11.45 -33.49
N CYS A 365 -9.03 10.74 -34.60
CA CYS A 365 -10.19 10.57 -35.46
C CYS A 365 -10.20 9.16 -36.05
N GLY A 366 -11.36 8.75 -36.52
CA GLY A 366 -11.52 7.43 -37.06
C GLY A 366 -12.98 7.03 -37.17
N ARG A 367 -13.17 5.76 -37.55
CA ARG A 367 -14.49 5.26 -37.89
C ARG A 367 -15.36 4.94 -36.66
N HIS A 368 -14.82 4.21 -35.71
CA HIS A 368 -15.71 3.48 -34.79
C HIS A 368 -16.27 4.42 -33.74
N PRO A 369 -17.61 4.57 -33.64
CA PRO A 369 -18.21 5.42 -32.60
C PRO A 369 -18.27 4.70 -31.27
N ILE A 370 -17.46 5.15 -30.32
CA ILE A 370 -17.69 4.79 -28.93
C ILE A 370 -18.88 5.60 -28.42
N SER A 371 -19.78 4.91 -27.72
CA SER A 371 -20.80 5.57 -26.92
C SER A 371 -20.45 5.49 -25.45
N MET A 372 -20.44 6.63 -24.78
CA MET A 372 -19.85 6.70 -23.45
C MET A 372 -20.37 7.95 -22.76
N VAL A 373 -20.21 7.97 -21.43
CA VAL A 373 -20.45 9.15 -20.61
C VAL A 373 -19.10 9.66 -20.12
N ALA A 374 -18.85 10.95 -20.31
CA ALA A 374 -17.76 11.64 -19.64
C ALA A 374 -18.32 12.56 -18.57
N LEU A 375 -18.08 12.23 -17.31
CA LEU A 375 -18.57 13.01 -16.18
C LEU A 375 -17.70 14.25 -16.00
N SER A 376 -18.24 15.41 -16.33
CA SER A 376 -17.60 16.66 -15.96
C SER A 376 -17.90 17.00 -14.51
N PRO A 377 -17.26 18.03 -13.97
CA PRO A 377 -17.58 18.46 -12.61
C PRO A 377 -19.02 18.89 -12.41
N LEU A 378 -19.58 19.67 -13.33
CA LEU A 378 -20.93 20.19 -13.19
C LEU A 378 -21.96 19.48 -14.06
N GLY A 379 -21.60 18.35 -14.66
CA GLY A 379 -22.52 17.68 -15.55
C GLY A 379 -21.85 16.52 -16.24
N ALA A 380 -22.55 15.97 -17.22
CA ALA A 380 -22.04 14.86 -18.00
C ALA A 380 -22.14 15.19 -19.48
N LEU A 381 -21.05 14.94 -20.20
CA LEU A 381 -21.13 14.71 -21.64
C LEU A 381 -21.61 13.30 -21.88
N VAL A 382 -22.52 13.14 -22.84
CA VAL A 382 -23.11 11.85 -23.12
C VAL A 382 -23.04 11.60 -24.61
N ALA A 383 -22.09 10.78 -25.04
CA ALA A 383 -21.98 10.36 -26.42
C ALA A 383 -22.89 9.17 -26.64
N CYS A 384 -23.85 9.30 -27.54
CA CYS A 384 -24.87 8.27 -27.72
C CYS A 384 -25.15 8.12 -29.21
N TYR A 385 -24.69 7.03 -29.80
CA TYR A 385 -24.74 6.87 -31.24
C TYR A 385 -25.57 5.66 -31.61
N LYS A 386 -25.58 5.35 -32.90
CA LYS A 386 -26.35 4.22 -33.39
C LYS A 386 -25.93 2.95 -32.68
N GLY A 387 -26.93 2.25 -32.12
CA GLY A 387 -26.69 1.21 -31.14
C GLY A 387 -27.34 1.48 -29.81
N VAL A 388 -26.56 1.91 -28.82
CA VAL A 388 -27.07 1.97 -27.47
C VAL A 388 -28.24 2.95 -27.35
N SER A 389 -29.06 2.73 -26.33
CA SER A 389 -30.20 3.58 -26.00
C SER A 389 -29.86 4.36 -24.74
N CYS A 390 -29.78 5.68 -24.86
CA CYS A 390 -29.38 6.53 -23.75
C CYS A 390 -30.54 7.35 -23.24
N SER A 391 -30.67 7.42 -21.92
CA SER A 391 -31.77 8.12 -21.29
C SER A 391 -31.24 8.80 -20.04
N ILE A 392 -31.98 9.79 -19.56
CA ILE A 392 -31.65 10.51 -18.35
C ILE A 392 -32.87 10.49 -17.45
N GLY A 393 -32.64 10.41 -16.15
CA GLY A 393 -33.75 10.25 -15.23
C GLY A 393 -33.41 10.80 -13.87
N SER A 394 -34.45 10.95 -13.06
CA SER A 394 -34.31 11.38 -11.68
C SER A 394 -34.94 10.35 -10.75
N ASN A 395 -34.33 10.21 -9.58
CA ASN A 395 -34.90 9.35 -8.54
C ASN A 395 -36.35 9.67 -8.25
N ARG A 396 -36.74 10.93 -8.46
CA ARG A 396 -38.09 11.38 -8.13
C ARG A 396 -39.11 11.06 -9.21
N VAL A 397 -38.69 10.78 -10.44
CA VAL A 397 -39.58 10.85 -11.59
C VAL A 397 -39.35 9.66 -12.52
N GLY A 398 -38.18 9.02 -12.42
CA GLY A 398 -37.79 8.06 -13.44
C GLY A 398 -37.24 8.72 -14.69
N ILE A 399 -37.52 8.11 -15.84
CA ILE A 399 -36.99 8.63 -17.09
C ILE A 399 -37.60 10.00 -17.37
N ILE A 400 -36.73 11.01 -17.45
CA ILE A 400 -37.11 12.35 -17.85
C ILE A 400 -37.10 12.50 -19.36
N LYS A 401 -36.08 11.93 -20.00
CA LYS A 401 -35.85 12.13 -21.42
C LYS A 401 -35.18 10.90 -22.00
N GLN A 402 -35.47 10.63 -23.27
CA GLN A 402 -34.64 9.78 -24.10
C GLN A 402 -33.73 10.68 -24.91
N LEU A 403 -32.42 10.48 -24.80
CA LEU A 403 -31.49 11.41 -25.41
C LEU A 403 -31.46 11.21 -26.91
N ASN A 404 -31.33 12.32 -27.64
CA ASN A 404 -31.04 12.24 -29.06
C ASN A 404 -29.69 11.60 -29.29
N LYS A 405 -29.57 10.86 -30.38
CA LYS A 405 -28.28 10.35 -30.78
C LYS A 405 -27.40 11.50 -31.25
N GLY A 406 -26.09 11.33 -31.06
CA GLY A 406 -25.17 12.45 -31.08
C GLY A 406 -24.74 12.83 -29.67
N CYS A 407 -23.64 13.57 -29.59
CA CYS A 407 -23.18 14.05 -28.30
C CYS A 407 -24.19 15.02 -27.70
N SER A 408 -24.52 14.79 -26.43
CA SER A 408 -25.42 15.63 -25.66
C SER A 408 -24.69 16.09 -24.40
N TYR A 409 -25.09 17.24 -23.87
CA TYR A 409 -24.56 17.71 -22.60
C TYR A 409 -25.69 17.79 -21.58
N ILE A 410 -25.52 17.10 -20.47
CA ILE A 410 -26.53 16.97 -19.43
C ILE A 410 -26.00 17.68 -18.20
N THR A 411 -26.58 18.83 -17.87
CA THR A 411 -26.21 19.44 -16.61
C THR A 411 -26.70 18.56 -15.47
N ASN A 412 -26.02 18.65 -14.33
CA ASN A 412 -26.50 17.98 -13.13
C ASN A 412 -27.82 18.55 -12.63
N GLN A 413 -28.33 19.60 -13.29
CA GLN A 413 -29.66 20.10 -12.97
C GLN A 413 -30.75 19.46 -13.80
N ASP A 414 -30.44 19.02 -15.01
CA ASP A 414 -31.44 18.35 -15.85
C ASP A 414 -31.83 16.99 -15.30
N ALA A 415 -30.89 16.27 -14.70
CA ALA A 415 -31.20 14.92 -14.25
C ALA A 415 -30.24 14.52 -13.14
N ASP A 416 -30.66 13.52 -12.37
CA ASP A 416 -29.79 12.89 -11.40
C ASP A 416 -28.95 11.77 -11.98
N THR A 417 -29.35 11.18 -13.11
CA THR A 417 -28.64 10.02 -13.62
C THR A 417 -28.66 10.05 -15.14
N VAL A 418 -27.68 9.41 -15.74
CA VAL A 418 -27.66 9.11 -17.16
C VAL A 418 -27.48 7.60 -17.29
N THR A 419 -28.12 7.02 -18.29
CA THR A 419 -27.97 5.59 -18.55
C THR A 419 -27.51 5.36 -19.98
N ILE A 420 -26.75 4.30 -20.17
CA ILE A 420 -26.27 3.88 -21.49
C ILE A 420 -26.54 2.39 -21.61
N ASP A 421 -27.57 2.03 -22.34
CA ASP A 421 -28.27 0.75 -22.20
C ASP A 421 -28.54 0.47 -20.72
N ASN A 422 -28.14 -0.68 -20.18
CA ASN A 422 -28.41 -1.01 -18.79
C ASN A 422 -27.53 -0.25 -17.80
N THR A 423 -26.49 0.41 -18.24
CA THR A 423 -25.55 1.04 -17.32
C THR A 423 -26.10 2.39 -16.86
N VAL A 424 -25.99 2.66 -15.56
CA VAL A 424 -26.47 3.90 -14.97
C VAL A 424 -25.29 4.64 -14.35
N TYR A 425 -25.21 5.94 -14.64
CA TYR A 425 -24.20 6.82 -14.07
C TYR A 425 -24.90 7.89 -13.22
N GLN A 426 -24.56 7.96 -11.95
CA GLN A 426 -25.04 9.03 -11.10
C GLN A 426 -24.26 10.30 -11.38
N LEU A 427 -24.96 11.41 -11.56
CA LEU A 427 -24.35 12.71 -11.79
C LEU A 427 -24.01 13.45 -10.51
N SER A 428 -22.99 14.31 -10.62
CA SER A 428 -22.51 15.12 -9.50
C SER A 428 -23.50 16.23 -9.19
N LYS A 429 -24.15 16.15 -8.03
CA LYS A 429 -25.11 17.17 -7.59
C LYS A 429 -24.38 18.37 -7.00
N VAL A 430 -23.66 19.07 -7.89
CA VAL A 430 -22.78 20.19 -7.51
C VAL A 430 -23.33 21.43 -8.17
N GLU A 431 -23.60 22.45 -7.36
CA GLU A 431 -24.06 23.73 -7.87
C GLU A 431 -22.96 24.47 -8.63
N GLY A 432 -23.34 25.04 -9.76
CA GLY A 432 -22.45 25.85 -10.58
C GLY A 432 -23.23 26.33 -11.78
N GLU A 433 -22.56 27.14 -12.60
CA GLU A 433 -23.20 27.70 -13.79
C GLU A 433 -22.70 26.97 -15.03
N GLN A 434 -23.63 26.55 -15.87
CA GLN A 434 -23.35 25.84 -17.11
C GLN A 434 -23.72 26.69 -18.31
N HIS A 435 -22.85 26.66 -19.32
CA HIS A 435 -23.04 27.43 -20.54
C HIS A 435 -22.98 26.47 -21.72
N VAL A 436 -23.64 26.85 -22.81
CA VAL A 436 -23.44 26.20 -24.10
C VAL A 436 -22.83 27.21 -25.06
N ILE A 437 -21.68 26.86 -25.61
CA ILE A 437 -21.07 27.58 -26.72
C ILE A 437 -21.50 26.84 -27.98
N LYS A 438 -22.44 27.41 -28.72
CA LYS A 438 -23.08 26.70 -29.81
C LYS A 438 -22.18 26.62 -31.04
N GLY A 439 -22.44 25.62 -31.86
CA GLY A 439 -21.83 25.51 -33.17
C GLY A 439 -22.01 24.12 -33.76
N ARG A 440 -22.19 24.04 -35.07
CA ARG A 440 -22.31 22.77 -35.76
C ARG A 440 -21.03 21.94 -35.58
N PRO A 441 -21.11 20.72 -35.05
CA PRO A 441 -19.89 19.96 -34.76
C PRO A 441 -18.97 19.84 -35.97
N VAL A 442 -17.68 19.80 -35.69
CA VAL A 442 -16.66 19.75 -36.74
C VAL A 442 -16.88 18.54 -37.63
N SER A 443 -17.02 17.36 -37.02
CA SER A 443 -17.21 16.12 -37.74
C SER A 443 -18.52 16.05 -38.51
N SER A 444 -19.46 16.95 -38.25
CA SER A 444 -20.64 17.08 -39.08
C SER A 444 -20.47 18.09 -40.20
N SER A 445 -19.48 18.98 -40.09
CA SER A 445 -19.34 20.11 -41.00
C SER A 445 -18.16 20.02 -41.94
N PHE A 446 -17.15 19.22 -41.61
CA PHE A 446 -16.04 18.95 -42.52
C PHE A 446 -16.08 17.50 -42.99
N ASP A 447 -15.67 17.30 -44.24
CA ASP A 447 -15.58 15.97 -44.82
C ASP A 447 -14.32 15.25 -44.32
N PRO A 448 -14.42 13.97 -43.96
CA PRO A 448 -13.24 13.24 -43.52
C PRO A 448 -12.23 13.08 -44.65
N VAL A 449 -10.97 12.91 -44.25
CA VAL A 449 -9.94 12.49 -45.19
C VAL A 449 -10.12 11.02 -45.52
N LYS A 450 -9.94 10.68 -46.79
CA LYS A 450 -10.32 9.34 -47.25
C LYS A 450 -9.29 8.30 -46.84
N PHE A 451 -8.01 8.66 -46.80
CA PHE A 451 -7.00 7.74 -46.31
C PHE A 451 -5.82 8.53 -45.76
N PRO A 452 -5.23 8.10 -44.63
CA PRO A 452 -5.78 7.19 -43.65
C PRO A 452 -6.93 7.85 -42.92
N GLN A 453 -8.06 7.16 -42.77
CA GLN A 453 -9.16 7.77 -42.06
C GLN A 453 -8.95 7.74 -40.56
N ASP A 454 -8.41 6.64 -40.03
CA ASP A 454 -8.13 6.53 -38.60
C ASP A 454 -6.73 7.05 -38.33
N GLN A 455 -6.65 8.10 -37.54
CA GLN A 455 -5.37 8.70 -37.16
C GLN A 455 -5.41 9.01 -35.69
N PHE A 456 -4.34 8.65 -34.99
CA PHE A 456 -4.26 8.82 -33.55
C PHE A 456 -3.41 10.03 -33.21
N ASN A 457 -3.96 10.91 -32.38
CA ASN A 457 -3.22 12.05 -31.83
C ASN A 457 -2.56 12.88 -32.93
N VAL A 458 -3.39 13.47 -33.77
CA VAL A 458 -2.95 14.27 -34.91
C VAL A 458 -3.58 15.65 -34.83
N ALA A 459 -2.90 16.62 -35.42
CA ALA A 459 -3.49 17.94 -35.61
C ALA A 459 -4.74 17.86 -36.46
N LEU A 460 -5.77 18.61 -36.04
CA LEU A 460 -7.12 18.43 -36.56
C LEU A 460 -7.18 18.45 -38.09
N ASP A 461 -6.42 19.34 -38.72
CA ASP A 461 -6.54 19.46 -40.17
C ASP A 461 -5.95 18.28 -40.94
N GLN A 462 -5.33 17.32 -40.26
CA GLN A 462 -4.99 16.06 -40.91
C GLN A 462 -6.13 15.07 -40.92
N CYS A 463 -7.15 15.28 -40.09
CA CYS A 463 -8.32 14.41 -40.13
C CYS A 463 -9.36 14.86 -41.15
N PHE A 464 -9.53 16.16 -41.35
CA PHE A 464 -10.68 16.64 -42.09
C PHE A 464 -10.23 17.52 -43.26
N GLU A 465 -11.01 17.47 -44.32
CA GLU A 465 -10.70 18.16 -45.56
C GLU A 465 -9.29 17.78 -46.02
N LEU B 19 30.22 5.34 -15.14
CA LEU B 19 29.17 5.50 -16.18
C LEU B 19 29.66 6.37 -17.31
N LYS B 20 29.11 6.13 -18.49
CA LYS B 20 29.42 6.89 -19.69
C LYS B 20 28.11 7.36 -20.29
N GLU B 21 28.14 8.54 -20.91
CA GLU B 21 26.93 9.08 -21.52
C GLU B 21 27.28 9.84 -22.78
N SER B 22 26.79 9.34 -23.91
CA SER B 22 26.96 10.02 -25.19
C SER B 22 25.70 10.83 -25.46
N TYR B 23 25.86 12.13 -25.65
CA TYR B 23 24.82 12.92 -26.27
C TYR B 23 24.83 12.66 -27.77
N LEU B 24 23.73 12.15 -28.31
CA LEU B 24 23.63 11.91 -29.74
C LEU B 24 22.98 13.13 -30.36
N GLU B 25 23.81 14.03 -30.87
CA GLU B 25 23.30 15.30 -31.36
C GLU B 25 22.32 15.09 -32.51
N GLU B 26 22.55 14.05 -33.31
CA GLU B 26 21.70 13.78 -34.46
C GLU B 26 20.24 13.57 -34.11
N SER B 27 19.91 13.25 -32.86
CA SER B 27 18.52 12.93 -32.54
C SER B 27 18.08 13.43 -31.18
N CYS B 28 18.83 14.31 -30.54
CA CYS B 28 18.50 14.81 -29.20
C CYS B 28 18.20 13.66 -28.24
N SER B 29 19.10 12.69 -28.18
CA SER B 29 18.92 11.54 -27.32
C SER B 29 20.27 11.16 -26.75
N THR B 30 20.29 10.83 -25.45
CA THR B 30 21.47 10.27 -24.84
C THR B 30 21.40 8.76 -24.80
N ILE B 31 22.55 8.12 -24.88
CA ILE B 31 22.72 6.72 -24.49
C ILE B 31 23.72 6.71 -23.35
N THR B 32 23.30 6.17 -22.21
CA THR B 32 24.15 6.05 -21.04
C THR B 32 24.61 4.61 -20.91
N GLU B 33 25.91 4.40 -20.87
CA GLU B 33 26.52 3.09 -20.95
C GLU B 33 27.33 2.81 -19.70
N GLY B 34 27.84 1.59 -19.63
CA GLY B 34 28.61 1.16 -18.49
C GLY B 34 27.78 0.71 -17.32
N TYR B 35 26.47 0.66 -17.43
CA TYR B 35 25.68 -0.13 -16.49
C TYR B 35 25.98 -1.60 -16.68
N LEU B 36 26.18 -2.30 -15.57
CA LEU B 36 26.23 -3.74 -15.57
C LEU B 36 24.83 -4.28 -15.38
N SER B 37 24.67 -5.58 -15.50
CA SER B 37 23.36 -6.18 -15.59
C SER B 37 23.19 -7.20 -14.48
N VAL B 38 21.97 -7.29 -13.98
CA VAL B 38 21.48 -8.46 -13.27
C VAL B 38 20.10 -8.74 -13.82
N LEU B 39 19.87 -9.96 -14.30
CA LEU B 39 18.61 -10.32 -14.93
C LEU B 39 18.09 -11.60 -14.31
N ARG B 40 16.86 -11.54 -13.82
CA ARG B 40 16.20 -12.73 -13.32
C ARG B 40 15.91 -13.69 -14.46
N THR B 41 16.24 -14.96 -14.25
CA THR B 41 16.03 -15.99 -15.26
C THR B 41 15.35 -17.23 -14.71
N GLY B 42 15.19 -17.36 -13.41
CA GLY B 42 14.42 -18.45 -12.85
C GLY B 42 13.90 -18.09 -11.49
N TRP B 43 13.32 -19.08 -10.82
CA TRP B 43 12.79 -18.92 -9.48
C TRP B 43 13.30 -20.01 -8.56
N TYR B 44 13.58 -19.63 -7.32
CA TYR B 44 13.92 -20.56 -6.25
C TYR B 44 12.77 -20.58 -5.25
N THR B 45 12.28 -21.77 -4.91
CA THR B 45 11.11 -21.91 -4.06
C THR B 45 11.55 -22.21 -2.65
N ASN B 46 11.14 -21.40 -1.70
CA ASN B 46 11.23 -21.73 -0.29
C ASN B 46 9.82 -21.93 0.26
N VAL B 47 9.56 -23.11 0.82
CA VAL B 47 8.23 -23.47 1.33
C VAL B 47 8.24 -23.35 2.84
N PHE B 48 7.45 -22.44 3.38
CA PHE B 48 7.41 -22.19 4.80
C PHE B 48 6.22 -22.90 5.42
N THR B 49 6.49 -23.71 6.43
CA THR B 49 5.47 -24.30 7.30
C THR B 49 5.42 -23.47 8.57
N LEU B 50 4.51 -22.50 8.62
CA LEU B 50 4.31 -21.74 9.86
C LEU B 50 3.34 -22.53 10.73
N GLU B 51 3.87 -23.13 11.78
CA GLU B 51 3.10 -23.95 12.72
C GLU B 51 2.27 -23.07 13.64
N VAL B 52 0.98 -22.93 13.37
CA VAL B 52 0.13 -22.15 14.25
C VAL B 52 -0.14 -22.87 15.57
N GLY B 53 0.07 -24.17 15.62
CA GLY B 53 0.02 -24.87 16.90
C GLY B 53 -1.38 -25.33 17.25
N ASP B 54 -1.52 -25.71 18.52
CA ASP B 54 -2.70 -26.38 19.06
C ASP B 54 -3.89 -25.46 19.28
N VAL B 55 -3.93 -24.29 18.63
CA VAL B 55 -4.77 -23.20 19.11
C VAL B 55 -6.23 -23.62 19.13
N GLU B 56 -6.67 -24.37 18.14
CA GLU B 56 -8.05 -24.82 18.10
C GLU B 56 -8.39 -25.91 19.16
N ASN B 57 -7.56 -26.16 20.16
CA ASN B 57 -7.93 -26.91 21.34
C ASN B 57 -7.93 -26.07 22.60
N LEU B 58 -7.73 -24.77 22.48
CA LEU B 58 -7.80 -23.84 23.59
C LEU B 58 -9.02 -22.98 23.42
N THR B 59 -9.78 -22.82 24.51
CA THR B 59 -10.93 -21.94 24.52
C THR B 59 -10.99 -21.25 25.87
N CYS B 60 -10.94 -19.93 25.83
CA CYS B 60 -11.35 -19.11 26.96
C CYS B 60 -12.86 -19.08 27.05
N ALA B 61 -13.39 -19.38 28.23
CA ALA B 61 -14.84 -19.43 28.39
C ALA B 61 -15.31 -18.77 29.68
N ASP B 62 -14.44 -18.09 30.42
CA ASP B 62 -14.87 -17.49 31.67
C ASP B 62 -15.51 -16.12 31.46
N GLY B 63 -14.94 -15.33 30.57
CA GLY B 63 -15.42 -13.99 30.34
C GLY B 63 -14.49 -13.21 29.44
N PRO B 64 -14.70 -11.90 29.36
CA PRO B 64 -13.73 -11.05 28.66
C PRO B 64 -12.39 -11.09 29.38
N SER B 65 -11.32 -11.20 28.59
CA SER B 65 -9.98 -11.28 29.14
C SER B 65 -8.99 -10.94 28.04
N LEU B 66 -7.77 -10.61 28.46
CA LEU B 66 -6.72 -10.32 27.49
C LEU B 66 -6.39 -11.54 26.64
N ILE B 67 -6.20 -12.69 27.28
CA ILE B 67 -5.85 -13.90 26.54
C ILE B 67 -6.97 -14.30 25.60
N LYS B 68 -8.21 -14.28 26.07
CA LYS B 68 -9.32 -14.60 25.19
C LYS B 68 -9.33 -13.74 23.95
N THR B 69 -9.04 -12.45 24.09
CA THR B 69 -9.07 -11.58 22.92
C THR B 69 -7.99 -11.94 21.91
N GLU B 70 -6.77 -12.17 22.36
CA GLU B 70 -5.71 -12.61 21.46
C GLU B 70 -5.96 -14.00 20.93
N LEU B 71 -6.51 -14.88 21.75
CA LEU B 71 -6.80 -16.24 21.30
C LEU B 71 -7.89 -16.24 20.23
N ASP B 72 -8.98 -15.53 20.48
CA ASP B 72 -10.04 -15.41 19.49
C ASP B 72 -9.55 -14.81 18.19
N LEU B 73 -8.71 -13.77 18.26
CA LEU B 73 -8.08 -13.26 17.04
C LEU B 73 -7.26 -14.33 16.34
N THR B 74 -6.46 -15.09 17.08
CA THR B 74 -5.63 -16.11 16.44
C THR B 74 -6.49 -17.19 15.80
N LYS B 75 -7.47 -17.70 16.55
CA LYS B 75 -8.32 -18.75 16.00
C LYS B 75 -9.23 -18.23 14.91
N SER B 76 -9.74 -17.00 15.08
CA SER B 76 -10.53 -16.41 14.01
C SER B 76 -9.73 -16.19 12.75
N ALA B 77 -8.50 -15.70 12.88
CA ALA B 77 -7.64 -15.53 11.71
C ALA B 77 -7.34 -16.85 11.03
N LEU B 78 -7.03 -17.88 11.81
CA LEU B 78 -6.77 -19.20 11.23
C LEU B 78 -7.99 -19.73 10.50
N ARG B 79 -9.16 -19.65 11.12
CA ARG B 79 -10.39 -20.11 10.47
C ARG B 79 -10.71 -19.31 9.23
N GLU B 80 -10.41 -18.01 9.24
CA GLU B 80 -10.52 -17.22 8.02
C GLU B 80 -9.58 -17.72 6.94
N LEU B 81 -8.31 -17.92 7.29
CA LEU B 81 -7.31 -18.28 6.29
C LEU B 81 -7.67 -19.56 5.56
N ARG B 82 -8.28 -20.52 6.24
CA ARG B 82 -8.75 -21.72 5.55
C ARG B 82 -9.64 -21.41 4.37
N THR B 83 -10.33 -20.28 4.39
CA THR B 83 -11.17 -19.93 3.26
C THR B 83 -10.40 -19.23 2.16
N VAL B 84 -9.27 -18.61 2.47
CA VAL B 84 -8.50 -17.89 1.48
C VAL B 84 -7.81 -18.90 0.57
N SER B 85 -7.82 -18.62 -0.73
CA SER B 85 -7.02 -19.37 -1.66
C SER B 85 -6.72 -18.51 -2.88
N ALA B 86 -5.53 -18.70 -3.45
CA ALA B 86 -5.28 -18.31 -4.81
C ALA B 86 -6.16 -19.14 -5.75
N ASP B 87 -6.03 -18.87 -7.05
CA ASP B 87 -6.55 -19.79 -8.06
C ASP B 87 -5.71 -21.05 -8.11
N GLN B 88 -5.77 -21.85 -7.05
CA GLN B 88 -4.93 -23.01 -6.91
C GLN B 88 -3.46 -22.65 -7.09
N PHE B 103 3.78 -0.97 -32.91
CA PHE B 103 3.35 -1.66 -31.71
C PHE B 103 3.89 -0.92 -30.49
N VAL B 104 3.04 -0.68 -29.51
CA VAL B 104 3.46 -0.08 -28.24
C VAL B 104 3.92 -1.21 -27.34
N LEU B 105 5.23 -1.31 -27.15
CA LEU B 105 5.84 -2.48 -26.54
C LEU B 105 5.66 -2.56 -25.03
N GLY B 106 5.48 -1.42 -24.36
CA GLY B 106 5.46 -1.44 -22.90
C GLY B 106 4.31 -2.24 -22.31
N ALA B 107 3.11 -2.04 -22.83
CA ALA B 107 1.95 -2.77 -22.33
C ALA B 107 2.07 -4.26 -22.59
N ILE B 108 2.60 -4.63 -23.74
CA ILE B 108 2.86 -6.04 -24.05
C ILE B 108 3.81 -6.66 -23.02
N ALA B 109 4.99 -6.07 -22.85
CA ALA B 109 6.01 -6.69 -22.01
C ALA B 109 5.56 -6.86 -20.56
N CYS B 110 5.06 -5.80 -19.94
CA CYS B 110 4.62 -5.94 -18.55
C CYS B 110 3.35 -6.77 -18.41
N GLY B 111 2.61 -6.99 -19.48
CA GLY B 111 1.57 -8.01 -19.46
C GLY B 111 2.16 -9.40 -19.32
N VAL B 112 3.12 -9.74 -20.17
CA VAL B 112 3.73 -11.07 -20.13
C VAL B 112 4.47 -11.30 -18.82
N ALA B 113 5.21 -10.29 -18.36
CA ALA B 113 6.06 -10.48 -17.18
C ALA B 113 5.28 -10.99 -15.99
N THR B 114 4.16 -10.36 -15.65
CA THR B 114 3.38 -10.81 -14.51
C THR B 114 2.71 -12.15 -14.77
N ALA B 115 2.17 -12.35 -15.96
CA ALA B 115 1.55 -13.63 -16.28
C ALA B 115 2.54 -14.77 -16.15
N ALA B 116 3.76 -14.57 -16.65
CA ALA B 116 4.80 -15.60 -16.52
C ALA B 116 5.15 -15.88 -15.07
N ALA B 117 5.34 -14.84 -14.26
CA ALA B 117 5.69 -15.03 -12.86
C ALA B 117 4.66 -15.87 -12.12
N VAL B 118 3.39 -15.48 -12.19
CA VAL B 118 2.36 -16.20 -11.45
C VAL B 118 2.22 -17.64 -11.96
N THR B 119 2.27 -17.83 -13.27
CA THR B 119 2.19 -19.18 -13.81
C THR B 119 3.34 -20.05 -13.36
N ALA B 120 4.55 -19.49 -13.31
CA ALA B 120 5.68 -20.26 -12.81
C ALA B 120 5.50 -20.63 -11.35
N GLY B 121 5.05 -19.69 -10.53
CA GLY B 121 4.84 -19.98 -9.13
C GLY B 121 3.68 -20.93 -8.87
N VAL B 122 2.54 -20.69 -9.52
CA VAL B 122 1.39 -21.55 -9.34
C VAL B 122 1.69 -22.99 -9.74
N ALA B 123 2.44 -23.17 -10.81
CA ALA B 123 2.79 -24.53 -11.23
C ALA B 123 3.54 -25.31 -10.16
N ILE B 124 4.31 -24.63 -9.32
CA ILE B 124 4.98 -25.33 -8.23
C ILE B 124 4.05 -25.53 -7.05
N ALA B 125 3.27 -24.52 -6.69
CA ALA B 125 2.31 -24.68 -5.60
C ALA B 125 1.37 -25.84 -5.88
N LYS B 126 0.97 -26.00 -7.13
CA LYS B 126 0.08 -27.09 -7.49
C LYS B 126 0.72 -28.46 -7.34
N CYS B 127 2.04 -28.57 -7.35
CA CYS B 127 2.66 -29.83 -6.90
C CYS B 127 2.60 -29.96 -5.39
N ILE B 128 2.98 -28.92 -4.66
CA ILE B 128 3.08 -29.00 -3.21
C ILE B 128 1.73 -29.23 -2.56
N ARG B 129 0.64 -28.76 -3.16
CA ARG B 129 -0.68 -28.99 -2.59
C ARG B 129 -1.03 -30.46 -2.45
N LEU B 130 -0.42 -31.35 -3.22
CA LEU B 130 -0.74 -32.75 -3.08
C LEU B 130 -0.34 -33.26 -1.70
N GLU B 131 -1.25 -34.01 -1.09
CA GLU B 131 -1.06 -34.42 0.31
C GLU B 131 0.18 -35.27 0.49
N SER B 132 0.56 -36.05 -0.51
CA SER B 132 1.81 -36.79 -0.42
C SER B 132 3.01 -35.86 -0.30
N GLU B 133 2.96 -34.70 -0.93
CA GLU B 133 4.09 -33.77 -0.89
C GLU B 133 4.11 -32.93 0.37
N VAL B 134 2.96 -32.44 0.81
CA VAL B 134 2.88 -31.77 2.11
C VAL B 134 3.37 -32.68 3.23
N THR B 135 2.89 -33.91 3.27
CA THR B 135 3.30 -34.79 4.37
C THR B 135 4.78 -35.14 4.32
N ALA B 136 5.36 -35.24 3.12
CA ALA B 136 6.80 -35.38 3.04
C ALA B 136 7.50 -34.13 3.57
N ILE B 137 7.06 -32.96 3.11
CA ILE B 137 7.64 -31.70 3.56
C ILE B 137 7.55 -31.59 5.07
N LYS B 138 6.37 -31.79 5.62
CA LYS B 138 6.19 -31.73 7.06
C LYS B 138 7.06 -32.72 7.80
N ASN B 139 7.19 -33.94 7.26
CA ASN B 139 7.97 -34.97 7.95
C ASN B 139 9.46 -34.65 7.98
N CYS B 140 10.05 -34.19 6.89
CA CYS B 140 11.46 -33.85 6.94
C CYS B 140 11.75 -32.66 7.85
N LEU B 141 10.78 -31.80 8.10
CA LEU B 141 10.88 -30.75 9.08
C LEU B 141 10.54 -31.19 10.49
N LYS B 142 10.49 -32.49 10.76
CA LYS B 142 10.15 -32.96 12.11
C LYS B 142 11.21 -32.57 13.13
N LYS B 143 12.48 -32.88 12.87
CA LYS B 143 13.55 -32.64 13.83
C LYS B 143 14.58 -31.64 13.35
N THR B 144 14.34 -30.99 12.23
CA THR B 144 15.16 -29.88 11.78
C THR B 144 14.23 -28.76 11.35
N ASN B 145 14.62 -27.52 11.63
CA ASN B 145 13.86 -26.37 11.17
C ASN B 145 14.11 -26.04 9.72
N GLU B 146 15.04 -26.70 9.07
CA GLU B 146 15.28 -26.47 7.66
C GLU B 146 15.50 -27.80 6.97
N CYS B 147 14.92 -27.96 5.80
CA CYS B 147 15.01 -29.18 5.03
C CYS B 147 15.12 -28.80 3.56
N VAL B 148 15.88 -29.59 2.82
CA VAL B 148 15.82 -29.55 1.36
C VAL B 148 14.99 -30.74 0.89
N SER B 149 14.03 -30.47 0.03
CA SER B 149 13.08 -31.47 -0.40
C SER B 149 12.99 -31.45 -1.91
N THR B 150 12.84 -32.62 -2.52
CA THR B 150 12.54 -32.73 -3.94
C THR B 150 11.10 -33.16 -4.08
N LEU B 151 10.32 -32.34 -4.78
CA LEU B 151 8.93 -32.67 -5.03
C LEU B 151 8.85 -33.82 -6.03
N GLY B 152 7.69 -34.48 -6.05
CA GLY B 152 7.44 -35.47 -7.07
C GLY B 152 7.55 -34.91 -8.48
N CYS B 153 7.22 -33.63 -8.65
CA CYS B 153 7.42 -32.97 -9.94
C CYS B 153 8.85 -32.49 -10.14
N GLY B 154 9.78 -32.95 -9.29
CA GLY B 154 11.20 -32.78 -9.50
C GLY B 154 11.81 -31.48 -9.01
N VAL B 155 11.01 -30.47 -8.70
CA VAL B 155 11.58 -29.22 -8.22
C VAL B 155 12.15 -29.44 -6.85
N ARG B 156 13.38 -28.97 -6.62
CA ARG B 156 14.07 -29.15 -5.35
C ARG B 156 13.83 -27.94 -4.45
N VAL B 157 12.62 -27.86 -3.92
CA VAL B 157 12.29 -26.75 -3.04
C VAL B 157 13.08 -26.87 -1.75
N LEU B 158 13.46 -25.72 -1.19
CA LEU B 158 13.84 -25.64 0.21
C LEU B 158 12.58 -25.60 1.06
N ALA B 159 12.68 -26.14 2.27
CA ALA B 159 11.57 -26.08 3.21
C ALA B 159 12.03 -25.58 4.56
N THR B 160 11.19 -24.78 5.20
CA THR B 160 11.51 -24.13 6.46
C THR B 160 10.33 -24.28 7.40
N ALA B 161 10.61 -24.51 8.67
CA ALA B 161 9.60 -24.48 9.72
C ALA B 161 9.71 -23.22 10.55
N VAL B 162 8.57 -22.61 10.83
CA VAL B 162 8.44 -21.58 11.86
C VAL B 162 7.59 -22.14 12.98
N ARG B 163 8.15 -22.14 14.20
CA ARG B 163 7.52 -22.80 15.34
C ARG B 163 7.33 -21.91 16.55
N GLU B 164 7.74 -20.65 16.48
CA GLU B 164 7.75 -19.83 17.69
C GLU B 164 6.37 -19.75 18.34
N LEU B 165 5.31 -19.66 17.55
CA LEU B 165 3.98 -19.68 18.11
C LEU B 165 3.59 -21.06 18.63
N LYS B 166 3.87 -22.11 17.88
CA LYS B 166 3.56 -23.45 18.35
C LYS B 166 4.22 -23.74 19.68
N ASP B 167 5.50 -23.43 19.81
CA ASP B 167 6.19 -23.64 21.06
C ASP B 167 5.54 -22.88 22.21
N PHE B 168 5.13 -21.63 21.97
CA PHE B 168 4.43 -20.89 23.01
C PHE B 168 3.10 -21.52 23.36
N VAL B 169 2.29 -21.83 22.34
CA VAL B 169 0.97 -22.41 22.59
C VAL B 169 1.08 -23.73 23.34
N SER B 170 2.02 -24.59 22.94
CA SER B 170 2.11 -25.90 23.55
C SER B 170 2.70 -25.84 24.95
N LYS B 171 3.77 -25.09 25.16
CA LYS B 171 4.43 -25.13 26.46
C LYS B 171 3.87 -24.14 27.46
N ASN B 172 3.48 -22.94 27.03
CA ASN B 172 3.00 -21.91 27.94
C ASN B 172 1.48 -21.84 28.00
N LEU B 173 0.83 -21.57 26.87
CA LEU B 173 -0.56 -21.18 26.89
C LEU B 173 -1.47 -22.37 27.18
N THR B 174 -1.16 -23.54 26.65
CA THR B 174 -1.92 -24.73 26.98
C THR B 174 -1.89 -25.03 28.47
N ARG B 175 -0.79 -24.71 29.14
CA ARG B 175 -0.69 -24.92 30.58
C ARG B 175 -1.40 -23.82 31.37
N ALA B 176 -1.53 -22.62 30.79
CA ALA B 176 -2.17 -21.51 31.49
C ALA B 176 -3.69 -21.59 31.44
N ILE B 177 -4.26 -21.91 30.29
CA ILE B 177 -5.71 -22.00 30.16
C ILE B 177 -6.20 -23.28 30.82
N ASN B 178 -6.34 -23.22 32.15
CA ASN B 178 -6.90 -24.31 32.93
C ASN B 178 -8.41 -24.37 32.74
N LYS B 179 -8.90 -25.47 32.20
CA LYS B 179 -10.31 -25.79 32.31
C LYS B 179 -11.17 -24.65 31.80
N ASN B 180 -10.75 -24.11 30.66
CA ASN B 180 -11.34 -22.95 30.01
C ASN B 180 -11.37 -21.65 30.81
N LYS B 181 -10.95 -21.65 32.07
CA LYS B 181 -10.68 -20.38 32.72
C LYS B 181 -9.39 -19.81 32.17
N CYS B 182 -9.38 -18.52 31.93
CA CYS B 182 -8.18 -17.92 31.36
C CYS B 182 -7.99 -16.45 31.71
N ASP B 183 -8.92 -15.83 32.45
CA ASP B 183 -8.65 -14.53 33.03
C ASP B 183 -7.69 -14.63 34.21
N ILE B 184 -6.56 -15.29 33.99
CA ILE B 184 -5.54 -15.51 35.02
C ILE B 184 -4.88 -14.20 35.40
N PRO B 185 -4.31 -14.09 36.60
CA PRO B 185 -3.64 -12.84 37.00
C PRO B 185 -2.32 -12.58 36.29
N ASP B 186 -1.76 -13.57 35.60
CA ASP B 186 -0.53 -13.41 34.84
C ASP B 186 -0.73 -12.62 33.56
N LEU B 187 -0.53 -11.30 33.61
CA LEU B 187 -0.60 -10.49 32.41
C LEU B 187 0.59 -10.70 31.51
N LYS B 188 1.71 -11.21 32.02
CA LYS B 188 2.85 -11.49 31.16
C LYS B 188 2.48 -12.53 30.11
N MET B 189 1.60 -13.47 30.46
CA MET B 189 1.09 -14.42 29.48
C MET B 189 0.38 -13.72 28.34
N ALA B 190 -0.54 -12.82 28.66
CA ALA B 190 -1.33 -12.19 27.62
C ALA B 190 -0.52 -11.26 26.74
N VAL B 191 0.38 -10.48 27.34
CA VAL B 191 1.24 -9.62 26.52
C VAL B 191 2.22 -10.46 25.70
N SER B 192 2.75 -11.53 26.27
CA SER B 192 3.61 -12.42 25.49
C SER B 192 2.87 -12.98 24.29
N PHE B 193 1.64 -13.43 24.50
CA PHE B 193 0.87 -14.00 23.40
C PHE B 193 0.69 -13.03 22.25
N SER B 194 0.38 -11.78 22.57
CA SER B 194 0.21 -10.77 21.53
C SER B 194 1.48 -10.48 20.76
N GLN B 195 2.65 -10.82 21.30
CA GLN B 195 3.87 -10.75 20.51
C GLN B 195 4.03 -11.93 19.57
N PHE B 196 3.88 -13.15 20.07
CA PHE B 196 4.18 -14.33 19.25
C PHE B 196 3.22 -14.47 18.09
N ASN B 197 1.93 -14.22 18.29
CA ASN B 197 0.99 -14.34 17.18
C ASN B 197 1.12 -13.22 16.18
N ARG B 198 1.89 -12.18 16.48
CA ARG B 198 1.92 -11.00 15.62
C ARG B 198 2.31 -11.37 14.20
N ARG B 199 3.34 -12.19 14.05
CA ARG B 199 3.72 -12.64 12.72
C ARG B 199 2.58 -13.38 12.04
N PHE B 200 1.98 -14.35 12.72
CA PHE B 200 0.92 -15.13 12.13
C PHE B 200 -0.23 -14.24 11.64
N LEU B 201 -0.67 -13.32 12.48
CA LEU B 201 -1.75 -12.42 12.07
C LEU B 201 -1.37 -11.57 10.87
N ASN B 202 -0.11 -11.12 10.82
CA ASN B 202 0.34 -10.36 9.64
C ASN B 202 0.36 -11.20 8.37
N VAL B 203 0.80 -12.45 8.45
CA VAL B 203 0.73 -13.34 7.30
C VAL B 203 -0.71 -13.51 6.81
N VAL B 204 -1.65 -13.68 7.74
CA VAL B 204 -3.05 -13.83 7.36
C VAL B 204 -3.56 -12.56 6.68
N ARG B 205 -3.30 -11.41 7.27
CA ARG B 205 -3.68 -10.16 6.63
C ARG B 205 -3.18 -10.07 5.19
N GLN B 206 -1.91 -10.39 4.96
CA GLN B 206 -1.33 -10.21 3.64
C GLN B 206 -1.88 -11.19 2.61
N PHE B 207 -2.01 -12.46 2.96
CA PHE B 207 -2.58 -13.40 2.00
C PHE B 207 -4.07 -13.16 1.77
N SER B 208 -4.83 -12.87 2.82
CA SER B 208 -6.25 -12.63 2.62
C SER B 208 -6.50 -11.38 1.80
N ASP B 209 -5.81 -10.29 2.10
CA ASP B 209 -6.00 -9.06 1.34
C ASP B 209 -5.62 -9.23 -0.13
N ASN B 210 -4.60 -10.02 -0.41
CA ASN B 210 -4.12 -10.22 -1.77
C ASN B 210 -4.71 -11.47 -2.41
N ALA B 211 -5.67 -12.11 -1.76
CA ALA B 211 -6.29 -13.33 -2.27
C ALA B 211 -5.27 -14.42 -2.58
N GLY B 212 -4.29 -14.59 -1.71
CA GLY B 212 -3.40 -15.73 -1.76
C GLY B 212 -2.09 -15.54 -2.50
N ILE B 213 -1.87 -14.43 -3.20
CA ILE B 213 -0.61 -14.19 -3.88
C ILE B 213 -0.17 -12.78 -3.57
N THR B 214 0.82 -12.63 -2.70
CA THR B 214 1.30 -11.30 -2.37
C THR B 214 2.14 -10.74 -3.51
N PRO B 215 2.18 -9.41 -3.65
CA PRO B 215 3.02 -8.83 -4.70
C PRO B 215 4.50 -8.77 -4.32
N ALA B 216 4.83 -8.86 -3.05
CA ALA B 216 6.20 -8.76 -2.58
C ALA B 216 6.34 -9.52 -1.27
N ILE B 217 7.58 -9.79 -0.90
CA ILE B 217 7.87 -10.62 0.27
C ILE B 217 8.06 -9.70 1.47
N SER B 218 7.00 -9.55 2.27
CA SER B 218 7.08 -8.77 3.49
C SER B 218 8.06 -9.42 4.46
N LYS B 219 8.46 -8.64 5.47
CA LYS B 219 9.21 -9.18 6.60
C LYS B 219 8.44 -10.23 7.36
N ASP B 220 7.13 -10.32 7.18
CA ASP B 220 6.32 -11.30 7.89
C ASP B 220 6.22 -12.61 7.13
N LEU B 221 6.20 -12.57 5.80
CA LEU B 221 6.33 -13.81 5.05
C LEU B 221 7.70 -14.43 5.24
N MET B 222 8.76 -13.63 5.11
CA MET B 222 10.12 -14.15 5.21
C MET B 222 10.97 -13.15 5.96
N THR B 223 11.33 -13.46 7.20
CA THR B 223 12.18 -12.58 7.97
C THR B 223 13.57 -12.54 7.37
N ASP B 224 14.33 -11.52 7.74
CA ASP B 224 15.62 -11.30 7.10
C ASP B 224 16.66 -12.34 7.49
N ALA B 225 16.46 -13.03 8.61
CA ALA B 225 17.26 -14.22 8.88
C ALA B 225 17.00 -15.31 7.85
N GLU B 226 15.73 -15.56 7.54
CA GLU B 226 15.35 -16.61 6.60
C GLU B 226 15.73 -16.27 5.16
N LEU B 227 15.65 -14.99 4.79
CA LEU B 227 16.08 -14.62 3.44
C LEU B 227 17.57 -14.86 3.26
N ALA B 228 18.39 -14.44 4.20
CA ALA B 228 19.82 -14.71 4.08
C ALA B 228 20.11 -16.19 4.07
N ARG B 229 19.41 -16.95 4.90
CA ARG B 229 19.56 -18.41 4.91
C ARG B 229 19.09 -19.04 3.62
N ALA B 230 17.98 -18.57 3.07
CA ALA B 230 17.50 -19.08 1.79
C ALA B 230 18.43 -18.71 0.64
N ILE B 231 18.88 -17.46 0.58
CA ILE B 231 19.87 -17.07 -0.42
C ILE B 231 21.12 -17.96 -0.33
N SER B 232 21.63 -18.15 0.87
CA SER B 232 22.83 -18.95 1.03
C SER B 232 22.63 -20.40 0.62
N ASN B 233 21.39 -20.87 0.53
CA ASN B 233 21.12 -22.21 0.04
C ASN B 233 20.83 -22.28 -1.45
N MET B 234 20.77 -21.17 -2.17
CA MET B 234 20.44 -21.24 -3.58
C MET B 234 21.52 -22.02 -4.32
N PRO B 235 21.15 -22.79 -5.34
CA PRO B 235 22.13 -23.49 -6.20
C PRO B 235 22.71 -22.56 -7.26
N THR B 236 23.64 -21.71 -6.83
CA THR B 236 24.07 -20.58 -7.64
C THR B 236 25.55 -20.34 -7.38
N SER B 237 26.17 -19.55 -8.25
CA SER B 237 27.58 -19.22 -8.10
C SER B 237 27.79 -18.21 -6.98
N ALA B 238 28.96 -18.29 -6.35
CA ALA B 238 29.25 -17.46 -5.19
C ALA B 238 29.23 -15.98 -5.54
N GLY B 239 29.53 -15.63 -6.79
CA GLY B 239 29.34 -14.26 -7.22
C GLY B 239 27.91 -13.77 -7.02
N GLN B 240 26.94 -14.54 -7.53
CA GLN B 240 25.55 -14.21 -7.25
C GLN B 240 25.22 -14.23 -5.76
N ILE B 241 25.81 -15.16 -5.01
CA ILE B 241 25.51 -15.21 -3.57
C ILE B 241 25.94 -13.91 -2.90
N LYS B 242 27.17 -13.49 -3.12
CA LYS B 242 27.65 -12.26 -2.53
C LYS B 242 26.83 -11.06 -3.00
N LEU B 243 26.59 -10.98 -4.30
CA LEU B 243 25.77 -9.92 -4.86
C LEU B 243 24.35 -9.92 -4.30
N MET B 244 23.75 -11.10 -4.14
CA MET B 244 22.41 -11.16 -3.58
C MET B 244 22.39 -10.81 -2.10
N LEU B 245 23.38 -11.27 -1.34
CA LEU B 245 23.43 -10.95 0.07
C LEU B 245 23.61 -9.46 0.31
N GLU B 246 24.35 -8.77 -0.56
CA GLU B 246 24.42 -7.32 -0.47
C GLU B 246 23.09 -6.66 -0.86
N ASN B 247 22.52 -7.03 -2.00
CA ASN B 247 21.31 -6.41 -2.52
C ASN B 247 20.03 -7.09 -2.04
N ARG B 248 20.02 -7.66 -0.85
CA ARG B 248 18.90 -8.50 -0.43
C ARG B 248 17.57 -7.75 -0.40
N ALA B 249 17.58 -6.44 -0.28
CA ALA B 249 16.35 -5.68 -0.47
C ALA B 249 15.78 -5.84 -1.87
N MET B 250 16.64 -5.93 -2.89
CA MET B 250 16.12 -6.24 -4.23
C MET B 250 15.60 -7.66 -4.36
N VAL B 251 16.33 -8.63 -3.81
CA VAL B 251 15.86 -10.01 -3.83
C VAL B 251 14.48 -10.11 -3.21
N ARG B 252 14.28 -9.44 -2.08
CA ARG B 252 12.97 -9.40 -1.45
C ARG B 252 11.95 -8.74 -2.36
N ARG B 253 12.36 -7.69 -3.06
CA ARG B 253 11.45 -6.89 -3.87
C ARG B 253 11.04 -7.57 -5.17
N LYS B 254 11.91 -8.38 -5.76
CA LYS B 254 11.55 -9.12 -6.96
C LYS B 254 10.75 -10.39 -6.70
N GLY B 255 10.95 -11.04 -5.56
CA GLY B 255 10.20 -12.24 -5.25
C GLY B 255 8.77 -11.97 -4.86
N PHE B 256 8.02 -13.07 -4.72
CA PHE B 256 6.62 -12.99 -4.34
C PHE B 256 6.21 -14.30 -3.67
N GLY B 257 5.12 -14.24 -2.91
CA GLY B 257 4.64 -15.37 -2.12
C GLY B 257 3.31 -15.91 -2.57
N ILE B 258 3.12 -17.21 -2.45
CA ILE B 258 1.86 -17.86 -2.76
C ILE B 258 1.43 -18.70 -1.58
N LEU B 259 0.17 -18.56 -1.17
CA LEU B 259 -0.40 -19.40 -0.13
C LEU B 259 -0.73 -20.80 -0.65
N ILE B 260 -0.09 -21.82 -0.08
CA ILE B 260 -0.46 -23.20 -0.40
C ILE B 260 -1.75 -23.58 0.29
N GLY B 261 -1.81 -23.39 1.61
CA GLY B 261 -3.05 -23.57 2.33
C GLY B 261 -2.79 -23.68 3.82
N VAL B 262 -3.83 -24.09 4.53
CA VAL B 262 -3.73 -24.48 5.92
C VAL B 262 -3.87 -25.99 5.99
N TYR B 263 -2.87 -26.66 6.56
CA TYR B 263 -2.85 -28.11 6.69
C TYR B 263 -2.68 -28.49 8.15
N GLY B 264 -3.65 -29.20 8.70
CA GLY B 264 -3.73 -29.29 10.14
C GLY B 264 -3.86 -27.93 10.74
N SER B 265 -2.91 -27.57 11.61
CA SER B 265 -2.80 -26.21 12.10
C SER B 265 -1.46 -25.59 11.73
N SER B 266 -0.89 -26.01 10.60
CA SER B 266 0.17 -25.28 9.93
C SER B 266 -0.44 -24.55 8.75
N VAL B 267 -0.18 -23.26 8.64
CA VAL B 267 -0.28 -22.63 7.33
C VAL B 267 0.98 -22.99 6.55
N ILE B 268 0.80 -23.41 5.31
CA ILE B 268 1.89 -23.64 4.38
C ILE B 268 1.80 -22.60 3.27
N TYR B 269 2.89 -21.90 3.04
CA TYR B 269 3.00 -20.98 1.92
C TYR B 269 4.38 -21.13 1.34
N MET B 270 4.61 -20.48 0.20
CA MET B 270 5.90 -20.54 -0.45
C MET B 270 6.26 -19.18 -1.01
N VAL B 271 7.57 -18.95 -1.12
CA VAL B 271 8.12 -17.69 -1.56
C VAL B 271 9.01 -17.98 -2.76
N GLN B 272 8.69 -17.38 -3.90
CA GLN B 272 9.51 -17.50 -5.09
C GLN B 272 10.56 -16.40 -5.09
N LEU B 273 11.78 -16.74 -4.70
CA LEU B 273 12.89 -15.82 -4.84
C LEU B 273 13.47 -15.85 -6.24
N PRO B 274 13.97 -14.72 -6.75
CA PRO B 274 14.60 -14.70 -8.06
C PRO B 274 15.92 -15.45 -8.10
N ILE B 275 16.22 -16.03 -9.25
CA ILE B 275 17.57 -16.46 -9.60
C ILE B 275 18.09 -15.56 -10.71
N PHE B 276 19.24 -14.94 -10.47
CA PHE B 276 19.82 -13.96 -11.39
C PHE B 276 20.86 -14.65 -12.27
N GLY B 277 20.36 -15.48 -13.17
CA GLY B 277 21.21 -16.30 -14.02
C GLY B 277 21.99 -15.56 -15.08
N VAL B 278 21.69 -14.29 -15.33
CA VAL B 278 22.57 -13.43 -16.12
C VAL B 278 23.00 -12.28 -15.24
N ILE B 279 24.32 -12.09 -15.14
CA ILE B 279 24.87 -10.90 -14.51
C ILE B 279 26.05 -10.39 -15.31
N ASP B 280 26.44 -9.15 -15.02
CA ASP B 280 27.67 -8.55 -15.46
C ASP B 280 27.74 -8.27 -16.96
N THR B 281 26.67 -8.51 -17.72
CA THR B 281 26.68 -8.12 -19.13
C THR B 281 26.40 -6.63 -19.29
N PRO B 282 26.79 -6.06 -20.44
CA PRO B 282 26.49 -4.65 -20.69
C PRO B 282 25.00 -4.35 -20.73
N CYS B 283 24.64 -3.20 -20.14
CA CYS B 283 23.35 -2.57 -20.35
C CYS B 283 23.56 -1.10 -20.67
N TRP B 284 22.57 -0.50 -21.30
CA TRP B 284 22.56 0.95 -21.51
C TRP B 284 21.13 1.42 -21.50
N ILE B 285 20.95 2.70 -21.24
CA ILE B 285 19.63 3.33 -21.24
C ILE B 285 19.64 4.44 -22.27
N VAL B 286 18.60 4.50 -23.09
CA VAL B 286 18.42 5.53 -24.10
C VAL B 286 17.37 6.50 -23.63
N LYS B 287 17.71 7.79 -23.60
CA LYS B 287 16.79 8.87 -23.31
C LYS B 287 16.66 9.74 -24.55
N ALA B 288 15.49 10.34 -24.74
CA ALA B 288 15.32 11.25 -25.87
C ALA B 288 14.40 12.38 -25.49
N ALA B 289 14.53 13.49 -26.21
CA ALA B 289 13.60 14.59 -26.12
C ALA B 289 13.28 15.09 -27.51
N PRO B 290 12.22 15.87 -27.68
CA PRO B 290 11.80 16.27 -29.03
C PRO B 290 12.90 17.06 -29.74
N SER B 291 13.24 16.61 -30.94
CA SER B 291 14.12 17.34 -31.85
C SER B 291 13.28 18.05 -32.90
N CYS B 292 13.39 19.37 -33.00
CA CYS B 292 12.55 20.14 -33.90
C CYS B 292 13.38 21.18 -34.64
N SER B 293 12.84 21.65 -35.76
CA SER B 293 13.43 22.73 -36.53
C SER B 293 12.32 23.51 -37.22
N GLU B 294 12.46 24.83 -37.27
CA GLU B 294 11.39 25.69 -37.78
C GLU B 294 11.51 25.88 -39.29
N LYS B 295 11.24 24.81 -40.02
CA LYS B 295 11.20 24.90 -41.48
C LYS B 295 10.10 25.83 -41.95
N LYS B 296 10.48 26.99 -42.51
CA LYS B 296 9.54 28.05 -42.85
C LYS B 296 8.65 28.43 -41.68
N GLY B 297 9.17 28.35 -40.47
CA GLY B 297 8.41 28.63 -39.27
C GLY B 297 7.54 27.50 -38.78
N ASN B 298 7.56 26.34 -39.43
CA ASN B 298 6.78 25.20 -39.00
C ASN B 298 7.72 24.22 -38.33
N TYR B 299 7.41 23.82 -37.10
CA TYR B 299 8.30 22.94 -36.36
C TYR B 299 8.10 21.50 -36.79
N ALA B 300 9.03 20.98 -37.58
CA ALA B 300 9.09 19.56 -37.93
C ALA B 300 9.72 18.81 -36.76
N CYS B 301 8.94 18.56 -35.72
CA CYS B 301 9.50 17.85 -34.59
C CYS B 301 9.62 16.37 -34.85
N LEU B 302 10.57 15.75 -34.14
CA LEU B 302 10.74 14.31 -34.11
C LEU B 302 11.11 13.88 -32.70
N LEU B 303 10.61 12.72 -32.28
CA LEU B 303 10.97 12.16 -30.98
C LEU B 303 11.20 10.66 -31.13
N ARG B 304 12.30 10.17 -30.56
CA ARG B 304 12.56 8.74 -30.50
C ARG B 304 11.63 8.06 -29.52
N GLU B 305 10.98 6.99 -29.98
CA GLU B 305 10.08 6.18 -29.16
C GLU B 305 10.75 4.95 -28.54
N ASP B 306 11.92 4.58 -29.02
CA ASP B 306 12.64 3.41 -28.54
C ASP B 306 13.43 3.68 -27.26
N GLN B 307 12.91 4.56 -26.41
CA GLN B 307 13.59 4.90 -25.17
C GLN B 307 13.49 3.76 -24.16
N GLY B 308 14.37 3.79 -23.17
CA GLY B 308 14.37 2.85 -22.06
C GLY B 308 15.60 1.98 -22.02
N TRP B 309 15.50 0.92 -21.23
CA TRP B 309 16.63 0.04 -20.95
C TRP B 309 16.87 -0.99 -22.04
N TYR B 310 18.13 -1.17 -22.40
CA TYR B 310 18.57 -2.26 -23.26
C TYR B 310 19.66 -3.01 -22.53
N CYS B 311 19.77 -4.31 -22.78
CA CYS B 311 20.91 -5.07 -22.32
C CYS B 311 21.31 -6.08 -23.38
N GLN B 312 22.58 -6.47 -23.35
CA GLN B 312 23.00 -7.70 -24.01
C GLN B 312 22.76 -8.87 -23.09
N ASN B 313 22.03 -9.86 -23.58
CA ASN B 313 21.86 -11.13 -22.89
C ASN B 313 22.35 -12.26 -23.78
N ALA B 314 23.35 -13.00 -23.31
CA ALA B 314 23.79 -14.22 -23.96
C ALA B 314 23.93 -14.04 -25.46
N GLY B 315 24.45 -12.90 -25.87
CA GLY B 315 24.64 -12.63 -27.28
C GLY B 315 23.41 -12.18 -28.02
N SER B 316 22.43 -11.64 -27.31
CA SER B 316 21.27 -11.02 -27.92
C SER B 316 21.02 -9.70 -27.23
N THR B 317 20.70 -8.67 -28.01
CA THR B 317 20.24 -7.41 -27.44
C THR B 317 18.82 -7.58 -26.97
N VAL B 318 18.54 -7.18 -25.73
CA VAL B 318 17.21 -7.31 -25.16
C VAL B 318 16.75 -5.95 -24.67
N TYR B 319 15.52 -5.60 -25.01
CA TYR B 319 14.94 -4.31 -24.71
C TYR B 319 13.88 -4.48 -23.65
N TYR B 320 13.92 -3.65 -22.60
CA TYR B 320 13.01 -3.77 -21.47
C TYR B 320 12.07 -2.57 -21.43
N PRO B 321 10.96 -2.61 -22.16
CA PRO B 321 10.25 -1.37 -22.50
C PRO B 321 9.39 -0.81 -21.40
N CYS B 322 9.09 -1.57 -20.35
CA CYS B 322 8.14 -1.15 -19.32
C CYS B 322 8.89 -0.67 -18.09
N GLU B 323 8.45 0.47 -17.56
CA GLU B 323 9.17 1.15 -16.49
C GLU B 323 9.19 0.37 -15.18
N LYS B 324 8.32 -0.61 -15.01
CA LYS B 324 8.38 -1.47 -13.83
C LYS B 324 9.48 -2.50 -13.92
N ASP B 325 9.98 -2.76 -15.13
CA ASP B 325 10.87 -3.90 -15.37
C ASP B 325 12.19 -3.75 -14.62
N CYS B 326 12.83 -2.60 -14.72
CA CYS B 326 14.24 -2.46 -14.41
C CYS B 326 14.45 -1.39 -13.35
N GLU B 327 15.40 -1.65 -12.47
CA GLU B 327 15.73 -0.74 -11.38
C GLU B 327 17.23 -0.79 -11.14
N THR B 328 17.83 0.38 -10.91
CA THR B 328 19.27 0.47 -10.74
C THR B 328 19.66 0.41 -9.27
N ARG B 329 20.84 -0.18 -9.02
CA ARG B 329 21.61 0.05 -7.80
C ARG B 329 23.05 0.32 -8.20
N GLY B 330 23.42 1.58 -8.28
CA GLY B 330 24.72 1.92 -8.84
C GLY B 330 24.80 1.51 -10.29
N ASP B 331 25.85 0.76 -10.64
CA ASP B 331 25.99 0.29 -12.01
C ASP B 331 25.03 -0.84 -12.35
N HIS B 332 24.59 -1.60 -11.35
CA HIS B 332 23.74 -2.74 -11.62
C HIS B 332 22.31 -2.30 -11.89
N VAL B 333 21.77 -2.72 -13.03
CA VAL B 333 20.35 -2.62 -13.31
C VAL B 333 19.71 -3.99 -13.15
N PHE B 334 18.69 -4.06 -12.32
CA PHE B 334 17.99 -5.31 -12.00
C PHE B 334 16.74 -5.41 -12.87
N CYS B 335 16.85 -6.11 -13.99
CA CYS B 335 15.72 -6.32 -14.87
C CYS B 335 15.20 -7.74 -14.74
N ASP B 336 14.06 -7.99 -15.38
CA ASP B 336 13.44 -9.31 -15.46
C ASP B 336 13.43 -9.76 -16.91
N THR B 337 14.07 -10.90 -17.19
CA THR B 337 14.17 -11.37 -18.57
C THR B 337 12.80 -11.68 -19.17
N ALA B 338 11.81 -12.02 -18.34
CA ALA B 338 10.48 -12.24 -18.87
C ALA B 338 9.84 -10.97 -19.42
N ALA B 339 10.31 -9.80 -18.98
CA ALA B 339 9.84 -8.55 -19.55
C ALA B 339 10.56 -8.14 -20.82
N GLY B 340 11.71 -8.74 -21.12
CA GLY B 340 12.50 -8.28 -22.24
C GLY B 340 11.94 -8.73 -23.58
N ILE B 341 12.00 -7.83 -24.55
CA ILE B 341 11.76 -8.13 -25.95
C ILE B 341 13.10 -8.13 -26.67
N ASN B 342 13.39 -9.20 -27.39
CA ASN B 342 14.61 -9.23 -28.20
C ASN B 342 14.51 -8.25 -29.37
N VAL B 343 15.58 -7.49 -29.58
CA VAL B 343 15.70 -6.59 -30.70
C VAL B 343 16.96 -6.94 -31.48
N ALA B 344 16.90 -6.73 -32.78
CA ALA B 344 18.02 -7.14 -33.63
C ALA B 344 19.30 -6.43 -33.23
N GLU B 345 20.42 -7.13 -33.40
CA GLU B 345 21.70 -6.54 -33.01
C GLU B 345 22.03 -5.31 -33.83
N GLN B 346 21.44 -5.17 -35.01
CA GLN B 346 21.56 -3.95 -35.80
C GLN B 346 20.89 -2.75 -35.13
N SER B 347 19.98 -2.98 -34.18
CA SER B 347 19.24 -1.87 -33.59
C SER B 347 20.13 -0.82 -32.93
N LYS B 348 21.34 -1.17 -32.53
CA LYS B 348 22.26 -0.14 -32.04
C LYS B 348 22.69 0.85 -33.11
N GLU B 349 22.46 0.54 -34.39
CA GLU B 349 22.64 1.55 -35.43
C GLU B 349 21.78 2.77 -35.23
N CYS B 350 20.63 2.64 -34.55
CA CYS B 350 19.85 3.82 -34.21
C CYS B 350 20.57 4.75 -33.23
N ASN B 351 21.60 4.27 -32.57
CA ASN B 351 22.41 5.11 -31.70
C ASN B 351 23.70 5.59 -32.34
N ILE B 352 23.89 5.37 -33.64
CA ILE B 352 25.16 5.71 -34.27
C ILE B 352 24.92 6.59 -35.49
N ASN B 353 24.06 6.17 -36.42
CA ASN B 353 23.61 7.17 -37.38
C ASN B 353 22.21 6.81 -37.88
N ILE B 354 21.26 7.04 -36.97
CA ILE B 354 19.82 6.88 -37.20
C ILE B 354 19.37 7.49 -38.51
N SER B 355 20.00 8.58 -38.93
CA SER B 355 19.67 9.19 -40.22
C SER B 355 19.71 8.18 -41.36
N THR B 356 20.56 7.15 -41.27
CA THR B 356 21.07 6.53 -42.48
C THR B 356 21.24 5.02 -42.35
N THR B 357 21.04 4.43 -41.19
CA THR B 357 20.78 3.00 -41.12
C THR B 357 19.44 2.67 -41.78
N ASN B 358 19.38 1.46 -42.34
CA ASN B 358 18.14 0.91 -42.88
C ASN B 358 17.31 0.15 -41.85
N TYR B 359 17.83 -0.06 -40.65
CA TYR B 359 17.00 -0.60 -39.58
C TYR B 359 15.88 0.40 -39.24
N PRO B 360 14.65 -0.07 -39.03
CA PRO B 360 13.51 0.82 -38.75
C PRO B 360 13.49 1.40 -37.33
N CYS B 361 14.28 2.44 -37.12
CA CYS B 361 14.29 3.14 -35.84
C CYS B 361 12.93 3.78 -35.59
N LYS B 362 12.33 3.47 -34.46
CA LYS B 362 10.99 3.95 -34.15
C LYS B 362 11.04 5.38 -33.61
N VAL B 363 10.28 6.27 -34.25
CA VAL B 363 10.16 7.65 -33.82
C VAL B 363 8.71 8.07 -33.89
N SER B 364 8.39 9.14 -33.19
CA SER B 364 7.22 9.95 -33.47
C SER B 364 7.65 11.28 -34.09
N CYS B 365 6.77 11.85 -34.89
CA CYS B 365 7.02 13.15 -35.49
C CYS B 365 5.73 13.93 -35.57
N GLY B 366 5.85 15.24 -35.70
CA GLY B 366 4.67 16.08 -35.74
C GLY B 366 5.01 17.54 -35.56
N ARG B 367 3.95 18.34 -35.56
CA ARG B 367 4.09 19.78 -35.65
C ARG B 367 4.41 20.48 -34.33
N HIS B 368 4.15 19.87 -33.18
CA HIS B 368 4.06 20.66 -31.97
C HIS B 368 5.34 20.56 -31.16
N PRO B 369 6.07 21.67 -30.97
CA PRO B 369 7.35 21.62 -30.27
C PRO B 369 7.20 21.65 -28.76
N ILE B 370 7.01 20.49 -28.17
CA ILE B 370 7.06 20.38 -26.72
C ILE B 370 8.45 20.75 -26.24
N SER B 371 8.50 21.64 -25.26
CA SER B 371 9.74 22.03 -24.60
C SER B 371 9.77 21.42 -23.21
N MET B 372 10.86 20.74 -22.89
CA MET B 372 10.90 19.90 -21.71
C MET B 372 12.35 19.61 -21.36
N VAL B 373 12.55 19.15 -20.13
CA VAL B 373 13.83 18.61 -19.68
C VAL B 373 13.69 17.11 -19.52
N ALA B 374 14.61 16.35 -20.12
CA ALA B 374 14.78 14.94 -19.81
C ALA B 374 16.06 14.75 -19.00
N LEU B 375 15.90 14.42 -17.72
CA LEU B 375 17.03 14.19 -16.83
C LEU B 375 17.67 12.84 -17.13
N SER B 376 18.85 12.84 -17.71
CA SER B 376 19.67 11.63 -17.81
C SER B 376 20.43 11.40 -16.52
N PRO B 377 21.09 10.24 -16.39
CA PRO B 377 21.91 10.00 -15.20
C PRO B 377 23.03 11.01 -14.97
N LEU B 378 23.76 11.37 -16.02
CA LEU B 378 24.92 12.25 -15.91
C LEU B 378 24.65 13.66 -16.38
N GLY B 379 23.40 14.04 -16.61
CA GLY B 379 23.10 15.36 -17.12
C GLY B 379 21.64 15.45 -17.50
N ALA B 380 21.32 16.50 -18.24
CA ALA B 380 19.97 16.71 -18.71
C ALA B 380 19.96 17.09 -20.17
N LEU B 381 19.07 16.46 -20.93
CA LEU B 381 18.64 17.01 -22.21
C LEU B 381 17.65 18.12 -21.95
N VAL B 382 17.76 19.21 -22.71
CA VAL B 382 16.92 20.37 -22.53
C VAL B 382 16.39 20.77 -23.89
N ALA B 383 15.14 20.40 -24.18
CA ALA B 383 14.46 20.82 -25.38
C ALA B 383 13.84 22.18 -25.13
N CYS B 384 14.24 23.18 -25.92
CA CYS B 384 13.85 24.55 -25.65
C CYS B 384 13.56 25.23 -26.98
N TYR B 385 12.30 25.51 -27.25
CA TYR B 385 11.90 25.99 -28.56
C TYR B 385 11.22 27.34 -28.41
N LYS B 386 10.62 27.81 -29.50
CA LYS B 386 9.99 29.12 -29.50
C LYS B 386 8.92 29.19 -28.42
N GLY B 387 8.93 30.28 -27.67
CA GLY B 387 8.16 30.39 -26.46
C GLY B 387 9.00 30.40 -25.20
N VAL B 388 9.17 29.24 -24.57
CA VAL B 388 9.74 29.22 -23.23
C VAL B 388 11.18 29.73 -23.23
N SER B 389 11.56 30.38 -22.14
CA SER B 389 12.91 30.89 -21.91
C SER B 389 13.64 29.90 -21.01
N CYS B 390 14.66 29.23 -21.55
CA CYS B 390 15.40 28.23 -20.80
C CYS B 390 16.77 28.75 -20.41
N SER B 391 17.15 28.51 -19.17
CA SER B 391 18.41 29.01 -18.63
C SER B 391 18.99 27.94 -17.72
N ILE B 392 20.28 28.03 -17.45
CA ILE B 392 20.96 27.12 -16.56
C ILE B 392 21.75 27.93 -15.56
N GLY B 393 21.84 27.45 -14.33
CA GLY B 393 22.47 28.22 -13.28
C GLY B 393 23.08 27.33 -12.23
N SER B 394 23.94 27.93 -11.42
CA SER B 394 24.56 27.26 -10.29
C SER B 394 24.25 28.03 -9.01
N ASN B 395 24.12 27.28 -7.92
CA ASN B 395 23.80 27.88 -6.64
C ASN B 395 24.83 28.91 -6.20
N ARG B 396 26.06 28.80 -6.70
CA ARG B 396 27.11 29.77 -6.40
C ARG B 396 27.00 31.06 -7.18
N VAL B 397 26.32 31.05 -8.33
CA VAL B 397 26.54 32.07 -9.35
C VAL B 397 25.22 32.55 -9.94
N GLY B 398 24.15 31.80 -9.73
CA GLY B 398 22.92 32.11 -10.45
C GLY B 398 22.98 31.71 -11.91
N ILE B 399 22.33 32.50 -12.76
CA ILE B 399 22.29 32.16 -14.17
C ILE B 399 23.70 32.15 -14.73
N ILE B 400 24.11 30.99 -15.22
CA ILE B 400 25.37 30.86 -15.95
C ILE B 400 25.17 31.18 -17.42
N LYS B 401 24.08 30.69 -17.99
CA LYS B 401 23.85 30.75 -19.43
C LYS B 401 22.37 30.82 -19.72
N GLN B 402 22.02 31.50 -20.80
CA GLN B 402 20.71 31.36 -21.42
C GLN B 402 20.87 30.39 -22.57
N LEU B 403 20.07 29.33 -22.57
CA LEU B 403 20.25 28.30 -23.58
C LEU B 403 19.71 28.78 -24.91
N ASN B 404 20.33 28.29 -25.99
CA ASN B 404 19.82 28.52 -27.32
C ASN B 404 18.49 27.81 -27.52
N LYS B 405 17.73 28.28 -28.50
CA LYS B 405 16.65 27.47 -29.04
C LYS B 405 17.21 26.17 -29.61
N GLY B 406 16.40 25.14 -29.61
CA GLY B 406 16.84 23.83 -30.03
C GLY B 406 17.36 23.00 -28.86
N CYS B 407 17.43 21.70 -29.09
CA CYS B 407 17.85 20.77 -28.05
C CYS B 407 19.29 21.00 -27.66
N SER B 408 19.53 21.08 -26.36
CA SER B 408 20.84 21.28 -25.77
C SER B 408 21.09 20.15 -24.77
N TYR B 409 22.36 19.81 -24.58
CA TYR B 409 22.73 18.82 -23.57
C TYR B 409 23.57 19.48 -22.50
N ILE B 410 23.07 19.45 -21.27
CA ILE B 410 23.67 20.15 -20.14
C ILE B 410 24.29 19.08 -19.25
N THR B 411 25.61 18.99 -19.24
CA THR B 411 26.22 18.03 -18.31
C THR B 411 25.96 18.51 -16.89
N ASN B 412 25.91 17.57 -15.96
CA ASN B 412 25.82 17.92 -14.56
C ASN B 412 27.04 18.67 -14.05
N GLN B 413 28.09 18.82 -14.86
CA GLN B 413 29.20 19.70 -14.50
C GLN B 413 29.00 21.13 -14.98
N ASP B 414 28.25 21.34 -16.06
CA ASP B 414 28.02 22.69 -16.56
C ASP B 414 27.22 23.52 -15.59
N ALA B 415 26.25 22.93 -14.91
CA ALA B 415 25.37 23.70 -14.05
C ALA B 415 24.74 22.78 -13.02
N ASP B 416 24.23 23.40 -11.96
CA ASP B 416 23.46 22.68 -10.94
C ASP B 416 21.97 22.63 -11.23
N THR B 417 21.45 23.53 -12.06
CA THR B 417 20.01 23.56 -12.30
C THR B 417 19.78 23.95 -13.75
N VAL B 418 18.63 23.52 -14.27
CA VAL B 418 18.08 24.03 -15.51
C VAL B 418 16.71 24.58 -15.20
N THR B 419 16.32 25.64 -15.88
CA THR B 419 14.97 26.17 -15.75
C THR B 419 14.30 26.25 -17.10
N ILE B 420 12.99 26.06 -17.09
CA ILE B 420 12.15 26.17 -18.28
C ILE B 420 11.00 27.10 -17.91
N ASP B 421 11.16 28.37 -18.24
CA ASP B 421 10.20 29.37 -17.76
C ASP B 421 10.51 29.43 -16.26
N ASN B 422 9.53 29.51 -15.40
CA ASN B 422 9.66 29.55 -13.95
C ASN B 422 9.98 28.19 -13.33
N THR B 423 9.91 27.11 -14.09
CA THR B 423 10.17 25.78 -13.55
C THR B 423 11.66 25.52 -13.45
N VAL B 424 12.11 25.02 -12.31
CA VAL B 424 13.53 24.76 -12.06
C VAL B 424 13.72 23.26 -11.83
N TYR B 425 14.69 22.68 -12.52
CA TYR B 425 15.08 21.29 -12.36
C TYR B 425 16.48 21.22 -11.79
N GLN B 426 16.62 20.58 -10.63
CA GLN B 426 17.93 20.27 -10.07
C GLN B 426 18.56 19.13 -10.84
N LEU B 427 19.82 19.28 -11.22
CA LEU B 427 20.57 18.24 -11.93
C LEU B 427 21.26 17.28 -10.98
N SER B 428 21.42 16.04 -11.46
CA SER B 428 22.01 14.94 -10.70
C SER B 428 23.51 15.12 -10.61
N LYS B 429 24.01 15.50 -9.43
CA LYS B 429 25.45 15.64 -9.22
C LYS B 429 26.12 14.27 -9.13
N VAL B 430 26.63 13.77 -10.25
CA VAL B 430 27.16 12.42 -10.36
C VAL B 430 28.39 12.48 -11.26
N GLU B 431 29.49 11.88 -10.79
CA GLU B 431 30.70 11.78 -11.59
C GLU B 431 30.55 10.76 -12.71
N GLY B 432 30.95 11.16 -13.92
CA GLY B 432 30.99 10.27 -15.06
C GLY B 432 31.48 11.05 -16.25
N GLU B 433 31.75 10.32 -17.33
CA GLU B 433 32.32 10.92 -18.55
C GLU B 433 31.24 11.11 -19.59
N GLN B 434 30.87 12.36 -19.83
CA GLN B 434 29.97 12.73 -20.91
C GLN B 434 30.72 12.87 -22.23
N HIS B 435 30.01 12.61 -23.32
CA HIS B 435 30.53 12.75 -24.67
C HIS B 435 29.46 13.39 -25.53
N VAL B 436 29.88 13.98 -26.64
CA VAL B 436 28.97 14.43 -27.68
C VAL B 436 29.33 13.71 -28.98
N ILE B 437 28.37 12.99 -29.54
CA ILE B 437 28.47 12.44 -30.88
C ILE B 437 27.80 13.45 -31.80
N LYS B 438 28.62 14.28 -32.46
CA LYS B 438 28.10 15.39 -33.22
C LYS B 438 27.40 14.95 -34.50
N GLY B 439 26.49 15.80 -34.96
CA GLY B 439 25.82 15.64 -36.23
C GLY B 439 24.64 16.58 -36.35
N ARG B 440 24.35 17.04 -37.56
CA ARG B 440 23.19 17.88 -37.80
C ARG B 440 21.89 17.11 -37.56
N PRO B 441 21.00 17.59 -36.69
CA PRO B 441 19.80 16.81 -36.36
C PRO B 441 19.00 16.44 -37.60
N VAL B 442 18.35 15.28 -37.51
CA VAL B 442 17.53 14.78 -38.62
C VAL B 442 16.44 15.78 -38.98
N SER B 443 15.75 16.30 -37.96
CA SER B 443 14.70 17.29 -38.17
C SER B 443 15.18 18.47 -38.98
N SER B 444 16.45 18.81 -38.91
CA SER B 444 17.02 19.98 -39.57
C SER B 444 17.65 19.65 -40.91
N SER B 445 17.61 18.39 -41.34
CA SER B 445 18.37 17.97 -42.51
C SER B 445 17.52 17.16 -43.48
N PHE B 446 16.48 16.50 -42.99
CA PHE B 446 15.50 15.89 -43.87
C PHE B 446 14.21 16.71 -43.88
N ASP B 447 13.46 16.60 -44.98
CA ASP B 447 12.18 17.27 -45.08
C ASP B 447 11.04 16.40 -44.54
N PRO B 448 10.14 16.96 -43.74
CA PRO B 448 8.99 16.19 -43.28
C PRO B 448 8.05 15.85 -44.42
N VAL B 449 7.44 14.67 -44.32
CA VAL B 449 6.44 14.27 -45.30
C VAL B 449 5.24 15.18 -45.21
N LYS B 450 4.69 15.57 -46.37
CA LYS B 450 3.60 16.53 -46.38
C LYS B 450 2.38 15.98 -45.66
N PHE B 451 2.07 14.70 -45.87
CA PHE B 451 0.89 14.11 -45.26
C PHE B 451 1.04 12.60 -45.15
N PRO B 452 0.73 11.98 -44.00
CA PRO B 452 0.46 12.60 -42.69
C PRO B 452 1.71 13.21 -42.11
N GLN B 453 1.62 14.42 -41.56
CA GLN B 453 2.80 14.98 -40.93
C GLN B 453 2.97 14.45 -39.51
N ASP B 454 1.87 14.31 -38.78
CA ASP B 454 1.88 13.75 -37.43
C ASP B 454 1.69 12.24 -37.52
N GLN B 455 2.72 11.50 -37.11
CA GLN B 455 2.67 10.04 -37.12
C GLN B 455 3.25 9.57 -35.81
N PHE B 456 2.59 8.59 -35.20
CA PHE B 456 2.98 8.09 -33.89
C PHE B 456 3.66 6.75 -34.01
N ASN B 457 4.85 6.64 -33.43
CA ASN B 457 5.55 5.37 -33.28
C ASN B 457 5.70 4.65 -34.62
N VAL B 458 6.35 5.34 -35.56
CA VAL B 458 6.56 4.85 -36.91
C VAL B 458 8.05 4.76 -37.18
N ALA B 459 8.41 3.90 -38.12
CA ALA B 459 9.77 3.89 -38.65
C ALA B 459 10.11 5.25 -39.24
N LEU B 460 11.33 5.70 -38.98
CA LEU B 460 11.72 7.08 -39.24
C LEU B 460 11.50 7.49 -40.70
N ASP B 461 11.78 6.62 -41.65
CA ASP B 461 11.63 7.01 -43.05
C ASP B 461 10.19 7.21 -43.48
N GLN B 462 9.21 6.96 -42.61
CA GLN B 462 7.85 7.39 -42.86
C GLN B 462 7.58 8.81 -42.43
N CYS B 463 8.37 9.35 -41.51
CA CYS B 463 8.24 10.75 -41.15
C CYS B 463 8.97 11.67 -42.11
N PHE B 464 10.15 11.29 -42.57
CA PHE B 464 11.04 12.20 -43.25
C PHE B 464 11.40 11.67 -44.64
N GLU B 465 11.68 12.59 -45.55
CA GLU B 465 11.93 12.23 -46.95
C GLU B 465 10.75 11.48 -47.50
N LEU C 19 -13.65 -24.55 -19.82
CA LEU C 19 -13.21 -23.45 -20.72
C LEU C 19 -12.91 -23.98 -22.10
N LYS C 20 -13.08 -23.12 -23.09
CA LYS C 20 -12.75 -23.41 -24.47
C LYS C 20 -11.80 -22.33 -24.96
N GLU C 21 -10.92 -22.69 -25.88
CA GLU C 21 -9.99 -21.72 -26.44
C GLU C 21 -9.77 -21.99 -27.92
N SER C 22 -10.34 -21.13 -28.75
CA SER C 22 -10.19 -21.23 -30.20
C SER C 22 -8.97 -20.43 -30.60
N TYR C 23 -7.95 -21.10 -31.09
CA TYR C 23 -6.85 -20.42 -31.76
C TYR C 23 -7.32 -19.94 -33.12
N LEU C 24 -7.34 -18.64 -33.32
CA LEU C 24 -7.77 -18.03 -34.58
C LEU C 24 -6.53 -17.88 -35.44
N GLU C 25 -6.29 -18.86 -36.30
CA GLU C 25 -5.00 -18.94 -36.97
C GLU C 25 -4.74 -17.69 -37.80
N GLU C 26 -5.78 -17.17 -38.46
CA GLU C 26 -5.56 -16.13 -39.44
C GLU C 26 -5.18 -14.78 -38.83
N SER C 27 -5.21 -14.66 -37.50
CA SER C 27 -4.86 -13.38 -36.88
C SER C 27 -3.96 -13.55 -35.66
N CYS C 28 -3.36 -14.74 -35.48
CA CYS C 28 -2.50 -15.03 -34.34
C CYS C 28 -3.12 -14.57 -33.03
N SER C 29 -4.38 -14.96 -32.80
CA SER C 29 -5.10 -14.54 -31.62
C SER C 29 -5.97 -15.69 -31.15
N THR C 30 -6.01 -15.91 -29.83
CA THR C 30 -6.98 -16.82 -29.25
C THR C 30 -8.19 -16.03 -28.78
N ILE C 31 -9.35 -16.67 -28.84
CA ILE C 31 -10.51 -16.29 -28.04
C ILE C 31 -10.77 -17.43 -27.06
N THR C 32 -10.76 -17.11 -25.78
CA THR C 32 -11.06 -18.08 -24.73
C THR C 32 -12.47 -17.86 -24.20
N GLU C 33 -13.24 -18.93 -24.15
CA GLU C 33 -14.69 -18.84 -24.07
C GLU C 33 -15.18 -19.72 -22.93
N GLY C 34 -16.43 -19.51 -22.55
CA GLY C 34 -17.04 -20.26 -21.49
C GLY C 34 -16.76 -19.73 -20.11
N TYR C 35 -16.15 -18.57 -20.00
CA TYR C 35 -16.24 -17.79 -18.77
C TYR C 35 -17.66 -17.32 -18.55
N LEU C 36 -18.11 -17.41 -17.31
CA LEU C 36 -19.37 -16.81 -16.90
C LEU C 36 -19.08 -15.45 -16.30
N SER C 37 -20.14 -14.69 -16.07
CA SER C 37 -19.97 -13.27 -15.80
C SER C 37 -20.55 -12.95 -14.44
N VAL C 38 -19.91 -12.03 -13.76
CA VAL C 38 -20.49 -11.27 -12.68
C VAL C 38 -20.15 -9.82 -12.94
N LEU C 39 -21.15 -8.96 -13.01
CA LEU C 39 -20.92 -7.56 -13.34
C LEU C 39 -21.60 -6.69 -12.31
N ARG C 40 -20.82 -5.80 -11.70
CA ARG C 40 -21.39 -4.81 -10.81
C ARG C 40 -22.28 -3.87 -11.59
N THR C 41 -23.49 -3.65 -11.09
CA THR C 41 -24.45 -2.77 -11.73
C THR C 41 -25.04 -1.77 -10.77
N GLY C 42 -24.86 -1.91 -9.47
CA GLY C 42 -25.26 -0.91 -8.52
C GLY C 42 -24.43 -0.96 -7.27
N TRP C 43 -24.81 -0.20 -6.25
CA TRP C 43 -24.13 -0.17 -4.97
C TRP C 43 -25.14 -0.33 -3.85
N TYR C 44 -24.74 -1.07 -2.83
CA TYR C 44 -25.50 -1.22 -1.60
C TYR C 44 -24.74 -0.54 -0.48
N THR C 45 -25.42 0.26 0.31
CA THR C 45 -24.79 1.09 1.31
C THR C 45 -25.01 0.51 2.70
N ASN C 46 -23.93 0.32 3.44
CA ASN C 46 -23.98 0.13 4.88
C ASN C 46 -23.37 1.34 5.57
N VAL C 47 -24.16 2.00 6.41
CA VAL C 47 -23.71 3.17 7.17
C VAL C 47 -23.30 2.68 8.55
N PHE C 48 -22.01 2.58 8.80
CA PHE C 48 -21.52 2.25 10.12
C PHE C 48 -21.49 3.48 11.00
N THR C 49 -21.87 3.29 12.26
CA THR C 49 -21.71 4.27 13.32
C THR C 49 -20.75 3.70 14.34
N LEU C 50 -19.47 4.02 14.22
CA LEU C 50 -18.49 3.57 15.21
C LEU C 50 -18.51 4.56 16.36
N GLU C 51 -19.11 4.15 17.46
CA GLU C 51 -19.21 4.94 18.68
C GLU C 51 -17.86 5.02 19.38
N VAL C 52 -17.15 6.13 19.20
CA VAL C 52 -15.85 6.28 19.84
C VAL C 52 -15.94 6.44 21.34
N GLY C 53 -17.10 6.79 21.86
CA GLY C 53 -17.32 6.79 23.29
C GLY C 53 -17.21 8.17 23.90
N ASP C 54 -17.15 8.17 25.23
CA ASP C 54 -17.13 9.37 26.05
C ASP C 54 -15.76 10.01 26.14
N VAL C 55 -14.86 9.73 25.21
CA VAL C 55 -13.42 9.84 25.50
C VAL C 55 -13.05 11.26 25.89
N GLU C 56 -13.59 12.25 25.21
CA GLU C 56 -13.22 13.62 25.54
C GLU C 56 -13.81 14.14 26.85
N ASN C 57 -14.42 13.33 27.71
CA ASN C 57 -14.67 13.69 29.10
C ASN C 57 -13.66 13.08 30.05
N LEU C 58 -12.70 12.33 29.55
CA LEU C 58 -11.67 11.71 30.37
C LEU C 58 -10.34 12.37 30.10
N THR C 59 -9.63 12.70 31.16
CA THR C 59 -8.30 13.27 31.05
C THR C 59 -7.41 12.62 32.08
N CYS C 60 -6.19 12.30 31.67
CA CYS C 60 -5.15 11.83 32.55
C CYS C 60 -4.23 13.01 32.84
N ALA C 61 -4.09 13.35 34.11
CA ALA C 61 -3.41 14.59 34.47
C ALA C 61 -2.36 14.41 35.55
N ASP C 62 -2.03 13.18 35.93
CA ASP C 62 -1.05 12.98 36.99
C ASP C 62 0.37 12.97 36.45
N GLY C 63 0.60 12.29 35.34
CA GLY C 63 1.93 12.13 34.81
C GLY C 63 1.92 11.24 33.59
N PRO C 64 3.09 10.81 33.14
CA PRO C 64 3.14 9.77 32.12
C PRO C 64 2.54 8.48 32.65
N SER C 65 1.77 7.81 31.81
CA SER C 65 1.13 6.56 32.19
C SER C 65 0.69 5.84 30.94
N LEU C 66 0.43 4.54 31.09
CA LEU C 66 0.00 3.73 29.96
C LEU C 66 -1.35 4.19 29.44
N ILE C 67 -2.32 4.34 30.34
CA ILE C 67 -3.66 4.76 29.94
C ILE C 67 -3.60 6.14 29.29
N LYS C 68 -2.87 7.07 29.89
CA LYS C 68 -2.75 8.39 29.28
C LYS C 68 -2.27 8.32 27.85
N THR C 69 -1.29 7.47 27.56
CA THR C 69 -0.78 7.41 26.19
C THR C 69 -1.81 6.87 25.22
N GLU C 70 -2.51 5.79 25.57
CA GLU C 70 -3.58 5.29 24.73
C GLU C 70 -4.75 6.26 24.65
N LEU C 71 -5.07 6.90 25.77
CA LEU C 71 -6.14 7.89 25.79
C LEU C 71 -5.81 9.08 24.91
N ASP C 72 -4.60 9.61 25.06
CA ASP C 72 -4.16 10.72 24.22
C ASP C 72 -4.17 10.37 22.74
N LEU C 73 -3.72 9.18 22.38
CA LEU C 73 -3.84 8.75 20.99
C LEU C 73 -5.29 8.71 20.54
N THR C 74 -6.17 8.14 21.37
CA THR C 74 -7.58 8.06 21.00
C THR C 74 -8.20 9.43 20.83
N LYS C 75 -7.98 10.32 21.80
CA LYS C 75 -8.56 11.66 21.72
C LYS C 75 -7.91 12.48 20.62
N SER C 76 -6.61 12.38 20.44
CA SER C 76 -5.96 13.08 19.35
C SER C 76 -6.42 12.57 17.99
N ALA C 77 -6.61 11.26 17.86
CA ALA C 77 -7.12 10.72 16.60
C ALA C 77 -8.54 11.20 16.31
N LEU C 78 -9.39 11.25 17.32
CA LEU C 78 -10.74 11.76 17.12
C LEU C 78 -10.72 13.23 16.73
N ARG C 79 -9.91 14.03 17.41
CA ARG C 79 -9.78 15.44 17.07
C ARG C 79 -9.15 15.64 15.70
N GLU C 80 -8.24 14.77 15.30
CA GLU C 80 -7.75 14.77 13.92
C GLU C 80 -8.88 14.45 12.94
N LEU C 81 -9.62 13.39 13.19
CA LEU C 81 -10.60 12.92 12.23
C LEU C 81 -11.68 13.95 11.93
N ARG C 82 -12.04 14.77 12.92
CA ARG C 82 -12.96 15.87 12.67
C ARG C 82 -12.46 16.80 11.57
N THR C 83 -11.16 16.90 11.37
CA THR C 83 -10.67 17.73 10.28
C THR C 83 -10.69 17.00 8.94
N VAL C 84 -10.54 15.68 8.95
CA VAL C 84 -10.55 14.93 7.71
C VAL C 84 -11.94 14.96 7.12
N SER C 85 -12.03 15.18 5.81
CA SER C 85 -13.28 15.06 5.10
C SER C 85 -12.97 14.71 3.66
N ALA C 86 -13.87 13.95 3.04
CA ALA C 86 -13.95 13.97 1.60
C ALA C 86 -14.37 15.35 1.13
N ASP C 87 -14.32 15.56 -0.19
CA ASP C 87 -14.79 16.82 -0.74
C ASP C 87 -16.29 17.01 -0.58
N GLN C 88 -17.02 15.95 -0.21
CA GLN C 88 -18.44 16.05 -0.01
C GLN C 88 -18.89 15.18 1.16
N PHE C 103 -9.59 4.97 -31.21
CA PHE C 103 -9.44 5.60 -29.91
C PHE C 103 -8.83 4.57 -28.97
N VAL C 104 -8.03 5.01 -28.01
CA VAL C 104 -7.47 4.11 -27.02
C VAL C 104 -8.44 4.04 -25.84
N LEU C 105 -9.30 3.01 -25.87
CA LEU C 105 -10.45 2.97 -24.99
C LEU C 105 -10.06 2.75 -23.53
N GLY C 106 -8.90 2.13 -23.28
CA GLY C 106 -8.54 1.78 -21.91
C GLY C 106 -8.47 2.98 -20.98
N ALA C 107 -7.80 4.04 -21.42
CA ALA C 107 -7.69 5.23 -20.59
C ALA C 107 -9.04 5.89 -20.38
N ILE C 108 -9.93 5.79 -21.37
CA ILE C 108 -11.29 6.28 -21.22
C ILE C 108 -12.05 5.48 -20.16
N ALA C 109 -12.15 4.16 -20.36
CA ALA C 109 -12.99 3.34 -19.48
C ALA C 109 -12.58 3.45 -18.02
N CYS C 110 -11.30 3.27 -17.71
CA CYS C 110 -10.88 3.37 -16.33
C CYS C 110 -10.91 4.79 -15.80
N GLY C 111 -11.05 5.79 -16.67
CA GLY C 111 -11.41 7.11 -16.19
C GLY C 111 -12.86 7.17 -15.73
N VAL C 112 -13.78 6.71 -16.57
CA VAL C 112 -15.20 6.76 -16.25
C VAL C 112 -15.51 5.89 -15.05
N ALA C 113 -14.92 4.70 -14.97
CA ALA C 113 -15.26 3.76 -13.91
C ALA C 113 -15.00 4.35 -12.53
N THR C 114 -13.84 4.98 -12.33
CA THR C 114 -13.56 5.59 -11.04
C THR C 114 -14.45 6.79 -10.77
N ALA C 115 -14.63 7.66 -11.76
CA ALA C 115 -15.48 8.83 -11.58
C ALA C 115 -16.92 8.45 -11.25
N ALA C 116 -17.47 7.44 -11.91
CA ALA C 116 -18.82 6.99 -11.62
C ALA C 116 -18.95 6.45 -10.20
N ALA C 117 -18.01 5.61 -9.78
CA ALA C 117 -18.07 5.03 -8.44
C ALA C 117 -18.09 6.10 -7.36
N VAL C 118 -17.14 7.03 -7.41
CA VAL C 118 -17.06 8.06 -6.37
C VAL C 118 -18.28 8.96 -6.38
N THR C 119 -18.76 9.34 -7.56
CA THR C 119 -19.95 10.19 -7.63
C THR C 119 -21.19 9.49 -7.10
N ALA C 120 -21.32 8.19 -7.33
CA ALA C 120 -22.45 7.45 -6.78
C ALA C 120 -22.40 7.38 -5.26
N GLY C 121 -21.21 7.17 -4.70
CA GLY C 121 -21.09 7.16 -3.25
C GLY C 121 -21.27 8.53 -2.62
N VAL C 122 -20.60 9.54 -3.17
CA VAL C 122 -20.74 10.89 -2.64
C VAL C 122 -22.19 11.32 -2.61
N ALA C 123 -22.93 11.04 -3.69
CA ALA C 123 -24.32 11.45 -3.75
C ALA C 123 -25.15 10.85 -2.62
N ILE C 124 -24.77 9.68 -2.11
CA ILE C 124 -25.48 9.12 -0.96
C ILE C 124 -24.99 9.75 0.34
N ALA C 125 -23.69 9.91 0.50
CA ALA C 125 -23.16 10.54 1.70
C ALA C 125 -23.76 11.92 1.90
N LYS C 126 -23.94 12.66 0.81
CA LYS C 126 -24.54 13.98 0.90
C LYS C 126 -25.98 13.95 1.40
N CYS C 127 -26.68 12.82 1.30
CA CYS C 127 -27.92 12.69 2.06
C CYS C 127 -27.64 12.40 3.54
N ILE C 128 -26.80 11.40 3.81
CA ILE C 128 -26.57 10.99 5.19
C ILE C 128 -25.97 12.10 6.03
N ARG C 129 -25.19 13.00 5.42
CA ARG C 129 -24.63 14.12 6.17
C ARG C 129 -25.67 15.02 6.79
N LEU C 130 -26.91 15.02 6.33
CA LEU C 130 -27.89 15.90 6.93
C LEU C 130 -28.15 15.48 8.36
N GLU C 131 -28.14 16.45 9.27
CA GLU C 131 -28.34 16.16 10.68
C GLU C 131 -29.68 15.48 10.92
N SER C 132 -30.70 15.84 10.14
CA SER C 132 -31.99 15.18 10.23
C SER C 132 -31.93 13.72 9.81
N GLU C 133 -30.94 13.33 9.03
CA GLU C 133 -30.73 11.92 8.70
C GLU C 133 -29.83 11.20 9.70
N VAL C 134 -28.71 11.81 10.07
CA VAL C 134 -27.85 11.22 11.10
C VAL C 134 -28.63 10.90 12.36
N THR C 135 -29.43 11.85 12.82
CA THR C 135 -30.18 11.61 14.06
C THR C 135 -31.21 10.51 13.92
N ALA C 136 -31.81 10.32 12.74
CA ALA C 136 -32.66 9.16 12.54
C ALA C 136 -31.87 7.87 12.55
N ILE C 137 -30.74 7.85 11.83
CA ILE C 137 -29.89 6.66 11.80
C ILE C 137 -29.47 6.28 13.21
N LYS C 138 -28.94 7.26 13.94
CA LYS C 138 -28.51 7.03 15.31
C LYS C 138 -29.65 6.53 16.20
N ASN C 139 -30.85 7.10 16.03
CA ASN C 139 -31.96 6.70 16.89
C ASN C 139 -32.38 5.26 16.69
N CYS C 140 -32.50 4.79 15.44
CA CYS C 140 -32.86 3.40 15.24
C CYS C 140 -31.78 2.42 15.70
N LEU C 141 -30.53 2.86 15.77
CA LEU C 141 -29.46 2.08 16.37
C LEU C 141 -29.37 2.22 17.88
N LYS C 142 -30.33 2.89 18.52
CA LYS C 142 -30.36 2.95 19.98
C LYS C 142 -30.60 1.58 20.59
N LYS C 143 -31.55 0.83 20.04
CA LYS C 143 -32.02 -0.39 20.67
C LYS C 143 -31.36 -1.64 20.09
N THR C 144 -30.72 -1.51 18.92
CA THR C 144 -30.18 -2.65 18.20
C THR C 144 -28.87 -2.22 17.57
N ASN C 145 -27.96 -3.18 17.42
CA ASN C 145 -26.70 -2.92 16.73
C ASN C 145 -26.84 -2.93 15.23
N GLU C 146 -27.99 -3.32 14.69
CA GLU C 146 -28.21 -3.28 13.26
C GLU C 146 -29.60 -2.76 12.99
N CYS C 147 -29.69 -1.86 12.02
CA CYS C 147 -30.94 -1.22 11.64
C CYS C 147 -30.96 -1.10 10.14
N VAL C 148 -32.14 -1.28 9.54
CA VAL C 148 -32.38 -0.91 8.16
C VAL C 148 -33.13 0.41 8.14
N SER C 149 -32.64 1.34 7.35
CA SER C 149 -33.17 2.69 7.33
C SER C 149 -33.38 3.15 5.90
N THR C 150 -34.42 3.95 5.68
CA THR C 150 -34.63 4.61 4.42
C THR C 150 -34.28 6.07 4.59
N LEU C 151 -33.29 6.55 3.83
CA LEU C 151 -33.00 7.97 3.83
C LEU C 151 -34.12 8.74 3.16
N GLY C 152 -34.22 10.03 3.50
CA GLY C 152 -35.21 10.88 2.85
C GLY C 152 -35.02 10.98 1.36
N CYS C 153 -33.79 10.79 0.87
CA CYS C 153 -33.55 10.72 -0.56
C CYS C 153 -33.87 9.33 -1.12
N GLY C 154 -34.55 8.50 -0.35
CA GLY C 154 -35.14 7.25 -0.81
C GLY C 154 -34.25 6.03 -0.73
N VAL C 155 -32.94 6.19 -0.58
CA VAL C 155 -32.05 5.04 -0.57
C VAL C 155 -32.27 4.27 0.73
N ARG C 156 -32.46 2.97 0.62
CA ARG C 156 -32.75 2.14 1.79
C ARG C 156 -31.44 1.56 2.35
N VAL C 157 -30.66 2.46 2.95
CA VAL C 157 -29.38 2.05 3.51
C VAL C 157 -29.60 1.08 4.66
N LEU C 158 -28.66 0.15 4.82
CA LEU C 158 -28.45 -0.51 6.09
C LEU C 158 -27.65 0.39 7.01
N ALA C 159 -27.92 0.30 8.30
CA ALA C 159 -27.10 0.98 9.30
C ALA C 159 -26.67 0.01 10.37
N THR C 160 -25.45 0.20 10.87
CA THR C 160 -24.83 -0.70 11.82
C THR C 160 -24.18 0.15 12.90
N ALA C 161 -24.25 -0.31 14.14
CA ALA C 161 -23.48 0.28 15.22
C ALA C 161 -22.29 -0.60 15.55
N VAL C 162 -21.12 0.02 15.66
CA VAL C 162 -19.94 -0.58 16.27
C VAL C 162 -19.73 0.11 17.60
N ARG C 163 -19.67 -0.67 18.67
CA ARG C 163 -19.98 -0.17 19.99
C ARG C 163 -19.05 -0.69 21.08
N GLU C 164 -18.12 -1.58 20.77
CA GLU C 164 -17.28 -2.18 21.79
C GLU C 164 -16.44 -1.14 22.54
N LEU C 165 -15.89 -0.15 21.82
CA LEU C 165 -15.09 0.87 22.50
C LEU C 165 -15.93 1.76 23.41
N LYS C 166 -17.14 2.11 23.00
CA LYS C 166 -18.01 2.86 23.90
C LYS C 166 -18.29 2.09 25.17
N ASP C 167 -18.60 0.81 25.05
CA ASP C 167 -18.85 0.00 26.24
C ASP C 167 -17.64 -0.04 27.16
N PHE C 168 -16.44 -0.18 26.62
CA PHE C 168 -15.25 -0.15 27.45
C PHE C 168 -15.06 1.21 28.11
N VAL C 169 -15.11 2.28 27.33
CA VAL C 169 -14.89 3.62 27.88
C VAL C 169 -15.93 3.95 28.95
N SER C 170 -17.18 3.56 28.73
CA SER C 170 -18.22 3.87 29.71
C SER C 170 -18.15 2.98 30.95
N LYS C 171 -18.08 1.67 30.78
CA LYS C 171 -18.18 0.81 31.94
C LYS C 171 -16.86 0.64 32.68
N ASN C 172 -15.74 0.58 31.97
CA ASN C 172 -14.44 0.35 32.58
C ASN C 172 -13.65 1.64 32.80
N LEU C 173 -13.33 2.35 31.72
CA LEU C 173 -12.29 3.37 31.80
C LEU C 173 -12.76 4.60 32.55
N THR C 174 -14.01 5.01 32.38
CA THR C 174 -14.52 6.13 33.16
C THR C 174 -14.44 5.84 34.66
N ARG C 175 -14.72 4.61 35.06
CA ARG C 175 -14.64 4.25 36.47
C ARG C 175 -13.20 4.20 36.96
N ALA C 176 -12.27 3.80 36.09
CA ALA C 176 -10.87 3.66 36.48
C ALA C 176 -10.12 4.99 36.45
N ILE C 177 -10.37 5.83 35.44
CA ILE C 177 -9.68 7.11 35.37
C ILE C 177 -10.10 8.06 36.47
N ASN C 178 -11.25 7.82 37.10
CA ASN C 178 -11.47 8.35 38.45
C ASN C 178 -11.29 9.88 38.43
N LYS C 179 -10.71 10.44 39.49
CA LYS C 179 -10.48 11.88 39.63
C LYS C 179 -9.20 12.34 38.92
N ASN C 180 -9.14 12.06 37.62
CA ASN C 180 -7.85 11.98 36.94
C ASN C 180 -6.98 11.04 37.76
N LYS C 181 -5.67 11.26 37.80
CA LYS C 181 -4.77 10.31 38.45
C LYS C 181 -4.98 8.91 37.90
N CYS C 182 -4.94 8.82 36.59
CA CYS C 182 -5.24 7.57 35.90
C CYS C 182 -4.09 6.59 35.91
N ASP C 183 -2.94 6.95 36.47
CA ASP C 183 -1.81 6.03 36.58
C ASP C 183 -2.06 4.96 37.63
N ILE C 184 -3.20 4.29 37.53
CA ILE C 184 -3.59 3.23 38.45
C ILE C 184 -2.63 2.04 38.33
N PRO C 185 -2.55 1.18 39.36
CA PRO C 185 -1.71 -0.02 39.25
C PRO C 185 -2.27 -1.11 38.36
N ASP C 186 -3.55 -1.05 38.02
CA ASP C 186 -4.18 -2.03 37.12
C ASP C 186 -3.71 -1.85 35.69
N LEU C 187 -2.79 -2.71 35.26
CA LEU C 187 -2.31 -2.66 33.88
C LEU C 187 -3.18 -3.44 32.93
N LYS C 188 -4.03 -4.34 33.44
CA LYS C 188 -5.01 -4.98 32.58
C LYS C 188 -5.91 -3.94 31.94
N MET C 189 -6.22 -2.87 32.65
CA MET C 189 -6.95 -1.75 32.08
C MET C 189 -6.22 -1.15 30.88
N ALA C 190 -4.94 -0.84 31.05
CA ALA C 190 -4.19 -0.19 29.97
C ALA C 190 -4.03 -1.10 28.76
N VAL C 191 -3.65 -2.35 28.97
CA VAL C 191 -3.51 -3.27 27.85
C VAL C 191 -4.85 -3.53 27.19
N SER C 192 -5.91 -3.69 27.98
CA SER C 192 -7.24 -3.82 27.41
C SER C 192 -7.59 -2.64 26.51
N PHE C 193 -7.33 -1.43 26.99
CA PHE C 193 -7.66 -0.24 26.22
C PHE C 193 -6.95 -0.21 24.88
N SER C 194 -5.67 -0.56 24.87
CA SER C 194 -4.92 -0.60 23.62
C SER C 194 -5.44 -1.64 22.64
N GLN C 195 -6.25 -2.59 23.09
CA GLN C 195 -6.94 -3.49 22.17
C GLN C 195 -8.24 -2.92 21.62
N PHE C 196 -9.08 -2.34 22.48
CA PHE C 196 -10.36 -1.83 22.00
C PHE C 196 -10.22 -0.66 21.03
N ASN C 197 -9.34 0.29 21.33
CA ASN C 197 -9.20 1.43 20.45
C ASN C 197 -8.53 1.10 19.12
N ARG C 198 -7.93 -0.09 18.99
CA ARG C 198 -7.10 -0.36 17.82
C ARG C 198 -7.89 -0.27 16.54
N ARG C 199 -9.11 -0.79 16.52
CA ARG C 199 -9.95 -0.62 15.35
C ARG C 199 -10.20 0.84 15.04
N PHE C 200 -10.62 1.61 16.04
CA PHE C 200 -10.87 3.03 15.82
C PHE C 200 -9.66 3.74 15.24
N LEU C 201 -8.49 3.52 15.82
CA LEU C 201 -7.29 4.18 15.29
C LEU C 201 -7.01 3.77 13.85
N ASN C 202 -7.26 2.50 13.50
CA ASN C 202 -7.08 2.07 12.12
C ASN C 202 -8.06 2.73 11.16
N VAL C 203 -9.31 2.90 11.57
CA VAL C 203 -10.27 3.64 10.74
C VAL C 203 -9.81 5.07 10.52
N VAL C 204 -9.30 5.72 11.56
CA VAL C 204 -8.76 7.07 11.41
C VAL C 204 -7.58 7.09 10.45
N ARG C 205 -6.62 6.19 10.65
CA ARG C 205 -5.48 6.11 9.75
C ARG C 205 -5.90 5.99 8.30
N GLN C 206 -6.85 5.10 8.01
CA GLN C 206 -7.22 4.83 6.62
C GLN C 206 -7.97 5.99 5.99
N PHE C 207 -8.92 6.59 6.70
CA PHE C 207 -9.62 7.74 6.12
C PHE C 207 -8.71 8.96 6.02
N SER C 208 -7.86 9.18 7.01
CA SER C 208 -6.98 10.34 6.96
C SER C 208 -5.94 10.21 5.86
N ASP C 209 -5.33 9.03 5.71
CA ASP C 209 -4.35 8.84 4.65
C ASP C 209 -4.98 9.01 3.28
N ASN C 210 -6.21 8.54 3.10
CA ASN C 210 -6.88 8.59 1.80
C ASN C 210 -7.76 9.82 1.64
N ALA C 211 -7.70 10.76 2.57
CA ALA C 211 -8.50 11.97 2.53
C ALA C 211 -9.99 11.65 2.42
N GLY C 212 -10.45 10.71 3.23
CA GLY C 212 -11.87 10.48 3.41
C GLY C 212 -12.53 9.47 2.49
N ILE C 213 -11.82 8.94 1.49
CA ILE C 213 -12.40 7.94 0.61
C ILE C 213 -11.36 6.83 0.43
N THR C 214 -11.56 5.71 1.11
CA THR C 214 -10.61 4.62 0.98
C THR C 214 -10.77 3.92 -0.37
N PRO C 215 -9.71 3.35 -0.92
CA PRO C 215 -9.84 2.62 -2.18
C PRO C 215 -10.45 1.23 -2.03
N ALA C 216 -10.43 0.66 -0.83
CA ALA C 216 -10.94 -0.68 -0.60
C ALA C 216 -11.37 -0.80 0.86
N ILE C 217 -12.13 -1.85 1.13
CA ILE C 217 -12.75 -2.05 2.45
C ILE C 217 -11.82 -2.91 3.29
N SER C 218 -11.06 -2.27 4.16
CA SER C 218 -10.21 -2.97 5.11
C SER C 218 -11.05 -3.76 6.10
N LYS C 219 -10.38 -4.68 6.81
CA LYS C 219 -10.99 -5.33 7.97
C LYS C 219 -11.37 -4.34 9.07
N ASP C 220 -10.80 -3.15 9.05
CA ASP C 220 -11.09 -2.15 10.08
C ASP C 220 -12.34 -1.35 9.77
N LEU C 221 -12.58 -1.03 8.50
CA LEU C 221 -13.87 -0.47 8.12
C LEU C 221 -15.00 -1.47 8.34
N MET C 222 -14.82 -2.70 7.88
CA MET C 222 -15.91 -3.68 7.96
C MET C 222 -15.32 -5.06 8.23
N THR C 223 -15.61 -5.61 9.40
CA THR C 223 -15.10 -6.93 9.74
C THR C 223 -15.85 -7.99 8.95
N ASP C 224 -15.29 -9.19 8.93
CA ASP C 224 -15.90 -10.30 8.21
C ASP C 224 -17.31 -10.60 8.72
N ALA C 225 -17.54 -10.49 10.02
CA ALA C 225 -18.89 -10.65 10.54
C ALA C 225 -19.85 -9.62 9.97
N GLU C 226 -19.40 -8.37 9.84
CA GLU C 226 -20.27 -7.33 9.30
C GLU C 226 -20.47 -7.47 7.81
N LEU C 227 -19.44 -7.86 7.07
CA LEU C 227 -19.59 -8.05 5.64
C LEU C 227 -20.57 -9.19 5.34
N ALA C 228 -20.43 -10.32 6.02
CA ALA C 228 -21.35 -11.43 5.81
C ALA C 228 -22.76 -11.04 6.20
N ARG C 229 -22.92 -10.28 7.28
CA ARG C 229 -24.23 -9.79 7.67
C ARG C 229 -24.79 -8.83 6.63
N ALA C 230 -23.97 -7.92 6.12
CA ALA C 230 -24.43 -6.98 5.11
C ALA C 230 -24.84 -7.66 3.82
N ILE C 231 -24.03 -8.61 3.34
CA ILE C 231 -24.41 -9.39 2.18
C ILE C 231 -25.75 -10.09 2.38
N SER C 232 -25.92 -10.72 3.53
CA SER C 232 -27.17 -11.44 3.78
C SER C 232 -28.37 -10.51 3.89
N ASN C 233 -28.16 -9.22 4.09
CA ASN C 233 -29.24 -8.25 4.06
C ASN C 233 -29.52 -7.65 2.69
N MET C 234 -28.68 -7.87 1.70
CA MET C 234 -28.87 -7.17 0.43
C MET C 234 -30.19 -7.58 -0.21
N PRO C 235 -30.86 -6.67 -0.90
CA PRO C 235 -32.08 -6.99 -1.66
C PRO C 235 -31.76 -7.60 -3.03
N THR C 236 -31.44 -8.89 -3.02
CA THR C 236 -30.89 -9.56 -4.17
C THR C 236 -31.37 -11.00 -4.19
N SER C 237 -31.21 -11.65 -5.34
CA SER C 237 -31.62 -13.04 -5.48
C SER C 237 -30.66 -13.96 -4.74
N ALA C 238 -31.18 -15.11 -4.33
CA ALA C 238 -30.41 -16.03 -3.49
C ALA C 238 -29.15 -16.50 -4.19
N GLY C 239 -29.19 -16.64 -5.52
CA GLY C 239 -27.98 -16.97 -6.26
C GLY C 239 -26.86 -15.99 -6.04
N GLN C 240 -27.15 -14.70 -6.16
CA GLN C 240 -26.16 -13.69 -5.81
C GLN C 240 -25.72 -13.79 -4.36
N ILE C 241 -26.64 -14.09 -3.44
CA ILE C 241 -26.26 -14.19 -2.04
C ILE C 241 -25.25 -15.30 -1.83
N LYS C 242 -25.56 -16.50 -2.32
CA LYS C 242 -24.62 -17.61 -2.19
C LYS C 242 -23.30 -17.31 -2.88
N LEU C 243 -23.37 -16.80 -4.10
CA LEU C 243 -22.16 -16.42 -4.84
C LEU C 243 -21.35 -15.37 -4.09
N MET C 244 -22.01 -14.34 -3.56
CA MET C 244 -21.28 -13.31 -2.83
C MET C 244 -20.71 -13.83 -1.52
N LEU C 245 -21.45 -14.68 -0.82
CA LEU C 245 -20.92 -15.24 0.42
C LEU C 245 -19.74 -16.16 0.18
N GLU C 246 -19.71 -16.86 -0.95
CA GLU C 246 -18.51 -17.60 -1.33
C GLU C 246 -17.37 -16.66 -1.70
N ASN C 247 -17.63 -15.68 -2.56
CA ASN C 247 -16.58 -14.80 -3.07
C ASN C 247 -16.43 -13.52 -2.26
N ARG C 248 -16.63 -13.56 -0.95
CA ARG C 248 -16.71 -12.33 -0.19
C ARG C 248 -15.40 -11.54 -0.20
N ALA C 249 -14.28 -12.18 -0.51
CA ALA C 249 -13.07 -11.43 -0.78
C ALA C 249 -13.22 -10.50 -1.98
N MET C 250 -13.93 -10.92 -3.03
CA MET C 250 -14.20 -10.01 -4.13
C MET C 250 -15.13 -8.86 -3.73
N VAL C 251 -16.18 -9.16 -2.98
CA VAL C 251 -17.10 -8.11 -2.54
C VAL C 251 -16.35 -7.06 -1.76
N ARG C 252 -15.47 -7.48 -0.87
CA ARG C 252 -14.63 -6.56 -0.13
C ARG C 252 -13.73 -5.77 -1.07
N ARG C 253 -13.28 -6.34 -2.14
CA ARG C 253 -12.29 -5.71 -3.04
C ARG C 253 -12.93 -4.74 -3.99
N LYS C 254 -14.15 -5.08 -4.48
CA LYS C 254 -14.84 -4.13 -5.34
C LYS C 254 -15.43 -2.94 -4.59
N GLY C 255 -15.90 -3.12 -3.37
CA GLY C 255 -16.44 -2.02 -2.60
C GLY C 255 -15.40 -1.02 -2.14
N PHE C 256 -15.90 0.08 -1.57
CA PHE C 256 -15.08 1.15 -1.04
C PHE C 256 -15.87 1.91 0.01
N GLY C 257 -15.17 2.70 0.81
CA GLY C 257 -15.78 3.40 1.93
C GLY C 257 -15.61 4.91 1.84
N ILE C 258 -16.58 5.63 2.38
CA ILE C 258 -16.57 7.09 2.43
C ILE C 258 -16.85 7.53 3.85
N LEU C 259 -16.02 8.44 4.36
CA LEU C 259 -16.27 9.07 5.66
C LEU C 259 -17.40 10.09 5.57
N ILE C 260 -18.46 9.87 6.34
CA ILE C 260 -19.51 10.88 6.47
C ILE C 260 -19.04 12.01 7.37
N GLY C 261 -18.61 11.69 8.58
CA GLY C 261 -18.04 12.69 9.46
C GLY C 261 -17.94 12.16 10.88
N VAL C 262 -17.76 13.07 11.82
CA VAL C 262 -17.84 12.77 13.24
C VAL C 262 -19.02 13.53 13.82
N TYR C 263 -19.96 12.81 14.40
CA TYR C 263 -21.18 13.40 14.96
C TYR C 263 -21.28 13.03 16.43
N GLY C 264 -21.28 14.04 17.29
CA GLY C 264 -20.98 13.82 18.69
C GLY C 264 -19.63 13.16 18.84
N SER C 265 -19.60 12.00 19.49
CA SER C 265 -18.39 11.19 19.54
C SER C 265 -18.54 9.88 18.79
N SER C 266 -19.43 9.83 17.80
CA SER C 266 -19.48 8.75 16.85
C SER C 266 -18.84 9.21 15.55
N VAL C 267 -17.88 8.46 15.05
CA VAL C 267 -17.55 8.56 13.64
C VAL C 267 -18.60 7.79 12.85
N ILE C 268 -19.12 8.39 11.79
CA ILE C 268 -20.05 7.75 10.88
C ILE C 268 -19.40 7.67 9.51
N TYR C 269 -19.37 6.48 8.95
CA TYR C 269 -18.86 6.26 7.61
C TYR C 269 -19.71 5.22 6.93
N MET C 270 -19.65 5.20 5.61
CA MET C 270 -20.42 4.26 4.82
C MET C 270 -19.50 3.44 3.93
N VAL C 271 -19.89 2.19 3.72
CA VAL C 271 -19.20 1.27 2.83
C VAL C 271 -20.13 0.95 1.69
N GLN C 272 -19.68 1.18 0.47
CA GLN C 272 -20.44 0.81 -0.72
C GLN C 272 -20.05 -0.59 -1.17
N LEU C 273 -20.87 -1.57 -0.86
CA LEU C 273 -20.68 -2.88 -1.44
C LEU C 273 -21.29 -2.96 -2.84
N PRO C 274 -20.69 -3.75 -3.73
CA PRO C 274 -21.25 -3.92 -5.06
C PRO C 274 -22.55 -4.70 -5.04
N ILE C 275 -23.40 -4.42 -6.03
CA ILE C 275 -24.49 -5.31 -6.39
C ILE C 275 -24.20 -5.88 -7.77
N PHE C 276 -24.19 -7.20 -7.87
CA PHE C 276 -23.88 -7.90 -9.11
C PHE C 276 -25.15 -8.26 -9.86
N GLY C 277 -25.80 -7.23 -10.40
CA GLY C 277 -27.09 -7.40 -11.02
C GLY C 277 -27.10 -8.07 -12.38
N VAL C 278 -25.94 -8.29 -12.99
CA VAL C 278 -25.82 -9.22 -14.11
C VAL C 278 -24.87 -10.32 -13.67
N ILE C 279 -25.33 -11.57 -13.74
CA ILE C 279 -24.48 -12.72 -13.55
C ILE C 279 -24.81 -13.77 -14.60
N ASP C 280 -23.87 -14.70 -14.76
CA ASP C 280 -24.07 -15.92 -15.54
C ASP C 280 -24.21 -15.71 -17.03
N THR C 281 -23.99 -14.50 -17.55
CA THR C 281 -23.97 -14.34 -19.00
C THR C 281 -22.61 -14.76 -19.57
N PRO C 282 -22.56 -15.07 -20.86
CA PRO C 282 -21.29 -15.41 -21.49
C PRO C 282 -20.26 -14.29 -21.42
N CYS C 283 -19.01 -14.65 -21.21
CA CYS C 283 -17.87 -13.79 -21.45
C CYS C 283 -16.81 -14.56 -22.24
N TRP C 284 -15.92 -13.81 -22.88
CA TRP C 284 -14.74 -14.40 -23.49
C TRP C 284 -13.63 -13.37 -23.41
N ILE C 285 -12.39 -13.84 -23.53
CA ILE C 285 -11.24 -12.96 -23.58
C ILE C 285 -10.48 -13.23 -24.86
N VAL C 286 -10.13 -12.17 -25.58
CA VAL C 286 -9.33 -12.25 -26.79
C VAL C 286 -7.89 -11.86 -26.48
N LYS C 287 -6.96 -12.73 -26.85
CA LYS C 287 -5.53 -12.49 -26.75
C LYS C 287 -4.94 -12.53 -28.15
N ALA C 288 -3.89 -11.74 -28.39
CA ALA C 288 -3.24 -11.76 -29.68
C ALA C 288 -1.74 -11.52 -29.53
N ALA C 289 -0.99 -11.95 -30.53
CA ALA C 289 0.42 -11.65 -30.70
C ALA C 289 0.68 -11.28 -32.14
N PRO C 290 1.81 -10.64 -32.44
CA PRO C 290 2.01 -10.08 -33.78
C PRO C 290 2.01 -11.16 -34.84
N SER C 291 1.10 -11.04 -35.80
CA SER C 291 1.04 -11.94 -36.95
C SER C 291 1.87 -11.36 -38.09
N CYS C 292 3.17 -11.61 -38.04
CA CYS C 292 4.08 -11.11 -39.08
C CYS C 292 4.28 -12.13 -40.18
N SER C 293 4.63 -11.62 -41.36
CA SER C 293 5.02 -12.43 -42.50
C SER C 293 5.98 -11.62 -43.34
N GLU C 294 6.86 -12.30 -44.07
CA GLU C 294 7.92 -11.64 -44.83
C GLU C 294 7.61 -11.63 -46.32
N LYS C 295 7.68 -10.45 -46.92
CA LYS C 295 7.49 -10.26 -48.34
C LYS C 295 8.76 -9.64 -48.93
N LYS C 296 9.39 -10.37 -49.85
CA LYS C 296 10.71 -10.00 -50.36
C LYS C 296 11.70 -9.75 -49.22
N GLY C 297 11.56 -10.51 -48.14
CA GLY C 297 12.37 -10.33 -46.95
C GLY C 297 12.01 -9.15 -46.09
N ASN C 298 11.14 -8.26 -46.55
CA ASN C 298 10.58 -7.26 -45.66
C ASN C 298 9.48 -7.91 -44.84
N TYR C 299 9.48 -7.68 -43.54
CA TYR C 299 8.35 -8.09 -42.74
C TYR C 299 7.18 -7.14 -42.92
N ALA C 300 5.99 -7.71 -42.82
CA ALA C 300 4.76 -6.97 -42.61
C ALA C 300 4.04 -7.60 -41.44
N CYS C 301 3.60 -6.81 -40.48
CA CYS C 301 2.98 -7.34 -39.28
C CYS C 301 1.63 -6.67 -39.10
N LEU C 302 0.72 -7.38 -38.43
CA LEU C 302 -0.39 -6.75 -37.75
C LEU C 302 -0.50 -7.31 -36.35
N LEU C 303 -1.11 -6.52 -35.47
CA LEU C 303 -1.49 -6.96 -34.14
C LEU C 303 -2.93 -6.57 -33.90
N ARG C 304 -3.75 -7.49 -33.42
CA ARG C 304 -5.08 -7.13 -33.00
C ARG C 304 -5.04 -6.25 -31.76
N GLU C 305 -5.71 -5.11 -31.81
CA GLU C 305 -5.77 -4.17 -30.71
C GLU C 305 -7.05 -4.29 -29.89
N ASP C 306 -8.02 -5.05 -30.37
CA ASP C 306 -9.28 -5.29 -29.68
C ASP C 306 -9.18 -6.34 -28.58
N GLN C 307 -8.00 -6.49 -28.00
CA GLN C 307 -7.76 -7.50 -26.98
C GLN C 307 -8.44 -7.14 -25.67
N GLY C 308 -8.65 -8.17 -24.85
CA GLY C 308 -9.21 -8.01 -23.52
C GLY C 308 -10.54 -8.72 -23.39
N TRP C 309 -11.22 -8.39 -22.29
CA TRP C 309 -12.47 -9.05 -21.92
C TRP C 309 -13.67 -8.51 -22.68
N TYR C 310 -14.52 -9.42 -23.12
CA TYR C 310 -15.83 -9.09 -23.67
C TYR C 310 -16.86 -9.89 -22.92
N CYS C 311 -18.06 -9.34 -22.77
CA CYS C 311 -19.18 -10.10 -22.23
C CYS C 311 -20.45 -9.70 -22.96
N GLN C 312 -21.41 -10.63 -22.99
CA GLN C 312 -22.78 -10.27 -23.32
C GLN C 312 -23.45 -9.75 -22.07
N ASN C 313 -23.97 -8.53 -22.13
CA ASN C 313 -24.81 -7.97 -21.08
C ASN C 313 -26.18 -7.68 -21.66
N ALA C 314 -27.20 -8.35 -21.13
CA ALA C 314 -28.59 -8.03 -21.44
C ALA C 314 -28.81 -7.87 -22.94
N GLY C 315 -28.18 -8.74 -23.72
CA GLY C 315 -28.32 -8.68 -25.15
C GLY C 315 -27.51 -7.60 -25.82
N SER C 316 -26.43 -7.17 -25.19
CA SER C 316 -25.46 -6.29 -25.82
C SER C 316 -24.06 -6.84 -25.54
N THR C 317 -23.22 -6.85 -26.56
CA THR C 317 -21.82 -7.17 -26.34
C THR C 317 -21.16 -5.97 -25.69
N VAL C 318 -20.43 -6.20 -24.61
CA VAL C 318 -19.80 -5.13 -23.86
C VAL C 318 -18.34 -5.45 -23.67
N TYR C 319 -17.50 -4.45 -23.93
CA TYR C 319 -16.06 -4.60 -23.96
C TYR C 319 -15.46 -3.88 -22.76
N TYR C 320 -14.54 -4.54 -22.05
CA TYR C 320 -13.95 -4.00 -20.83
C TYR C 320 -12.47 -3.73 -21.06
N PRO C 321 -12.11 -2.57 -21.61
CA PRO C 321 -10.78 -2.41 -22.20
C PRO C 321 -9.66 -2.23 -21.21
N CYS C 322 -9.93 -1.93 -19.94
CA CYS C 322 -8.88 -1.60 -18.99
C CYS C 322 -8.61 -2.76 -18.06
N GLU C 323 -7.32 -3.05 -17.85
CA GLU C 323 -6.90 -4.27 -17.17
C GLU C 323 -7.23 -4.28 -15.67
N LYS C 324 -7.58 -3.13 -15.10
CA LYS C 324 -8.08 -3.11 -13.73
C LYS C 324 -9.54 -3.53 -13.65
N ASP C 325 -10.27 -3.48 -14.76
CA ASP C 325 -11.71 -3.64 -14.73
C ASP C 325 -12.12 -5.01 -14.24
N CYS C 326 -11.49 -6.06 -14.78
CA CYS C 326 -12.02 -7.41 -14.68
C CYS C 326 -11.02 -8.32 -13.99
N GLU C 327 -11.55 -9.23 -13.18
CA GLU C 327 -10.75 -10.18 -12.42
C GLU C 327 -11.47 -11.50 -12.41
N THR C 328 -10.73 -12.60 -12.50
CA THR C 328 -11.30 -13.92 -12.64
C THR C 328 -11.21 -14.69 -11.33
N ARG C 329 -12.28 -15.40 -11.01
CA ARG C 329 -12.22 -16.54 -10.08
C ARG C 329 -12.89 -17.73 -10.74
N GLY C 330 -12.13 -18.78 -10.98
CA GLY C 330 -12.66 -19.92 -11.69
C GLY C 330 -13.16 -19.51 -13.06
N ASP C 331 -14.41 -19.84 -13.35
CA ASP C 331 -15.05 -19.38 -14.57
C ASP C 331 -15.63 -17.98 -14.46
N HIS C 332 -15.83 -17.46 -13.27
CA HIS C 332 -16.49 -16.18 -13.10
C HIS C 332 -15.48 -15.06 -13.28
N VAL C 333 -15.78 -14.14 -14.20
CA VAL C 333 -15.04 -12.90 -14.32
C VAL C 333 -15.86 -11.78 -13.71
N PHE C 334 -15.25 -11.05 -12.77
CA PHE C 334 -15.92 -10.00 -12.00
C PHE C 334 -15.55 -8.65 -12.61
N CYS C 335 -16.35 -8.18 -13.56
CA CYS C 335 -16.12 -6.88 -14.18
C CYS C 335 -17.03 -5.84 -13.54
N ASP C 336 -16.84 -4.60 -13.96
CA ASP C 336 -17.67 -3.47 -13.54
C ASP C 336 -18.31 -2.84 -14.77
N THR C 337 -19.64 -2.81 -14.80
CA THR C 337 -20.33 -2.33 -15.99
C THR C 337 -20.05 -0.87 -16.30
N ALA C 338 -19.64 -0.08 -15.30
CA ALA C 338 -19.28 1.30 -15.59
C ALA C 338 -18.03 1.39 -16.46
N ALA C 339 -17.17 0.38 -16.42
CA ALA C 339 -16.01 0.34 -17.29
C ALA C 339 -16.33 -0.16 -18.69
N GLY C 340 -17.45 -0.85 -18.88
CA GLY C 340 -17.71 -1.47 -20.16
C GLY C 340 -18.03 -0.45 -21.25
N ILE C 341 -17.49 -0.70 -22.44
CA ILE C 341 -17.87 0.01 -23.66
C ILE C 341 -18.73 -0.93 -24.49
N ASN C 342 -19.93 -0.48 -24.87
CA ASN C 342 -20.74 -1.27 -25.77
C ASN C 342 -20.10 -1.33 -27.15
N VAL C 343 -20.05 -2.52 -27.73
CA VAL C 343 -19.53 -2.74 -29.07
C VAL C 343 -20.59 -3.46 -29.89
N ALA C 344 -20.61 -3.19 -31.18
CA ALA C 344 -21.65 -3.74 -32.03
C ALA C 344 -21.62 -5.26 -31.98
N GLU C 345 -22.80 -5.87 -32.10
CA GLU C 345 -22.91 -7.32 -32.07
C GLU C 345 -22.21 -7.98 -33.25
N GLN C 346 -21.94 -7.22 -34.31
CA GLN C 346 -21.11 -7.71 -35.40
C GLN C 346 -19.66 -7.87 -35.03
N SER C 347 -19.19 -7.21 -33.97
CA SER C 347 -17.78 -7.21 -33.63
C SER C 347 -17.20 -8.59 -33.39
N LYS C 348 -18.02 -9.58 -33.06
CA LYS C 348 -17.53 -10.96 -33.03
C LYS C 348 -17.08 -11.49 -34.38
N GLU C 349 -17.42 -10.82 -35.49
CA GLU C 349 -16.84 -11.17 -36.77
C GLU C 349 -15.34 -10.91 -36.85
N CYS C 350 -14.78 -10.11 -35.96
CA CYS C 350 -13.33 -10.04 -35.82
C CYS C 350 -12.72 -11.33 -35.30
N ASN C 351 -13.53 -12.27 -34.83
CA ASN C 351 -13.06 -13.57 -34.40
C ASN C 351 -13.35 -14.67 -35.41
N ILE C 352 -14.06 -14.38 -36.50
CA ILE C 352 -14.27 -15.40 -37.52
C ILE C 352 -14.28 -14.78 -38.91
N ASN C 353 -13.15 -14.92 -39.60
CA ASN C 353 -12.91 -14.30 -40.92
C ASN C 353 -12.96 -12.78 -40.87
N ILE C 354 -12.13 -12.25 -39.96
CA ILE C 354 -11.69 -10.86 -39.91
C ILE C 354 -11.14 -10.41 -41.25
N SER C 355 -10.59 -11.34 -42.03
CA SER C 355 -10.14 -11.08 -43.38
C SER C 355 -11.23 -10.61 -44.32
N THR C 356 -12.50 -10.67 -43.95
CA THR C 356 -13.54 -10.28 -44.90
C THR C 356 -14.75 -9.65 -44.22
N THR C 357 -14.79 -9.65 -42.89
CA THR C 357 -15.81 -8.88 -42.20
C THR C 357 -15.75 -7.42 -42.61
N ASN C 358 -16.92 -6.79 -42.66
CA ASN C 358 -17.04 -5.37 -42.94
C ASN C 358 -16.90 -4.51 -41.69
N TYR C 359 -16.95 -5.11 -40.51
CA TYR C 359 -16.74 -4.37 -39.28
C TYR C 359 -15.30 -3.86 -39.21
N PRO C 360 -15.09 -2.64 -38.74
CA PRO C 360 -13.72 -2.11 -38.61
C PRO C 360 -12.96 -2.72 -37.45
N CYS C 361 -12.46 -3.94 -37.62
CA CYS C 361 -11.65 -4.58 -36.58
C CYS C 361 -10.38 -3.78 -36.38
N LYS C 362 -10.11 -3.36 -35.15
CA LYS C 362 -8.96 -2.53 -34.85
C LYS C 362 -7.69 -3.38 -34.78
N VAL C 363 -6.70 -3.01 -35.60
CA VAL C 363 -5.38 -3.62 -35.56
C VAL C 363 -4.34 -2.51 -35.57
N SER C 364 -3.18 -2.80 -35.01
CA SER C 364 -1.96 -2.13 -35.41
C SER C 364 -1.24 -2.93 -36.47
N CYS C 365 -0.46 -2.24 -37.29
CA CYS C 365 0.41 -2.89 -38.26
C CYS C 365 1.68 -2.09 -38.44
N GLY C 366 2.70 -2.76 -38.97
CA GLY C 366 3.97 -2.10 -39.17
C GLY C 366 5.07 -3.10 -39.49
N ARG C 367 6.28 -2.56 -39.59
CA ARG C 367 7.43 -3.35 -40.02
C ARG C 367 8.02 -4.23 -38.93
N HIS C 368 8.13 -3.73 -37.71
CA HIS C 368 9.07 -4.36 -36.79
C HIS C 368 8.47 -5.63 -36.19
N PRO C 369 9.07 -6.80 -36.42
CA PRO C 369 8.49 -8.06 -35.97
C PRO C 369 8.89 -8.43 -34.55
N ILE C 370 8.10 -8.00 -33.56
CA ILE C 370 8.32 -8.43 -32.19
C ILE C 370 8.15 -9.93 -32.11
N SER C 371 9.08 -10.59 -31.43
CA SER C 371 8.97 -11.99 -31.07
C SER C 371 8.68 -12.11 -29.58
N MET C 372 7.62 -12.84 -29.24
CA MET C 372 7.11 -12.81 -27.87
C MET C 372 6.22 -14.02 -27.65
N VAL C 373 5.98 -14.33 -26.38
CA VAL C 373 4.99 -15.31 -25.95
C VAL C 373 3.83 -14.56 -25.31
N ALA C 374 2.62 -14.84 -25.76
CA ALA C 374 1.41 -14.43 -25.05
C ALA C 374 0.77 -15.64 -24.39
N LEU C 375 0.75 -15.65 -23.07
CA LEU C 375 0.16 -16.73 -22.28
C LEU C 375 -1.35 -16.60 -22.26
N SER C 376 -2.05 -17.49 -22.94
CA SER C 376 -3.49 -17.62 -22.78
C SER C 376 -3.82 -18.52 -21.60
N PRO C 377 -5.09 -18.55 -21.19
CA PRO C 377 -5.47 -19.42 -20.07
C PRO C 377 -5.20 -20.90 -20.31
N LEU C 378 -5.48 -21.41 -21.50
CA LEU C 378 -5.30 -22.82 -21.80
C LEU C 378 -4.07 -23.11 -22.65
N GLY C 379 -3.19 -22.14 -22.84
CA GLY C 379 -2.05 -22.34 -23.69
C GLY C 379 -1.30 -21.04 -23.88
N ALA C 380 -0.37 -21.06 -24.83
CA ALA C 380 0.42 -19.89 -25.16
C ALA C 380 0.44 -19.67 -26.66
N LEU C 381 0.26 -18.42 -27.07
CA LEU C 381 0.64 -18.00 -28.40
C LEU C 381 2.12 -17.66 -28.39
N VAL C 382 2.85 -18.13 -29.41
CA VAL C 382 4.29 -17.93 -29.50
C VAL C 382 4.59 -17.30 -30.84
N ALA C 383 4.76 -15.99 -30.85
CA ALA C 383 5.22 -15.28 -32.03
C ALA C 383 6.73 -15.42 -32.12
N CYS C 384 7.23 -15.94 -33.23
CA CYS C 384 8.63 -16.31 -33.31
C CYS C 384 9.08 -16.08 -34.75
N TYR C 385 9.93 -15.08 -34.94
CA TYR C 385 10.29 -14.64 -36.28
C TYR C 385 11.80 -14.68 -36.45
N LYS C 386 12.27 -14.12 -37.56
CA LYS C 386 13.69 -14.17 -37.88
C LYS C 386 14.51 -13.57 -36.77
N GLY C 387 15.51 -14.32 -36.33
CA GLY C 387 16.23 -14.02 -35.11
C GLY C 387 16.06 -15.08 -34.03
N VAL C 388 15.18 -14.84 -33.07
CA VAL C 388 15.19 -15.62 -31.85
C VAL C 388 14.92 -17.10 -32.14
N SER C 389 15.53 -17.95 -31.31
CA SER C 389 15.34 -19.40 -31.37
C SER C 389 14.26 -19.78 -30.39
N CYS C 390 13.13 -20.28 -30.88
CA CYS C 390 11.99 -20.64 -30.05
C CYS C 390 11.86 -22.15 -29.97
N SER C 391 11.65 -22.66 -28.76
CA SER C 391 11.52 -24.10 -28.56
C SER C 391 10.51 -24.32 -27.45
N ILE C 392 9.97 -25.54 -27.39
CA ILE C 392 9.05 -25.94 -26.34
C ILE C 392 9.59 -27.21 -25.72
N GLY C 393 9.42 -27.35 -24.41
CA GLY C 393 10.03 -28.45 -23.70
C GLY C 393 9.17 -28.89 -22.54
N SER C 394 9.45 -30.09 -22.06
CA SER C 394 8.78 -30.65 -20.90
C SER C 394 9.82 -30.95 -19.83
N ASN C 395 9.41 -30.76 -18.57
CA ASN C 395 10.29 -31.04 -17.45
C ASN C 395 10.75 -32.49 -17.42
N ARG C 396 10.01 -33.38 -18.08
CA ARG C 396 10.34 -34.80 -18.10
C ARG C 396 11.22 -35.20 -19.27
N VAL C 397 11.37 -34.36 -20.28
CA VAL C 397 11.89 -34.78 -21.58
C VAL C 397 12.87 -33.76 -22.13
N GLY C 398 12.84 -32.53 -21.63
CA GLY C 398 13.58 -31.47 -22.26
C GLY C 398 12.93 -30.93 -23.51
N ILE C 399 13.73 -30.56 -24.51
CA ILE C 399 13.17 -30.00 -25.73
C ILE C 399 12.33 -31.06 -26.42
N ILE C 400 11.04 -30.76 -26.59
CA ILE C 400 10.17 -31.58 -27.40
C ILE C 400 10.30 -31.20 -28.87
N LYS C 401 10.28 -29.90 -29.14
CA LYS C 401 10.15 -29.38 -30.49
C LYS C 401 10.89 -28.06 -30.60
N GLN C 402 11.55 -27.85 -31.74
CA GLN C 402 11.93 -26.51 -32.16
C GLN C 402 10.77 -25.94 -32.94
N LEU C 403 10.25 -24.80 -32.51
CA LEU C 403 9.08 -24.24 -33.16
C LEU C 403 9.47 -23.67 -34.52
N ASN C 404 8.56 -23.83 -35.48
CA ASN C 404 8.68 -23.10 -36.73
C ASN C 404 8.57 -21.61 -36.49
N LYS C 405 9.26 -20.83 -37.30
CA LYS C 405 9.06 -19.40 -37.29
C LYS C 405 7.69 -19.06 -37.87
N GLY C 406 7.14 -17.95 -37.43
CA GLY C 406 5.72 -17.68 -37.58
C GLY C 406 4.98 -17.95 -36.28
N CYS C 407 3.82 -17.33 -36.15
CA CYS C 407 3.02 -17.50 -34.95
C CYS C 407 2.57 -18.94 -34.80
N SER C 408 2.76 -19.49 -33.60
CA SER C 408 2.40 -20.85 -33.25
C SER C 408 1.53 -20.81 -32.01
N TYR C 409 0.61 -21.77 -31.91
CA TYR C 409 -0.21 -21.92 -30.72
C TYR C 409 0.15 -23.22 -30.02
N ILE C 410 0.56 -23.11 -28.77
CA ILE C 410 1.06 -24.24 -27.98
C ILE C 410 0.03 -24.51 -26.90
N THR C 411 -0.69 -25.62 -27.02
CA THR C 411 -1.59 -25.95 -25.94
C THR C 411 -0.76 -26.31 -24.72
N ASN C 412 -1.33 -26.07 -23.55
CA ASN C 412 -0.67 -26.48 -22.32
C ASN C 412 -0.56 -27.99 -22.18
N GLN C 413 -1.08 -28.76 -23.13
CA GLN C 413 -0.82 -30.20 -23.16
C GLN C 413 0.37 -30.56 -24.03
N ASP C 414 0.67 -29.74 -25.05
CA ASP C 414 1.81 -30.03 -25.92
C ASP C 414 3.13 -29.94 -25.18
N ALA C 415 3.24 -29.04 -24.21
CA ALA C 415 4.51 -28.83 -23.54
C ALA C 415 4.26 -28.22 -22.17
N ASP C 416 5.29 -28.28 -21.33
CA ASP C 416 5.26 -27.57 -20.05
C ASP C 416 5.91 -26.20 -20.10
N THR C 417 6.76 -25.92 -21.08
CA THR C 417 7.45 -24.65 -21.12
C THR C 417 7.62 -24.23 -22.57
N VAL C 418 7.77 -22.93 -22.76
CA VAL C 418 8.17 -22.35 -24.03
C VAL C 418 9.37 -21.46 -23.76
N THR C 419 10.32 -21.46 -24.67
CA THR C 419 11.49 -20.61 -24.54
C THR C 419 11.62 -19.69 -25.74
N ILE C 420 12.14 -18.50 -25.50
CA ILE C 420 12.43 -17.52 -26.53
C ILE C 420 13.86 -17.05 -26.30
N ASP C 421 14.78 -17.52 -27.12
CA ASP C 421 16.19 -17.58 -26.75
C ASP C 421 16.39 -18.13 -25.34
N ASN C 422 17.13 -17.43 -24.49
CA ASN C 422 17.38 -17.94 -23.14
C ASN C 422 16.19 -17.84 -22.21
N THR C 423 15.13 -17.13 -22.60
CA THR C 423 14.00 -16.92 -21.71
C THR C 423 13.09 -18.14 -21.72
N VAL C 424 12.58 -18.51 -20.54
CA VAL C 424 11.70 -19.66 -20.41
C VAL C 424 10.40 -19.21 -19.77
N TYR C 425 9.28 -19.62 -20.37
CA TYR C 425 7.94 -19.37 -19.84
C TYR C 425 7.31 -20.69 -19.46
N GLN C 426 6.89 -20.83 -18.21
CA GLN C 426 6.13 -21.99 -17.78
C GLN C 426 4.68 -21.80 -18.21
N LEU C 427 4.09 -22.85 -18.77
CA LEU C 427 2.69 -22.81 -19.20
C LEU C 427 1.71 -23.22 -18.11
N SER C 428 0.49 -22.69 -18.23
CA SER C 428 -0.59 -22.95 -17.28
C SER C 428 -1.12 -24.37 -17.45
N LYS C 429 -0.89 -25.22 -16.46
CA LYS C 429 -1.36 -26.61 -16.48
C LYS C 429 -2.84 -26.65 -16.10
N VAL C 430 -3.69 -26.27 -17.06
CA VAL C 430 -5.13 -26.14 -16.85
C VAL C 430 -5.85 -26.91 -17.94
N GLU C 431 -6.79 -27.76 -17.54
CA GLU C 431 -7.60 -28.53 -18.47
C GLU C 431 -8.66 -27.68 -19.16
N GLY C 432 -8.81 -27.93 -20.47
CA GLY C 432 -9.87 -27.32 -21.25
C GLY C 432 -9.67 -27.72 -22.70
N GLU C 433 -10.71 -27.50 -23.50
CA GLU C 433 -10.67 -27.90 -24.90
C GLU C 433 -10.09 -26.76 -25.75
N GLN C 434 -8.85 -26.95 -26.20
CA GLN C 434 -8.27 -26.13 -27.25
C GLN C 434 -8.86 -26.47 -28.61
N HIS C 435 -8.96 -25.44 -29.45
CA HIS C 435 -9.45 -25.60 -30.81
C HIS C 435 -8.56 -24.78 -31.73
N VAL C 436 -8.49 -25.18 -33.00
CA VAL C 436 -7.85 -24.38 -34.03
C VAL C 436 -8.89 -24.01 -35.09
N ILE C 437 -9.04 -22.72 -35.32
CA ILE C 437 -9.81 -22.18 -36.43
C ILE C 437 -8.81 -21.84 -37.52
N LYS C 438 -8.68 -22.71 -38.51
CA LYS C 438 -7.61 -22.59 -39.48
C LYS C 438 -7.87 -21.47 -40.48
N GLY C 439 -6.77 -20.96 -41.05
CA GLY C 439 -6.84 -20.03 -42.15
C GLY C 439 -5.49 -19.38 -42.41
N ARG C 440 -5.19 -19.10 -43.68
CA ARG C 440 -3.98 -18.40 -44.04
C ARG C 440 -3.94 -17.01 -43.41
N PRO C 441 -2.90 -16.67 -42.62
CA PRO C 441 -2.89 -15.39 -41.93
C PRO C 441 -3.09 -14.20 -42.87
N VAL C 442 -3.75 -13.17 -42.33
CA VAL C 442 -4.08 -11.99 -43.12
C VAL C 442 -2.83 -11.36 -43.69
N SER C 443 -1.82 -11.14 -42.85
CA SER C 443 -0.56 -10.54 -43.27
C SER C 443 0.21 -11.41 -44.25
N SER C 444 -0.07 -12.71 -44.32
CA SER C 444 0.49 -13.57 -45.35
C SER C 444 -0.32 -13.56 -46.63
N SER C 445 -1.49 -12.91 -46.65
CA SER C 445 -2.41 -13.02 -47.77
C SER C 445 -2.85 -11.70 -48.36
N PHE C 446 -2.61 -10.57 -47.69
CA PHE C 446 -2.80 -9.26 -48.31
C PHE C 446 -1.49 -8.49 -48.35
N ASP C 447 -1.33 -7.69 -49.40
CA ASP C 447 -0.19 -6.80 -49.48
C ASP C 447 -0.37 -5.60 -48.55
N PRO C 448 0.67 -5.21 -47.82
CA PRO C 448 0.58 -3.99 -47.01
C PRO C 448 0.46 -2.76 -47.88
N VAL C 449 -0.20 -1.73 -47.34
CA VAL C 449 -0.20 -0.43 -47.98
C VAL C 449 1.20 0.17 -47.94
N LYS C 450 1.64 0.70 -49.08
CA LYS C 450 3.02 1.17 -49.18
C LYS C 450 3.30 2.31 -48.21
N PHE C 451 2.34 3.21 -48.02
CA PHE C 451 2.54 4.35 -47.14
C PHE C 451 1.21 4.85 -46.60
N PRO C 452 1.11 5.11 -45.28
CA PRO C 452 2.03 4.75 -44.21
C PRO C 452 2.01 3.25 -43.98
N GLN C 453 3.19 2.62 -43.88
CA GLN C 453 3.20 1.20 -43.58
C GLN C 453 2.95 0.94 -42.11
N ASP C 454 3.50 1.78 -41.23
CA ASP C 454 3.26 1.67 -39.80
C ASP C 454 2.05 2.52 -39.41
N GLN C 455 1.02 1.87 -38.88
CA GLN C 455 -0.19 2.55 -38.45
C GLN C 455 -0.63 1.96 -37.13
N PHE C 456 -1.01 2.82 -36.20
CA PHE C 456 -1.34 2.42 -34.86
C PHE C 456 -2.85 2.43 -34.66
N ASN C 457 -3.40 1.30 -34.22
CA ASN C 457 -4.79 1.21 -33.81
C ASN C 457 -5.73 1.72 -34.88
N VAL C 458 -5.69 1.06 -36.04
CA VAL C 458 -6.46 1.47 -37.21
C VAL C 458 -7.37 0.32 -37.62
N ALA C 459 -8.46 0.66 -38.31
CA ALA C 459 -9.27 -0.35 -38.98
C ALA C 459 -8.44 -1.13 -39.98
N LEU C 460 -8.60 -2.46 -39.95
CA LEU C 460 -7.67 -3.35 -40.64
C LEU C 460 -7.50 -2.99 -42.12
N ASP C 461 -8.58 -2.63 -42.81
CA ASP C 461 -8.45 -2.35 -44.23
C ASP C 461 -7.66 -1.10 -44.56
N GLN C 462 -7.18 -0.36 -43.57
CA GLN C 462 -6.18 0.67 -43.81
C GLN C 462 -4.77 0.15 -43.80
N CYS C 463 -4.54 -1.01 -43.21
CA CYS C 463 -3.21 -1.62 -43.26
C CYS C 463 -2.98 -2.38 -44.56
N PHE C 464 -3.99 -3.05 -45.09
CA PHE C 464 -3.76 -4.01 -46.15
C PHE C 464 -4.59 -3.67 -47.39
N GLU C 465 -4.03 -4.01 -48.55
CA GLU C 465 -4.64 -3.68 -49.83
C GLU C 465 -4.94 -2.20 -49.90
N GLU D 1 48.19 0.51 27.99
CA GLU D 1 47.80 -0.87 27.58
C GLU D 1 47.08 -1.58 28.71
N VAL D 2 45.88 -2.08 28.44
CA VAL D 2 45.22 -3.01 29.34
C VAL D 2 45.93 -4.35 29.29
N GLN D 3 46.28 -4.87 30.45
CA GLN D 3 46.96 -6.15 30.53
C GLN D 3 46.52 -6.86 31.80
N LEU D 4 46.13 -8.12 31.67
CA LEU D 4 45.62 -8.90 32.79
C LEU D 4 46.61 -10.02 33.13
N VAL D 5 47.70 -9.65 33.77
CA VAL D 5 48.68 -10.66 34.16
C VAL D 5 48.07 -11.57 35.22
N GLN D 6 48.35 -12.87 35.14
CA GLN D 6 47.76 -13.83 36.05
C GLN D 6 48.77 -14.39 37.04
N SER D 7 48.25 -15.22 37.96
CA SER D 7 49.03 -15.75 39.07
C SER D 7 50.29 -16.50 38.63
N GLY D 8 50.22 -17.22 37.52
CA GLY D 8 51.31 -18.12 37.19
C GLY D 8 50.84 -19.53 36.89
N ALA D 9 51.60 -20.56 37.26
CA ALA D 9 51.10 -21.92 37.29
C ALA D 9 51.25 -22.57 38.66
N GLU D 10 50.21 -23.31 39.06
CA GLU D 10 50.06 -23.80 40.42
C GLU D 10 49.73 -25.28 40.40
N VAL D 11 50.30 -26.04 41.33
CA VAL D 11 50.22 -27.48 41.36
C VAL D 11 49.75 -27.93 42.73
N LYS D 12 48.84 -28.90 42.76
CA LYS D 12 48.13 -29.23 43.98
C LYS D 12 47.75 -30.70 43.97
N LYS D 13 47.54 -31.25 45.18
CA LYS D 13 46.83 -32.50 45.38
C LYS D 13 45.34 -32.24 45.45
N PRO D 14 44.51 -33.15 44.95
CA PRO D 14 43.07 -32.96 45.07
C PRO D 14 42.64 -32.77 46.51
N GLY D 15 41.61 -31.95 46.70
CA GLY D 15 41.18 -31.53 48.00
C GLY D 15 41.97 -30.36 48.59
N GLU D 16 43.10 -30.00 48.00
CA GLU D 16 43.74 -28.75 48.39
C GLU D 16 42.89 -27.56 47.98
N SER D 17 43.05 -26.46 48.71
CA SER D 17 42.54 -25.18 48.30
C SER D 17 43.48 -24.50 47.30
N LEU D 18 42.93 -23.57 46.54
CA LEU D 18 43.73 -22.78 45.62
C LEU D 18 43.00 -21.49 45.34
N ARG D 19 43.75 -20.44 45.02
CA ARG D 19 43.17 -19.24 44.40
C ARG D 19 44.05 -18.74 43.26
N ILE D 20 43.44 -18.41 42.14
CA ILE D 20 44.11 -17.80 41.00
C ILE D 20 43.92 -16.30 41.10
N SER D 21 45.00 -15.55 41.14
CA SER D 21 44.92 -14.11 41.00
C SER D 21 44.86 -13.72 39.53
N CYS D 22 44.28 -12.55 39.29
CA CYS D 22 44.30 -11.90 37.98
C CYS D 22 44.39 -10.40 38.20
N LYS D 23 45.61 -9.86 38.19
CA LYS D 23 45.81 -8.43 38.41
C LYS D 23 45.58 -7.67 37.12
N SER D 24 44.42 -7.04 37.00
CA SER D 24 44.20 -6.16 35.87
C SER D 24 45.00 -4.87 36.05
N SER D 25 45.27 -4.21 34.94
CA SER D 25 45.98 -2.95 34.97
C SER D 25 45.65 -2.20 33.69
N GLY D 26 45.87 -0.89 33.70
CA GLY D 26 45.71 -0.12 32.49
C GLY D 26 44.31 0.37 32.22
N TYR D 27 43.37 0.19 33.16
CA TYR D 27 42.03 0.73 33.03
C TYR D 27 41.43 0.82 34.42
N THR D 28 40.33 1.55 34.53
CA THR D 28 39.63 1.66 35.80
C THR D 28 38.91 0.35 36.08
N PHE D 29 39.36 -0.34 37.14
CA PHE D 29 38.98 -1.74 37.33
C PHE D 29 37.49 -1.92 37.55
N THR D 30 36.83 -0.96 38.19
CA THR D 30 35.44 -1.13 38.61
C THR D 30 34.43 -1.09 37.48
N THR D 31 34.79 -0.58 36.32
CA THR D 31 33.80 -0.37 35.27
C THR D 31 33.64 -1.54 34.30
N TYR D 32 34.40 -2.63 34.45
CA TYR D 32 34.29 -3.77 33.54
C TYR D 32 34.18 -5.07 34.31
N TRP D 33 33.37 -5.98 33.78
CA TRP D 33 33.23 -7.32 34.34
C TRP D 33 34.47 -8.14 34.04
N ILE D 34 34.83 -9.02 34.97
CA ILE D 34 35.90 -9.98 34.76
C ILE D 34 35.29 -11.36 34.58
N THR D 35 35.56 -11.99 33.45
CA THR D 35 35.19 -13.36 33.19
C THR D 35 36.34 -14.30 33.52
N TRP D 36 36.03 -15.52 33.92
CA TRP D 36 36.99 -16.60 33.91
C TRP D 36 36.57 -17.68 32.91
N VAL D 37 37.50 -18.08 32.06
CA VAL D 37 37.27 -19.10 31.05
C VAL D 37 38.24 -20.25 31.27
N ARG D 38 37.73 -21.45 31.40
CA ARG D 38 38.55 -22.65 31.50
C ARG D 38 38.86 -23.19 30.12
N GLN D 39 40.02 -23.83 29.98
CA GLN D 39 40.30 -24.65 28.81
C GLN D 39 40.96 -25.95 29.25
N MET D 40 40.20 -27.04 29.22
CA MET D 40 40.78 -28.36 29.40
C MET D 40 41.83 -28.60 28.32
N PRO D 41 42.87 -29.37 28.62
CA PRO D 41 44.02 -29.41 27.70
C PRO D 41 43.61 -29.84 26.31
N GLY D 42 43.82 -28.94 25.34
CA GLY D 42 43.47 -29.21 23.97
C GLY D 42 41.99 -29.23 23.67
N LYS D 43 41.14 -28.93 24.63
CA LYS D 43 39.70 -28.98 24.41
C LYS D 43 39.15 -27.58 24.16
N GLY D 44 37.83 -27.49 24.06
CA GLY D 44 37.18 -26.21 23.90
C GLY D 44 37.22 -25.35 25.15
N LEU D 45 36.98 -24.06 24.93
CA LEU D 45 36.85 -23.11 26.03
C LEU D 45 35.51 -23.30 26.72
N GLU D 46 35.50 -23.11 28.04
CA GLU D 46 34.30 -23.23 28.84
C GLU D 46 34.20 -22.01 29.73
N TRP D 47 33.15 -21.22 29.53
CA TRP D 47 32.91 -20.03 30.33
C TRP D 47 32.42 -20.44 31.71
N MET D 48 33.20 -20.10 32.74
CA MET D 48 32.87 -20.49 34.11
C MET D 48 31.96 -19.51 34.82
N GLY D 49 32.25 -18.22 34.71
CA GLY D 49 31.47 -17.23 35.44
C GLY D 49 32.11 -15.87 35.28
N ARG D 50 31.44 -14.87 35.85
CA ARG D 50 31.95 -13.52 35.76
C ARG D 50 31.61 -12.77 37.03
N ILE D 51 32.39 -11.73 37.30
CA ILE D 51 32.15 -10.87 38.44
C ILE D 51 32.11 -9.44 37.95
N ASP D 52 31.23 -8.63 38.55
CA ASP D 52 31.21 -7.20 38.32
C ASP D 52 31.91 -6.50 39.47
N PRO D 53 33.13 -5.98 39.29
CA PRO D 53 33.85 -5.42 40.45
C PRO D 53 33.24 -4.16 41.03
N SER D 54 32.27 -3.54 40.36
CA SER D 54 31.60 -2.39 40.96
C SER D 54 30.93 -2.77 42.27
N ASP D 55 30.48 -4.02 42.38
CA ASP D 55 29.76 -4.43 43.59
C ASP D 55 29.87 -5.93 43.87
N SER D 56 30.74 -6.66 43.17
CA SER D 56 30.95 -8.08 43.42
C SER D 56 29.68 -8.91 43.21
N TYR D 57 28.78 -8.44 42.37
CA TYR D 57 27.78 -9.34 41.81
C TYR D 57 28.47 -10.39 40.96
N THR D 58 27.95 -11.62 40.98
CA THR D 58 28.54 -12.69 40.20
C THR D 58 27.48 -13.51 39.49
N ASP D 59 27.78 -13.89 38.25
CA ASP D 59 27.11 -14.96 37.54
C ASP D 59 28.03 -16.16 37.44
N TYR D 60 27.46 -17.36 37.50
CA TYR D 60 28.21 -18.57 37.25
C TYR D 60 27.50 -19.39 36.20
N SER D 61 28.27 -20.17 35.46
CA SER D 61 27.70 -21.24 34.68
C SER D 61 27.09 -22.29 35.61
N PRO D 62 25.93 -22.86 35.26
CA PRO D 62 25.34 -23.88 36.13
C PRO D 62 26.26 -25.04 36.40
N SER D 63 27.20 -25.33 35.50
CA SER D 63 28.15 -26.41 35.74
C SER D 63 29.06 -26.11 36.92
N PHE D 64 29.43 -24.85 37.11
CA PHE D 64 30.41 -24.45 38.11
C PHE D 64 29.80 -23.79 39.33
N LYS D 65 28.54 -23.41 39.28
CA LYS D 65 27.92 -22.73 40.40
C LYS D 65 28.15 -23.49 41.69
N GLY D 66 28.62 -22.77 42.71
CA GLY D 66 28.89 -23.32 44.01
C GLY D 66 30.11 -24.20 44.12
N HIS D 67 30.73 -24.57 43.00
CA HIS D 67 32.00 -25.28 43.05
C HIS D 67 33.19 -24.32 43.13
N VAL D 68 33.27 -23.37 42.20
CA VAL D 68 34.23 -22.27 42.28
C VAL D 68 33.59 -21.06 42.94
N THR D 69 34.40 -20.06 43.27
CA THR D 69 33.90 -18.73 43.61
C THR D 69 34.76 -17.69 42.94
N ILE D 70 34.13 -16.61 42.53
CA ILE D 70 34.82 -15.47 41.92
C ILE D 70 34.70 -14.30 42.87
N SER D 71 35.79 -13.55 42.99
CA SER D 71 35.85 -12.43 43.92
C SER D 71 36.76 -11.36 43.35
N VAL D 72 36.75 -10.20 43.97
CA VAL D 72 37.64 -9.12 43.61
C VAL D 72 38.29 -8.57 44.87
N ASP D 73 39.55 -8.17 44.75
CA ASP D 73 40.13 -7.19 45.65
C ASP D 73 40.13 -5.84 44.91
N LYS D 74 38.98 -5.17 45.00
CA LYS D 74 38.83 -3.89 44.34
C LYS D 74 39.95 -2.94 44.70
N SER D 75 40.51 -3.07 45.89
CA SER D 75 41.61 -2.22 46.33
C SER D 75 42.87 -2.39 45.48
N ILE D 76 43.03 -3.52 44.79
CA ILE D 76 44.27 -3.78 44.06
C ILE D 76 43.99 -4.29 42.65
N ASN D 77 42.85 -3.90 42.09
CA ASN D 77 42.46 -4.25 40.72
C ASN D 77 42.49 -5.75 40.45
N THR D 78 42.36 -6.59 41.46
CA THR D 78 42.65 -8.01 41.33
C THR D 78 41.36 -8.80 41.49
N ALA D 79 41.06 -9.63 40.50
CA ALA D 79 40.05 -10.67 40.64
C ALA D 79 40.67 -11.96 41.15
N TYR D 80 39.82 -12.81 41.73
CA TYR D 80 40.24 -14.07 42.28
C TYR D 80 39.28 -15.17 41.84
N LEU D 81 39.83 -16.31 41.46
CA LEU D 81 39.05 -17.53 41.30
C LEU D 81 39.57 -18.54 42.30
N GLN D 82 38.66 -19.16 43.06
CA GLN D 82 39.05 -19.98 44.20
C GLN D 82 38.23 -21.25 44.27
N TRP D 83 38.89 -22.36 44.59
CA TRP D 83 38.24 -23.63 44.83
C TRP D 83 38.36 -23.98 46.31
N GLY D 84 37.30 -24.54 46.87
CA GLY D 84 37.42 -25.17 48.18
C GLY D 84 38.15 -26.51 48.13
N SER D 85 37.96 -27.27 47.05
CA SER D 85 38.61 -28.56 46.91
C SER D 85 38.82 -28.83 45.43
N LEU D 86 40.07 -28.87 44.99
CA LEU D 86 40.34 -29.20 43.61
C LEU D 86 40.07 -30.68 43.36
N LYS D 87 39.19 -30.96 42.41
CA LYS D 87 39.03 -32.31 41.89
C LYS D 87 40.16 -32.64 40.93
N SER D 88 40.52 -33.91 40.87
CA SER D 88 41.62 -34.32 39.99
C SER D 88 41.27 -34.10 38.52
N SER D 89 39.99 -33.94 38.20
CA SER D 89 39.60 -33.58 36.83
C SER D 89 39.89 -32.12 36.52
N ASP D 90 39.93 -31.26 37.54
CA ASP D 90 39.94 -29.83 37.30
C ASP D 90 41.33 -29.31 37.00
N THR D 91 42.05 -30.00 36.11
CA THR D 91 43.35 -29.54 35.63
C THR D 91 43.18 -28.96 34.22
N ALA D 92 43.56 -27.70 34.07
CA ALA D 92 43.19 -26.95 32.88
C ALA D 92 44.04 -25.69 32.84
N ILE D 93 44.04 -25.01 31.69
CA ILE D 93 44.38 -23.59 31.66
C ILE D 93 43.16 -22.79 32.02
N PHE D 94 43.33 -21.80 32.87
CA PHE D 94 42.30 -20.82 33.18
C PHE D 94 42.73 -19.45 32.67
N TYR D 95 41.90 -18.83 31.84
CA TYR D 95 42.16 -17.48 31.37
C TYR D 95 41.21 -16.54 32.06
N CYS D 96 41.77 -15.54 32.73
CA CYS D 96 41.03 -14.36 33.11
C CYS D 96 40.80 -13.50 31.89
N ALA D 97 39.60 -12.95 31.77
CA ALA D 97 39.30 -12.18 30.58
C ALA D 97 38.36 -11.03 30.93
N ARG D 98 38.61 -9.88 30.34
CA ARG D 98 37.78 -8.71 30.57
C ARG D 98 36.61 -8.71 29.60
N GLN D 99 35.41 -8.52 30.12
CA GLN D 99 34.25 -8.38 29.26
C GLN D 99 34.24 -6.99 28.65
N ALA D 100 34.13 -6.92 27.33
CA ALA D 100 34.44 -5.69 26.63
C ALA D 100 33.43 -4.60 26.89
N SER D 101 32.18 -4.95 27.15
CA SER D 101 31.14 -3.97 27.38
C SER D 101 30.03 -4.61 28.18
N SER D 102 29.22 -3.77 28.82
CA SER D 102 28.01 -4.27 29.45
C SER D 102 26.91 -4.61 28.44
N GLY D 103 27.04 -4.17 27.21
CA GLY D 103 26.05 -4.49 26.21
C GLY D 103 26.56 -5.51 25.21
N LYS D 104 27.72 -5.22 24.62
CA LYS D 104 28.39 -6.12 23.69
C LYS D 104 29.30 -7.06 24.45
N ILE D 105 28.77 -8.19 24.87
CA ILE D 105 29.49 -9.12 25.73
C ILE D 105 30.41 -9.98 24.88
N TYR D 106 31.48 -9.41 24.36
CA TYR D 106 32.67 -10.19 24.03
C TYR D 106 33.75 -9.91 25.05
N PHE D 107 34.82 -10.69 24.99
CA PHE D 107 35.95 -10.52 25.88
C PHE D 107 37.11 -9.98 25.07
N ASP D 108 37.55 -8.78 25.40
CA ASP D 108 38.47 -8.08 24.52
C ASP D 108 39.92 -8.34 24.89
N TYR D 109 40.27 -8.17 26.16
CA TYR D 109 41.61 -8.41 26.66
C TYR D 109 41.64 -9.64 27.54
N TRP D 110 42.57 -10.55 27.25
CA TRP D 110 42.69 -11.81 27.95
C TRP D 110 44.00 -11.84 28.72
N GLY D 111 43.98 -12.40 29.92
CA GLY D 111 45.22 -12.67 30.60
C GLY D 111 45.95 -13.84 29.96
N GLN D 112 47.27 -13.82 30.10
CA GLN D 112 48.07 -15.03 29.89
C GLN D 112 47.63 -16.12 30.86
N GLY D 113 47.21 -17.26 30.33
CA GLY D 113 46.49 -18.21 31.15
C GLY D 113 47.33 -18.83 32.24
N THR D 114 46.65 -19.31 33.27
CA THR D 114 47.26 -20.00 34.41
C THR D 114 46.98 -21.48 34.30
N LEU D 115 48.03 -22.29 34.28
CA LEU D 115 47.87 -23.74 34.32
C LEU D 115 47.68 -24.19 35.76
N VAL D 116 46.62 -24.94 36.00
CA VAL D 116 46.43 -25.70 37.24
C VAL D 116 46.62 -27.16 36.91
N THR D 117 47.52 -27.83 37.63
CA THR D 117 47.64 -29.27 37.62
C THR D 117 47.25 -29.80 38.98
N VAL D 118 46.19 -30.59 39.02
CA VAL D 118 45.73 -31.25 40.24
C VAL D 118 45.88 -32.75 40.05
N SER D 119 46.65 -33.37 40.92
CA SER D 119 46.93 -34.80 40.82
C SER D 119 47.52 -35.27 42.14
N SER D 120 47.53 -36.59 42.33
CA SER D 120 48.38 -37.20 43.34
C SER D 120 48.92 -38.54 42.83
N ASP E 1 20.72 -24.36 27.67
CA ASP E 1 21.91 -23.67 27.09
C ASP E 1 21.88 -23.72 25.58
N ILE E 2 22.34 -22.67 24.94
CA ILE E 2 22.53 -22.70 23.49
C ILE E 2 23.72 -23.60 23.19
N GLN E 3 23.47 -24.68 22.46
CA GLN E 3 24.55 -25.48 21.90
C GLN E 3 25.09 -24.80 20.64
N MET E 4 26.41 -24.80 20.49
CA MET E 4 27.06 -24.07 19.41
C MET E 4 27.80 -25.07 18.55
N THR E 5 27.07 -25.76 17.68
CA THR E 5 27.69 -26.65 16.71
C THR E 5 28.50 -25.83 15.72
N GLN E 6 29.66 -26.34 15.34
CA GLN E 6 30.58 -25.57 14.53
C GLN E 6 31.32 -26.50 13.59
N SER E 7 31.45 -26.08 12.35
CA SER E 7 31.86 -26.96 11.26
C SER E 7 32.68 -26.17 10.26
N PRO E 8 33.61 -26.82 9.55
CA PRO E 8 34.10 -28.16 9.81
C PRO E 8 35.07 -28.20 10.98
N SER E 9 35.18 -29.35 11.65
CA SER E 9 36.03 -29.43 12.83
C SER E 9 37.48 -29.09 12.52
N SER E 10 37.94 -29.33 11.29
CA SER E 10 39.31 -28.98 10.92
C SER E 10 39.38 -28.63 9.44
N LEU E 11 39.50 -27.35 9.13
CA LEU E 11 39.91 -26.96 7.79
C LEU E 11 41.39 -27.22 7.59
N SER E 12 41.79 -27.36 6.33
CA SER E 12 43.14 -27.05 5.90
C SER E 12 43.08 -26.36 4.54
N ALA E 13 43.99 -25.41 4.33
CA ALA E 13 43.91 -24.57 3.15
C ALA E 13 45.26 -23.94 2.87
N SER E 14 45.43 -23.50 1.62
CA SER E 14 46.62 -22.77 1.20
C SER E 14 46.51 -21.30 1.56
N VAL E 15 47.67 -20.67 1.76
CA VAL E 15 47.75 -19.22 1.69
C VAL E 15 47.03 -18.71 0.47
N GLY E 16 46.29 -17.61 0.64
CA GLY E 16 45.44 -17.08 -0.39
C GLY E 16 44.05 -17.66 -0.43
N ASP E 17 43.82 -18.80 0.22
CA ASP E 17 42.52 -19.45 0.16
C ASP E 17 41.46 -18.68 0.96
N ARG E 18 40.27 -18.59 0.38
CA ARG E 18 39.10 -17.99 1.01
C ARG E 18 38.38 -18.98 1.94
N VAL E 19 39.09 -19.37 3.01
CA VAL E 19 38.51 -20.33 3.95
C VAL E 19 37.27 -19.75 4.62
N THR E 20 36.34 -20.63 4.97
CA THR E 20 35.09 -20.25 5.61
C THR E 20 34.74 -21.26 6.69
N ILE E 21 34.25 -20.75 7.82
CA ILE E 21 33.86 -21.57 8.97
C ILE E 21 32.41 -21.26 9.31
N THR E 22 31.66 -22.29 9.68
CA THR E 22 30.26 -22.12 10.05
C THR E 22 30.06 -22.45 11.52
N CYS E 23 29.22 -21.66 12.18
CA CYS E 23 28.73 -21.91 13.52
C CYS E 23 27.22 -21.88 13.44
N GLN E 24 26.56 -22.76 14.18
CA GLN E 24 25.11 -22.92 14.05
C GLN E 24 24.53 -23.17 15.42
N ALA E 25 23.73 -22.23 15.90
CA ALA E 25 23.13 -22.31 17.23
C ALA E 25 21.97 -23.29 17.23
N SER E 26 21.61 -23.74 18.43
CA SER E 26 20.40 -24.51 18.65
C SER E 26 19.15 -23.65 18.78
N GLN E 27 19.28 -22.32 18.82
CA GLN E 27 18.13 -21.44 18.93
C GLN E 27 18.43 -20.18 18.14
N GLY E 28 17.45 -19.28 18.08
CA GLY E 28 17.72 -17.93 17.66
C GLY E 28 18.56 -17.21 18.68
N ILE E 29 19.72 -16.70 18.27
CA ILE E 29 20.56 -15.91 19.14
C ILE E 29 20.77 -14.53 18.53
N ASN E 30 19.76 -14.05 17.81
CA ASN E 30 19.80 -12.73 17.18
C ASN E 30 21.06 -12.62 16.32
N TYR E 31 21.85 -11.55 16.46
CA TYR E 31 23.18 -11.46 15.90
C TYR E 31 24.27 -11.57 16.95
N TYR E 32 23.95 -12.02 18.15
CA TYR E 32 24.86 -11.96 19.30
C TYR E 32 25.90 -13.07 19.25
N LEU E 33 26.72 -13.07 18.21
CA LEU E 33 27.77 -14.07 18.06
C LEU E 33 29.12 -13.41 17.88
N ASN E 34 30.11 -13.89 18.63
CA ASN E 34 31.49 -13.46 18.53
C ASN E 34 32.35 -14.60 18.02
N TRP E 35 33.36 -14.27 17.23
CA TRP E 35 34.36 -15.24 16.77
C TRP E 35 35.73 -14.90 17.35
N TYR E 36 36.41 -15.92 17.87
CA TYR E 36 37.73 -15.76 18.44
C TYR E 36 38.74 -16.60 17.68
N GLN E 37 39.95 -16.08 17.58
CA GLN E 37 41.12 -16.86 17.18
C GLN E 37 41.93 -17.17 18.41
N GLN E 38 42.34 -18.43 18.56
CA GLN E 38 43.38 -18.81 19.51
C GLN E 38 44.57 -19.36 18.75
N LYS E 39 45.70 -18.70 18.86
CA LYS E 39 46.92 -19.31 18.35
C LYS E 39 47.44 -20.35 19.33
N PRO E 40 48.16 -21.36 18.84
CA PRO E 40 48.61 -22.43 19.74
C PRO E 40 49.44 -21.88 20.89
N GLY E 41 49.04 -22.24 22.11
CA GLY E 41 49.73 -21.77 23.29
C GLY E 41 49.52 -20.31 23.63
N LYS E 42 48.47 -19.69 23.12
CA LYS E 42 48.17 -18.30 23.40
C LYS E 42 46.78 -18.18 23.99
N ALA E 43 46.54 -17.10 24.71
CA ALA E 43 45.18 -16.75 25.08
C ALA E 43 44.40 -16.36 23.84
N PRO E 44 43.11 -16.72 23.76
CA PRO E 44 42.32 -16.36 22.59
C PRO E 44 42.31 -14.87 22.31
N LYS E 45 41.91 -14.53 21.09
CA LYS E 45 41.82 -13.15 20.63
C LYS E 45 40.51 -13.00 19.88
N VAL E 46 39.77 -11.95 20.19
CA VAL E 46 38.51 -11.70 19.50
C VAL E 46 38.79 -11.13 18.12
N LEU E 47 38.08 -11.64 17.13
CA LEU E 47 38.16 -11.15 15.75
C LEU E 47 36.89 -10.43 15.33
N ILE E 48 35.75 -11.03 15.56
CA ILE E 48 34.46 -10.49 15.16
C ILE E 48 33.59 -10.41 16.40
N TYR E 49 32.77 -9.38 16.48
CA TYR E 49 31.70 -9.35 17.45
C TYR E 49 30.39 -9.01 16.75
N ASP E 50 29.29 -9.34 17.39
CA ASP E 50 27.96 -9.08 16.84
C ASP E 50 27.81 -9.72 15.47
N ALA E 51 28.33 -10.92 15.33
CA ALA E 51 28.29 -11.66 14.08
C ALA E 51 29.06 -11.03 12.91
N SER E 52 29.32 -9.73 12.94
CA SER E 52 29.80 -9.10 11.72
C SER E 52 30.83 -7.99 11.91
N ASP E 53 31.12 -7.52 13.11
CA ASP E 53 31.86 -6.29 13.27
C ASP E 53 33.30 -6.58 13.65
N LEU E 54 34.22 -6.01 12.88
CA LEU E 54 35.64 -6.26 13.09
C LEU E 54 36.09 -5.54 14.36
N GLU E 55 36.73 -6.28 15.26
CA GLU E 55 37.47 -5.62 16.32
C GLU E 55 38.58 -4.75 15.74
N THR E 56 38.79 -3.60 16.38
CA THR E 56 39.60 -2.54 15.78
C THR E 56 41.01 -2.98 15.41
N GLY E 57 41.58 -3.94 16.14
CA GLY E 57 42.94 -4.36 15.87
C GLY E 57 43.12 -5.34 14.72
N VAL E 58 42.06 -5.98 14.25
CA VAL E 58 42.24 -7.16 13.42
C VAL E 58 42.25 -6.83 11.93
N PRO E 59 43.01 -7.57 11.12
CA PRO E 59 43.07 -7.29 9.68
C PRO E 59 41.72 -7.42 9.00
N SER E 60 41.48 -6.52 8.05
CA SER E 60 40.20 -6.45 7.35
C SER E 60 39.97 -7.64 6.42
N ARG E 61 40.88 -8.60 6.31
CA ARG E 61 40.57 -9.82 5.58
C ARG E 61 39.55 -10.68 6.31
N PHE E 62 39.47 -10.58 7.63
CA PHE E 62 38.45 -11.31 8.36
C PHE E 62 37.08 -10.69 8.15
N SER E 63 36.05 -11.51 8.26
CA SER E 63 34.69 -11.11 7.99
C SER E 63 33.75 -12.17 8.53
N GLY E 64 32.49 -11.80 8.69
CA GLY E 64 31.48 -12.77 9.06
C GLY E 64 30.09 -12.24 8.82
N GLY E 65 29.11 -13.13 8.96
CA GLY E 65 27.74 -12.75 8.73
C GLY E 65 26.79 -13.81 9.21
N GLY E 66 25.52 -13.62 8.89
CA GLY E 66 24.46 -14.48 9.36
C GLY E 66 23.81 -13.97 10.65
N SER E 67 22.61 -14.47 10.89
CA SER E 67 21.78 -14.04 11.99
C SER E 67 20.83 -15.17 12.36
N GLY E 68 20.25 -15.06 13.55
CA GLY E 68 19.34 -16.09 14.00
C GLY E 68 20.05 -17.35 14.43
N THR E 69 20.40 -18.21 13.47
CA THR E 69 20.80 -19.57 13.83
C THR E 69 22.01 -20.07 13.06
N HIS E 70 22.21 -19.67 11.81
CA HIS E 70 23.39 -20.03 11.05
C HIS E 70 24.27 -18.80 10.88
N PHE E 71 25.55 -18.96 11.18
CA PHE E 71 26.52 -17.88 11.12
C PHE E 71 27.74 -18.39 10.38
N THR E 72 28.42 -17.49 9.70
CA THR E 72 29.59 -17.87 8.92
C THR E 72 30.70 -16.86 9.16
N PHE E 73 31.91 -17.36 9.16
CA PHE E 73 33.11 -16.55 9.32
C PHE E 73 34.03 -16.91 8.17
N THR E 74 34.66 -15.92 7.56
CA THR E 74 35.53 -16.18 6.42
C THR E 74 36.81 -15.39 6.56
N ILE E 75 37.93 -16.04 6.27
CA ILE E 75 39.19 -15.37 6.04
C ILE E 75 39.35 -15.23 4.53
N SER E 76 39.19 -14.00 4.04
CA SER E 76 39.06 -13.78 2.60
C SER E 76 40.34 -14.07 1.86
N SER E 77 41.48 -14.17 2.55
CA SER E 77 42.68 -14.74 1.96
C SER E 77 43.59 -15.18 3.11
N LEU E 78 43.62 -16.48 3.36
CA LEU E 78 44.36 -17.01 4.49
C LEU E 78 45.79 -16.53 4.46
N GLN E 79 46.31 -16.18 5.64
CA GLN E 79 47.69 -15.78 5.81
C GLN E 79 48.33 -16.72 6.83
N THR E 80 49.65 -16.85 6.76
CA THR E 80 50.32 -17.88 7.54
C THR E 80 50.15 -17.68 9.04
N GLU E 81 49.96 -16.45 9.50
CA GLU E 81 49.65 -16.24 10.92
C GLU E 81 48.24 -16.62 11.31
N ASP E 82 47.35 -16.84 10.34
CA ASP E 82 45.97 -17.20 10.65
C ASP E 82 45.80 -18.65 11.06
N ILE E 83 46.83 -19.47 10.92
CA ILE E 83 46.78 -20.83 11.41
C ILE E 83 46.56 -20.83 12.92
N GLY E 84 45.54 -21.55 13.36
CA GLY E 84 45.08 -21.48 14.73
C GLY E 84 43.73 -22.15 14.87
N THR E 85 43.14 -22.00 16.04
CA THR E 85 41.80 -22.51 16.32
C THR E 85 40.80 -21.38 16.48
N TYR E 86 39.68 -21.48 15.78
CA TYR E 86 38.64 -20.48 15.80
C TYR E 86 37.43 -20.98 16.59
N TYR E 87 36.90 -20.14 17.48
CA TYR E 87 35.74 -20.47 18.29
C TYR E 87 34.66 -19.43 18.11
N CYS E 88 33.42 -19.86 17.88
CA CYS E 88 32.30 -18.97 18.04
C CYS E 88 31.88 -18.94 19.50
N GLN E 89 31.12 -17.91 19.87
CA GLN E 89 30.62 -17.78 21.23
C GLN E 89 29.37 -16.93 21.22
N GLN E 90 28.25 -17.53 21.59
CA GLN E 90 27.03 -16.76 21.74
C GLN E 90 27.07 -16.01 23.07
N TYR E 91 26.40 -14.86 23.08
CA TYR E 91 26.10 -14.15 24.31
C TYR E 91 24.62 -13.82 24.45
N ASP E 92 23.76 -14.45 23.64
CA ASP E 92 22.33 -14.21 23.72
C ASP E 92 21.76 -14.55 25.10
N ASN E 93 22.19 -15.64 25.73
CA ASN E 93 21.78 -15.82 27.12
C ASN E 93 22.79 -16.64 27.89
N LEU E 94 22.80 -16.39 29.20
CA LEU E 94 23.69 -17.07 30.13
C LEU E 94 23.40 -18.57 30.14
N PRO E 95 24.43 -19.42 30.25
CA PRO E 95 25.87 -19.19 30.13
C PRO E 95 26.33 -18.97 28.70
N PHE E 96 27.39 -18.20 28.54
CA PHE E 96 27.94 -17.85 27.23
C PHE E 96 28.72 -19.02 26.65
N THR E 97 28.04 -19.90 25.93
CA THR E 97 28.67 -21.09 25.39
C THR E 97 29.61 -20.75 24.24
N PHE E 98 30.84 -21.23 24.31
CA PHE E 98 31.72 -21.25 23.14
C PHE E 98 31.39 -22.43 22.25
N GLY E 99 31.70 -22.29 20.97
CA GLY E 99 31.56 -23.40 20.04
C GLY E 99 32.57 -24.50 20.28
N GLN E 100 32.49 -25.52 19.42
CA GLN E 100 33.38 -26.66 19.53
C GLN E 100 34.83 -26.27 19.29
N GLY E 101 35.05 -25.20 18.54
CA GLY E 101 36.39 -24.83 18.13
C GLY E 101 36.83 -25.62 16.93
N THR E 102 37.17 -24.94 15.84
CA THR E 102 37.61 -25.59 14.61
C THR E 102 39.04 -25.18 14.34
N ARG E 103 39.95 -26.15 14.32
CA ARG E 103 41.31 -25.88 13.94
C ARG E 103 41.40 -25.63 12.45
N LEU E 104 42.48 -24.95 12.04
CA LEU E 104 42.61 -24.50 10.66
C LEU E 104 44.08 -24.53 10.30
N GLU E 105 44.44 -25.41 9.36
CA GLU E 105 45.78 -25.96 9.30
C GLU E 105 46.44 -25.75 7.95
N GLU F 1 -17.84 -48.52 20.40
CA GLU F 1 -18.94 -47.52 20.50
C GLU F 1 -18.97 -46.88 21.88
N VAL F 2 -18.82 -45.57 21.93
CA VAL F 2 -19.13 -44.82 23.14
C VAL F 2 -20.62 -44.86 23.39
N GLN F 3 -21.03 -45.27 24.58
CA GLN F 3 -22.42 -45.28 24.95
C GLN F 3 -22.56 -44.89 26.41
N LEU F 4 -23.51 -44.01 26.72
CA LEU F 4 -23.73 -43.51 28.07
C LEU F 4 -25.12 -43.93 28.56
N VAL F 5 -25.25 -45.19 28.95
CA VAL F 5 -26.51 -45.64 29.54
C VAL F 5 -26.71 -44.96 30.89
N GLN F 6 -27.97 -44.68 31.22
CA GLN F 6 -28.27 -43.92 32.43
C GLN F 6 -29.05 -44.78 33.43
N SER F 7 -29.39 -44.14 34.56
CA SER F 7 -30.05 -44.83 35.67
C SER F 7 -31.35 -45.51 35.27
N GLY F 8 -32.21 -44.82 34.53
CA GLY F 8 -33.57 -45.29 34.36
C GLY F 8 -34.62 -44.22 34.55
N ALA F 9 -35.77 -44.56 35.13
CA ALA F 9 -36.76 -43.57 35.54
C ALA F 9 -37.13 -43.71 37.01
N GLU F 10 -37.18 -42.57 37.70
CA GLU F 10 -37.27 -42.54 39.15
C GLU F 10 -38.40 -41.62 39.59
N VAL F 11 -39.07 -42.00 40.67
CA VAL F 11 -40.22 -41.28 41.22
C VAL F 11 -39.94 -40.97 42.68
N LYS F 12 -40.27 -39.76 43.10
CA LYS F 12 -39.96 -39.34 44.46
C LYS F 12 -41.02 -38.37 44.95
N LYS F 13 -41.17 -38.31 46.28
CA LYS F 13 -41.83 -37.17 46.93
C LYS F 13 -40.85 -36.02 47.05
N PRO F 14 -41.32 -34.78 46.94
CA PRO F 14 -40.43 -33.65 47.12
C PRO F 14 -39.73 -33.70 48.47
N GLY F 15 -38.49 -33.21 48.50
CA GLY F 15 -37.66 -33.33 49.66
C GLY F 15 -36.93 -34.64 49.79
N GLU F 16 -37.28 -35.65 49.01
CA GLU F 16 -36.45 -36.85 49.00
C GLU F 16 -35.09 -36.56 48.38
N SER F 17 -34.12 -37.37 48.75
CA SER F 17 -32.85 -37.42 48.03
C SER F 17 -32.98 -38.26 46.78
N LEU F 18 -32.12 -37.98 45.81
CA LEU F 18 -32.03 -38.79 44.60
C LEU F 18 -30.63 -38.65 44.04
N ARG F 19 -30.15 -39.69 43.37
CA ARG F 19 -29.01 -39.57 42.47
C ARG F 19 -29.27 -40.26 41.15
N ILE F 20 -29.02 -39.55 40.05
CA ILE F 20 -28.98 -40.16 38.74
C ILE F 20 -27.57 -40.68 38.49
N SER F 21 -27.45 -41.64 37.56
CA SER F 21 -26.15 -42.20 37.24
C SER F 21 -25.99 -42.37 35.74
N CYS F 22 -24.74 -42.36 35.28
CA CYS F 22 -24.40 -42.50 33.87
C CYS F 22 -23.16 -43.38 33.73
N LYS F 23 -23.34 -44.66 33.46
CA LYS F 23 -22.20 -45.54 33.22
C LYS F 23 -21.71 -45.36 31.79
N SER F 24 -20.74 -44.48 31.62
CA SER F 24 -20.07 -44.35 30.33
C SER F 24 -19.29 -45.61 30.02
N SER F 25 -19.13 -45.88 28.72
CA SER F 25 -18.39 -47.07 28.29
C SER F 25 -17.86 -46.83 26.90
N GLY F 26 -16.83 -47.57 26.54
CA GLY F 26 -16.30 -47.51 25.19
C GLY F 26 -15.27 -46.43 24.96
N TYR F 27 -14.82 -45.73 25.99
CA TYR F 27 -13.75 -44.76 25.88
C TYR F 27 -13.12 -44.60 27.25
N THR F 28 -11.93 -44.01 27.29
CA THR F 28 -11.26 -43.77 28.55
C THR F 28 -11.96 -42.64 29.31
N PHE F 29 -12.54 -43.00 30.45
CA PHE F 29 -13.50 -42.12 31.09
C PHE F 29 -12.89 -40.79 31.55
N THR F 30 -11.63 -40.80 31.98
CA THR F 30 -11.04 -39.62 32.59
C THR F 30 -10.73 -38.50 31.60
N THR F 31 -10.62 -38.79 30.31
CA THR F 31 -10.13 -37.80 29.37
C THR F 31 -11.21 -36.86 28.82
N TYR F 32 -12.49 -37.06 29.15
CA TYR F 32 -13.55 -36.20 28.65
C TYR F 32 -14.46 -35.73 29.78
N TRP F 33 -14.89 -34.47 29.68
CA TRP F 33 -15.83 -33.92 30.63
C TRP F 33 -17.19 -34.55 30.44
N ILE F 34 -17.92 -34.77 31.53
CA ILE F 34 -19.31 -35.20 31.48
C ILE F 34 -20.17 -34.00 31.79
N THR F 35 -21.03 -33.62 30.86
CA THR F 35 -22.06 -32.62 31.08
C THR F 35 -23.34 -33.27 31.57
N TRP F 36 -24.14 -32.49 32.29
CA TRP F 36 -25.54 -32.83 32.51
C TRP F 36 -26.45 -31.75 31.94
N VAL F 37 -27.47 -32.18 31.20
CA VAL F 37 -28.41 -31.29 30.55
C VAL F 37 -29.82 -31.67 30.96
N ARG F 38 -30.63 -30.68 31.29
CA ARG F 38 -32.01 -30.88 31.71
C ARG F 38 -32.95 -30.46 30.60
N GLN F 39 -34.03 -31.21 30.42
CA GLN F 39 -35.13 -30.80 29.57
C GLN F 39 -36.45 -30.93 30.32
N MET F 40 -37.04 -29.80 30.69
CA MET F 40 -38.40 -29.79 31.19
C MET F 40 -39.34 -30.32 30.11
N PRO F 41 -40.44 -30.95 30.49
CA PRO F 41 -41.22 -31.72 29.50
C PRO F 41 -41.63 -30.84 28.33
N GLY F 42 -41.13 -31.18 27.14
CA GLY F 42 -41.43 -30.44 25.94
C GLY F 42 -40.81 -29.05 25.86
N LYS F 43 -40.01 -28.65 26.84
CA LYS F 43 -39.40 -27.33 26.83
C LYS F 43 -37.98 -27.40 26.27
N GLY F 44 -37.29 -26.27 26.35
CA GLY F 44 -35.91 -26.22 25.90
C GLY F 44 -34.95 -26.94 26.82
N LEU F 45 -33.76 -27.22 26.27
CA LEU F 45 -32.68 -27.81 27.03
C LEU F 45 -32.02 -26.76 27.91
N GLU F 46 -31.68 -27.15 29.13
CA GLU F 46 -30.94 -26.31 30.05
C GLU F 46 -29.65 -27.02 30.44
N TRP F 47 -28.52 -26.41 30.14
CA TRP F 47 -27.23 -26.93 30.56
C TRP F 47 -27.08 -26.69 32.06
N MET F 48 -26.94 -27.78 32.83
CA MET F 48 -26.84 -27.66 34.28
C MET F 48 -25.41 -27.50 34.78
N GLY F 49 -24.48 -28.25 34.24
CA GLY F 49 -23.11 -28.22 34.74
C GLY F 49 -22.31 -29.34 34.14
N ARG F 50 -21.03 -29.34 34.46
CA ARG F 50 -20.14 -30.37 33.93
C ARG F 50 -19.08 -30.71 34.96
N ILE F 51 -18.56 -31.92 34.86
CA ILE F 51 -17.48 -32.39 35.70
C ILE F 51 -16.35 -32.86 34.81
N ASP F 52 -15.11 -32.58 35.21
CA ASP F 52 -13.95 -33.19 34.58
C ASP F 52 -13.54 -34.38 35.42
N PRO F 53 -13.77 -35.62 34.97
CA PRO F 53 -13.49 -36.76 35.84
C PRO F 53 -12.01 -36.98 36.13
N SER F 54 -11.11 -36.30 35.41
CA SER F 54 -9.69 -36.44 35.72
C SER F 54 -9.41 -35.97 37.14
N ASP F 55 -10.19 -35.02 37.65
CA ASP F 55 -9.94 -34.52 38.99
C ASP F 55 -11.21 -34.03 39.69
N SER F 56 -12.39 -34.28 39.14
CA SER F 56 -13.65 -33.88 39.76
C SER F 56 -13.76 -32.37 39.96
N TYR F 57 -13.09 -31.59 39.12
CA TYR F 57 -13.43 -30.19 38.99
C TYR F 57 -14.82 -30.09 38.37
N THR F 58 -15.62 -29.13 38.84
CA THR F 58 -16.98 -28.96 38.33
C THR F 58 -17.27 -27.49 38.04
N ASP F 59 -17.97 -27.26 36.93
CA ASP F 59 -18.68 -26.02 36.66
C ASP F 59 -20.18 -26.21 36.80
N TYR F 60 -20.86 -25.17 37.26
CA TYR F 60 -22.31 -25.17 37.33
C TYR F 60 -22.88 -23.95 36.65
N SER F 61 -24.06 -24.11 36.07
CA SER F 61 -24.85 -22.96 35.72
C SER F 61 -25.23 -22.21 36.99
N PRO F 62 -25.24 -20.88 36.97
CA PRO F 62 -25.63 -20.14 38.17
C PRO F 62 -27.03 -20.49 38.66
N SER F 63 -27.90 -20.96 37.78
CA SER F 63 -29.23 -21.39 38.21
C SER F 63 -29.19 -22.61 39.13
N PHE F 64 -28.18 -23.46 38.99
CA PHE F 64 -28.14 -24.74 39.67
C PHE F 64 -27.05 -24.85 40.72
N LYS F 65 -26.06 -23.98 40.70
CA LYS F 65 -25.00 -24.02 41.69
C LYS F 65 -25.59 -24.11 43.09
N GLY F 66 -25.11 -25.10 43.85
CA GLY F 66 -25.55 -25.32 45.20
C GLY F 66 -26.88 -26.02 45.36
N HIS F 67 -27.63 -26.21 44.28
CA HIS F 67 -28.82 -27.05 44.34
C HIS F 67 -28.52 -28.50 43.94
N VAL F 68 -27.90 -28.71 42.79
CA VAL F 68 -27.45 -30.02 42.36
C VAL F 68 -25.98 -30.20 42.73
N THR F 69 -25.49 -31.44 42.66
CA THR F 69 -24.06 -31.70 42.67
C THR F 69 -23.74 -32.74 41.61
N ILE F 70 -22.61 -32.55 40.94
CA ILE F 70 -22.10 -33.51 39.98
C ILE F 70 -20.88 -34.18 40.57
N SER F 71 -20.76 -35.48 40.35
CA SER F 71 -19.67 -36.27 40.90
C SER F 71 -19.36 -37.40 39.94
N VAL F 72 -18.23 -38.06 40.17
CA VAL F 72 -17.89 -39.27 39.45
C VAL F 72 -17.47 -40.34 40.43
N ASP F 73 -17.83 -41.59 40.13
CA ASP F 73 -17.07 -42.76 40.60
C ASP F 73 -16.12 -43.16 39.48
N LYS F 74 -14.94 -42.54 39.48
CA LYS F 74 -13.94 -42.85 38.49
C LYS F 74 -13.64 -44.34 38.45
N SER F 75 -13.83 -45.03 39.56
CA SER F 75 -13.59 -46.47 39.63
C SER F 75 -14.50 -47.28 38.72
N ILE F 76 -15.66 -46.74 38.34
CA ILE F 76 -16.61 -47.51 37.54
C ILE F 76 -17.13 -46.69 36.37
N ASN F 77 -16.32 -45.73 35.91
CA ASN F 77 -16.66 -44.88 34.78
C ASN F 77 -18.02 -44.19 34.92
N THR F 78 -18.47 -43.95 36.15
CA THR F 78 -19.86 -43.57 36.40
C THR F 78 -19.89 -42.16 36.96
N ALA F 79 -20.57 -41.25 36.28
CA ALA F 79 -20.90 -39.95 36.80
C ALA F 79 -22.22 -39.98 37.56
N TYR F 80 -22.44 -38.96 38.39
CA TYR F 80 -23.66 -38.84 39.17
C TYR F 80 -24.14 -37.40 39.14
N LEU F 81 -25.44 -37.25 39.33
CA LEU F 81 -26.08 -35.96 39.58
C LEU F 81 -27.01 -36.13 40.75
N GLN F 82 -26.95 -35.24 41.74
CA GLN F 82 -27.59 -35.50 43.02
C GLN F 82 -28.23 -34.24 43.59
N TRP F 83 -29.41 -34.42 44.18
CA TRP F 83 -30.16 -33.33 44.80
C TRP F 83 -30.25 -33.59 46.29
N GLY F 84 -30.18 -32.52 47.08
CA GLY F 84 -30.53 -32.60 48.48
C GLY F 84 -32.03 -32.71 48.72
N SER F 85 -32.77 -31.68 48.33
CA SER F 85 -34.22 -31.69 48.36
C SER F 85 -34.74 -31.53 46.95
N LEU F 86 -35.50 -32.50 46.48
CA LEU F 86 -36.18 -32.36 45.20
C LEU F 86 -37.37 -31.43 45.33
N LYS F 87 -37.32 -30.32 44.62
CA LYS F 87 -38.51 -29.51 44.41
C LYS F 87 -39.43 -30.20 43.42
N SER F 88 -40.74 -30.00 43.62
CA SER F 88 -41.71 -30.56 42.69
C SER F 88 -41.63 -29.92 41.31
N SER F 89 -41.04 -28.73 41.20
CA SER F 89 -40.73 -28.18 39.88
C SER F 89 -39.66 -28.97 39.15
N ASP F 90 -38.78 -29.65 39.88
CA ASP F 90 -37.62 -30.27 39.25
C ASP F 90 -37.96 -31.63 38.66
N THR F 91 -39.05 -31.71 37.91
CA THR F 91 -39.39 -32.90 37.14
C THR F 91 -39.09 -32.67 35.67
N ALA F 92 -38.31 -33.56 35.09
CA ALA F 92 -37.72 -33.32 33.78
C ALA F 92 -37.11 -34.62 33.29
N ILE F 93 -36.67 -34.63 32.04
CA ILE F 93 -35.73 -35.63 31.55
C ILE F 93 -34.32 -35.09 31.69
N PHE F 94 -33.42 -35.89 32.25
CA PHE F 94 -32.02 -35.54 32.38
C PHE F 94 -31.15 -36.40 31.49
N TYR F 95 -30.37 -35.76 30.64
CA TYR F 95 -29.40 -36.44 29.79
C TYR F 95 -28.01 -36.03 30.27
N CYS F 96 -27.18 -37.00 30.62
CA CYS F 96 -25.76 -36.73 30.62
C CYS F 96 -25.22 -36.82 29.20
N ALA F 97 -24.22 -36.02 28.92
CA ALA F 97 -23.64 -35.99 27.60
C ALA F 97 -22.15 -35.77 27.70
N ARG F 98 -21.40 -36.50 26.89
CA ARG F 98 -19.95 -36.33 26.86
C ARG F 98 -19.62 -35.08 26.07
N GLN F 99 -18.84 -34.20 26.68
CA GLN F 99 -18.33 -33.04 25.98
C GLN F 99 -17.21 -33.44 25.03
N ALA F 100 -17.34 -33.07 23.76
CA ALA F 100 -16.55 -33.70 22.72
C ALA F 100 -15.09 -33.33 22.76
N SER F 101 -14.74 -32.18 23.32
CA SER F 101 -13.35 -31.77 23.36
C SER F 101 -13.19 -30.71 24.43
N SER F 102 -11.94 -30.51 24.87
CA SER F 102 -11.66 -29.41 25.76
C SER F 102 -11.63 -28.07 25.05
N GLY F 103 -11.55 -28.06 23.72
CA GLY F 103 -11.55 -26.82 22.99
C GLY F 103 -12.86 -26.57 22.27
N LYS F 104 -13.33 -27.58 21.53
CA LYS F 104 -14.58 -27.52 20.79
C LYS F 104 -15.68 -28.12 21.65
N ILE F 105 -16.36 -27.28 22.42
CA ILE F 105 -17.31 -27.74 23.41
C ILE F 105 -18.67 -27.95 22.78
N TYR F 106 -18.80 -28.99 21.96
CA TYR F 106 -20.11 -29.58 21.72
C TYR F 106 -20.22 -30.89 22.47
N PHE F 107 -21.45 -31.41 22.56
CA PHE F 107 -21.71 -32.66 23.24
C PHE F 107 -22.01 -33.72 22.19
N ASP F 108 -21.13 -34.70 22.08
CA ASP F 108 -21.14 -35.59 20.92
C ASP F 108 -22.00 -36.82 21.17
N TYR F 109 -21.78 -37.53 22.27
CA TYR F 109 -22.57 -38.70 22.63
C TYR F 109 -23.45 -38.39 23.82
N TRP F 110 -24.75 -38.54 23.65
CA TRP F 110 -25.74 -38.26 24.68
C TRP F 110 -26.27 -39.55 25.25
N GLY F 111 -26.43 -39.60 26.57
CA GLY F 111 -27.11 -40.71 27.16
C GLY F 111 -28.59 -40.69 26.81
N GLN F 112 -29.20 -41.87 26.83
CA GLN F 112 -30.65 -41.97 26.84
C GLN F 112 -31.20 -41.39 28.13
N GLY F 113 -32.09 -40.41 28.01
CA GLY F 113 -32.40 -39.56 29.13
C GLY F 113 -33.04 -40.30 30.27
N THR F 114 -32.86 -39.78 31.48
CA THR F 114 -33.49 -40.30 32.69
C THR F 114 -34.66 -39.41 33.06
N LEU F 115 -35.86 -39.98 33.11
CA LEU F 115 -37.01 -39.27 33.63
C LEU F 115 -36.92 -39.18 35.15
N VAL F 116 -37.12 -37.98 35.67
CA VAL F 116 -37.32 -37.78 37.10
C VAL F 116 -38.66 -37.07 37.29
N THR F 117 -39.45 -37.56 38.24
CA THR F 117 -40.75 -36.99 38.54
C THR F 117 -40.91 -36.89 40.05
N VAL F 118 -41.47 -35.78 40.51
CA VAL F 118 -41.38 -35.40 41.91
C VAL F 118 -42.65 -34.69 42.32
N SER F 119 -43.49 -35.37 43.08
CA SER F 119 -44.84 -34.89 43.36
C SER F 119 -45.33 -35.53 44.65
N SER F 120 -46.33 -34.89 45.25
CA SER F 120 -47.10 -35.51 46.32
C SER F 120 -48.52 -34.98 46.30
N ASP G 1 -25.31 -13.88 30.99
CA ASP G 1 -25.45 -15.04 30.07
C ASP G 1 -25.74 -14.57 28.66
N ILE G 2 -25.23 -15.30 27.66
CA ILE G 2 -25.67 -15.07 26.29
C ILE G 2 -27.08 -15.60 26.13
N GLN G 3 -28.00 -14.74 25.76
CA GLN G 3 -29.31 -15.20 25.33
C GLN G 3 -29.24 -15.65 23.88
N MET G 4 -29.94 -16.72 23.57
CA MET G 4 -29.86 -17.35 22.25
C MET G 4 -31.25 -17.33 21.64
N THR G 5 -31.62 -16.19 21.06
CA THR G 5 -32.87 -16.11 20.31
C THR G 5 -32.76 -16.93 19.05
N GLN G 6 -33.82 -17.67 18.74
CA GLN G 6 -33.79 -18.61 17.63
C GLN G 6 -35.14 -18.61 16.94
N SER G 7 -35.12 -18.53 15.61
CA SER G 7 -36.31 -18.18 14.84
C SER G 7 -36.25 -18.95 13.53
N PRO G 8 -37.41 -19.25 12.93
CA PRO G 8 -38.74 -19.14 13.52
C PRO G 8 -39.02 -20.25 14.52
N SER G 9 -39.91 -19.99 15.47
CA SER G 9 -40.18 -20.96 16.51
C SER G 9 -40.68 -22.30 15.97
N SER G 10 -41.27 -22.31 14.77
CA SER G 10 -41.66 -23.55 14.13
C SER G 10 -41.60 -23.39 12.61
N LEU G 11 -41.52 -24.53 11.94
CA LEU G 11 -41.52 -24.57 10.49
C LEU G 11 -42.39 -25.73 10.00
N SER G 12 -42.85 -25.61 8.78
CA SER G 12 -43.37 -26.74 8.01
C SER G 12 -42.86 -26.64 6.58
N ALA G 13 -42.54 -27.79 6.00
CA ALA G 13 -41.94 -27.78 4.67
C ALA G 13 -42.19 -29.13 4.02
N SER G 14 -42.09 -29.14 2.69
CA SER G 14 -42.10 -30.37 1.92
C SER G 14 -40.72 -31.00 1.91
N VAL G 15 -40.70 -32.32 1.72
CA VAL G 15 -39.49 -32.98 1.26
C VAL G 15 -38.93 -32.22 0.08
N GLY G 16 -37.60 -32.07 0.05
CA GLY G 16 -36.93 -31.29 -0.96
C GLY G 16 -36.78 -29.83 -0.64
N ASP G 17 -37.50 -29.32 0.35
CA ASP G 17 -37.44 -27.89 0.67
C ASP G 17 -36.14 -27.51 1.36
N ARG G 18 -35.57 -26.39 0.93
CA ARG G 18 -34.35 -25.80 1.48
C ARG G 18 -34.65 -24.97 2.74
N VAL G 19 -35.17 -25.63 3.77
CA VAL G 19 -35.54 -24.92 4.98
C VAL G 19 -34.30 -24.33 5.65
N THR G 20 -34.49 -23.18 6.31
CA THR G 20 -33.41 -22.47 6.98
C THR G 20 -33.86 -21.99 8.35
N ILE G 21 -32.95 -22.06 9.33
CA ILE G 21 -33.22 -21.66 10.69
C ILE G 21 -32.15 -20.68 11.15
N THR G 22 -32.53 -19.72 11.98
CA THR G 22 -31.64 -18.68 12.43
C THR G 22 -31.49 -18.71 13.95
N CYS G 23 -30.29 -18.41 14.42
CA CYS G 23 -29.98 -18.23 15.83
C CYS G 23 -29.20 -16.93 15.96
N GLN G 24 -29.50 -16.14 16.98
CA GLN G 24 -28.94 -14.80 17.10
C GLN G 24 -28.60 -14.54 18.55
N ALA G 25 -27.32 -14.40 18.84
CA ALA G 25 -26.86 -14.20 20.20
C ALA G 25 -27.14 -12.77 20.66
N SER G 26 -27.07 -12.58 21.98
CA SER G 26 -27.11 -11.26 22.57
C SER G 26 -25.75 -10.57 22.59
N GLN G 27 -24.69 -11.27 22.24
CA GLN G 27 -23.35 -10.68 22.18
C GLN G 27 -22.62 -11.29 21.00
N GLY G 28 -21.35 -10.94 20.84
CA GLY G 28 -20.48 -11.68 19.96
C GLY G 28 -20.06 -12.99 20.58
N ILE G 29 -20.28 -14.09 19.86
CA ILE G 29 -19.82 -15.39 20.31
C ILE G 29 -18.88 -15.94 19.26
N ASN G 30 -18.17 -15.06 18.57
CA ASN G 30 -17.19 -15.48 17.57
C ASN G 30 -17.81 -16.40 16.53
N TYR G 31 -17.45 -17.68 16.55
CA TYR G 31 -18.12 -18.70 15.76
C TYR G 31 -18.49 -19.91 16.59
N TYR G 32 -18.56 -19.75 17.92
CA TYR G 32 -18.77 -20.85 18.86
C TYR G 32 -20.24 -21.21 18.99
N LEU G 33 -20.84 -21.66 17.89
CA LEU G 33 -22.25 -22.05 17.90
C LEU G 33 -22.41 -23.45 17.32
N ASN G 34 -23.15 -24.29 18.04
CA ASN G 34 -23.49 -25.65 17.62
C ASN G 34 -24.98 -25.77 17.36
N TRP G 35 -25.34 -26.68 16.46
CA TRP G 35 -26.73 -27.00 16.17
C TRP G 35 -27.02 -28.46 16.45
N TYR G 36 -28.13 -28.73 17.13
CA TYR G 36 -28.54 -30.08 17.48
C TYR G 36 -29.91 -30.35 16.89
N GLN G 37 -30.13 -31.59 16.48
CA GLN G 37 -31.46 -32.09 16.17
C GLN G 37 -31.89 -32.99 17.31
N GLN G 38 -33.08 -32.77 17.84
CA GLN G 38 -33.73 -33.73 18.72
C GLN G 38 -34.94 -34.32 18.01
N LYS G 39 -34.90 -35.61 17.73
CA LYS G 39 -36.09 -36.30 17.29
C LYS G 39 -37.02 -36.52 18.48
N PRO G 40 -38.33 -36.56 18.25
CA PRO G 40 -39.26 -36.74 19.37
C PRO G 40 -38.97 -38.02 20.14
N GLY G 41 -38.85 -37.89 21.46
CA GLY G 41 -38.55 -39.02 22.31
C GLY G 41 -37.11 -39.49 22.27
N LYS G 42 -36.20 -38.71 21.72
CA LYS G 42 -34.79 -39.05 21.66
C LYS G 42 -33.97 -38.00 22.37
N ALA G 43 -32.77 -38.39 22.82
CA ALA G 43 -31.79 -37.41 23.23
C ALA G 43 -31.32 -36.60 22.03
N PRO G 44 -30.99 -35.33 22.22
CA PRO G 44 -30.51 -34.52 21.09
C PRO G 44 -29.30 -35.15 20.42
N LYS G 45 -29.08 -34.74 19.19
CA LYS G 45 -27.97 -35.19 18.37
C LYS G 45 -27.33 -33.98 17.73
N VAL G 46 -26.00 -33.89 17.82
CA VAL G 46 -25.28 -32.78 17.23
C VAL G 46 -25.19 -32.95 15.72
N LEU G 47 -25.43 -31.88 14.99
CA LEU G 47 -25.32 -31.84 13.55
C LEU G 47 -24.19 -30.96 13.05
N ILE G 48 -24.07 -29.77 13.61
CA ILE G 48 -23.06 -28.79 13.21
C ILE G 48 -22.34 -28.35 14.47
N TYR G 49 -21.04 -28.09 14.33
CA TYR G 49 -20.29 -27.46 15.40
C TYR G 49 -19.48 -26.31 14.82
N ASP G 50 -19.05 -25.43 15.70
CA ASP G 50 -18.23 -24.29 15.32
C ASP G 50 -18.89 -23.51 14.20
N ALA G 51 -20.18 -23.26 14.37
CA ALA G 51 -21.01 -22.53 13.42
C ALA G 51 -21.16 -23.15 12.04
N SER G 52 -20.24 -24.01 11.61
CA SER G 52 -20.22 -24.35 10.19
C SER G 52 -19.82 -25.77 9.86
N ASP G 53 -19.34 -26.55 10.82
CA ASP G 53 -18.65 -27.78 10.50
C ASP G 53 -19.54 -28.99 10.75
N LEU G 54 -19.65 -29.84 9.74
CA LEU G 54 -20.47 -31.04 9.84
C LEU G 54 -19.83 -32.04 10.78
N GLU G 55 -20.58 -32.47 11.78
CA GLU G 55 -20.13 -33.59 12.59
C GLU G 55 -20.04 -34.86 11.76
N THR G 56 -19.16 -35.75 12.18
CA THR G 56 -18.89 -36.96 11.40
C THR G 56 -20.15 -37.79 11.25
N GLY G 57 -20.41 -38.25 10.03
CA GLY G 57 -21.60 -39.02 9.75
C GLY G 57 -22.89 -38.24 9.66
N VAL G 58 -22.84 -36.92 9.76
CA VAL G 58 -24.02 -36.10 9.51
C VAL G 58 -24.25 -36.03 8.00
N PRO G 59 -25.48 -36.20 7.51
CA PRO G 59 -25.71 -36.11 6.07
C PRO G 59 -25.35 -34.74 5.52
N SER G 60 -24.66 -34.74 4.39
CA SER G 60 -24.11 -33.52 3.83
C SER G 60 -25.17 -32.54 3.34
N ARG G 61 -26.46 -32.88 3.43
CA ARG G 61 -27.49 -31.88 3.17
C ARG G 61 -27.54 -30.82 4.27
N PHE G 62 -27.14 -31.17 5.48
CA PHE G 62 -27.09 -30.17 6.55
C PHE G 62 -25.92 -29.22 6.34
N SER G 63 -26.10 -27.99 6.81
CA SER G 63 -25.12 -26.94 6.60
C SER G 63 -25.41 -25.82 7.56
N GLY G 64 -24.43 -24.94 7.73
CA GLY G 64 -24.65 -23.74 8.51
C GLY G 64 -23.58 -22.72 8.24
N GLY G 65 -23.79 -21.52 8.77
CA GLY G 65 -22.81 -20.46 8.60
C GLY G 65 -23.11 -19.29 9.49
N GLY G 66 -22.39 -18.21 9.25
CA GLY G 66 -22.48 -17.03 10.06
C GLY G 66 -21.45 -17.00 11.18
N SER G 67 -21.32 -15.83 11.78
CA SER G 67 -20.33 -15.57 12.80
C SER G 67 -20.69 -14.27 13.50
N GLY G 68 -20.03 -14.02 14.62
CA GLY G 68 -20.35 -12.86 15.42
C GLY G 68 -21.64 -12.99 16.20
N THR G 69 -22.75 -12.54 15.63
CA THR G 69 -24.00 -12.49 16.38
C THR G 69 -25.14 -13.20 15.67
N HIS G 70 -25.12 -13.23 14.35
CA HIS G 70 -26.16 -13.89 13.56
C HIS G 70 -25.62 -15.16 12.93
N PHE G 71 -26.36 -16.25 13.10
CA PHE G 71 -25.98 -17.56 12.59
C PHE G 71 -27.19 -18.15 11.91
N THR G 72 -26.95 -19.03 10.93
CA THR G 72 -28.04 -19.69 10.25
C THR G 72 -27.70 -21.14 10.04
N PHE G 73 -28.75 -21.94 9.88
CA PHE G 73 -28.65 -23.36 9.65
C PHE G 73 -29.61 -23.69 8.51
N THR G 74 -29.18 -24.50 7.57
CA THR G 74 -30.04 -24.87 6.46
C THR G 74 -29.98 -26.36 6.20
N ILE G 75 -31.15 -26.94 6.00
CA ILE G 75 -31.29 -28.29 5.45
C ILE G 75 -31.52 -28.12 3.96
N SER G 76 -30.46 -28.35 3.18
CA SER G 76 -30.47 -27.95 1.78
C SER G 76 -31.49 -28.72 0.96
N SER G 77 -32.00 -29.84 1.46
CA SER G 77 -33.18 -30.48 0.86
C SER G 77 -33.80 -31.41 1.89
N LEU G 78 -34.86 -30.95 2.55
CA LEU G 78 -35.41 -31.64 3.70
C LEU G 78 -35.74 -33.08 3.34
N GLN G 79 -35.58 -33.96 4.33
CA GLN G 79 -35.93 -35.36 4.20
C GLN G 79 -36.86 -35.74 5.34
N THR G 80 -37.60 -36.82 5.16
CA THR G 80 -38.68 -37.13 6.09
C THR G 80 -38.17 -37.40 7.51
N GLU G 81 -36.95 -37.90 7.64
CA GLU G 81 -36.37 -38.11 8.96
C GLU G 81 -35.86 -36.84 9.62
N ASP G 82 -35.78 -35.73 8.89
CA ASP G 82 -35.28 -34.49 9.46
C ASP G 82 -36.32 -33.78 10.30
N ILE G 83 -37.55 -34.28 10.33
CA ILE G 83 -38.55 -33.75 11.23
C ILE G 83 -38.09 -33.92 12.67
N GLY G 84 -38.19 -32.84 13.43
CA GLY G 84 -37.65 -32.80 14.78
C GLY G 84 -37.47 -31.36 15.22
N THR G 85 -36.94 -31.22 16.43
CA THR G 85 -36.65 -29.91 17.00
C THR G 85 -35.16 -29.60 16.96
N TYR G 86 -34.81 -28.42 16.44
CA TYR G 86 -33.43 -28.00 16.32
C TYR G 86 -33.10 -26.93 17.36
N TYR G 87 -31.97 -27.10 18.04
CA TYR G 87 -31.50 -26.16 19.05
C TYR G 87 -30.11 -25.68 18.68
N CYS G 88 -29.89 -24.37 18.75
CA CYS G 88 -28.53 -23.87 18.78
C CYS G 88 -27.99 -23.88 20.20
N GLN G 89 -26.68 -23.74 20.31
CA GLN G 89 -26.03 -23.68 21.62
C GLN G 89 -24.72 -22.94 21.49
N GLN G 90 -24.58 -21.84 22.22
CA GLN G 90 -23.30 -21.17 22.28
C GLN G 90 -22.41 -21.88 23.29
N TYR G 91 -21.11 -21.76 23.10
CA TYR G 91 -20.12 -22.11 24.11
C TYR G 91 -19.06 -21.04 24.30
N ASP G 92 -19.30 -19.83 23.80
CA ASP G 92 -18.35 -18.74 23.97
C ASP G 92 -18.08 -18.43 25.44
N ASN G 93 -19.07 -18.52 26.31
CA ASN G 93 -18.75 -18.47 27.73
C ASN G 93 -19.80 -19.19 28.56
N LEU G 94 -19.33 -19.64 29.73
CA LEU G 94 -20.17 -20.33 30.69
C LEU G 94 -21.28 -19.41 31.19
N PRO G 95 -22.50 -19.93 31.40
CA PRO G 95 -23.06 -21.23 31.04
C PRO G 95 -23.41 -21.37 29.57
N PHE G 96 -23.36 -22.60 29.07
CA PHE G 96 -23.58 -22.90 27.65
C PHE G 96 -25.08 -22.88 27.33
N THR G 97 -25.63 -21.69 27.19
CA THR G 97 -27.05 -21.55 26.94
C THR G 97 -27.43 -22.18 25.61
N PHE G 98 -28.46 -23.01 25.62
CA PHE G 98 -29.11 -23.44 24.38
C PHE G 98 -30.12 -22.41 23.91
N GLY G 99 -30.36 -22.39 22.61
CA GLY G 99 -31.42 -21.58 22.05
C GLY G 99 -32.79 -22.12 22.40
N GLN G 100 -33.80 -21.40 21.94
CA GLN G 100 -35.18 -21.73 22.29
C GLN G 100 -35.62 -23.05 21.71
N GLY G 101 -34.98 -23.53 20.66
CA GLY G 101 -35.44 -24.74 20.00
C GLY G 101 -36.56 -24.47 19.04
N THR G 102 -36.35 -24.79 17.76
CA THR G 102 -37.32 -24.55 16.70
C THR G 102 -37.79 -25.89 16.17
N ARG G 103 -39.08 -26.16 16.29
CA ARG G 103 -39.64 -27.42 15.87
C ARG G 103 -39.96 -27.38 14.39
N LEU G 104 -39.45 -28.37 13.67
CA LEU G 104 -39.61 -28.48 12.23
C LEU G 104 -40.51 -29.67 11.94
N GLU G 105 -41.68 -29.39 11.35
CA GLU G 105 -42.66 -30.43 11.08
C GLU G 105 -43.31 -30.28 9.72
N GLU H 1 -27.82 31.89 35.81
CA GLU H 1 -26.41 32.37 35.80
C GLU H 1 -25.63 31.75 36.95
N VAL H 2 -24.53 31.06 36.61
CA VAL H 2 -23.54 30.69 37.61
C VAL H 2 -22.81 31.92 38.09
N GLN H 3 -22.74 32.09 39.40
CA GLN H 3 -22.03 33.21 39.99
C GLN H 3 -21.35 32.77 41.27
N LEU H 4 -20.11 33.21 41.47
CA LEU H 4 -19.30 32.81 42.62
C LEU H 4 -18.88 34.05 43.41
N VAL H 5 -19.81 34.60 44.18
CA VAL H 5 -19.46 35.72 45.05
C VAL H 5 -18.47 35.27 46.12
N GLN H 6 -17.55 36.16 46.49
CA GLN H 6 -16.49 35.84 47.44
C GLN H 6 -16.60 36.71 48.70
N SER H 7 -15.54 36.65 49.51
CA SER H 7 -15.52 37.22 50.86
C SER H 7 -15.22 38.72 50.94
N GLY H 8 -14.96 39.39 49.84
CA GLY H 8 -14.56 40.79 49.88
C GLY H 8 -13.06 40.96 50.02
N ALA H 9 -12.65 41.82 50.96
CA ALA H 9 -11.23 42.01 51.25
C ALA H 9 -10.94 41.97 52.74
N GLU H 10 -9.75 41.49 53.07
CA GLU H 10 -9.41 41.13 54.44
C GLU H 10 -7.97 41.57 54.73
N VAL H 11 -7.74 41.98 55.97
CA VAL H 11 -6.48 42.55 56.41
C VAL H 11 -6.05 41.85 57.69
N LYS H 12 -4.77 41.47 57.77
CA LYS H 12 -4.29 40.66 58.88
C LYS H 12 -2.84 41.00 59.18
N LYS H 13 -2.44 40.76 60.42
CA LYS H 13 -1.02 40.66 60.75
C LYS H 13 -0.50 39.29 60.35
N PRO H 14 0.74 39.18 59.92
CA PRO H 14 1.30 37.86 59.65
C PRO H 14 1.19 36.98 60.88
N GLY H 15 0.97 35.69 60.63
CA GLY H 15 0.69 34.75 61.69
C GLY H 15 -0.76 34.67 62.10
N GLU H 16 -1.59 35.61 61.70
CA GLU H 16 -3.02 35.45 61.91
C GLU H 16 -3.58 34.34 61.04
N SER H 17 -4.67 33.75 61.49
CA SER H 17 -5.46 32.86 60.66
C SER H 17 -6.39 33.66 59.76
N LEU H 18 -6.85 33.01 58.69
CA LEU H 18 -7.83 33.61 57.80
C LEU H 18 -8.52 32.49 57.06
N ARG H 19 -9.78 32.71 56.69
CA ARG H 19 -10.42 31.90 55.68
C ARG H 19 -11.17 32.75 54.66
N ILE H 20 -10.84 32.57 53.39
CA ILE H 20 -11.65 33.12 52.32
C ILE H 20 -12.86 32.23 52.10
N SER H 21 -13.89 32.77 51.47
CA SER H 21 -15.04 31.95 51.12
C SER H 21 -15.50 32.25 49.71
N CYS H 22 -16.19 31.27 49.11
CA CYS H 22 -16.80 31.39 47.78
C CYS H 22 -18.18 30.74 47.83
N LYS H 23 -19.22 31.54 47.98
CA LYS H 23 -20.58 31.02 47.85
C LYS H 23 -20.92 30.88 46.38
N SER H 24 -20.79 29.67 45.85
CA SER H 24 -21.27 29.43 44.50
C SER H 24 -22.79 29.47 44.47
N SER H 25 -23.34 29.68 43.28
CA SER H 25 -24.78 29.71 43.11
C SER H 25 -25.09 29.48 41.64
N GLY H 26 -26.33 29.09 41.37
CA GLY H 26 -26.77 28.98 40.00
C GLY H 26 -26.45 27.65 39.33
N TYR H 27 -25.90 26.70 40.07
CA TYR H 27 -25.65 25.36 39.53
C TYR H 27 -25.62 24.41 40.72
N THR H 28 -25.69 23.11 40.43
CA THR H 28 -25.59 22.11 41.48
C THR H 28 -24.15 22.00 41.95
N PHE H 29 -23.92 22.40 43.21
CA PHE H 29 -22.57 22.66 43.69
C PHE H 29 -21.69 21.42 43.64
N THR H 30 -22.25 20.24 43.84
CA THR H 30 -21.47 19.02 44.00
C THR H 30 -20.93 18.44 42.70
N THR H 31 -21.37 18.89 41.55
CA THR H 31 -20.96 18.26 40.30
C THR H 31 -19.75 18.91 39.64
N TYR H 32 -19.18 19.98 40.19
CA TYR H 32 -18.03 20.64 39.59
C TYR H 32 -16.96 20.92 40.63
N TRP H 33 -15.70 20.81 40.22
CA TRP H 33 -14.57 21.11 41.08
C TRP H 33 -14.42 22.61 41.24
N ILE H 34 -14.07 23.06 42.43
CA ILE H 34 -13.76 24.45 42.68
C ILE H 34 -12.25 24.59 42.74
N THR H 35 -11.69 25.35 41.81
CA THR H 35 -10.30 25.73 41.84
C THR H 35 -10.10 27.00 42.66
N TRP H 36 -8.92 27.16 43.23
CA TRP H 36 -8.48 28.46 43.71
C TRP H 36 -7.23 28.90 42.97
N VAL H 37 -7.23 30.17 42.55
CA VAL H 37 -6.13 30.74 41.77
C VAL H 37 -5.66 32.00 42.46
N ARG H 38 -4.36 32.10 42.68
CA ARG H 38 -3.74 33.29 43.26
C ARG H 38 -3.21 34.19 42.15
N GLN H 39 -3.29 35.50 42.39
CA GLN H 39 -2.57 36.46 41.57
C GLN H 39 -1.85 37.47 42.46
N MET H 40 -0.53 37.34 42.55
CA MET H 40 0.27 38.37 43.18
C MET H 40 0.10 39.67 42.40
N PRO H 41 0.18 40.82 43.07
CA PRO H 41 -0.26 42.07 42.42
C PRO H 41 0.54 42.33 41.15
N GLY H 42 -0.18 42.42 40.03
CA GLY H 42 0.45 42.64 38.75
C GLY H 42 1.21 41.47 38.19
N LYS H 43 1.24 40.34 38.88
CA LYS H 43 1.97 39.17 38.41
C LYS H 43 1.04 38.20 37.69
N GLY H 44 1.61 37.09 37.27
CA GLY H 44 0.82 36.03 36.67
C GLY H 44 -0.06 35.30 37.65
N LEU H 45 -0.97 34.52 37.08
CA LEU H 45 -1.83 33.64 37.85
C LEU H 45 -1.05 32.42 38.30
N GLU H 46 -1.33 31.96 39.51
CA GLU H 46 -0.74 30.75 40.05
C GLU H 46 -1.86 29.84 40.52
N TRP H 47 -1.95 28.67 39.95
CA TRP H 47 -2.95 27.70 40.34
C TRP H 47 -2.59 27.12 41.70
N MET H 48 -3.42 27.34 42.71
CA MET H 48 -3.12 26.88 44.06
C MET H 48 -3.59 25.45 44.31
N GLY H 49 -4.80 25.11 43.87
CA GLY H 49 -5.36 23.82 44.17
C GLY H 49 -6.83 23.82 43.81
N ARG H 50 -7.46 22.66 44.01
CA ARG H 50 -8.88 22.53 43.74
C ARG H 50 -9.48 21.50 44.67
N ILE H 51 -10.79 21.60 44.86
CA ILE H 51 -11.53 20.63 45.65
C ILE H 51 -12.66 20.11 44.78
N ASP H 52 -12.96 18.82 44.91
CA ASP H 52 -14.17 18.24 44.36
C ASP H 52 -15.22 18.18 45.46
N PRO H 53 -16.26 19.02 45.43
CA PRO H 53 -17.21 19.05 46.55
C PRO H 53 -18.05 17.80 46.69
N SER H 54 -18.02 16.88 45.72
CA SER H 54 -18.78 15.64 45.87
C SER H 54 -18.26 14.85 47.06
N ASP H 55 -16.96 14.93 47.34
CA ASP H 55 -16.38 14.15 48.43
C ASP H 55 -15.16 14.80 49.05
N SER H 56 -14.87 16.07 48.75
CA SER H 56 -13.79 16.80 49.40
C SER H 56 -12.41 16.21 49.13
N TYR H 57 -12.27 15.51 48.01
CA TYR H 57 -10.94 15.22 47.50
C TYR H 57 -10.28 16.54 47.10
N THR H 58 -8.96 16.64 47.25
CA THR H 58 -8.26 17.87 46.90
C THR H 58 -6.94 17.58 46.21
N ASP H 59 -6.59 18.43 45.24
CA ASP H 59 -5.24 18.57 44.71
C ASP H 59 -4.65 19.90 45.14
N TYR H 60 -3.34 19.92 45.29
CA TYR H 60 -2.62 21.17 45.53
C TYR H 60 -1.45 21.27 44.58
N SER H 61 -1.10 22.50 44.25
CA SER H 61 0.21 22.75 43.67
C SER H 61 1.27 22.46 44.72
N PRO H 62 2.41 21.88 44.33
CA PRO H 62 3.45 21.60 45.33
C PRO H 62 3.93 22.83 46.07
N SER H 63 3.83 24.00 45.45
CA SER H 63 4.21 25.23 46.16
C SER H 63 3.34 25.48 47.39
N PHE H 64 2.07 25.07 47.35
CA PHE H 64 1.12 25.41 48.40
C PHE H 64 0.70 24.24 49.26
N LYS H 65 0.97 23.01 48.84
CA LYS H 65 0.57 21.86 49.63
C LYS H 65 0.99 22.02 51.09
N GLY H 66 0.04 21.79 51.98
CA GLY H 66 0.26 21.90 53.40
C GLY H 66 0.39 23.31 53.94
N HIS H 67 0.58 24.30 53.09
CA HIS H 67 0.54 25.69 53.55
C HIS H 67 -0.88 26.21 53.62
N VAL H 68 -1.66 25.99 52.57
CA VAL H 68 -3.08 26.29 52.57
C VAL H 68 -3.86 24.99 52.74
N THR H 69 -5.16 25.11 53.02
CA THR H 69 -6.10 24.01 52.82
C THR H 69 -7.35 24.52 52.15
N ILE H 70 -7.82 23.78 51.17
CA ILE H 70 -9.10 24.03 50.51
C ILE H 70 -10.14 23.15 51.18
N SER H 71 -11.36 23.65 51.30
CA SER H 71 -12.44 22.89 51.91
C SER H 71 -13.76 23.35 51.32
N VAL H 72 -14.81 22.58 51.58
CA VAL H 72 -16.16 23.01 51.26
C VAL H 72 -17.06 22.83 52.47
N ASP H 73 -17.97 23.77 52.67
CA ASP H 73 -19.24 23.50 53.36
C ASP H 73 -20.28 23.17 52.31
N LYS H 74 -20.38 21.89 52.00
CA LYS H 74 -21.35 21.44 51.00
C LYS H 74 -22.76 21.86 51.34
N SER H 75 -23.06 21.98 52.63
CA SER H 75 -24.39 22.37 53.09
C SER H 75 -24.81 23.77 52.66
N ILE H 76 -23.88 24.62 52.25
CA ILE H 76 -24.23 25.99 51.88
C ILE H 76 -23.55 26.40 50.57
N ASN H 77 -23.25 25.41 49.73
CA ASN H 77 -22.60 25.64 48.44
C ASN H 77 -21.34 26.48 48.53
N THR H 78 -20.63 26.41 49.64
CA THR H 78 -19.57 27.36 49.94
C THR H 78 -18.26 26.60 50.02
N ALA H 79 -17.30 26.99 49.20
CA ALA H 79 -15.92 26.58 49.35
C ALA H 79 -15.18 27.52 50.29
N TYR H 80 -14.05 27.05 50.79
CA TYR H 80 -13.19 27.85 51.64
C TYR H 80 -11.76 27.64 51.24
N LEU H 81 -10.93 28.62 51.57
CA LEU H 81 -9.49 28.50 51.50
C LEU H 81 -8.94 29.11 52.77
N GLN H 82 -8.01 28.42 53.41
CA GLN H 82 -7.61 28.78 54.76
C GLN H 82 -6.11 28.68 54.94
N TRP H 83 -5.55 29.60 55.72
CA TRP H 83 -4.16 29.54 56.15
C TRP H 83 -4.12 29.44 57.66
N GLY H 84 -3.21 28.61 58.16
CA GLY H 84 -2.91 28.62 59.58
C GLY H 84 -2.08 29.81 60.01
N SER H 85 -1.18 30.28 59.14
CA SER H 85 -0.32 31.40 59.47
C SER H 85 0.00 32.14 58.17
N LEU H 86 -0.55 33.33 58.01
CA LEU H 86 -0.27 34.10 56.81
C LEU H 86 1.16 34.62 56.82
N LYS H 87 1.88 34.40 55.74
CA LYS H 87 3.13 35.11 55.52
C LYS H 87 2.83 36.49 54.98
N SER H 88 3.77 37.41 55.18
CA SER H 88 3.61 38.73 54.59
C SER H 88 3.69 38.71 53.07
N SER H 89 4.23 37.64 52.46
CA SER H 89 4.14 37.46 51.03
C SER H 89 2.78 36.96 50.54
N ASP H 90 1.92 36.46 51.42
CA ASP H 90 0.58 36.03 51.04
C ASP H 90 -0.39 37.18 50.81
N THR H 91 0.07 38.28 50.24
CA THR H 91 -0.81 39.39 49.87
C THR H 91 -1.03 39.35 48.36
N ALA H 92 -2.28 39.17 47.96
CA ALA H 92 -2.63 38.84 46.58
C ALA H 92 -4.13 39.02 46.43
N ILE H 93 -4.58 38.96 45.19
CA ILE H 93 -5.97 38.64 44.89
C ILE H 93 -6.09 37.13 44.78
N PHE H 94 -7.10 36.55 45.43
CA PHE H 94 -7.42 35.14 45.29
C PHE H 94 -8.77 34.99 44.61
N TYR H 95 -8.78 34.27 43.49
CA TYR H 95 -10.00 33.94 42.79
C TYR H 95 -10.28 32.47 43.00
N CYS H 96 -11.49 32.13 43.40
CA CYS H 96 -11.98 30.80 43.11
C CYS H 96 -12.59 30.77 41.73
N ALA H 97 -12.52 29.60 41.10
CA ALA H 97 -13.06 29.42 39.78
C ALA H 97 -13.67 28.04 39.65
N ARG H 98 -14.83 27.97 39.02
CA ARG H 98 -15.41 26.66 38.75
C ARG H 98 -14.67 26.01 37.59
N GLN H 99 -14.23 24.78 37.79
CA GLN H 99 -13.64 24.01 36.71
C GLN H 99 -14.72 23.53 35.76
N ALA H 100 -14.56 23.82 34.48
CA ALA H 100 -15.70 23.75 33.57
C ALA H 100 -16.13 22.32 33.31
N SER H 101 -15.23 21.37 33.42
CA SER H 101 -15.56 19.98 33.17
C SER H 101 -14.53 19.11 33.88
N SER H 102 -14.89 17.85 34.10
CA SER H 102 -13.89 16.91 34.56
C SER H 102 -12.91 16.50 33.47
N GLY H 103 -13.27 16.70 32.21
CA GLY H 103 -12.38 16.35 31.13
C GLY H 103 -11.65 17.55 30.56
N LYS H 104 -12.41 18.59 30.21
CA LYS H 104 -11.86 19.83 29.67
C LYS H 104 -11.61 20.78 30.82
N ILE H 105 -10.39 20.75 31.36
CA ILE H 105 -10.09 21.49 32.58
C ILE H 105 -9.72 22.91 32.23
N TYR H 106 -10.68 23.70 31.76
CA TYR H 106 -10.61 25.13 31.88
C TYR H 106 -11.53 25.59 33.00
N PHE H 107 -11.37 26.85 33.39
CA PHE H 107 -12.16 27.42 34.47
C PHE H 107 -13.09 28.45 33.85
N ASP H 108 -14.39 28.18 33.91
CA ASP H 108 -15.32 28.91 33.07
C ASP H 108 -15.92 30.12 33.79
N TYR H 109 -16.37 29.94 35.03
CA TYR H 109 -16.91 31.03 35.84
C TYR H 109 -15.99 31.34 37.00
N TRP H 110 -15.57 32.60 37.09
CA TRP H 110 -14.62 33.07 38.08
C TRP H 110 -15.30 33.99 39.08
N GLY H 111 -14.98 33.82 40.35
CA GLY H 111 -15.46 34.75 41.34
C GLY H 111 -14.82 36.11 41.18
N GLN H 112 -15.52 37.13 41.63
CA GLN H 112 -14.89 38.42 41.86
C GLN H 112 -13.85 38.29 42.95
N GLY H 113 -12.60 38.59 42.63
CA GLY H 113 -11.51 38.14 43.46
C GLY H 113 -11.50 38.79 44.83
N THR H 114 -10.92 38.09 45.79
CA THR H 114 -10.80 38.55 47.17
C THR H 114 -9.37 39.01 47.41
N LEU H 115 -9.23 40.22 47.94
CA LEU H 115 -7.93 40.84 48.12
C LEU H 115 -7.48 40.65 49.56
N VAL H 116 -6.35 39.96 49.73
CA VAL H 116 -5.79 39.69 51.04
C VAL H 116 -4.54 40.53 51.22
N THR H 117 -4.43 41.17 52.38
CA THR H 117 -3.29 42.01 52.72
C THR H 117 -2.76 41.58 54.07
N VAL H 118 -1.44 41.50 54.21
CA VAL H 118 -0.84 40.91 55.39
C VAL H 118 0.49 41.57 55.68
N SER H 119 0.52 42.37 56.74
CA SER H 119 1.67 43.21 57.05
C SER H 119 1.56 43.66 58.50
N SER H 120 2.68 44.16 59.01
CA SER H 120 2.68 44.81 60.33
C SER H 120 3.70 45.94 60.33
N ASP I 1 7.12 20.29 36.56
CA ASP I 1 6.01 21.17 36.09
C ASP I 1 6.27 21.61 34.66
N ILE I 2 5.20 21.71 33.86
CA ILE I 2 5.34 22.29 32.54
C ILE I 2 5.58 23.78 32.69
N GLN I 3 6.73 24.25 32.25
CA GLN I 3 6.93 25.68 32.08
C GLN I 3 6.21 26.16 30.83
N MET I 4 5.53 27.29 30.94
CA MET I 4 4.72 27.83 29.86
C MET I 4 5.33 29.17 29.46
N THR I 5 6.38 29.13 28.65
CA THR I 5 6.88 30.35 28.05
C THR I 5 5.84 30.92 27.12
N GLN I 6 5.72 32.24 27.10
CA GLN I 6 4.68 32.90 26.33
C GLN I 6 5.23 34.20 25.79
N SER I 7 4.97 34.46 24.51
CA SER I 7 5.69 35.47 23.76
C SER I 7 4.73 36.16 22.79
N PRO I 8 4.97 37.43 22.48
CA PRO I 8 5.91 38.33 23.16
C PRO I 8 5.40 38.80 24.51
N SER I 9 6.31 39.21 25.39
CA SER I 9 5.90 39.62 26.73
C SER I 9 4.87 40.75 26.69
N SER I 10 4.89 41.58 25.66
CA SER I 10 3.81 42.54 25.44
C SER I 10 3.64 42.81 23.96
N LEU I 11 2.44 43.22 23.59
CA LEU I 11 2.14 43.73 22.26
C LEU I 11 1.54 45.12 22.38
N SER I 12 1.70 45.90 21.32
CA SER I 12 0.77 46.98 21.02
C SER I 12 0.42 46.95 19.54
N ALA I 13 -0.83 47.27 19.23
CA ALA I 13 -1.32 47.17 17.87
C ALA I 13 -2.49 48.12 17.69
N SER I 14 -2.77 48.44 16.43
CA SER I 14 -3.93 49.24 16.07
C SER I 14 -5.19 48.39 16.07
N VAL I 15 -6.32 49.05 16.34
CA VAL I 15 -7.60 48.47 15.99
C VAL I 15 -7.56 47.96 14.57
N GLY I 16 -8.14 46.77 14.36
CA GLY I 16 -8.09 46.10 13.09
C GLY I 16 -6.89 45.20 12.89
N ASP I 17 -5.84 45.37 13.68
CA ASP I 17 -4.63 44.57 13.51
C ASP I 17 -4.87 43.12 13.88
N ARG I 18 -4.35 42.23 13.04
CA ARG I 18 -4.35 40.77 13.26
C ARG I 18 -3.22 40.35 14.20
N VAL I 19 -3.33 40.78 15.46
CA VAL I 19 -2.31 40.45 16.44
C VAL I 19 -2.26 38.94 16.66
N THR I 20 -1.10 38.45 17.09
CA THR I 20 -0.91 37.05 17.38
C THR I 20 -0.01 36.87 18.59
N ILE I 21 -0.35 35.91 19.44
CA ILE I 21 0.40 35.60 20.65
C ILE I 21 0.78 34.12 20.62
N THR I 22 1.95 33.81 21.16
CA THR I 22 2.47 32.46 21.15
C THR I 22 2.68 31.98 22.58
N CYS I 23 2.42 30.69 22.79
CA CYS I 23 2.73 29.99 24.04
C CYS I 23 3.47 28.73 23.66
N GLN I 24 4.51 28.39 24.40
CA GLN I 24 5.40 27.30 24.02
C GLN I 24 5.76 26.52 25.27
N ALA I 25 5.29 25.28 25.36
CA ALA I 25 5.49 24.45 26.52
C ALA I 25 6.90 23.92 26.57
N SER I 26 7.31 23.47 27.76
CA SER I 26 8.54 22.73 27.92
C SER I 26 8.41 21.25 27.59
N GLN I 27 7.21 20.75 27.35
CA GLN I 27 6.99 19.37 26.96
C GLN I 27 5.87 19.34 25.94
N GLY I 28 5.57 18.15 25.43
CA GLY I 28 4.32 17.96 24.73
C GLY I 28 3.15 17.99 25.68
N ILE I 29 2.15 18.81 25.35
CA ILE I 29 0.94 18.88 26.14
C ILE I 29 -0.24 18.58 25.22
N ASN I 30 0.00 17.77 24.20
CA ASN I 30 -1.06 17.42 23.26
C ASN I 30 -1.73 18.65 22.69
N TYR I 31 -3.03 18.82 22.95
CA TYR I 31 -3.72 20.05 22.62
C TYR I 31 -4.38 20.68 23.84
N TYR I 32 -3.94 20.30 25.03
CA TYR I 32 -4.55 20.72 26.28
C TYR I 32 -4.12 22.11 26.71
N LEU I 33 -4.27 23.11 25.84
CA LEU I 33 -3.93 24.49 26.18
C LEU I 33 -5.17 25.36 26.07
N ASN I 34 -5.45 26.10 27.14
CA ASN I 34 -6.48 27.13 27.17
C ASN I 34 -5.85 28.50 27.04
N TRP I 35 -6.67 29.48 26.64
CA TRP I 35 -6.27 30.88 26.63
C TRP I 35 -7.31 31.73 27.34
N TYR I 36 -6.83 32.64 28.19
CA TYR I 36 -7.68 33.52 28.96
C TYR I 36 -7.37 34.96 28.63
N GLN I 37 -8.40 35.80 28.66
CA GLN I 37 -8.24 37.24 28.71
C GLN I 37 -8.56 37.72 30.11
N GLN I 38 -7.67 38.53 30.68
CA GLN I 38 -7.97 39.31 31.87
C GLN I 38 -8.01 40.78 31.52
N LYS I 39 -9.15 41.40 31.72
CA LYS I 39 -9.21 42.85 31.64
C LYS I 39 -8.71 43.45 32.94
N PRO I 40 -8.14 44.66 32.89
CA PRO I 40 -7.59 45.25 34.12
C PRO I 40 -8.65 45.38 35.20
N GLY I 41 -8.34 44.85 36.39
CA GLY I 41 -9.27 44.87 37.49
C GLY I 41 -10.42 43.89 37.40
N LYS I 42 -10.35 42.91 36.50
CA LYS I 42 -11.36 41.89 36.36
C LYS I 42 -10.76 40.52 36.61
N ALA I 43 -11.61 39.58 37.01
CA ALA I 43 -11.20 38.18 36.98
C ALA I 43 -11.04 37.71 35.53
N PRO I 44 -10.12 36.80 35.27
CA PRO I 44 -9.92 36.30 33.91
C PRO I 44 -11.20 35.74 33.29
N LYS I 45 -11.15 35.62 31.98
CA LYS I 45 -12.28 35.20 31.15
C LYS I 45 -11.75 34.21 30.13
N VAL I 46 -12.40 33.05 30.00
CA VAL I 46 -11.95 32.05 29.04
C VAL I 46 -12.23 32.55 27.64
N LEU I 47 -11.26 32.37 26.74
CA LEU I 47 -11.49 32.61 25.32
C LEU I 47 -11.42 31.34 24.49
N ILE I 48 -10.38 30.55 24.68
CA ILE I 48 -10.15 29.34 23.92
C ILE I 48 -9.94 28.20 24.90
N TYR I 49 -10.38 27.01 24.51
CA TYR I 49 -9.99 25.80 25.20
C TYR I 49 -9.54 24.77 24.18
N ASP I 50 -8.83 23.76 24.67
CA ASP I 50 -8.35 22.68 23.82
C ASP I 50 -7.57 23.24 22.63
N ALA I 51 -6.73 24.23 22.92
CA ALA I 51 -5.90 24.87 21.92
C ALA I 51 -6.62 25.62 20.82
N SER I 52 -7.90 25.32 20.56
CA SER I 52 -8.47 25.82 19.33
C SER I 52 -9.97 26.11 19.38
N ASP I 53 -10.66 25.75 20.46
CA ASP I 53 -12.11 25.73 20.45
C ASP I 53 -12.65 26.93 21.21
N LEU I 54 -13.54 27.68 20.56
CA LEU I 54 -14.10 28.87 21.17
C LEU I 54 -15.06 28.51 22.29
N GLU I 55 -14.88 29.13 23.45
CA GLU I 55 -15.92 29.11 24.45
C GLU I 55 -17.16 29.83 23.94
N THR I 56 -18.32 29.41 24.43
CA THR I 56 -19.58 30.00 24.02
C THR I 56 -19.63 31.49 24.34
N GLY I 57 -20.11 32.28 23.39
CA GLY I 57 -20.18 33.71 23.55
C GLY I 57 -18.88 34.46 23.39
N VAL I 58 -17.77 33.79 23.11
CA VAL I 58 -16.55 34.48 22.73
C VAL I 58 -16.70 34.99 21.29
N PRO I 59 -16.37 36.24 21.01
CA PRO I 59 -16.50 36.75 19.63
C PRO I 59 -15.63 35.95 18.67
N SER I 60 -16.20 35.61 17.52
CA SER I 60 -15.54 34.73 16.57
C SER I 60 -14.31 35.35 15.92
N ARG I 61 -13.95 36.59 16.28
CA ARG I 61 -12.65 37.09 15.86
C ARG I 61 -11.51 36.38 16.57
N PHE I 62 -11.73 35.93 17.81
CA PHE I 62 -10.69 35.18 18.51
C PHE I 62 -10.52 33.81 17.89
N SER I 63 -9.29 33.31 17.95
CA SER I 63 -8.94 32.05 17.30
C SER I 63 -7.62 31.58 17.87
N GLY I 64 -7.32 30.31 17.63
CA GLY I 64 -6.01 29.79 17.98
C GLY I 64 -5.82 28.42 17.39
N GLY I 65 -4.60 27.93 17.50
CA GLY I 65 -4.27 26.63 16.98
C GLY I 65 -2.91 26.18 17.43
N GLY I 66 -2.39 25.19 16.74
CA GLY I 66 -1.18 24.51 17.16
C GLY I 66 -1.45 23.38 18.13
N SER I 67 -0.43 22.55 18.32
CA SER I 67 -0.53 21.37 19.14
C SER I 67 0.87 20.88 19.46
N GLY I 68 0.95 19.97 20.42
CA GLY I 68 2.23 19.51 20.90
C GLY I 68 2.92 20.49 21.81
N THR I 69 3.79 21.35 21.26
CA THR I 69 4.62 22.18 22.11
C THR I 69 4.50 23.66 21.78
N HIS I 70 4.17 23.99 20.55
CA HIS I 70 3.98 25.39 20.15
C HIS I 70 2.51 25.65 19.84
N PHE I 71 1.98 26.70 20.45
CA PHE I 71 0.59 27.08 20.30
C PHE I 71 0.55 28.56 19.95
N THR I 72 -0.49 28.95 19.21
CA THR I 72 -0.63 30.34 18.83
C THR I 72 -2.07 30.78 19.03
N PHE I 73 -2.22 32.05 19.34
CA PHE I 73 -3.51 32.67 19.54
C PHE I 73 -3.53 33.94 18.72
N THR I 74 -4.63 34.20 18.03
CA THR I 74 -4.72 35.36 17.17
C THR I 74 -6.06 36.05 17.37
N ILE I 75 -6.02 37.37 17.49
CA ILE I 75 -7.22 38.20 17.44
C ILE I 75 -7.27 38.74 16.02
N SER I 76 -8.12 38.13 15.19
CA SER I 76 -8.06 38.37 13.76
C SER I 76 -8.43 39.79 13.37
N SER I 77 -9.05 40.55 14.27
CA SER I 77 -9.03 42.01 14.18
C SER I 77 -9.21 42.58 15.57
N LEU I 78 -8.16 43.23 16.09
CA LEU I 78 -8.22 43.77 17.43
C LEU I 78 -9.35 44.79 17.55
N GLN I 79 -10.13 44.68 18.62
CA GLN I 79 -11.11 45.69 18.97
C GLN I 79 -10.74 46.30 20.31
N THR I 80 -11.23 47.51 20.56
CA THR I 80 -10.77 48.27 21.71
C THR I 80 -11.03 47.56 23.04
N GLU I 81 -12.01 46.66 23.10
CA GLU I 81 -12.25 45.89 24.31
C GLU I 81 -11.29 44.73 24.50
N ASP I 82 -10.53 44.37 23.47
CA ASP I 82 -9.59 43.26 23.57
C ASP I 82 -8.31 43.63 24.31
N ILE I 83 -8.12 44.92 24.59
CA ILE I 83 -7.00 45.36 25.40
C ILE I 83 -7.06 44.72 26.78
N GLY I 84 -5.97 44.05 27.15
CA GLY I 84 -5.96 43.21 28.34
C GLY I 84 -4.75 42.30 28.30
N THR I 85 -4.69 41.41 29.29
CA THR I 85 -3.59 40.46 29.43
C THR I 85 -4.05 39.05 29.13
N TYR I 86 -3.32 38.38 28.24
CA TYR I 86 -3.70 37.03 27.81
C TYR I 86 -2.76 36.02 28.45
N TYR I 87 -3.34 34.97 29.03
CA TYR I 87 -2.60 33.91 29.67
C TYR I 87 -2.94 32.59 29.00
N CYS I 88 -1.93 31.84 28.59
CA CYS I 88 -2.17 30.43 28.31
C CYS I 88 -2.18 29.64 29.60
N GLN I 89 -2.72 28.42 29.52
CA GLN I 89 -2.73 27.52 30.66
C GLN I 89 -2.80 26.09 30.20
N GLN I 90 -1.75 25.32 30.45
CA GLN I 90 -1.82 23.89 30.18
C GLN I 90 -2.64 23.22 31.26
N TYR I 91 -3.28 22.13 30.88
CA TYR I 91 -3.89 21.19 31.82
C TYR I 91 -3.45 19.76 31.57
N ASP I 92 -2.42 19.56 30.76
CA ASP I 92 -1.90 18.22 30.50
C ASP I 92 -1.47 17.51 31.78
N ASN I 93 -0.82 18.19 32.72
CA ASN I 93 -0.61 17.54 34.01
C ASN I 93 -0.54 18.53 35.15
N LEU I 94 -0.91 18.03 36.33
CA LEU I 94 -0.90 18.81 37.55
C LEU I 94 0.52 19.23 37.90
N PRO I 95 0.72 20.46 38.40
CA PRO I 95 -0.18 21.60 38.51
C PRO I 95 -0.47 22.29 37.18
N PHE I 96 -1.65 22.86 37.04
CA PHE I 96 -2.06 23.54 35.81
C PHE I 96 -1.37 24.90 35.72
N THR I 97 -0.15 24.89 35.21
CA THR I 97 0.63 26.12 35.11
C THR I 97 0.03 27.08 34.10
N PHE I 98 -0.16 28.34 34.51
CA PHE I 98 -0.47 29.41 33.57
C PHE I 98 0.81 29.94 32.93
N GLY I 99 0.67 30.49 31.74
CA GLY I 99 1.77 31.17 31.10
C GLY I 99 2.19 32.44 31.81
N GLN I 100 3.23 33.07 31.27
CA GLN I 100 3.75 34.29 31.85
C GLN I 100 2.75 35.42 31.81
N GLY I 101 1.81 35.37 30.86
CA GLY I 101 0.85 36.43 30.71
C GLY I 101 1.40 37.59 29.92
N THR I 102 0.81 37.87 28.76
CA THR I 102 1.28 38.89 27.85
C THR I 102 0.24 39.98 27.76
N ARG I 103 0.60 41.18 28.20
CA ARG I 103 -0.29 42.32 28.05
C ARG I 103 -0.31 42.78 26.60
N LEU I 104 -1.46 43.30 26.19
CA LEU I 104 -1.69 43.74 24.82
C LEU I 104 -2.37 45.10 24.87
N GLU I 105 -1.84 46.04 24.10
CA GLU I 105 -1.95 47.46 24.45
C GLU I 105 -2.29 48.34 23.25
N GLU J 1 4.09 46.52 -26.01
CA GLU J 1 5.04 46.48 -24.86
C GLU J 1 4.32 46.18 -23.56
N VAL J 2 4.99 45.47 -22.67
CA VAL J 2 4.49 45.28 -21.31
C VAL J 2 4.56 46.62 -20.60
N GLN J 3 3.40 47.21 -20.30
CA GLN J 3 3.36 48.53 -19.69
C GLN J 3 2.31 48.56 -18.60
N LEU J 4 2.68 49.17 -17.48
CA LEU J 4 1.74 49.63 -16.47
C LEU J 4 1.65 51.14 -16.53
N VAL J 5 0.45 51.70 -16.38
CA VAL J 5 0.27 53.14 -16.45
C VAL J 5 -0.65 53.57 -15.32
N GLU J 6 -0.08 54.18 -14.29
CA GLU J 6 -0.84 54.70 -13.16
C GLU J 6 -1.51 56.03 -13.50
N SER J 7 -2.59 56.33 -12.80
CA SER J 7 -3.41 57.50 -13.05
C SER J 7 -4.23 57.78 -11.80
N GLY J 8 -4.81 58.98 -11.75
CA GLY J 8 -5.65 59.36 -10.64
C GLY J 8 -4.90 60.04 -9.50
N GLY J 9 -3.58 60.06 -9.55
CA GLY J 9 -2.82 60.79 -8.54
C GLY J 9 -2.95 62.29 -8.69
N GLY J 10 -3.00 62.98 -7.56
CA GLY J 10 -3.18 64.41 -7.57
C GLY J 10 -3.09 64.98 -6.17
N LEU J 11 -3.68 66.16 -5.98
CA LEU J 11 -3.63 66.87 -4.71
C LEU J 11 -4.88 66.61 -3.89
N VAL J 12 -4.69 66.27 -2.62
CA VAL J 12 -5.79 65.98 -1.71
C VAL J 12 -5.52 66.67 -0.37
N LYS J 13 -6.54 67.29 0.19
CA LYS J 13 -6.40 67.85 1.52
C LYS J 13 -6.40 66.73 2.56
N PRO J 14 -5.62 66.87 3.63
CA PRO J 14 -5.54 65.79 4.61
C PRO J 14 -6.92 65.37 5.09
N GLY J 15 -7.07 64.06 5.32
CA GLY J 15 -8.37 63.49 5.59
C GLY J 15 -9.20 63.20 4.38
N GLY J 16 -8.79 63.64 3.20
CA GLY J 16 -9.51 63.37 1.97
C GLY J 16 -9.30 61.93 1.51
N SER J 17 -9.81 61.66 0.32
CA SER J 17 -9.74 60.33 -0.27
C SER J 17 -9.25 60.44 -1.69
N LEU J 18 -8.68 59.33 -2.18
CA LEU J 18 -8.19 59.27 -3.55
C LEU J 18 -8.28 57.83 -4.01
N ARG J 19 -8.34 57.64 -5.32
CA ARG J 19 -8.39 56.30 -5.89
C ARG J 19 -7.40 56.18 -7.04
N LEU J 20 -6.24 55.59 -6.75
CA LEU J 20 -5.23 55.39 -7.79
C LEU J 20 -5.67 54.26 -8.69
N SER J 21 -5.39 54.39 -9.98
CA SER J 21 -5.71 53.35 -10.94
C SER J 21 -4.49 53.07 -11.81
N CYS J 22 -4.18 51.79 -11.96
CA CYS J 22 -3.01 51.33 -12.73
C CYS J 22 -3.53 50.44 -13.83
N ALA J 23 -3.73 51.00 -15.02
CA ALA J 23 -4.05 50.19 -16.19
C ALA J 23 -2.86 49.35 -16.59
N ALA J 24 -3.12 48.10 -16.93
CA ALA J 24 -2.09 47.16 -17.34
C ALA J 24 -2.38 46.66 -18.75
N SER J 25 -1.33 46.47 -19.54
CA SER J 25 -1.50 46.15 -20.95
C SER J 25 -0.27 45.40 -21.45
N GLY J 26 -0.48 44.59 -22.48
CA GLY J 26 0.58 43.82 -23.09
C GLY J 26 0.97 42.54 -22.39
N PHE J 27 0.28 42.16 -21.32
CA PHE J 27 0.59 40.92 -20.63
C PHE J 27 -0.69 40.33 -20.06
N THR J 28 -0.63 39.03 -19.75
CA THR J 28 -1.77 38.28 -19.24
C THR J 28 -2.07 38.65 -17.80
N PHE J 29 -2.66 39.83 -17.62
CA PHE J 29 -2.75 40.46 -16.31
C PHE J 29 -3.33 39.54 -15.25
N SER J 30 -4.31 38.72 -15.62
CA SER J 30 -4.88 37.79 -14.65
C SER J 30 -3.92 36.72 -14.15
N SER J 31 -2.73 36.58 -14.73
CA SER J 31 -1.77 35.61 -14.23
C SER J 31 -0.93 36.10 -13.07
N TYR J 32 -0.83 37.40 -12.85
CA TYR J 32 0.22 37.97 -12.02
C TYR J 32 -0.36 38.61 -10.77
N SER J 33 0.34 38.43 -9.66
CA SER J 33 0.11 39.29 -8.52
C SER J 33 0.53 40.70 -8.87
N MET J 34 -0.14 41.67 -8.25
CA MET J 34 0.09 43.07 -8.54
C MET J 34 0.29 43.78 -7.22
N ASN J 35 1.10 44.84 -7.23
CA ASN J 35 1.52 45.49 -6.01
C ASN J 35 1.47 46.98 -6.19
N TRP J 36 1.32 47.69 -5.09
CA TRP J 36 1.59 49.12 -5.03
C TRP J 36 2.77 49.39 -4.12
N VAL J 37 3.68 50.21 -4.62
CA VAL J 37 4.88 50.63 -3.92
C VAL J 37 4.93 52.13 -4.05
N ARG J 38 5.45 52.80 -3.02
CA ARG J 38 5.48 54.25 -3.03
C ARG J 38 6.83 54.74 -2.59
N GLN J 39 7.09 56.02 -2.87
CA GLN J 39 8.34 56.65 -2.53
C GLN J 39 8.07 58.08 -2.11
N ALA J 40 8.18 58.37 -0.82
CA ALA J 40 8.11 59.75 -0.40
C ALA J 40 9.24 60.52 -1.05
N PRO J 41 9.05 61.79 -1.38
CA PRO J 41 10.04 62.49 -2.20
C PRO J 41 11.43 62.42 -1.59
N GLY J 42 12.38 61.87 -2.36
CA GLY J 42 13.75 61.71 -1.92
C GLY J 42 13.98 60.63 -0.89
N LYS J 43 12.93 59.96 -0.41
CA LYS J 43 13.09 58.87 0.54
C LYS J 43 13.21 57.55 -0.20
N GLY J 44 13.36 56.47 0.57
CA GLY J 44 13.40 55.14 -0.01
C GLY J 44 12.05 54.65 -0.44
N LEU J 45 12.05 53.50 -1.10
CA LEU J 45 10.81 52.84 -1.46
C LEU J 45 10.12 52.28 -0.23
N GLU J 46 8.80 52.37 -0.21
CA GLU J 46 7.97 51.72 0.79
C GLU J 46 6.96 50.85 0.06
N TRP J 47 6.91 49.57 0.40
CA TRP J 47 5.83 48.73 -0.09
C TRP J 47 4.54 49.12 0.61
N VAL J 48 3.44 49.17 -0.16
CA VAL J 48 2.14 49.64 0.34
C VAL J 48 1.14 48.50 0.47
N SER J 49 0.91 47.75 -0.61
CA SER J 49 -0.11 46.71 -0.58
C SER J 49 0.11 45.78 -1.77
N SER J 50 -0.55 44.62 -1.69
CA SER J 50 -0.43 43.60 -2.70
C SER J 50 -1.76 42.87 -2.84
N ILE J 51 -2.00 42.32 -4.03
CA ILE J 51 -3.20 41.55 -4.32
C ILE J 51 -2.81 40.32 -5.12
N SER J 52 -3.39 39.18 -4.76
CA SER J 52 -3.10 37.95 -5.46
C SER J 52 -3.74 37.92 -6.85
N ALA J 53 -3.35 36.92 -7.62
CA ALA J 53 -3.64 36.92 -9.05
C ALA J 53 -5.12 36.94 -9.36
N SER J 54 -5.94 36.24 -8.58
CA SER J 54 -7.39 36.32 -8.72
C SER J 54 -8.05 37.13 -7.63
N SER J 55 -7.29 37.88 -6.83
CA SER J 55 -7.78 38.68 -5.71
C SER J 55 -8.10 37.90 -4.46
N SER J 56 -7.78 36.61 -4.38
CA SER J 56 -8.16 35.83 -3.21
C SER J 56 -7.41 36.28 -1.96
N TYR J 57 -6.26 36.94 -2.11
CA TYR J 57 -5.47 37.39 -0.97
C TYR J 57 -5.04 38.84 -1.17
N SER J 58 -5.12 39.63 -0.10
CA SER J 58 -4.71 41.02 -0.11
C SER J 58 -3.88 41.31 1.11
N ASP J 59 -2.79 42.05 0.93
CA ASP J 59 -1.85 42.38 2.00
C ASP J 59 -1.63 43.88 2.03
N TYR J 60 -1.40 44.40 3.23
CA TYR J 60 -1.18 45.83 3.39
C TYR J 60 -0.05 46.07 4.37
N ALA J 61 0.73 47.11 4.12
CA ALA J 61 1.67 47.60 5.12
C ALA J 61 0.90 48.19 6.30
N ASP J 62 1.55 48.24 7.45
CA ASP J 62 0.90 48.74 8.64
C ASP J 62 0.41 50.18 8.47
N SER J 63 1.09 50.97 7.66
CA SER J 63 0.60 52.30 7.33
C SER J 63 -0.69 52.25 6.51
N ALA J 64 -0.85 51.21 5.69
CA ALA J 64 -1.98 51.12 4.77
C ALA J 64 -3.16 50.36 5.33
N LYS J 65 -2.96 49.48 6.30
CA LYS J 65 -4.06 48.70 6.84
C LYS J 65 -5.24 49.58 7.20
N GLY J 66 -6.42 49.17 6.73
CA GLY J 66 -7.65 49.88 7.01
C GLY J 66 -7.84 51.19 6.29
N ARG J 67 -6.76 51.94 6.06
CA ARG J 67 -6.89 53.20 5.33
C ARG J 67 -7.05 52.98 3.83
N PHE J 68 -6.30 52.04 3.26
CA PHE J 68 -6.37 51.73 1.84
C PHE J 68 -7.19 50.48 1.56
N THR J 69 -7.45 50.26 0.29
CA THR J 69 -8.09 49.03 -0.17
C THR J 69 -7.62 48.79 -1.61
N ILE J 70 -6.83 47.77 -1.79
CA ILE J 70 -6.38 47.35 -3.12
C ILE J 70 -7.41 46.45 -3.76
N SER J 71 -7.61 46.60 -5.07
CA SER J 71 -8.50 45.72 -5.80
C SER J 71 -8.07 45.70 -7.25
N ARG J 72 -8.52 44.68 -7.97
CA ARG J 72 -8.17 44.51 -9.38
C ARG J 72 -9.40 44.08 -10.15
N ASP J 73 -9.55 44.60 -11.35
CA ASP J 73 -10.52 44.11 -12.32
C ASP J 73 -9.78 43.33 -13.39
N ASN J 74 -9.73 42.01 -13.23
CA ASN J 74 -9.00 41.17 -14.17
C ASN J 74 -9.60 41.22 -15.57
N ALA J 75 -10.88 41.55 -15.67
CA ALA J 75 -11.51 41.69 -16.99
C ALA J 75 -11.12 42.99 -17.68
N LYS J 76 -11.07 44.09 -16.93
CA LYS J 76 -10.58 45.35 -17.46
C LYS J 76 -9.08 45.49 -17.41
N THR J 77 -8.37 44.47 -16.93
CA THR J 77 -6.92 44.54 -16.74
C THR J 77 -6.53 45.87 -16.10
N SER J 78 -7.13 46.14 -14.94
CA SER J 78 -6.87 47.36 -14.20
C SER J 78 -6.68 47.03 -12.73
N LEU J 79 -5.71 47.70 -12.11
CA LEU J 79 -5.44 47.58 -10.69
C LEU J 79 -5.81 48.90 -10.02
N PHE J 80 -6.51 48.83 -8.90
CA PHE J 80 -6.97 50.03 -8.21
C PHE J 80 -6.44 50.05 -6.78
N LEU J 81 -6.24 51.25 -6.26
CA LEU J 81 -6.03 51.47 -4.83
C LEU J 81 -6.95 52.58 -4.37
N GLN J 82 -8.01 52.21 -3.66
CA GLN J 82 -8.76 53.19 -2.90
C GLN J 82 -7.93 53.65 -1.70
N MET J 83 -7.93 54.94 -1.44
CA MET J 83 -7.21 55.50 -0.30
C MET J 83 -8.14 56.43 0.48
N ASN J 84 -8.08 56.33 1.80
CA ASN J 84 -8.91 57.14 2.68
C ASN J 84 -8.06 57.67 3.82
N SER J 85 -8.57 58.72 4.48
CA SER J 85 -7.89 59.30 5.63
C SER J 85 -6.45 59.65 5.32
N LEU J 86 -6.23 60.23 4.14
CA LEU J 86 -4.86 60.49 3.69
C LEU J 86 -4.17 61.48 4.60
N ARG J 87 -3.05 61.05 5.19
CA ARG J 87 -2.24 61.91 6.03
C ARG J 87 -1.21 62.65 5.18
N ALA J 88 -0.68 63.73 5.74
CA ALA J 88 0.39 64.46 5.05
C ALA J 88 1.59 63.55 4.76
N GLU J 89 1.88 62.62 5.65
CA GLU J 89 2.94 61.64 5.45
C GLU J 89 2.68 60.66 4.32
N ASP J 90 1.46 60.60 3.77
CA ASP J 90 1.20 59.82 2.58
C ASP J 90 1.57 60.50 1.27
N THR J 91 2.09 61.72 1.30
CA THR J 91 2.61 62.36 0.10
C THR J 91 3.77 61.57 -0.49
N ALA J 92 3.59 61.00 -1.67
CA ALA J 92 4.59 60.13 -2.27
C ALA J 92 4.24 59.91 -3.73
N ILE J 93 5.24 59.48 -4.49
CA ILE J 93 4.98 58.81 -5.76
C ILE J 93 4.55 57.38 -5.49
N TYR J 94 3.44 56.97 -6.10
CA TYR J 94 2.97 55.59 -6.01
C TYR J 94 3.21 54.88 -7.34
N PHE J 95 3.96 53.79 -7.28
CA PHE J 95 4.17 52.91 -8.42
C PHE J 95 3.31 51.69 -8.23
N CYS J 96 2.63 51.25 -9.29
CA CYS J 96 2.22 49.86 -9.33
C CYS J 96 3.36 49.04 -9.92
N ALA J 97 3.45 47.79 -9.49
CA ALA J 97 4.46 46.88 -9.99
C ALA J 97 3.86 45.52 -10.23
N ARG J 98 4.15 44.91 -11.36
CA ARG J 98 3.93 43.49 -11.50
C ARG J 98 4.86 42.79 -10.53
N ALA J 99 4.35 41.81 -9.79
CA ALA J 99 5.15 41.08 -8.83
C ALA J 99 5.18 39.61 -9.22
N ARG J 100 6.31 38.98 -8.98
CA ARG J 100 6.58 37.66 -9.49
C ARG J 100 7.40 36.91 -8.46
N ALA J 101 7.32 35.59 -8.48
CA ALA J 101 8.13 34.81 -7.55
C ALA J 101 8.51 33.49 -8.19
N THR J 102 9.66 32.97 -7.78
CA THR J 102 10.01 31.58 -7.97
C THR J 102 9.99 30.87 -6.63
N GLY J 103 9.25 29.77 -6.56
CA GLY J 103 9.03 29.10 -5.30
C GLY J 103 10.14 28.19 -4.85
N TYR J 104 11.29 28.21 -5.51
CA TYR J 104 12.25 27.12 -5.34
C TYR J 104 12.84 27.10 -3.94
N SER J 105 13.42 28.20 -3.51
CA SER J 105 14.03 28.30 -2.19
C SER J 105 13.05 28.82 -1.16
N SER J 106 12.32 29.87 -1.52
CA SER J 106 11.36 30.53 -0.66
C SER J 106 10.42 31.31 -1.57
N ILE J 107 9.31 31.74 -1.00
CA ILE J 107 8.39 32.62 -1.72
C ILE J 107 8.61 34.03 -1.16
N THR J 108 9.56 34.74 -1.76
CA THR J 108 9.62 36.18 -1.67
C THR J 108 9.36 36.74 -3.06
N PRO J 109 8.34 37.58 -3.25
CA PRO J 109 8.11 38.15 -4.56
C PRO J 109 9.06 39.28 -4.89
N TYR J 110 9.25 39.49 -6.19
CA TYR J 110 10.02 40.61 -6.69
C TYR J 110 9.26 41.29 -7.81
N PHE J 111 9.61 42.54 -8.04
CA PHE J 111 8.80 43.46 -8.82
C PHE J 111 9.45 43.69 -10.18
N ASP J 112 9.12 42.83 -11.14
CA ASP J 112 9.87 42.81 -12.38
C ASP J 112 9.52 43.98 -13.30
N ILE J 113 8.24 44.28 -13.48
CA ILE J 113 7.79 45.43 -14.26
C ILE J 113 7.17 46.45 -13.32
N TRP J 114 7.59 47.72 -13.48
CA TRP J 114 7.07 48.84 -12.73
C TRP J 114 6.41 49.84 -13.67
N GLY J 115 5.32 50.44 -13.23
CA GLY J 115 4.83 51.63 -13.88
C GLY J 115 5.63 52.86 -13.51
N GLN J 116 5.45 53.92 -14.31
CA GLN J 116 6.21 55.15 -14.07
C GLN J 116 5.70 55.92 -12.87
N GLY J 117 4.61 55.50 -12.26
CA GLY J 117 4.20 56.04 -10.99
C GLY J 117 3.43 57.34 -11.10
N THR J 118 2.52 57.57 -10.16
CA THR J 118 1.67 58.75 -10.15
C THR J 118 1.94 59.52 -8.87
N LEU J 119 2.20 60.82 -8.99
CA LEU J 119 2.50 61.64 -7.83
C LEU J 119 1.20 61.93 -7.09
N VAL J 120 1.17 61.61 -5.79
CA VAL J 120 0.07 61.96 -4.90
C VAL J 120 0.58 63.00 -3.92
N THR J 121 -0.08 64.14 -3.85
CA THR J 121 0.23 65.20 -2.91
C THR J 121 -0.90 65.32 -1.90
N VAL J 122 -0.56 65.23 -0.62
CA VAL J 122 -1.52 65.34 0.46
C VAL J 122 -1.17 66.57 1.28
N SER J 123 -1.79 67.71 0.97
CA SER J 123 -1.46 68.95 1.65
C SER J 123 -2.58 69.95 1.44
N SER J 124 -2.57 70.99 2.26
CA SER J 124 -3.41 72.16 2.03
C SER J 124 -2.88 73.01 0.89
N VAL K 3 14.06 46.21 10.17
CA VAL K 3 14.29 47.11 9.01
C VAL K 3 15.57 46.71 8.29
N VAL K 4 15.41 46.18 7.08
CA VAL K 4 16.55 45.92 6.22
C VAL K 4 17.29 47.23 5.96
N THR K 5 18.61 47.22 6.19
CA THR K 5 19.39 48.43 6.32
C THR K 5 20.56 48.41 5.34
N GLN K 6 20.90 49.57 4.79
CA GLN K 6 22.01 49.73 3.89
C GLN K 6 22.81 50.96 4.29
N PRO K 7 24.09 51.03 3.92
CA PRO K 7 24.84 52.27 4.09
C PRO K 7 24.22 53.40 3.28
N PRO K 8 24.21 54.62 3.82
CA PRO K 8 23.53 55.71 3.10
C PRO K 8 24.12 56.03 1.74
N SER K 9 25.44 55.94 1.59
CA SER K 9 26.05 56.15 0.29
C SER K 9 27.36 55.38 0.19
N VAL K 10 27.77 55.13 -1.05
CA VAL K 10 29.10 54.62 -1.37
C VAL K 10 29.58 55.36 -2.60
N SER K 11 30.89 55.34 -2.82
CA SER K 11 31.45 56.04 -3.95
C SER K 11 32.75 55.38 -4.39
N GLY K 12 33.14 55.67 -5.62
CA GLY K 12 34.39 55.18 -6.15
C GLY K 12 34.68 55.83 -7.50
N ALA K 13 35.94 55.74 -7.90
CA ALA K 13 36.32 56.18 -9.23
C ALA K 13 35.85 55.19 -10.29
N PRO K 14 35.69 55.65 -11.54
CA PRO K 14 35.35 54.72 -12.62
C PRO K 14 36.32 53.55 -12.69
N GLY K 15 35.78 52.36 -12.90
CA GLY K 15 36.56 51.15 -12.91
C GLY K 15 36.83 50.56 -11.54
N GLN K 16 36.51 51.26 -10.47
CA GLN K 16 36.58 50.65 -9.15
C GLN K 16 35.52 49.55 -9.01
N ARG K 17 35.68 48.74 -7.98
CA ARG K 17 34.60 47.96 -7.42
C ARG K 17 34.06 48.68 -6.19
N VAL K 18 32.75 48.82 -6.11
CA VAL K 18 32.06 49.26 -4.90
C VAL K 18 31.05 48.21 -4.50
N THR K 19 30.89 48.02 -3.19
CA THR K 19 30.06 46.95 -2.66
C THR K 19 29.02 47.53 -1.73
N ILE K 20 27.76 47.21 -1.99
CA ILE K 20 26.63 47.72 -1.22
C ILE K 20 26.14 46.57 -0.36
N SER K 21 26.14 46.76 0.95
CA SER K 21 25.58 45.76 1.84
C SER K 21 24.11 46.00 2.09
N CYS K 22 23.42 44.94 2.50
CA CYS K 22 22.00 44.97 2.83
C CYS K 22 21.84 44.04 4.04
N THR K 23 21.90 44.62 5.23
CA THR K 23 21.88 43.84 6.47
C THR K 23 20.44 43.71 6.96
N GLY K 24 19.93 42.47 6.93
CA GLY K 24 18.64 42.15 7.50
C GLY K 24 18.75 41.38 8.78
N SER K 25 17.64 40.76 9.18
CA SER K 25 17.52 40.17 10.50
C SER K 25 16.80 38.83 10.39
N SER K 26 16.74 38.13 11.53
CA SER K 26 16.07 36.84 11.64
C SER K 26 14.59 36.86 11.29
N SER K 27 13.99 38.03 11.08
CA SER K 27 12.63 38.08 10.58
C SER K 27 12.51 38.18 9.07
N ASN K 28 13.61 38.46 8.36
CA ASN K 28 13.55 38.61 6.91
C ASN K 28 14.65 37.81 6.23
N ILE K 29 15.77 38.46 5.90
CA ILE K 29 16.85 37.77 5.20
C ILE K 29 17.33 36.57 6.01
N GLY K 30 17.37 36.71 7.34
CA GLY K 30 17.73 35.58 8.17
C GLY K 30 16.62 34.56 8.35
N ALA K 31 15.39 34.91 8.02
CA ALA K 31 14.28 33.96 8.11
C ALA K 31 14.30 32.95 6.98
N GLY K 32 15.06 33.20 5.92
CA GLY K 32 15.12 32.33 4.76
C GLY K 32 14.66 32.98 3.49
N TYR K 33 13.98 34.12 3.58
CA TYR K 33 13.63 34.85 2.38
C TYR K 33 14.88 35.28 1.62
N ASP K 34 14.79 35.22 0.30
CA ASP K 34 15.87 35.69 -0.55
C ASP K 34 15.91 37.20 -0.58
N VAL K 35 16.87 37.74 -1.32
CA VAL K 35 17.06 39.18 -1.45
C VAL K 35 17.03 39.56 -2.91
N HIS K 36 16.44 40.70 -3.21
CA HIS K 36 16.36 41.26 -4.55
C HIS K 36 16.97 42.64 -4.49
N TRP K 37 17.48 43.10 -5.62
CA TRP K 37 18.08 44.44 -5.68
C TRP K 37 17.47 45.20 -6.82
N TYR K 38 17.20 46.48 -6.59
CA TYR K 38 16.69 47.36 -7.62
C TYR K 38 17.61 48.55 -7.80
N GLN K 39 17.85 48.91 -9.04
CA GLN K 39 18.41 50.21 -9.37
C GLN K 39 17.27 51.21 -9.47
N GLN K 40 17.56 52.47 -9.17
CA GLN K 40 16.67 53.56 -9.56
C GLN K 40 17.49 54.75 -9.99
N LEU K 41 17.54 55.00 -11.30
CA LEU K 41 18.12 56.22 -11.79
C LEU K 41 17.20 57.39 -11.49
N PRO K 42 17.75 58.60 -11.31
CA PRO K 42 16.93 59.73 -10.87
C PRO K 42 15.75 59.97 -11.80
N GLY K 43 14.58 60.18 -11.20
CA GLY K 43 13.39 60.51 -11.98
C GLY K 43 12.82 59.36 -12.79
N THR K 44 13.03 58.13 -12.37
CA THR K 44 12.49 56.97 -13.07
C THR K 44 11.97 55.98 -12.04
N ALA K 45 11.10 55.09 -12.48
CA ALA K 45 10.73 53.96 -11.64
C ALA K 45 11.92 53.02 -11.48
N PRO K 46 11.96 52.26 -10.39
CA PRO K 46 13.06 51.33 -10.19
C PRO K 46 13.18 50.34 -11.33
N LYS K 47 14.34 49.71 -11.38
CA LYS K 47 14.63 48.65 -12.33
C LYS K 47 15.20 47.48 -11.54
N LEU K 48 14.70 46.29 -11.81
CA LEU K 48 15.23 45.10 -11.16
C LEU K 48 16.65 44.85 -11.65
N LEU K 49 17.61 44.82 -10.74
CA LEU K 49 18.97 44.40 -11.07
C LEU K 49 19.19 42.92 -10.84
N ILE K 50 18.70 42.41 -9.72
CA ILE K 50 19.01 41.07 -9.28
C ILE K 50 17.76 40.51 -8.66
N TYR K 51 17.53 39.22 -8.82
CA TYR K 51 16.50 38.53 -8.07
C TYR K 51 17.07 37.23 -7.52
N ASP K 52 16.42 36.73 -6.48
CA ASP K 52 16.81 35.50 -5.81
C ASP K 52 18.31 35.50 -5.51
N ASN K 53 18.71 36.54 -4.77
CA ASN K 53 20.09 36.76 -4.33
C ASN K 53 21.09 37.12 -5.41
N ASN K 54 21.07 36.44 -6.56
CA ASN K 54 22.19 36.61 -7.48
C ASN K 54 21.84 36.38 -8.94
N ASN K 55 20.63 35.94 -9.23
CA ASN K 55 20.21 35.79 -10.60
C ASN K 55 19.98 37.15 -11.20
N ARG K 56 20.42 37.33 -12.44
CA ARG K 56 20.40 38.63 -13.07
C ARG K 56 19.44 38.62 -14.26
N PRO K 57 18.55 39.59 -14.38
CA PRO K 57 17.66 39.62 -15.54
C PRO K 57 18.44 39.74 -16.84
N SER K 58 17.77 39.39 -17.92
CA SER K 58 18.25 39.72 -19.24
C SER K 58 18.32 41.24 -19.41
N GLY K 59 19.41 41.71 -20.00
CA GLY K 59 19.58 43.13 -20.21
C GLY K 59 20.18 43.91 -19.07
N VAL K 60 20.69 43.25 -18.04
CA VAL K 60 21.47 43.88 -16.99
C VAL K 60 22.94 43.55 -17.23
N PRO K 61 23.83 44.54 -17.20
CA PRO K 61 25.25 44.25 -17.46
C PRO K 61 25.80 43.22 -16.50
N ASP K 62 26.67 42.36 -17.05
CA ASP K 62 27.26 41.26 -16.29
C ASP K 62 28.16 41.74 -15.17
N ARG K 63 28.50 43.03 -15.12
CA ARG K 63 29.33 43.59 -14.07
C ARG K 63 28.58 43.85 -12.77
N PHE K 64 27.26 43.88 -12.79
CA PHE K 64 26.51 43.77 -11.55
C PHE K 64 26.51 42.34 -11.06
N SER K 65 26.85 42.14 -9.79
CA SER K 65 26.90 40.81 -9.22
C SER K 65 26.55 40.92 -7.75
N ALA K 66 25.97 39.86 -7.21
CA ALA K 66 25.39 39.93 -5.88
C ALA K 66 25.48 38.56 -5.22
N SER K 67 25.26 38.55 -3.92
CA SER K 67 25.27 37.31 -3.14
C SER K 67 24.43 37.52 -1.90
N LYS K 68 24.06 36.41 -1.28
CA LYS K 68 23.44 36.42 0.04
C LYS K 68 24.25 35.52 0.96
N SER K 69 24.37 35.94 2.22
CA SER K 69 25.11 35.14 3.20
C SER K 69 24.63 35.48 4.59
N GLY K 70 24.18 34.47 5.33
CA GLY K 70 23.62 34.70 6.65
C GLY K 70 22.45 35.66 6.61
N THR K 71 22.44 36.60 7.55
CA THR K 71 21.42 37.63 7.61
C THR K 71 21.71 38.82 6.70
N SER K 72 22.66 38.71 5.77
CA SER K 72 23.11 39.87 5.02
C SER K 72 23.24 39.50 3.55
N ALA K 73 23.30 40.54 2.72
CA ALA K 73 23.50 40.39 1.29
C ALA K 73 24.40 41.53 0.84
N SER K 74 24.95 41.39 -0.35
CA SER K 74 25.67 42.52 -0.93
C SER K 74 25.53 42.52 -2.45
N LEU K 75 25.58 43.71 -3.02
CA LEU K 75 25.67 43.92 -4.45
C LEU K 75 27.05 44.48 -4.73
N ALA K 76 27.84 43.77 -5.53
CA ALA K 76 29.13 44.27 -5.99
C ALA K 76 28.97 44.83 -7.40
N ILE K 77 29.10 46.14 -7.53
CA ILE K 77 29.17 46.80 -8.83
C ILE K 77 30.64 46.80 -9.26
N THR K 78 31.05 45.72 -9.92
CA THR K 78 32.37 45.74 -10.53
C THR K 78 32.36 46.66 -11.75
N GLY K 79 33.54 47.16 -12.09
CA GLY K 79 33.66 48.05 -13.24
C GLY K 79 32.70 49.22 -13.15
N LEU K 80 32.73 49.90 -12.01
CA LEU K 80 31.86 51.03 -11.77
C LEU K 80 31.95 52.03 -12.91
N GLN K 81 30.80 52.55 -13.32
CA GLN K 81 30.72 53.34 -14.54
C GLN K 81 29.74 54.48 -14.34
N ALA K 82 29.88 55.51 -15.18
CA ALA K 82 29.08 56.72 -15.04
C ALA K 82 27.58 56.44 -15.05
N GLU K 83 27.15 55.38 -15.74
CA GLU K 83 25.74 55.01 -15.74
C GLU K 83 25.23 54.53 -14.39
N ASP K 84 26.11 54.21 -13.45
CA ASP K 84 25.71 53.67 -12.16
C ASP K 84 25.43 54.74 -11.13
N GLU K 85 25.39 56.00 -11.54
CA GLU K 85 25.10 57.10 -10.64
C GLU K 85 23.64 57.09 -10.19
N ALA K 86 23.25 56.12 -9.38
CA ALA K 86 21.85 55.81 -9.12
C ALA K 86 21.69 55.42 -7.67
N ASP K 87 20.44 55.41 -7.20
CA ASP K 87 20.13 54.69 -5.98
C ASP K 87 20.06 53.20 -6.26
N TYR K 88 20.42 52.42 -5.24
CA TYR K 88 20.26 50.97 -5.26
C TYR K 88 19.52 50.55 -4.00
N TYR K 89 18.45 49.81 -4.17
CA TYR K 89 17.65 49.32 -3.06
C TYR K 89 17.70 47.81 -3.08
N CYS K 90 18.08 47.20 -1.97
CA CYS K 90 17.74 45.80 -1.81
C CYS K 90 16.27 45.70 -1.44
N GLN K 91 15.75 44.48 -1.57
CA GLN K 91 14.40 44.19 -1.12
C GLN K 91 14.36 42.76 -0.65
N SER K 92 13.52 42.50 0.34
CA SER K 92 13.25 41.13 0.75
C SER K 92 11.80 40.97 1.15
N TYR K 93 11.51 40.00 2.00
CA TYR K 93 10.18 39.83 2.55
C TYR K 93 10.37 39.57 4.03
N ASP K 94 9.47 40.09 4.86
CA ASP K 94 9.57 39.96 6.30
C ASP K 94 8.39 39.15 6.82
N ARG K 95 8.71 38.20 7.70
CA ARG K 95 7.67 37.33 8.25
C ARG K 95 6.55 38.11 8.90
N SER K 96 6.84 39.31 9.42
CA SER K 96 5.82 40.15 10.03
C SER K 96 5.40 41.32 9.14
N LEU K 97 6.36 42.04 8.56
CA LEU K 97 6.08 43.23 7.79
C LEU K 97 5.80 42.93 6.32
N SER K 98 5.96 41.70 5.88
CA SER K 98 5.94 41.31 4.47
C SER K 98 6.99 42.14 3.73
N GLY K 99 6.74 42.56 2.49
CA GLY K 99 7.75 43.20 1.68
C GLY K 99 8.42 44.39 2.30
N VAL K 100 9.76 44.36 2.38
CA VAL K 100 10.53 45.43 2.99
C VAL K 100 11.66 45.80 2.05
N PHE K 101 11.74 47.08 1.71
CA PHE K 101 12.89 47.61 1.00
C PHE K 101 13.92 48.13 1.99
N GLY K 102 15.19 48.03 1.62
CA GLY K 102 16.22 48.64 2.41
C GLY K 102 16.14 50.15 2.33
N THR K 103 16.90 50.81 3.21
CA THR K 103 16.92 52.26 3.23
C THR K 103 17.51 52.86 1.96
N GLY K 104 18.14 52.06 1.11
CA GLY K 104 18.59 52.53 -0.17
C GLY K 104 19.90 53.26 -0.13
N THR K 105 20.83 52.87 -1.01
CA THR K 105 22.17 53.41 -1.07
C THR K 105 22.33 54.17 -2.37
N LYS K 106 22.70 55.43 -2.29
CA LYS K 106 23.15 56.15 -3.47
C LYS K 106 24.60 55.77 -3.79
N VAL K 107 24.84 55.35 -5.00
CA VAL K 107 26.20 55.23 -5.54
C VAL K 107 26.59 56.55 -6.16
N THR K 108 27.86 56.92 -6.01
CA THR K 108 28.42 58.11 -6.64
C THR K 108 29.72 57.75 -7.34
N VAL K 109 29.82 58.12 -8.61
CA VAL K 109 30.97 57.72 -9.41
C VAL K 109 32.13 58.67 -9.14
N GLU L 1 32.29 -18.01 -39.04
CA GLU L 1 31.88 -19.01 -38.00
C GLU L 1 32.23 -18.52 -36.61
N VAL L 2 31.43 -18.93 -35.64
CA VAL L 2 31.77 -18.73 -34.23
C VAL L 2 32.99 -19.59 -33.93
N GLN L 3 34.14 -18.96 -33.67
CA GLN L 3 35.36 -19.70 -33.45
C GLN L 3 36.15 -19.09 -32.33
N LEU L 4 36.73 -19.94 -31.49
CA LEU L 4 37.78 -19.59 -30.56
C LEU L 4 39.10 -20.17 -31.05
N VAL L 5 40.18 -19.41 -30.92
CA VAL L 5 41.50 -19.85 -31.37
C VAL L 5 42.51 -19.55 -30.28
N GLU L 6 42.95 -20.59 -29.57
CA GLU L 6 44.00 -20.48 -28.58
C GLU L 6 45.38 -20.38 -29.23
N SER L 7 46.30 -19.75 -28.51
CA SER L 7 47.65 -19.51 -28.99
C SER L 7 48.53 -19.26 -27.78
N GLY L 8 49.85 -19.29 -28.00
CA GLY L 8 50.80 -19.06 -26.93
C GLY L 8 51.21 -20.29 -26.17
N GLY L 9 50.63 -21.44 -26.47
CA GLY L 9 51.05 -22.69 -25.86
C GLY L 9 52.37 -23.20 -26.41
N GLY L 10 53.21 -23.71 -25.51
CA GLY L 10 54.52 -24.16 -25.89
C GLY L 10 55.20 -24.87 -24.74
N LEU L 11 56.52 -24.97 -24.82
CA LEU L 11 57.31 -25.67 -23.83
C LEU L 11 57.94 -24.71 -22.82
N VAL L 12 57.76 -25.01 -21.54
CA VAL L 12 58.24 -24.15 -20.47
C VAL L 12 58.91 -25.02 -19.42
N LYS L 13 60.07 -24.57 -18.93
CA LYS L 13 60.74 -25.29 -17.86
C LYS L 13 60.00 -25.08 -16.54
N PRO L 14 59.96 -26.09 -15.67
CA PRO L 14 59.18 -25.95 -14.44
C PRO L 14 59.62 -24.72 -13.66
N GLY L 15 58.63 -24.05 -13.06
CA GLY L 15 58.85 -22.75 -12.47
C GLY L 15 58.78 -21.60 -13.44
N GLY L 16 58.68 -21.88 -14.74
CA GLY L 16 58.56 -20.83 -15.73
C GLY L 16 57.17 -20.23 -15.75
N SER L 17 56.98 -19.31 -16.69
CA SER L 17 55.70 -18.63 -16.87
C SER L 17 55.28 -18.72 -18.33
N LEU L 18 53.99 -18.61 -18.55
CA LEU L 18 53.44 -18.64 -19.90
C LEU L 18 52.15 -17.83 -19.88
N ARG L 19 51.78 -17.33 -21.06
CA ARG L 19 50.54 -16.55 -21.21
C ARG L 19 49.76 -17.08 -22.40
N LEU L 20 48.73 -17.88 -22.11
CA LEU L 20 47.86 -18.38 -23.17
C LEU L 20 46.94 -17.27 -23.62
N SER L 21 46.62 -17.27 -24.92
CA SER L 21 45.72 -16.28 -25.48
C SER L 21 44.71 -16.96 -26.37
N CYS L 22 43.44 -16.59 -26.23
CA CYS L 22 42.32 -17.21 -26.94
C CYS L 22 41.58 -16.07 -27.64
N ALA L 23 41.84 -15.88 -28.93
CA ALA L 23 41.10 -14.90 -29.71
C ALA L 23 39.71 -15.42 -30.03
N ALA L 24 38.71 -14.62 -29.75
CA ALA L 24 37.32 -14.93 -30.05
C ALA L 24 36.82 -14.13 -31.24
N SER L 25 36.03 -14.76 -32.09
CA SER L 25 35.60 -14.13 -33.33
C SER L 25 34.24 -14.67 -33.73
N GLY L 26 33.46 -13.83 -34.40
CA GLY L 26 32.16 -14.23 -34.90
C GLY L 26 31.01 -14.16 -33.92
N PHE L 27 31.23 -13.66 -32.71
CA PHE L 27 30.14 -13.54 -31.74
C PHE L 27 30.38 -12.33 -30.85
N THR L 28 29.31 -11.89 -30.18
CA THR L 28 29.34 -10.71 -29.32
C THR L 28 30.06 -11.02 -28.02
N PHE L 29 31.39 -11.09 -28.14
CA PHE L 29 32.25 -11.62 -27.09
C PHE L 29 31.96 -11.00 -25.73
N SER L 30 31.70 -9.70 -25.69
CA SER L 30 31.37 -9.04 -24.43
C SER L 30 30.07 -9.51 -23.79
N SER L 31 29.28 -10.35 -24.45
CA SER L 31 28.07 -10.89 -23.83
C SER L 31 28.29 -12.14 -23.01
N TYR L 32 29.40 -12.85 -23.17
CA TYR L 32 29.52 -14.21 -22.68
C TYR L 32 30.59 -14.32 -21.63
N SER L 33 30.32 -15.12 -20.60
CA SER L 33 31.39 -15.60 -19.74
C SER L 33 32.33 -16.49 -20.54
N MET L 34 33.59 -16.48 -20.17
CA MET L 34 34.60 -17.25 -20.87
C MET L 34 35.35 -18.08 -19.85
N ASN L 35 35.84 -19.23 -20.29
CA ASN L 35 36.43 -20.20 -19.39
C ASN L 35 37.70 -20.74 -20.00
N TRP L 36 38.59 -21.23 -19.14
CA TRP L 36 39.66 -22.12 -19.54
C TRP L 36 39.47 -23.49 -18.91
N VAL L 37 39.64 -24.50 -19.73
CA VAL L 37 39.56 -25.90 -19.33
C VAL L 37 40.82 -26.55 -19.86
N ARG L 38 41.28 -27.60 -19.19
CA ARG L 38 42.48 -28.29 -19.62
C ARG L 38 42.29 -29.78 -19.53
N GLN L 39 43.18 -30.50 -20.19
CA GLN L 39 43.16 -31.96 -20.22
C GLN L 39 44.59 -32.46 -20.22
N ALA L 40 45.02 -33.03 -19.10
CA ALA L 40 46.30 -33.71 -19.11
C ALA L 40 46.23 -34.86 -20.11
N PRO L 41 47.33 -35.16 -20.80
CA PRO L 41 47.23 -36.08 -21.94
C PRO L 41 46.64 -37.42 -21.52
N GLY L 42 45.51 -37.76 -22.13
CA GLY L 42 44.79 -38.97 -21.80
C GLY L 42 44.05 -38.96 -20.50
N LYS L 43 44.03 -37.85 -19.77
CA LYS L 43 43.24 -37.72 -18.56
C LYS L 43 41.93 -36.99 -18.87
N GLY L 44 41.11 -36.84 -17.84
CA GLY L 44 39.85 -36.14 -17.98
C GLY L 44 40.01 -34.65 -18.07
N LEU L 45 38.90 -33.98 -18.38
CA LEU L 45 38.87 -32.54 -18.39
C LEU L 45 38.97 -32.00 -16.97
N GLU L 46 39.76 -30.95 -16.80
CA GLU L 46 39.84 -30.20 -15.55
C GLU L 46 39.47 -28.76 -15.86
N TRP L 47 38.45 -28.25 -15.19
CA TRP L 47 38.18 -26.82 -15.26
C TRP L 47 39.30 -26.07 -14.57
N VAL L 48 39.75 -24.97 -15.18
CA VAL L 48 40.89 -24.20 -14.68
C VAL L 48 40.46 -22.88 -14.07
N SER L 49 39.71 -22.07 -14.82
CA SER L 49 39.34 -20.74 -14.34
C SER L 49 38.21 -20.23 -15.22
N SER L 50 37.57 -19.16 -14.75
CA SER L 50 36.47 -18.53 -15.46
C SER L 50 36.51 -17.03 -15.23
N ILE L 51 35.94 -16.29 -16.16
CA ILE L 51 35.80 -14.85 -16.04
C ILE L 51 34.41 -14.44 -16.49
N SER L 52 33.81 -13.51 -15.77
CA SER L 52 32.47 -13.01 -16.08
C SER L 52 32.47 -12.12 -17.31
N ALA L 53 31.25 -11.81 -17.78
CA ALA L 53 31.05 -11.21 -19.08
C ALA L 53 31.73 -9.86 -19.24
N SER L 54 31.91 -9.11 -18.16
CA SER L 54 32.72 -7.90 -18.19
C SER L 54 33.72 -7.88 -17.04
N SER L 55 34.27 -9.03 -16.70
CA SER L 55 35.46 -9.19 -15.88
C SER L 55 35.23 -8.85 -14.41
N SER L 56 33.99 -8.60 -13.99
CA SER L 56 33.76 -8.26 -12.59
C SER L 56 33.99 -9.45 -11.66
N TYR L 57 33.91 -10.68 -12.15
CA TYR L 57 34.08 -11.87 -11.33
C TYR L 57 35.03 -12.85 -11.99
N SER L 58 35.95 -13.40 -11.21
CA SER L 58 36.91 -14.38 -11.69
C SER L 58 36.98 -15.55 -10.72
N ASP L 59 37.03 -16.76 -11.27
CA ASP L 59 37.05 -17.98 -10.48
C ASP L 59 38.24 -18.83 -10.90
N TYR L 60 38.79 -19.57 -9.94
CA TYR L 60 39.93 -20.43 -10.23
C TYR L 60 39.76 -21.76 -9.52
N ALA L 61 40.23 -22.82 -10.17
CA ALA L 61 40.41 -24.09 -9.49
C ALA L 61 41.50 -23.96 -8.44
N ASP L 62 41.46 -24.86 -7.45
CA ASP L 62 42.44 -24.80 -6.38
C ASP L 62 43.86 -24.98 -6.89
N SER L 63 44.03 -25.72 -7.99
CA SER L 63 45.34 -25.80 -8.63
C SER L 63 45.76 -24.48 -9.25
N ALA L 64 44.79 -23.67 -9.68
CA ALA L 64 45.07 -22.43 -10.39
C ALA L 64 45.15 -21.21 -9.48
N LYS L 65 44.51 -21.24 -8.32
CA LYS L 65 44.52 -20.08 -7.44
C LYS L 65 45.94 -19.56 -7.21
N GLY L 66 46.10 -18.26 -7.35
CA GLY L 66 47.37 -17.59 -7.16
C GLY L 66 48.38 -17.81 -8.27
N ARG L 67 48.45 -19.02 -8.82
CA ARG L 67 49.41 -19.27 -9.88
C ARG L 67 48.97 -18.67 -11.21
N PHE L 68 47.70 -18.82 -11.57
CA PHE L 68 47.17 -18.28 -12.81
C PHE L 68 46.45 -16.96 -12.58
N THR L 69 46.18 -16.28 -13.68
CA THR L 69 45.39 -15.05 -13.65
C THR L 69 44.70 -14.93 -15.00
N ILE L 70 43.39 -15.08 -14.98
CA ILE L 70 42.57 -14.92 -16.17
C ILE L 70 42.24 -13.45 -16.38
N SER L 71 42.19 -13.03 -17.64
CA SER L 71 41.75 -11.68 -17.97
C SER L 71 41.21 -11.69 -19.38
N ARG L 72 40.47 -10.64 -19.71
CA ARG L 72 39.88 -10.50 -21.03
C ARG L 72 39.96 -9.06 -21.49
N ASP L 73 40.09 -8.87 -22.79
CA ASP L 73 39.99 -7.56 -23.42
C ASP L 73 38.79 -7.60 -24.36
N ASN L 74 37.67 -7.03 -23.90
CA ASN L 74 36.44 -7.08 -24.66
C ASN L 74 36.51 -6.24 -25.93
N ALA L 75 37.46 -5.33 -26.01
CA ALA L 75 37.67 -4.55 -27.22
C ALA L 75 38.50 -5.30 -28.25
N LYS L 76 39.50 -6.06 -27.79
CA LYS L 76 40.25 -6.95 -28.66
C LYS L 76 39.58 -8.31 -28.86
N THR L 77 38.42 -8.52 -28.24
CA THR L 77 37.78 -9.84 -28.23
C THR L 77 38.81 -10.95 -28.03
N SER L 78 39.59 -10.83 -26.96
CA SER L 78 40.64 -11.78 -26.66
C SER L 78 40.56 -12.18 -25.20
N LEU L 79 40.74 -13.47 -24.94
CA LEU L 79 40.79 -14.01 -23.60
C LEU L 79 42.22 -14.44 -23.30
N PHE L 80 42.71 -14.10 -22.11
CA PHE L 80 44.08 -14.45 -21.73
C PHE L 80 44.08 -15.25 -20.45
N LEU L 81 45.08 -16.12 -20.33
CA LEU L 81 45.44 -16.75 -19.08
C LEU L 81 46.93 -16.54 -18.87
N GLN L 82 47.30 -15.68 -17.93
CA GLN L 82 48.66 -15.66 -17.44
C GLN L 82 48.88 -16.85 -16.53
N MET L 83 50.04 -17.49 -16.66
CA MET L 83 50.39 -18.63 -15.82
C MET L 83 51.80 -18.45 -15.27
N ASN L 84 51.97 -18.84 -14.01
CA ASN L 84 53.23 -18.71 -13.32
C ASN L 84 53.49 -19.97 -12.50
N SER L 85 54.75 -20.18 -12.15
CA SER L 85 55.13 -21.31 -11.30
C SER L 85 54.62 -22.62 -11.89
N LEU L 86 54.73 -22.76 -13.20
CA LEU L 86 54.18 -23.94 -13.86
C LEU L 86 54.89 -25.21 -13.39
N ARG L 87 54.10 -26.13 -12.85
CA ARG L 87 54.61 -27.41 -12.42
C ARG L 87 54.55 -28.41 -13.56
N ALA L 88 55.30 -29.50 -13.43
CA ALA L 88 55.22 -30.57 -14.42
C ALA L 88 53.79 -31.09 -14.57
N GLU L 89 53.04 -31.13 -13.47
CA GLU L 89 51.65 -31.54 -13.51
C GLU L 89 50.73 -30.58 -14.25
N ASP L 90 51.19 -29.37 -14.58
CA ASP L 90 50.42 -28.47 -15.43
C ASP L 90 50.56 -28.76 -16.93
N THR L 91 51.36 -29.75 -17.32
CA THR L 91 51.40 -30.17 -18.71
C THR L 91 50.05 -30.67 -19.19
N ALA L 92 49.42 -29.95 -20.12
CA ALA L 92 48.08 -30.28 -20.55
C ALA L 92 47.77 -29.51 -21.82
N ILE L 93 46.75 -29.96 -22.54
CA ILE L 93 46.05 -29.14 -23.52
C ILE L 93 45.09 -28.22 -22.78
N TYR L 94 45.16 -26.92 -23.08
CA TYR L 94 44.23 -25.95 -22.54
C TYR L 94 43.24 -25.53 -23.60
N PHE L 95 41.96 -25.68 -23.30
CA PHE L 95 40.89 -25.20 -24.16
C PHE L 95 40.30 -23.95 -23.52
N CYS L 96 40.07 -22.92 -24.32
CA CYS L 96 39.10 -21.91 -23.90
C CYS L 96 37.72 -22.34 -24.35
N ALA L 97 36.73 -21.98 -23.55
CA ALA L 97 35.34 -22.28 -23.84
C ALA L 97 34.47 -21.06 -23.59
N ARG L 98 33.59 -20.76 -24.53
CA ARG L 98 32.47 -19.90 -24.23
C ARG L 98 31.58 -20.63 -23.25
N ALA L 99 31.15 -19.95 -22.20
CA ALA L 99 30.31 -20.56 -21.18
C ALA L 99 28.98 -19.84 -21.13
N ARG L 100 27.93 -20.62 -20.87
CA ARG L 100 26.57 -20.14 -21.01
C ARG L 100 25.74 -20.80 -19.92
N ALA L 101 24.67 -20.13 -19.51
CA ALA L 101 23.81 -20.71 -18.50
C ALA L 101 22.38 -20.26 -18.73
N THR L 102 21.44 -21.13 -18.36
CA THR L 102 20.06 -20.77 -18.17
C THR L 102 19.76 -20.76 -16.69
N GLY L 103 19.22 -19.67 -16.19
CA GLY L 103 18.98 -19.51 -14.78
C GLY L 103 17.75 -20.18 -14.23
N TYR L 104 17.04 -20.98 -15.03
CA TYR L 104 15.68 -21.33 -14.66
C TYR L 104 15.63 -22.14 -13.38
N SER L 105 16.39 -23.23 -13.32
CA SER L 105 16.42 -24.10 -12.15
C SER L 105 17.58 -23.75 -11.23
N SER L 106 18.77 -23.60 -11.80
CA SER L 106 19.98 -23.31 -11.07
C SER L 106 20.93 -22.63 -12.04
N ILE L 107 21.94 -21.97 -11.50
CA ILE L 107 23.01 -21.40 -12.32
C ILE L 107 24.18 -22.37 -12.26
N THR L 108 24.20 -23.31 -13.19
CA THR L 108 25.39 -24.05 -13.53
C THR L 108 25.73 -23.73 -14.98
N PRO L 109 26.89 -23.18 -15.28
CA PRO L 109 27.24 -22.88 -16.66
C PRO L 109 27.66 -24.13 -17.43
N TYR L 110 27.50 -24.04 -18.75
CA TYR L 110 27.98 -25.10 -19.62
C TYR L 110 28.69 -24.47 -20.81
N PHE L 111 29.54 -25.27 -21.44
CA PHE L 111 30.55 -24.78 -22.36
C PHE L 111 30.12 -25.11 -23.78
N ASP L 112 29.36 -24.20 -24.39
CA ASP L 112 28.72 -24.50 -25.66
C ASP L 112 29.70 -24.50 -26.82
N ILE L 113 30.57 -23.51 -26.91
CA ILE L 113 31.61 -23.43 -27.93
C ILE L 113 32.98 -23.59 -27.30
N TRP L 114 33.79 -24.48 -27.86
CA TRP L 114 35.14 -24.74 -27.41
C TRP L 114 36.12 -24.36 -28.50
N GLY L 115 37.27 -23.80 -28.10
CA GLY L 115 38.40 -23.74 -28.99
C GLY L 115 39.11 -25.07 -29.11
N GLN L 116 39.92 -25.20 -30.16
CA GLN L 116 40.62 -26.46 -30.40
C GLN L 116 41.79 -26.67 -29.44
N GLY L 117 42.08 -25.70 -28.59
CA GLY L 117 43.04 -25.89 -27.52
C GLY L 117 44.47 -25.77 -27.98
N THR L 118 45.35 -25.49 -27.03
CA THR L 118 46.77 -25.29 -27.28
C THR L 118 47.54 -26.15 -26.30
N LEU L 119 48.53 -26.87 -26.80
CA LEU L 119 49.29 -27.79 -25.97
C LEU L 119 50.35 -27.01 -25.19
N VAL L 120 50.29 -27.09 -23.86
CA VAL L 120 51.32 -26.56 -22.99
C VAL L 120 52.11 -27.73 -22.44
N THR L 121 53.43 -27.69 -22.63
CA THR L 121 54.33 -28.70 -22.08
C THR L 121 55.21 -28.06 -21.03
N VAL L 122 55.27 -28.68 -19.85
CA VAL L 122 56.06 -28.18 -18.74
C VAL L 122 57.09 -29.25 -18.39
N SER L 123 58.29 -29.11 -18.93
CA SER L 123 59.32 -30.12 -18.72
C SER L 123 60.67 -29.53 -19.10
N SER L 124 61.72 -30.23 -18.68
CA SER L 124 63.08 -29.86 -19.05
C SER L 124 63.37 -30.19 -20.51
N VAL M 3 34.22 -34.89 -5.75
CA VAL M 3 34.51 -35.40 -7.12
C VAL M 3 33.25 -36.02 -7.70
N VAL M 4 33.09 -35.90 -9.02
CA VAL M 4 32.02 -36.54 -9.75
C VAL M 4 32.59 -37.75 -10.49
N THR M 5 31.95 -38.90 -10.30
CA THR M 5 32.52 -40.19 -10.69
C THR M 5 31.73 -40.80 -11.85
N GLN M 6 32.44 -41.41 -12.79
CA GLN M 6 31.84 -42.20 -13.85
C GLN M 6 32.55 -43.53 -13.95
N PRO M 7 31.88 -44.56 -14.49
CA PRO M 7 32.56 -45.81 -14.76
C PRO M 7 33.67 -45.62 -15.79
N PRO M 8 34.80 -46.29 -15.65
CA PRO M 8 35.92 -46.03 -16.56
C PRO M 8 35.61 -46.35 -18.02
N SER M 9 34.85 -47.39 -18.31
CA SER M 9 34.44 -47.66 -19.67
C SER M 9 33.11 -48.39 -19.71
N VAL M 10 32.45 -48.30 -20.86
CA VAL M 10 31.28 -49.11 -21.17
C VAL M 10 31.41 -49.57 -22.62
N SER M 11 30.69 -50.63 -22.96
CA SER M 11 30.78 -51.19 -24.29
C SER M 11 29.47 -51.85 -24.67
N GLY M 12 29.28 -52.02 -25.98
CA GLY M 12 28.14 -52.76 -26.48
C GLY M 12 28.25 -52.96 -27.97
N ALA M 13 27.44 -53.88 -28.48
CA ALA M 13 27.32 -54.06 -29.92
C ALA M 13 26.54 -52.91 -30.55
N PRO M 14 26.75 -52.66 -31.84
CA PRO M 14 25.94 -51.65 -32.53
C PRO M 14 24.45 -51.91 -32.35
N GLY M 15 23.71 -50.85 -32.12
CA GLY M 15 22.28 -50.95 -31.85
C GLY M 15 21.93 -51.27 -30.42
N GLN M 16 22.90 -51.60 -29.57
CA GLN M 16 22.61 -51.72 -28.15
C GLN M 16 22.29 -50.34 -27.57
N ARG M 17 21.65 -50.36 -26.41
CA ARG M 17 21.67 -49.24 -25.49
C ARG M 17 22.82 -49.41 -24.50
N VAL M 18 23.57 -48.35 -24.29
CA VAL M 18 24.52 -48.26 -23.19
C VAL M 18 24.20 -47.02 -22.37
N THR M 19 24.41 -47.13 -21.06
CA THR M 19 24.04 -46.08 -20.12
C THR M 19 25.25 -45.69 -19.28
N ILE M 20 25.60 -44.42 -19.30
CA ILE M 20 26.76 -43.90 -18.60
C ILE M 20 26.25 -43.14 -17.38
N SER M 21 26.67 -43.56 -16.20
CA SER M 21 26.28 -42.87 -14.98
C SER M 21 27.27 -41.78 -14.63
N CYS M 22 26.77 -40.77 -13.89
CA CYS M 22 27.57 -39.64 -13.40
C CYS M 22 27.12 -39.42 -11.97
N THR M 23 27.78 -40.13 -11.04
CA THR M 23 27.39 -40.13 -9.63
C THR M 23 28.11 -39.00 -8.91
N GLY M 24 27.39 -37.92 -8.62
CA GLY M 24 27.88 -36.82 -7.84
C GLY M 24 27.47 -36.92 -6.39
N SER M 25 27.51 -35.79 -5.70
CA SER M 25 27.37 -35.76 -4.25
C SER M 25 26.54 -34.54 -3.86
N SER M 26 26.25 -34.45 -2.56
CA SER M 26 25.42 -33.40 -2.00
C SER M 26 26.03 -32.01 -2.10
N SER M 27 27.27 -31.87 -2.57
CA SER M 27 27.81 -30.56 -2.88
C SER M 27 27.64 -30.13 -4.33
N ASN M 28 27.23 -31.03 -5.22
CA ASN M 28 27.09 -30.68 -6.63
C ASN M 28 25.73 -31.12 -7.17
N ILE M 29 25.66 -32.28 -7.80
CA ILE M 29 24.39 -32.73 -8.37
C ILE M 29 23.32 -32.80 -7.29
N GLY M 30 23.69 -33.23 -6.09
CA GLY M 30 22.74 -33.22 -5.00
C GLY M 30 22.47 -31.86 -4.39
N ALA M 31 23.30 -30.87 -4.68
CA ALA M 31 23.05 -29.50 -4.25
C ALA M 31 22.06 -28.77 -5.17
N GLY M 32 21.54 -29.44 -6.19
CA GLY M 32 20.57 -28.87 -7.10
C GLY M 32 21.16 -28.40 -8.41
N TYR M 33 22.48 -28.26 -8.50
CA TYR M 33 23.10 -27.98 -9.77
C TYR M 33 22.75 -29.07 -10.77
N ASP M 34 22.49 -28.66 -12.00
CA ASP M 34 22.17 -29.59 -13.07
C ASP M 34 23.43 -30.23 -13.62
N VAL M 35 23.25 -31.14 -14.56
CA VAL M 35 24.33 -31.93 -15.12
C VAL M 35 24.35 -31.72 -16.63
N HIS M 36 25.55 -31.63 -17.18
CA HIS M 36 25.78 -31.47 -18.60
C HIS M 36 26.68 -32.60 -19.04
N TRP M 37 26.61 -32.96 -20.31
CA TRP M 37 27.44 -34.03 -20.83
C TRP M 37 28.17 -33.54 -22.06
N TYR M 38 29.43 -33.93 -22.18
CA TYR M 38 30.23 -33.59 -23.34
C TYR M 38 30.79 -34.86 -23.97
N GLN M 39 30.81 -34.88 -25.29
CA GLN M 39 31.50 -35.91 -26.04
C GLN M 39 32.83 -35.35 -26.49
N GLN M 40 33.87 -36.16 -26.39
CA GLN M 40 35.17 -35.82 -26.99
C GLN M 40 35.64 -36.98 -27.84
N LEU M 41 35.52 -36.82 -29.15
CA LEU M 41 36.15 -37.74 -30.07
C LEU M 41 37.67 -37.56 -30.05
N PRO M 42 38.43 -38.61 -30.30
CA PRO M 42 39.88 -38.53 -30.16
C PRO M 42 40.46 -37.38 -30.98
N GLY M 43 41.32 -36.59 -30.35
CA GLY M 43 41.98 -35.51 -31.06
C GLY M 43 41.08 -34.34 -31.43
N THR M 44 40.05 -34.07 -30.64
CA THR M 44 39.18 -32.93 -30.86
C THR M 44 38.89 -32.28 -29.51
N ALA M 45 38.44 -31.03 -29.56
CA ALA M 45 37.86 -30.43 -28.38
C ALA M 45 36.52 -31.08 -28.07
N PRO M 46 36.10 -31.07 -26.81
CA PRO M 46 34.80 -31.64 -26.47
C PRO M 46 33.68 -30.99 -27.23
N LYS M 47 32.60 -31.76 -27.40
CA LYS M 47 31.36 -31.28 -27.98
C LYS M 47 30.27 -31.42 -26.93
N LEU M 48 29.48 -30.37 -26.74
CA LEU M 48 28.33 -30.46 -25.84
C LEU M 48 27.30 -31.41 -26.41
N LEU M 49 26.95 -32.45 -25.65
CA LEU M 49 25.86 -33.33 -26.00
C LEU M 49 24.54 -32.91 -25.39
N ILE M 50 24.55 -32.56 -24.11
CA ILE M 50 23.36 -32.35 -23.33
C ILE M 50 23.61 -31.16 -22.42
N TYR M 51 22.59 -30.36 -22.18
CA TYR M 51 22.66 -29.33 -21.17
C TYR M 51 21.40 -29.35 -20.33
N ASP M 52 21.51 -28.82 -19.12
CA ASP M 52 20.42 -28.78 -18.16
C ASP M 52 19.74 -30.14 -18.05
N ASN M 53 20.55 -31.13 -17.72
CA ASN M 53 20.13 -32.52 -17.53
C ASN M 53 19.71 -33.27 -18.78
N ASN M 54 18.92 -32.66 -19.67
CA ASN M 54 18.29 -33.47 -20.70
C ASN M 54 17.99 -32.72 -21.99
N ASN M 55 18.16 -31.40 -22.00
CA ASN M 55 18.00 -30.65 -23.23
C ASN M 55 19.16 -30.97 -24.17
N ARG M 56 18.85 -31.07 -25.45
CA ARG M 56 19.82 -31.51 -26.43
C ARG M 56 20.06 -30.40 -27.44
N PRO M 57 21.30 -30.05 -27.73
CA PRO M 57 21.55 -29.01 -28.73
C PRO M 57 21.01 -29.39 -30.10
N SER M 58 20.85 -28.38 -30.94
CA SER M 58 20.67 -28.61 -32.36
C SER M 58 21.87 -29.36 -32.93
N GLY M 59 21.60 -30.32 -33.80
CA GLY M 59 22.67 -31.08 -34.42
C GLY M 59 23.27 -32.18 -33.57
N VAL M 60 22.61 -32.59 -32.49
CA VAL M 60 22.97 -33.81 -31.77
C VAL M 60 21.91 -34.86 -32.06
N PRO M 61 22.29 -36.08 -32.43
CA PRO M 61 21.30 -37.08 -32.78
C PRO M 61 20.30 -37.34 -31.67
N ASP M 62 19.05 -37.55 -32.06
CA ASP M 62 17.96 -37.73 -31.11
C ASP M 62 18.11 -39.00 -30.29
N ARG M 63 19.00 -39.89 -30.67
CA ARG M 63 19.23 -41.13 -29.95
C ARG M 63 20.07 -40.95 -28.68
N PHE M 64 20.79 -39.85 -28.53
CA PHE M 64 21.33 -39.49 -27.23
C PHE M 64 20.23 -38.94 -26.32
N SER M 65 20.12 -39.50 -25.12
CA SER M 65 19.09 -39.09 -24.18
C SER M 65 19.66 -39.24 -22.79
N ALA M 66 19.17 -38.42 -21.87
CA ALA M 66 19.81 -38.29 -20.56
C ALA M 66 18.77 -37.90 -19.54
N SER M 67 19.15 -38.03 -18.27
CA SER M 67 18.27 -37.68 -17.17
C SER M 67 19.11 -37.37 -15.96
N LYS M 68 18.49 -36.71 -14.99
CA LYS M 68 19.07 -36.48 -13.68
C LYS M 68 18.08 -36.94 -12.63
N SER M 69 18.59 -37.55 -11.56
CA SER M 69 17.72 -38.01 -10.49
C SER M 69 18.55 -38.21 -9.23
N GLY M 70 18.07 -37.64 -8.13
CA GLY M 70 18.84 -37.65 -6.90
C GLY M 70 20.20 -37.01 -7.05
N THR M 71 21.21 -37.67 -6.50
CA THR M 71 22.60 -37.24 -6.65
C THR M 71 23.27 -37.80 -7.89
N SER M 72 22.50 -38.29 -8.86
CA SER M 72 23.06 -39.03 -9.98
C SER M 72 22.44 -38.55 -11.28
N ALA M 73 23.11 -38.87 -12.38
CA ALA M 73 22.60 -38.62 -13.71
C ALA M 73 23.00 -39.79 -14.59
N SER M 74 22.37 -39.92 -15.75
CA SER M 74 22.86 -40.89 -16.71
C SER M 74 22.58 -40.43 -18.12
N LEU M 75 23.46 -40.85 -19.03
CA LEU M 75 23.31 -40.64 -20.46
C LEU M 75 23.04 -42.01 -21.07
N ALA M 76 21.87 -42.17 -21.68
CA ALA M 76 21.57 -43.38 -22.44
C ALA M 76 21.86 -43.12 -23.92
N ILE M 77 22.90 -43.77 -24.42
CA ILE M 77 23.19 -43.78 -25.86
C ILE M 77 22.38 -44.91 -26.48
N THR M 78 21.14 -44.63 -26.85
CA THR M 78 20.37 -45.61 -27.60
C THR M 78 20.92 -45.72 -29.01
N GLY M 79 20.72 -46.89 -29.61
CA GLY M 79 21.16 -47.11 -30.98
C GLY M 79 22.65 -46.84 -31.13
N LEU M 80 23.43 -47.45 -30.25
CA LEU M 80 24.88 -47.25 -30.24
C LEU M 80 25.47 -47.47 -31.63
N GLN M 81 26.43 -46.63 -32.00
CA GLN M 81 26.89 -46.59 -33.37
C GLN M 81 28.37 -46.25 -33.40
N ALA M 82 29.00 -46.60 -34.52
CA ALA M 82 30.44 -46.43 -34.67
C ALA M 82 30.92 -45.02 -34.37
N GLU M 83 30.11 -44.00 -34.65
CA GLU M 83 30.48 -42.62 -34.33
C GLU M 83 30.54 -42.34 -32.83
N ASP M 84 30.03 -43.23 -31.99
CA ASP M 84 30.01 -43.00 -30.55
C ASP M 84 31.28 -43.49 -29.86
N GLU M 85 32.28 -43.92 -30.62
CA GLU M 85 33.55 -44.34 -30.07
C GLU M 85 34.34 -43.19 -29.47
N ALA M 86 33.88 -42.64 -28.36
CA ALA M 86 34.37 -41.35 -27.87
C ALA M 86 34.39 -41.38 -26.36
N ASP M 87 35.12 -40.44 -25.77
CA ASP M 87 34.94 -40.16 -24.35
C ASP M 87 33.67 -39.36 -24.15
N TYR M 88 33.00 -39.63 -23.03
CA TYR M 88 31.85 -38.86 -22.58
C TYR M 88 32.15 -38.35 -21.19
N TYR M 89 32.09 -37.03 -21.02
CA TYR M 89 32.31 -36.40 -19.72
C TYR M 89 31.00 -35.78 -19.30
N CYS M 90 30.53 -36.14 -18.11
CA CYS M 90 29.53 -35.28 -17.50
C CYS M 90 30.20 -34.05 -16.93
N GLN M 91 29.38 -33.05 -16.63
CA GLN M 91 29.85 -31.86 -15.96
C GLN M 91 28.75 -31.34 -15.08
N SER M 92 29.14 -30.73 -13.97
CA SER M 92 28.20 -30.02 -13.14
C SER M 92 28.93 -28.83 -12.55
N TYR M 93 28.43 -28.34 -11.42
CA TYR M 93 29.07 -27.28 -10.68
C TYR M 93 29.05 -27.70 -9.22
N ASP M 94 30.11 -27.36 -8.50
CA ASP M 94 30.23 -27.75 -7.10
C ASP M 94 30.26 -26.52 -6.22
N ARG M 95 29.49 -26.59 -5.13
CA ARG M 95 29.38 -25.45 -4.24
C ARG M 95 30.73 -25.02 -3.69
N SER M 96 31.68 -25.94 -3.59
CA SER M 96 33.03 -25.63 -3.13
C SER M 96 34.05 -25.54 -4.25
N LEU M 97 34.03 -26.50 -5.17
CA LEU M 97 35.03 -26.58 -6.23
C LEU M 97 34.63 -25.84 -7.49
N SER M 98 33.41 -25.33 -7.57
CA SER M 98 32.81 -24.79 -8.78
C SER M 98 32.85 -25.87 -9.87
N GLY M 99 33.12 -25.53 -11.12
CA GLY M 99 32.93 -26.48 -12.20
C GLY M 99 33.71 -27.77 -12.07
N VAL M 100 32.99 -28.89 -12.04
CA VAL M 100 33.60 -30.21 -11.87
C VAL M 100 33.19 -31.07 -13.05
N PHE M 101 34.17 -31.52 -13.82
CA PHE M 101 33.95 -32.58 -14.79
C PHE M 101 34.10 -33.94 -14.14
N GLY M 102 33.33 -34.90 -14.61
CA GLY M 102 33.49 -36.26 -14.16
C GLY M 102 34.77 -36.88 -14.70
N THR M 103 35.09 -38.06 -14.16
CA THR M 103 36.29 -38.76 -14.59
C THR M 103 36.23 -39.19 -16.05
N GLY M 104 35.06 -39.17 -16.66
CA GLY M 104 34.96 -39.41 -18.09
C GLY M 104 34.95 -40.89 -18.44
N THR M 105 33.97 -41.29 -19.25
CA THR M 105 33.75 -42.68 -19.61
C THR M 105 34.02 -42.85 -21.09
N LYS M 106 34.94 -43.74 -21.44
CA LYS M 106 35.06 -44.17 -22.83
C LYS M 106 33.96 -45.14 -23.18
N VAL M 107 33.27 -44.89 -24.28
CA VAL M 107 32.41 -45.88 -24.90
C VAL M 107 33.23 -46.66 -25.92
N THR M 108 32.97 -47.96 -26.02
CA THR M 108 33.58 -48.81 -27.03
C THR M 108 32.49 -49.57 -27.77
N VAL M 109 32.46 -49.43 -29.08
CA VAL M 109 31.41 -50.04 -29.88
C VAL M 109 31.70 -51.53 -30.04
N GLU N 1 -38.77 -9.81 -35.62
CA GLU N 1 -39.33 -9.30 -34.33
C GLU N 1 -38.86 -10.14 -33.16
N VAL N 2 -38.68 -9.49 -32.01
CA VAL N 2 -38.43 -10.20 -30.77
C VAL N 2 -39.69 -10.96 -30.39
N GLN N 3 -39.67 -12.28 -30.49
CA GLN N 3 -40.87 -13.08 -30.25
C GLN N 3 -40.51 -14.30 -29.43
N LEU N 4 -41.37 -14.63 -28.48
CA LEU N 4 -41.40 -15.91 -27.81
C LEU N 4 -42.64 -16.68 -28.25
N VAL N 5 -42.49 -17.99 -28.46
CA VAL N 5 -43.62 -18.79 -28.92
C VAL N 5 -43.69 -20.09 -28.13
N GLU N 6 -44.64 -20.16 -27.21
CA GLU N 6 -44.89 -21.38 -26.44
C GLU N 6 -45.64 -22.43 -27.27
N SER N 7 -45.46 -23.69 -26.88
CA SER N 7 -46.04 -24.83 -27.58
C SER N 7 -46.04 -26.01 -26.62
N GLY N 8 -46.80 -27.04 -26.98
CA GLY N 8 -46.84 -28.24 -26.18
C GLY N 8 -47.92 -28.25 -25.11
N GLY N 9 -48.63 -27.15 -24.92
CA GLY N 9 -49.75 -27.13 -24.00
C GLY N 9 -50.95 -27.88 -24.55
N GLY N 10 -51.60 -28.64 -23.67
CA GLY N 10 -52.77 -29.40 -24.07
C GLY N 10 -53.48 -29.98 -22.87
N LEU N 11 -54.36 -30.95 -23.14
CA LEU N 11 -55.08 -31.64 -22.08
C LEU N 11 -54.28 -32.78 -21.50
N VAL N 12 -54.25 -32.87 -20.17
CA VAL N 12 -53.53 -33.93 -19.46
C VAL N 12 -54.41 -34.42 -18.32
N LYS N 13 -54.44 -35.74 -18.14
CA LYS N 13 -55.13 -36.29 -16.99
C LYS N 13 -54.32 -36.04 -15.72
N PRO N 14 -54.98 -35.78 -14.59
CA PRO N 14 -54.23 -35.54 -13.36
C PRO N 14 -53.25 -36.66 -13.07
N GLY N 15 -52.09 -36.29 -12.55
CA GLY N 15 -50.98 -37.21 -12.42
C GLY N 15 -50.19 -37.41 -13.69
N GLY N 16 -50.64 -36.86 -14.82
CA GLY N 16 -49.91 -36.97 -16.06
C GLY N 16 -48.70 -36.05 -16.08
N SER N 17 -48.02 -36.07 -17.22
CA SER N 17 -46.82 -35.27 -17.42
C SER N 17 -46.95 -34.49 -18.72
N LEU N 18 -46.23 -33.37 -18.79
CA LEU N 18 -46.26 -32.53 -19.96
C LEU N 18 -44.93 -31.79 -20.04
N ARG N 19 -44.59 -31.34 -21.25
CA ARG N 19 -43.36 -30.58 -21.45
C ARG N 19 -43.64 -29.37 -22.32
N LEU N 20 -43.75 -28.20 -21.68
CA LEU N 20 -43.95 -26.97 -22.42
C LEU N 20 -42.65 -26.55 -23.10
N SER N 21 -42.75 -25.99 -24.28
CA SER N 21 -41.59 -25.50 -25.00
C SER N 21 -41.86 -24.09 -25.49
N CYS N 22 -40.85 -23.22 -25.34
CA CYS N 22 -40.95 -21.81 -25.69
C CYS N 22 -39.77 -21.49 -26.60
N ALA N 23 -40.00 -21.49 -27.90
CA ALA N 23 -38.99 -21.04 -28.84
C ALA N 23 -38.81 -19.53 -28.74
N ALA N 24 -37.56 -19.10 -28.69
CA ALA N 24 -37.19 -17.69 -28.67
C ALA N 24 -36.50 -17.31 -29.97
N SER N 25 -36.79 -16.11 -30.47
CA SER N 25 -36.28 -15.69 -31.77
C SER N 25 -36.12 -14.19 -31.79
N GLY N 26 -35.19 -13.71 -32.60
CA GLY N 26 -34.96 -12.30 -32.79
C GLY N 26 -34.12 -11.61 -31.75
N PHE N 27 -33.57 -12.33 -30.77
CA PHE N 27 -32.73 -11.71 -29.77
C PHE N 27 -31.65 -12.69 -29.33
N THR N 28 -30.62 -12.16 -28.68
CA THR N 28 -29.45 -12.93 -28.24
C THR N 28 -29.82 -13.77 -27.02
N PHE N 29 -30.59 -14.82 -27.29
CA PHE N 29 -31.27 -15.57 -26.24
C PHE N 29 -30.33 -15.99 -25.12
N SER N 30 -29.09 -16.36 -25.46
CA SER N 30 -28.12 -16.72 -24.44
C SER N 30 -27.74 -15.58 -23.50
N SER N 31 -28.17 -14.36 -23.75
CA SER N 31 -27.89 -13.26 -22.82
C SER N 31 -28.88 -13.12 -21.69
N TYR N 32 -30.09 -13.65 -21.80
CA TYR N 32 -31.20 -13.26 -20.95
C TYR N 32 -31.62 -14.41 -20.05
N SER N 33 -31.96 -14.09 -18.81
CA SER N 33 -32.73 -15.01 -18.00
C SER N 33 -34.10 -15.20 -18.63
N MET N 34 -34.68 -16.36 -18.37
CA MET N 34 -35.97 -16.71 -18.92
C MET N 34 -36.85 -17.20 -17.79
N ASN N 35 -38.15 -17.01 -17.94
CA ASN N 35 -39.09 -17.33 -16.86
C ASN N 35 -40.30 -18.03 -17.46
N TRP N 36 -40.96 -18.80 -16.63
CA TRP N 36 -42.32 -19.23 -16.89
C TRP N 36 -43.25 -18.61 -15.86
N VAL N 37 -44.36 -18.09 -16.35
CA VAL N 37 -45.41 -17.48 -15.56
C VAL N 37 -46.70 -18.11 -16.02
N ARG N 38 -47.67 -18.22 -15.12
CA ARG N 38 -48.93 -18.84 -15.48
C ARG N 38 -50.07 -18.03 -14.93
N GLN N 39 -51.26 -18.30 -15.45
CA GLN N 39 -52.47 -17.62 -15.05
C GLN N 39 -53.61 -18.63 -15.07
N ALA N 40 -54.09 -19.03 -13.89
CA ALA N 40 -55.30 -19.82 -13.85
C ALA N 40 -56.44 -19.00 -14.45
N PRO N 41 -57.37 -19.64 -15.13
CA PRO N 41 -58.36 -18.88 -15.92
C PRO N 41 -59.08 -17.86 -15.06
N GLY N 42 -58.96 -16.59 -15.45
CA GLY N 42 -59.54 -15.48 -14.74
C GLY N 42 -58.87 -15.11 -13.43
N LYS N 43 -57.89 -15.89 -12.97
CA LYS N 43 -57.14 -15.54 -11.77
C LYS N 43 -55.96 -14.64 -12.12
N GLY N 44 -55.23 -14.21 -11.10
CA GLY N 44 -54.04 -13.42 -11.31
C GLY N 44 -52.88 -14.25 -11.82
N LEU N 45 -51.83 -13.53 -12.22
CA LEU N 45 -50.60 -14.17 -12.64
C LEU N 45 -49.92 -14.84 -11.46
N GLU N 46 -49.35 -16.01 -11.71
CA GLU N 46 -48.49 -16.70 -10.75
C GLU N 46 -47.14 -16.94 -11.42
N TRP N 47 -46.07 -16.50 -10.79
CA TRP N 47 -44.74 -16.90 -11.23
C TRP N 47 -44.53 -18.38 -10.94
N VAL N 48 -43.89 -19.08 -11.88
CA VAL N 48 -43.70 -20.52 -11.79
C VAL N 48 -42.23 -20.88 -11.57
N SER N 49 -41.34 -20.41 -12.44
CA SER N 49 -39.94 -20.78 -12.33
C SER N 49 -39.11 -19.84 -13.19
N SER N 50 -37.80 -19.88 -12.95
CA SER N 50 -36.85 -19.06 -13.68
C SER N 50 -35.56 -19.84 -13.88
N ILE N 51 -34.82 -19.47 -14.92
CA ILE N 51 -33.52 -20.06 -15.20
C ILE N 51 -32.55 -18.94 -15.58
N SER N 52 -31.33 -19.02 -15.07
CA SER N 52 -30.32 -18.03 -15.38
C SER N 52 -29.87 -18.13 -16.83
N ALA N 53 -29.09 -17.14 -17.24
CA ALA N 53 -28.75 -16.97 -18.65
C ALA N 53 -27.97 -18.15 -19.22
N SER N 54 -27.15 -18.82 -18.42
CA SER N 54 -26.46 -20.02 -18.86
C SER N 54 -26.90 -21.28 -18.11
N SER N 55 -28.08 -21.25 -17.50
CA SER N 55 -28.66 -22.37 -16.78
C SER N 55 -27.98 -22.68 -15.45
N SER N 56 -27.07 -21.83 -14.99
CA SER N 56 -26.36 -22.12 -13.75
C SER N 56 -27.25 -22.01 -12.53
N TYR N 57 -28.37 -21.29 -12.61
CA TYR N 57 -29.30 -21.16 -11.50
C TYR N 57 -30.72 -21.38 -11.96
N SER N 58 -31.49 -22.13 -11.18
CA SER N 58 -32.88 -22.39 -11.47
C SER N 58 -33.71 -22.20 -10.20
N ASP N 59 -34.86 -21.55 -10.35
CA ASP N 59 -35.71 -21.19 -9.23
C ASP N 59 -37.12 -21.67 -9.51
N TYR N 60 -37.83 -22.05 -8.45
CA TYR N 60 -39.18 -22.57 -8.60
C TYR N 60 -40.07 -22.01 -7.50
N ALA N 61 -41.33 -21.77 -7.85
CA ALA N 61 -42.34 -21.50 -6.85
C ALA N 61 -42.59 -22.76 -6.02
N ASP N 62 -43.13 -22.55 -4.82
CA ASP N 62 -43.40 -23.68 -3.95
C ASP N 62 -44.37 -24.67 -4.58
N SER N 63 -45.26 -24.20 -5.44
CA SER N 63 -46.11 -25.12 -6.20
C SER N 63 -45.31 -25.93 -7.21
N ALA N 64 -44.23 -25.38 -7.73
CA ALA N 64 -43.47 -26.01 -8.80
C ALA N 64 -42.31 -26.86 -8.31
N LYS N 65 -41.77 -26.57 -7.13
CA LYS N 65 -40.62 -27.31 -6.61
C LYS N 65 -40.83 -28.81 -6.72
N GLY N 66 -39.84 -29.49 -7.27
CA GLY N 66 -39.87 -30.94 -7.45
C GLY N 66 -40.79 -31.46 -8.54
N ARG N 67 -41.95 -30.82 -8.73
CA ARG N 67 -42.85 -31.30 -9.77
C ARG N 67 -42.43 -30.86 -11.15
N PHE N 68 -41.94 -29.64 -11.29
CA PHE N 68 -41.49 -29.10 -12.57
C PHE N 68 -39.98 -29.12 -12.67
N THR N 69 -39.49 -28.92 -13.88
CA THR N 69 -38.07 -28.78 -14.14
C THR N 69 -37.90 -27.90 -15.36
N ILE N 70 -37.38 -26.71 -15.15
CA ILE N 70 -37.08 -25.76 -16.21
C ILE N 70 -35.72 -26.07 -16.79
N SER N 71 -35.59 -25.90 -18.10
CA SER N 71 -34.29 -26.04 -18.75
C SER N 71 -34.31 -25.21 -20.03
N ARG N 72 -33.12 -24.93 -20.54
CA ARG N 72 -32.97 -24.11 -21.73
C ARG N 72 -31.88 -24.71 -22.61
N ASP N 73 -32.04 -24.55 -23.90
CA ASP N 73 -31.00 -24.91 -24.87
C ASP N 73 -30.59 -23.64 -25.61
N ASN N 74 -29.43 -23.10 -25.23
CA ASN N 74 -28.98 -21.85 -25.80
C ASN N 74 -28.57 -22.00 -27.26
N ALA N 75 -28.31 -23.22 -27.71
CA ALA N 75 -28.01 -23.45 -29.11
C ALA N 75 -29.28 -23.54 -29.95
N LYS N 76 -30.31 -24.22 -29.43
CA LYS N 76 -31.61 -24.25 -30.09
C LYS N 76 -32.43 -23.00 -29.82
N THR N 77 -31.93 -22.06 -29.02
CA THR N 77 -32.70 -20.92 -28.56
C THR N 77 -34.12 -21.34 -28.19
N SER N 78 -34.20 -22.29 -27.27
CA SER N 78 -35.46 -22.86 -26.85
C SER N 78 -35.45 -23.01 -25.34
N LEU N 79 -36.59 -22.73 -24.73
CA LEU N 79 -36.79 -22.86 -23.29
C LEU N 79 -37.81 -23.94 -23.03
N PHE N 80 -37.56 -24.79 -22.05
CA PHE N 80 -38.44 -25.91 -21.78
C PHE N 80 -38.87 -25.90 -20.32
N LEU N 81 -40.08 -26.40 -20.09
CA LEU N 81 -40.56 -26.71 -18.75
C LEU N 81 -41.12 -28.13 -18.78
N GLN N 82 -40.38 -29.08 -18.22
CA GLN N 82 -40.97 -30.36 -17.89
C GLN N 82 -41.93 -30.21 -16.72
N MET N 83 -43.08 -30.86 -16.80
CA MET N 83 -44.04 -30.85 -15.72
C MET N 83 -44.50 -32.26 -15.43
N ASN N 84 -44.59 -32.58 -14.14
CA ASN N 84 -44.97 -33.91 -13.68
C ASN N 84 -45.99 -33.79 -12.56
N SER N 85 -46.73 -34.87 -12.34
CA SER N 85 -47.70 -34.92 -11.26
C SER N 85 -48.67 -33.75 -11.34
N LEU N 86 -49.12 -33.44 -12.54
CA LEU N 86 -49.95 -32.27 -12.75
C LEU N 86 -51.26 -32.40 -11.99
N ARG N 87 -51.51 -31.45 -11.08
CA ARG N 87 -52.75 -31.41 -10.34
C ARG N 87 -53.80 -30.65 -11.15
N ALA N 88 -55.07 -30.86 -10.80
CA ALA N 88 -56.14 -30.09 -11.42
C ALA N 88 -55.92 -28.59 -11.25
N GLU N 89 -55.39 -28.18 -10.10
CA GLU N 89 -55.06 -26.78 -9.86
C GLU N 89 -53.94 -26.24 -10.74
N ASP N 90 -53.22 -27.09 -11.46
CA ASP N 90 -52.24 -26.62 -12.44
C ASP N 90 -52.84 -26.23 -13.78
N THR N 91 -54.15 -26.39 -13.98
CA THR N 91 -54.79 -25.86 -15.18
C THR N 91 -54.63 -24.35 -15.29
N ALA N 92 -53.91 -23.90 -16.31
CA ALA N 92 -53.63 -22.48 -16.46
C ALA N 92 -53.10 -22.24 -17.87
N ILE N 93 -53.13 -20.98 -18.28
CA ILE N 93 -52.28 -20.50 -19.36
C ILE N 93 -50.87 -20.29 -18.82
N TYR N 94 -49.88 -20.87 -19.49
CA TYR N 94 -48.48 -20.66 -19.16
C TYR N 94 -47.83 -19.75 -20.18
N PHE N 95 -47.26 -18.65 -19.71
CA PHE N 95 -46.45 -17.75 -20.52
C PHE N 95 -44.99 -17.98 -20.20
N CYS N 96 -44.15 -18.04 -21.23
CA CYS N 96 -42.75 -17.73 -21.01
C CYS N 96 -42.53 -16.24 -21.15
N ALA N 97 -41.59 -15.72 -20.37
CA ALA N 97 -41.21 -14.33 -20.42
C ALA N 97 -39.70 -14.19 -20.40
N ARG N 98 -39.19 -13.31 -21.24
CA ARG N 98 -37.81 -12.84 -21.07
C ARG N 98 -37.75 -12.03 -19.79
N ALA N 99 -36.69 -12.22 -19.03
CA ALA N 99 -36.56 -11.53 -17.75
C ALA N 99 -35.30 -10.70 -17.73
N ARG N 100 -35.40 -9.54 -17.10
CA ARG N 100 -34.39 -8.52 -17.20
C ARG N 100 -34.34 -7.77 -15.87
N ALA N 101 -33.17 -7.23 -15.55
CA ALA N 101 -33.03 -6.49 -14.30
C ALA N 101 -32.02 -5.38 -14.49
N THR N 102 -32.20 -4.29 -13.75
CA THR N 102 -31.17 -3.29 -13.53
C THR N 102 -30.71 -3.39 -12.08
N GLY N 103 -29.43 -3.59 -11.89
CA GLY N 103 -28.88 -3.82 -10.57
C GLY N 103 -28.70 -2.61 -9.70
N TYR N 104 -29.19 -1.44 -10.12
CA TYR N 104 -28.75 -0.20 -9.48
C TYR N 104 -29.18 -0.13 -8.03
N SER N 105 -30.48 -0.33 -7.78
CA SER N 105 -31.03 -0.27 -6.43
C SER N 105 -31.12 -1.64 -5.79
N SER N 106 -31.68 -2.59 -6.52
CA SER N 106 -31.87 -3.96 -6.06
C SER N 106 -31.96 -4.82 -7.30
N ILE N 107 -31.77 -6.12 -7.12
CA ILE N 107 -32.00 -7.08 -8.20
C ILE N 107 -33.39 -7.67 -7.97
N THR N 108 -34.39 -6.99 -8.52
CA THR N 108 -35.67 -7.60 -8.81
C THR N 108 -35.84 -7.64 -10.32
N PRO N 109 -36.02 -8.80 -10.93
CA PRO N 109 -36.21 -8.86 -12.37
C PRO N 109 -37.61 -8.47 -12.79
N TYR N 110 -37.73 -8.08 -14.04
CA TYR N 110 -39.03 -7.78 -14.63
C TYR N 110 -39.08 -8.39 -16.02
N PHE N 111 -40.29 -8.52 -16.53
CA PHE N 111 -40.57 -9.41 -17.65
C PHE N 111 -40.92 -8.57 -18.88
N ASP N 112 -39.90 -8.16 -19.61
CA ASP N 112 -40.09 -7.16 -20.66
C ASP N 112 -40.81 -7.73 -21.87
N ILE N 113 -40.40 -8.90 -22.35
CA ILE N 113 -41.07 -9.59 -23.46
C ILE N 113 -41.77 -10.83 -22.94
N TRP N 114 -43.04 -10.99 -23.35
CA TRP N 114 -43.84 -12.15 -23.00
C TRP N 114 -44.21 -12.89 -24.27
N GLY N 115 -44.26 -14.21 -24.18
CA GLY N 115 -44.97 -14.99 -25.18
C GLY N 115 -46.47 -14.95 -24.99
N GLN N 116 -47.19 -15.32 -26.05
CA GLN N 116 -48.64 -15.29 -25.99
C GLN N 116 -49.22 -16.43 -25.17
N GLY N 117 -48.39 -17.35 -24.72
CA GLY N 117 -48.79 -18.33 -23.74
C GLY N 117 -49.48 -19.53 -24.33
N THR N 118 -49.34 -20.68 -23.68
CA THR N 118 -49.93 -21.93 -24.13
C THR N 118 -50.88 -22.43 -23.05
N LEU N 119 -52.10 -22.77 -23.44
CA LEU N 119 -53.08 -23.24 -22.48
C LEU N 119 -52.81 -24.68 -22.10
N VAL N 120 -52.67 -24.95 -20.81
CA VAL N 120 -52.58 -26.30 -20.29
C VAL N 120 -53.84 -26.61 -19.52
N THR N 121 -54.51 -27.71 -19.88
CA THR N 121 -55.70 -28.17 -19.19
C THR N 121 -55.38 -29.49 -18.49
N VAL N 122 -55.72 -29.57 -17.20
CA VAL N 122 -55.45 -30.76 -16.40
C VAL N 122 -56.79 -31.25 -15.87
N SER N 123 -57.40 -32.22 -16.55
CA SER N 123 -58.72 -32.68 -16.19
C SER N 123 -58.99 -34.04 -16.84
N SER N 124 -60.02 -34.70 -16.36
CA SER N 124 -60.48 -35.96 -16.94
C SER N 124 -61.15 -35.71 -18.29
N VAL O 3 -47.91 -11.91 0.72
CA VAL O 3 -48.67 -11.80 -0.55
C VAL O 3 -48.89 -10.33 -0.89
N VAL O 4 -48.23 -9.89 -1.96
CA VAL O 4 -48.47 -8.54 -2.46
C VAL O 4 -49.93 -8.41 -2.88
N THR O 5 -50.58 -7.36 -2.40
CA THR O 5 -52.03 -7.24 -2.43
C THR O 5 -52.45 -5.96 -3.12
N GLN O 6 -53.56 -6.01 -3.85
CA GLN O 6 -54.14 -4.87 -4.52
C GLN O 6 -55.65 -4.89 -4.34
N PRO O 7 -56.31 -3.74 -4.41
CA PRO O 7 -57.76 -3.73 -4.40
C PRO O 7 -58.32 -4.49 -5.59
N PRO O 8 -59.42 -5.23 -5.40
CA PRO O 8 -59.91 -6.09 -6.50
C PRO O 8 -60.31 -5.32 -7.75
N SER O 9 -60.90 -4.14 -7.61
CA SER O 9 -61.20 -3.33 -8.77
C SER O 9 -61.18 -1.85 -8.40
N VAL O 10 -61.00 -1.02 -9.43
CA VAL O 10 -61.20 0.42 -9.33
C VAL O 10 -61.93 0.86 -10.59
N SER O 11 -62.48 2.07 -10.55
CA SER O 11 -63.25 2.57 -11.67
C SER O 11 -63.24 4.09 -11.67
N GLY O 12 -63.59 4.65 -12.82
CA GLY O 12 -63.74 6.10 -12.93
C GLY O 12 -64.28 6.45 -14.30
N ALA O 13 -64.75 7.69 -14.42
CA ALA O 13 -65.13 8.23 -15.70
C ALA O 13 -63.90 8.57 -16.54
N PRO O 14 -64.04 8.59 -17.86
CA PRO O 14 -62.94 9.04 -18.72
C PRO O 14 -62.42 10.41 -18.29
N GLY O 15 -61.09 10.53 -18.25
CA GLY O 15 -60.45 11.73 -17.78
C GLY O 15 -60.22 11.80 -16.30
N GLN O 16 -60.83 10.92 -15.51
CA GLN O 16 -60.49 10.84 -14.10
C GLN O 16 -59.05 10.36 -13.92
N ARG O 17 -58.51 10.65 -12.75
CA ARG O 17 -57.38 9.92 -12.22
C ARG O 17 -57.91 8.77 -11.38
N VAL O 18 -57.37 7.57 -11.60
CA VAL O 18 -57.54 6.44 -10.69
C VAL O 18 -56.18 5.97 -10.23
N THR O 19 -56.10 5.54 -8.97
CA THR O 19 -54.84 5.14 -8.35
C THR O 19 -54.97 3.72 -7.84
N ILE O 20 -54.06 2.86 -8.26
CA ILE O 20 -54.05 1.46 -7.88
C ILE O 20 -52.91 1.26 -6.90
N SER O 21 -53.22 0.79 -5.70
CA SER O 21 -52.19 0.49 -4.72
C SER O 21 -51.69 -0.93 -4.88
N CYS O 22 -50.46 -1.15 -4.40
CA CYS O 22 -49.81 -2.46 -4.38
C CYS O 22 -49.13 -2.57 -3.01
N THR O 23 -49.86 -3.03 -2.02
CA THR O 23 -49.38 -3.09 -0.64
C THR O 23 -48.60 -4.38 -0.43
N GLY O 24 -47.29 -4.25 -0.29
CA GLY O 24 -46.41 -5.36 0.05
C GLY O 24 -46.00 -5.33 1.51
N SER O 25 -44.95 -6.08 1.81
CA SER O 25 -44.56 -6.32 3.20
C SER O 25 -43.04 -6.26 3.32
N SER O 26 -42.59 -6.34 4.57
CA SER O 26 -41.16 -6.31 4.89
C SER O 26 -40.36 -7.46 4.31
N SER O 27 -40.99 -8.44 3.66
CA SER O 27 -40.25 -9.46 2.93
C SER O 27 -40.08 -9.15 1.45
N ASN O 28 -40.80 -8.17 0.90
CA ASN O 28 -40.71 -7.87 -0.52
C ASN O 28 -40.51 -6.38 -0.74
N ILE O 29 -41.59 -5.64 -1.00
CA ILE O 29 -41.45 -4.22 -1.29
C ILE O 29 -40.78 -3.50 -0.13
N GLY O 30 -41.05 -3.91 1.09
CA GLY O 30 -40.35 -3.34 2.22
C GLY O 30 -38.94 -3.86 2.43
N ALA O 31 -38.58 -4.98 1.79
CA ALA O 31 -37.22 -5.49 1.85
C ALA O 31 -36.27 -4.76 0.93
N GLY O 32 -36.74 -3.75 0.20
CA GLY O 32 -35.92 -3.00 -0.72
C GLY O 32 -36.10 -3.37 -2.17
N TYR O 33 -36.75 -4.50 -2.46
CA TYR O 33 -37.06 -4.81 -3.84
C TYR O 33 -37.97 -3.75 -4.43
N ASP O 34 -37.71 -3.41 -5.68
CA ASP O 34 -38.55 -2.47 -6.41
C ASP O 34 -39.87 -3.11 -6.79
N VAL O 35 -40.73 -2.32 -7.44
CA VAL O 35 -42.03 -2.78 -7.89
C VAL O 35 -42.17 -2.50 -9.37
N HIS O 36 -42.81 -3.42 -10.07
CA HIS O 36 -43.07 -3.33 -11.49
C HIS O 36 -44.56 -3.50 -11.70
N TRP O 37 -45.08 -2.94 -12.77
CA TRP O 37 -46.50 -3.03 -13.06
C TRP O 37 -46.70 -3.57 -14.45
N TYR O 38 -47.68 -4.44 -14.60
CA TYR O 38 -48.04 -5.00 -15.90
C TYR O 38 -49.51 -4.73 -16.18
N GLN O 39 -49.80 -4.47 -17.44
CA GLN O 39 -51.17 -4.36 -17.92
C GLN O 39 -51.49 -5.61 -18.72
N GLN O 40 -52.64 -6.21 -18.46
CA GLN O 40 -53.12 -7.33 -19.27
C GLN O 40 -54.49 -6.97 -19.83
N LEU O 41 -54.55 -6.71 -21.10
CA LEU O 41 -55.82 -6.59 -21.79
C LEU O 41 -56.43 -7.98 -22.00
N PRO O 42 -57.75 -8.07 -22.04
CA PRO O 42 -58.39 -9.39 -22.12
C PRO O 42 -57.88 -10.19 -23.30
N GLY O 43 -57.51 -11.44 -23.05
CA GLY O 43 -57.06 -12.32 -24.11
C GLY O 43 -55.70 -11.99 -24.69
N THR O 44 -54.80 -11.42 -23.88
CA THR O 44 -53.45 -11.13 -24.32
C THR O 44 -52.49 -11.45 -23.18
N ALA O 45 -51.22 -11.61 -23.52
CA ALA O 45 -50.20 -11.67 -22.49
C ALA O 45 -50.02 -10.29 -21.86
N PRO O 46 -49.56 -10.22 -20.62
CA PRO O 46 -49.35 -8.93 -19.99
C PRO O 46 -48.35 -8.08 -20.77
N LYS O 47 -48.52 -6.77 -20.63
CA LYS O 47 -47.59 -5.78 -21.15
C LYS O 47 -46.97 -5.06 -19.97
N LEU O 48 -45.66 -4.89 -19.99
CA LEU O 48 -45.00 -4.10 -18.96
C LEU O 48 -45.38 -2.64 -19.09
N LEU O 49 -45.95 -2.07 -18.03
CA LEU O 49 -46.19 -0.63 -17.95
C LEU O 49 -45.04 0.13 -17.33
N ILE O 50 -44.49 -0.38 -16.24
CA ILE O 50 -43.56 0.36 -15.41
C ILE O 50 -42.53 -0.64 -14.92
N TYR O 51 -41.30 -0.18 -14.77
CA TYR O 51 -40.29 -0.94 -14.07
C TYR O 51 -39.52 -0.04 -13.12
N ASP O 52 -38.91 -0.67 -12.13
CA ASP O 52 -38.12 0.02 -11.12
C ASP O 52 -38.91 1.18 -10.51
N ASN O 53 -40.08 0.84 -10.00
CA ASN O 53 -41.01 1.78 -9.38
C ASN O 53 -41.69 2.75 -10.34
N ASN O 54 -40.95 3.34 -11.27
CA ASN O 54 -41.51 4.49 -11.98
C ASN O 54 -40.97 4.70 -13.38
N ASN O 55 -39.96 3.94 -13.78
CA ASN O 55 -39.46 4.06 -15.14
C ASN O 55 -40.47 3.45 -16.09
N ARG O 56 -40.68 4.11 -17.21
CA ARG O 56 -41.71 3.74 -18.14
C ARG O 56 -41.08 3.29 -19.44
N PRO O 57 -41.42 2.12 -19.97
CA PRO O 57 -40.85 1.70 -21.25
C PRO O 57 -41.19 2.68 -22.36
N SER O 58 -40.39 2.62 -23.42
CA SER O 58 -40.78 3.27 -24.66
C SER O 58 -42.07 2.68 -25.19
N GLY O 59 -42.95 3.54 -25.68
CA GLY O 59 -44.22 3.09 -26.19
C GLY O 59 -45.32 2.92 -25.17
N VAL O 60 -45.14 3.39 -23.96
CA VAL O 60 -46.19 3.45 -22.95
C VAL O 60 -46.62 4.91 -22.79
N PRO O 61 -47.92 5.21 -22.85
CA PRO O 61 -48.35 6.60 -22.76
C PRO O 61 -47.87 7.28 -21.50
N ASP O 62 -47.55 8.56 -21.63
CA ASP O 62 -46.99 9.34 -20.53
C ASP O 62 -47.97 9.55 -19.38
N ARG O 63 -49.23 9.21 -19.58
CA ARG O 63 -50.25 9.36 -18.56
C ARG O 63 -50.25 8.24 -17.52
N PHE O 64 -49.63 7.11 -17.81
CA PHE O 64 -49.32 6.16 -16.74
C PHE O 64 -48.14 6.65 -15.93
N SER O 65 -48.31 6.68 -14.61
CA SER O 65 -47.28 7.16 -13.71
C SER O 65 -47.41 6.40 -12.41
N ALA O 66 -46.29 6.20 -11.73
CA ALA O 66 -46.25 5.27 -10.62
C ALA O 66 -45.15 5.68 -9.66
N SER O 67 -45.20 5.12 -8.46
CA SER O 67 -44.22 5.43 -7.44
C SER O 67 -44.20 4.28 -6.44
N LYS O 68 -43.14 4.26 -5.64
CA LYS O 68 -43.00 3.37 -4.51
C LYS O 68 -42.71 4.18 -3.27
N SER O 69 -43.29 3.80 -2.15
CA SER O 69 -43.00 4.49 -0.89
C SER O 69 -43.28 3.55 0.27
N GLY O 70 -42.28 3.34 1.12
CA GLY O 70 -42.40 2.37 2.19
C GLY O 70 -42.67 0.98 1.67
N THR O 71 -43.58 0.27 2.34
CA THR O 71 -43.97 -1.06 1.93
C THR O 71 -45.00 -1.08 0.82
N SER O 72 -45.27 0.06 0.17
CA SER O 72 -46.37 0.15 -0.77
C SER O 72 -45.91 0.84 -2.04
N ALA O 73 -46.67 0.63 -3.11
CA ALA O 73 -46.47 1.33 -4.37
C ALA O 73 -47.84 1.72 -4.89
N SER O 74 -47.86 2.61 -5.88
CA SER O 74 -49.12 2.88 -6.54
C SER O 74 -48.89 3.28 -7.98
N LEU O 75 -49.87 2.96 -8.81
CA LEU O 75 -49.91 3.36 -10.22
C LEU O 75 -51.07 4.32 -10.37
N ALA O 76 -50.78 5.57 -10.75
CA ALA O 76 -51.81 6.55 -11.07
C ALA O 76 -52.04 6.58 -12.56
N ILE O 77 -53.20 6.12 -13.00
CA ILE O 77 -53.63 6.25 -14.40
C ILE O 77 -54.31 7.60 -14.53
N THR O 78 -53.52 8.64 -14.74
CA THR O 78 -54.09 9.93 -15.07
C THR O 78 -54.71 9.85 -16.46
N GLY O 79 -55.70 10.71 -16.69
CA GLY O 79 -56.36 10.76 -17.99
C GLY O 79 -56.90 9.40 -18.38
N LEU O 80 -57.65 8.79 -17.47
CA LEU O 80 -58.21 7.46 -17.69
C LEU O 80 -58.95 7.43 -19.02
N GLN O 81 -58.81 6.32 -19.75
CA GLN O 81 -59.28 6.25 -21.11
C GLN O 81 -59.79 4.85 -21.41
N ALA O 82 -60.64 4.76 -22.43
CA ALA O 82 -61.28 3.50 -22.79
C ALA O 82 -60.29 2.37 -23.04
N GLU O 83 -59.08 2.69 -23.52
CA GLU O 83 -58.06 1.67 -23.68
C GLU O 83 -57.56 1.08 -22.37
N ASP O 84 -57.82 1.71 -21.25
CA ASP O 84 -57.35 1.23 -19.96
C ASP O 84 -58.27 0.21 -19.31
N GLU O 85 -59.29 -0.25 -20.04
CA GLU O 85 -60.20 -1.26 -19.52
C GLU O 85 -59.52 -2.62 -19.42
N ALA O 86 -58.62 -2.78 -18.45
CA ALA O 86 -57.69 -3.90 -18.44
C ALA O 86 -57.44 -4.31 -17.00
N ASP O 87 -56.86 -5.49 -16.82
CA ASP O 87 -56.26 -5.81 -15.53
C ASP O 87 -54.89 -5.17 -15.41
N TYR O 88 -54.57 -4.77 -14.19
CA TYR O 88 -53.25 -4.25 -13.86
C TYR O 88 -52.69 -5.08 -12.71
N TYR O 89 -51.52 -5.64 -12.92
CA TYR O 89 -50.82 -6.43 -11.91
C TYR O 89 -49.56 -5.68 -11.53
N CYS O 90 -49.37 -5.43 -10.25
CA CYS O 90 -48.02 -5.12 -9.83
C CYS O 90 -47.21 -6.41 -9.73
N GLN O 91 -45.90 -6.23 -9.61
CA GLN O 91 -45.00 -7.35 -9.38
C GLN O 91 -43.83 -6.85 -8.57
N SER O 92 -43.28 -7.73 -7.75
CA SER O 92 -42.04 -7.43 -7.07
C SER O 92 -41.25 -8.73 -6.96
N TYR O 93 -40.33 -8.76 -6.01
CA TYR O 93 -39.61 -9.98 -5.67
C TYR O 93 -39.71 -10.13 -4.17
N ASP O 94 -39.88 -11.37 -3.71
CA ASP O 94 -39.97 -11.65 -2.28
C ASP O 94 -38.78 -12.45 -1.82
N ARG O 95 -38.20 -12.04 -0.69
CA ARG O 95 -37.01 -12.69 -0.18
C ARG O 95 -37.21 -14.19 0.02
N SER O 96 -38.41 -14.62 0.39
CA SER O 96 -38.71 -16.03 0.56
C SER O 96 -39.33 -16.66 -0.68
N LEU O 97 -40.35 -16.02 -1.25
CA LEU O 97 -41.13 -16.59 -2.35
C LEU O 97 -40.52 -16.31 -3.71
N SER O 98 -39.50 -15.46 -3.78
CA SER O 98 -38.97 -14.90 -5.03
C SER O 98 -40.11 -14.16 -5.74
N GLY O 99 -40.21 -14.24 -7.06
CA GLY O 99 -41.12 -13.40 -7.80
C GLY O 99 -42.58 -13.50 -7.37
N VAL O 100 -43.17 -12.40 -6.94
CA VAL O 100 -44.54 -12.38 -6.48
C VAL O 100 -45.30 -11.33 -7.28
N PHE O 101 -46.32 -11.77 -8.01
CA PHE O 101 -47.29 -10.85 -8.57
C PHE O 101 -48.37 -10.52 -7.56
N GLY O 102 -48.92 -9.33 -7.67
CA GLY O 102 -50.06 -8.96 -6.85
C GLY O 102 -51.32 -9.67 -7.30
N THR O 103 -52.36 -9.55 -6.47
CA THR O 103 -53.64 -10.17 -6.79
C THR O 103 -54.30 -9.57 -8.03
N GLY O 104 -53.83 -8.44 -8.50
CA GLY O 104 -54.30 -7.91 -9.77
C GLY O 104 -55.57 -7.12 -9.65
N THR O 105 -55.57 -5.91 -10.20
CA THR O 105 -56.69 -4.98 -10.12
C THR O 105 -57.26 -4.78 -11.50
N LYS O 106 -58.55 -5.04 -11.66
CA LYS O 106 -59.26 -4.63 -12.87
C LYS O 106 -59.60 -3.14 -12.79
N VAL O 107 -59.29 -2.42 -13.85
CA VAL O 107 -59.79 -1.06 -14.04
C VAL O 107 -61.04 -1.11 -14.90
N THR O 108 -62.04 -0.32 -14.53
CA THR O 108 -63.27 -0.20 -15.30
C THR O 108 -63.52 1.26 -15.63
N VAL O 109 -63.66 1.57 -16.91
CA VAL O 109 -63.77 2.95 -17.35
C VAL O 109 -65.19 3.45 -17.11
#